data_2RR7
#
_entry.id   2RR7
#
_entity_poly.entity_id   1
_entity_poly.type   'polypeptide(L)'
_entity_poly.pdbx_seq_one_letter_code
;GSQADLAEALPLLEAALKALDTLKPADITEVKGMKSPPAGVRRVLEAICIMKGVKPARVKDTASGRMVDDYWEASKKMLM
EFDFLDSLRKFDKDHIPPEVIVKIRPFAQDPEFQPKVIEKQSVACAGLCSWVIALEKYDKVIKEVEPKRQKLREA
;
_entity_poly.pdbx_strand_id   A
#
# COMPACT_ATOMS: atom_id res chain seq x y z
N GLY A 1 -1.78 22.58 15.83
CA GLY A 1 -2.59 21.50 15.30
C GLY A 1 -2.57 21.42 13.79
N SER A 2 -2.73 22.58 13.14
CA SER A 2 -2.73 22.64 11.68
C SER A 2 -1.40 22.15 11.12
N GLN A 3 -0.31 22.68 11.66
CA GLN A 3 1.03 22.29 11.21
C GLN A 3 1.46 20.98 11.85
N ALA A 4 0.84 20.64 12.98
CA ALA A 4 1.16 19.41 13.68
C ALA A 4 0.48 18.21 13.03
N ASP A 5 -0.56 18.47 12.26
CA ASP A 5 -1.30 17.41 11.58
C ASP A 5 -0.65 17.07 10.24
N LEU A 6 -0.40 18.08 9.43
CA LEU A 6 0.22 17.90 8.13
C LEU A 6 1.65 17.38 8.27
N ALA A 7 2.39 17.96 9.21
CA ALA A 7 3.77 17.57 9.45
C ALA A 7 3.84 16.18 10.08
N GLU A 8 2.69 15.66 10.49
CA GLU A 8 2.62 14.35 11.11
C GLU A 8 2.44 13.26 10.05
N ALA A 9 1.88 13.64 8.90
CA ALA A 9 1.65 12.70 7.82
C ALA A 9 2.63 12.94 6.67
N LEU A 10 3.07 14.19 6.53
CA LEU A 10 4.01 14.55 5.47
C LEU A 10 5.19 13.58 5.45
N PRO A 11 5.83 13.40 6.61
CA PRO A 11 6.99 12.50 6.74
C PRO A 11 6.60 11.04 6.61
N LEU A 12 5.30 10.77 6.61
CA LEU A 12 4.80 9.40 6.47
C LEU A 12 4.64 9.01 5.01
N LEU A 13 4.11 9.93 4.21
CA LEU A 13 3.92 9.68 2.78
C LEU A 13 5.24 9.77 2.03
N GLU A 14 6.02 10.80 2.33
CA GLU A 14 7.31 11.01 1.69
C GLU A 14 8.26 9.86 2.01
N ALA A 15 8.16 9.33 3.23
CA ALA A 15 9.00 8.24 3.67
C ALA A 15 8.70 6.96 2.89
N ALA A 16 7.50 6.90 2.31
CA ALA A 16 7.10 5.74 1.54
C ALA A 16 7.55 5.84 0.08
N LEU A 17 7.17 6.95 -0.56
CA LEU A 17 7.53 7.18 -1.96
C LEU A 17 9.05 7.10 -2.14
N LYS A 18 9.78 7.53 -1.13
CA LYS A 18 11.24 7.52 -1.18
C LYS A 18 11.77 6.10 -1.00
N ALA A 19 10.96 5.24 -0.40
CA ALA A 19 11.34 3.85 -0.16
C ALA A 19 11.40 3.08 -1.47
N LEU A 20 10.61 3.49 -2.44
CA LEU A 20 10.56 2.84 -3.75
C LEU A 20 11.73 3.28 -4.61
N ASP A 21 12.25 4.48 -4.34
CA ASP A 21 13.38 5.01 -5.10
C ASP A 21 14.62 4.16 -4.91
N THR A 22 14.93 3.84 -3.66
CA THR A 22 16.09 3.02 -3.34
C THR A 22 15.90 1.59 -3.82
N LEU A 23 14.65 1.16 -3.92
CA LEU A 23 14.35 -0.19 -4.37
C LEU A 23 14.61 -0.34 -5.88
N LYS A 24 14.59 -1.58 -6.35
CA LYS A 24 14.82 -1.85 -7.77
C LYS A 24 13.64 -2.62 -8.37
N PRO A 25 13.53 -2.57 -9.71
CA PRO A 25 12.46 -3.25 -10.44
C PRO A 25 12.60 -4.77 -10.40
N ALA A 26 13.84 -5.24 -10.37
CA ALA A 26 14.11 -6.68 -10.33
C ALA A 26 13.85 -7.24 -8.93
N ASP A 27 13.94 -6.39 -7.92
CA ASP A 27 13.72 -6.80 -6.54
C ASP A 27 12.25 -7.16 -6.31
N ILE A 28 11.38 -6.60 -7.15
CA ILE A 28 9.95 -6.86 -7.04
C ILE A 28 9.57 -8.16 -7.74
N THR A 29 9.95 -8.29 -9.00
CA THR A 29 9.67 -9.48 -9.77
C THR A 29 10.23 -10.73 -9.12
N GLU A 30 11.24 -10.53 -8.26
CA GLU A 30 11.87 -11.64 -7.56
C GLU A 30 10.84 -12.46 -6.79
N VAL A 31 9.73 -11.82 -6.43
CA VAL A 31 8.67 -12.48 -5.68
C VAL A 31 7.82 -13.35 -6.61
N LYS A 32 7.78 -12.99 -7.88
CA LYS A 32 7.02 -13.73 -8.88
C LYS A 32 7.70 -15.03 -9.23
N GLY A 33 8.99 -15.12 -8.94
CA GLY A 33 9.76 -16.32 -9.24
C GLY A 33 9.43 -17.46 -8.29
N MET A 34 9.65 -17.23 -7.00
CA MET A 34 9.39 -18.25 -6.00
C MET A 34 7.98 -18.80 -6.13
N LYS A 35 7.73 -19.95 -5.51
CA LYS A 35 6.42 -20.58 -5.56
C LYS A 35 5.32 -19.59 -5.17
N SER A 36 5.52 -18.90 -4.06
CA SER A 36 4.55 -17.92 -3.57
C SER A 36 5.19 -16.98 -2.56
N PRO A 37 4.60 -15.78 -2.42
CA PRO A 37 5.09 -14.76 -1.49
C PRO A 37 4.87 -15.15 -0.03
N PRO A 38 5.55 -14.43 0.89
CA PRO A 38 5.43 -14.69 2.33
C PRO A 38 4.06 -14.30 2.88
N ALA A 39 3.80 -14.72 4.11
CA ALA A 39 2.53 -14.41 4.76
C ALA A 39 2.46 -12.95 5.19
N GLY A 40 3.62 -12.30 5.22
CA GLY A 40 3.68 -10.90 5.63
C GLY A 40 3.45 -9.96 4.47
N VAL A 41 3.96 -10.32 3.30
CA VAL A 41 3.81 -9.50 2.11
C VAL A 41 2.48 -9.77 1.41
N ARG A 42 1.95 -10.98 1.62
CA ARG A 42 0.68 -11.37 1.01
C ARG A 42 -0.39 -10.30 1.25
N ARG A 43 -0.29 -9.61 2.38
CA ARG A 43 -1.25 -8.57 2.72
C ARG A 43 -0.81 -7.22 2.13
N VAL A 44 0.47 -6.91 2.28
CA VAL A 44 1.02 -5.66 1.77
C VAL A 44 0.83 -5.55 0.26
N LEU A 45 1.38 -6.52 -0.47
CA LEU A 45 1.26 -6.54 -1.93
C LEU A 45 -0.19 -6.36 -2.37
N GLU A 46 -1.11 -6.82 -1.53
CA GLU A 46 -2.53 -6.70 -1.85
C GLU A 46 -3.04 -5.29 -1.55
N ALA A 47 -2.53 -4.69 -0.50
CA ALA A 47 -2.93 -3.33 -0.11
C ALA A 47 -2.61 -2.34 -1.22
N ILE A 48 -1.75 -2.74 -2.15
CA ILE A 48 -1.36 -1.88 -3.26
C ILE A 48 -2.35 -1.99 -4.41
N CYS A 49 -2.82 -3.21 -4.66
CA CYS A 49 -3.78 -3.45 -5.73
C CYS A 49 -5.19 -3.12 -5.29
N ILE A 50 -5.52 -3.50 -4.06
CA ILE A 50 -6.84 -3.24 -3.50
C ILE A 50 -7.18 -1.76 -3.57
N MET A 51 -6.17 -0.91 -3.41
CA MET A 51 -6.37 0.53 -3.45
C MET A 51 -6.72 1.00 -4.86
N LYS A 52 -6.46 0.14 -5.84
CA LYS A 52 -6.75 0.46 -7.23
C LYS A 52 -8.06 -0.18 -7.68
N GLY A 53 -8.40 -1.31 -7.06
CA GLY A 53 -9.63 -2.01 -7.40
C GLY A 53 -9.42 -3.07 -8.45
N VAL A 54 -8.33 -3.83 -8.32
CA VAL A 54 -8.02 -4.90 -9.27
C VAL A 54 -8.81 -6.16 -8.96
N LYS A 55 -9.23 -6.86 -10.01
CA LYS A 55 -9.99 -8.10 -9.85
C LYS A 55 -9.06 -9.31 -9.80
N PRO A 56 -9.58 -10.42 -9.25
CA PRO A 56 -8.81 -11.66 -9.12
C PRO A 56 -8.56 -12.32 -10.47
N ALA A 57 -8.04 -13.55 -10.44
CA ALA A 57 -7.76 -14.29 -11.66
C ALA A 57 -8.68 -15.51 -11.79
N ARG A 58 -8.44 -16.32 -12.81
CA ARG A 58 -9.25 -17.51 -13.04
C ARG A 58 -8.37 -18.74 -13.26
N VAL A 59 -8.55 -19.75 -12.42
CA VAL A 59 -7.76 -20.97 -12.53
C VAL A 59 -8.53 -22.17 -11.98
N LYS A 60 -8.02 -23.37 -12.21
CA LYS A 60 -8.65 -24.59 -11.74
C LYS A 60 -8.04 -25.05 -10.42
N ASP A 61 -8.91 -25.26 -9.42
CA ASP A 61 -8.45 -25.70 -8.10
C ASP A 61 -7.72 -27.04 -8.20
N THR A 62 -6.57 -27.12 -7.56
CA THR A 62 -5.78 -28.36 -7.58
C THR A 62 -6.26 -29.33 -6.51
N ALA A 63 -6.89 -28.80 -5.47
CA ALA A 63 -7.41 -29.62 -4.37
C ALA A 63 -8.88 -29.93 -4.58
N SER A 64 -9.57 -29.06 -5.30
CA SER A 64 -10.99 -29.23 -5.56
C SER A 64 -11.23 -29.79 -6.96
N GLY A 65 -10.38 -29.38 -7.90
CA GLY A 65 -10.51 -29.85 -9.27
C GLY A 65 -11.64 -29.16 -10.01
N ARG A 66 -12.04 -28.00 -9.53
CA ARG A 66 -13.12 -27.24 -10.15
C ARG A 66 -12.64 -25.84 -10.54
N MET A 67 -13.51 -25.09 -11.21
CA MET A 67 -13.18 -23.73 -11.66
C MET A 67 -13.32 -22.75 -10.50
N VAL A 68 -12.22 -22.06 -10.19
CA VAL A 68 -12.22 -21.08 -9.10
C VAL A 68 -11.42 -19.84 -9.48
N ASP A 69 -11.53 -18.80 -8.67
CA ASP A 69 -10.81 -17.55 -8.92
C ASP A 69 -9.68 -17.36 -7.92
N ASP A 70 -8.50 -17.01 -8.41
CA ASP A 70 -7.35 -16.80 -7.56
C ASP A 70 -6.88 -15.35 -7.63
N TYR A 71 -7.02 -14.63 -6.53
CA TYR A 71 -6.61 -13.23 -6.47
C TYR A 71 -5.09 -13.10 -6.34
N TRP A 72 -4.43 -14.24 -6.13
CA TRP A 72 -2.97 -14.25 -5.98
C TRP A 72 -2.30 -14.11 -7.35
N GLU A 73 -2.68 -14.96 -8.29
CA GLU A 73 -2.11 -14.93 -9.63
C GLU A 73 -2.26 -13.54 -10.25
N ALA A 74 -3.31 -12.83 -9.84
CA ALA A 74 -3.57 -11.49 -10.35
C ALA A 74 -2.75 -10.44 -9.60
N SER A 75 -2.35 -10.78 -8.38
CA SER A 75 -1.57 -9.87 -7.55
C SER A 75 -0.08 -9.99 -7.88
N LYS A 76 0.43 -11.23 -7.85
CA LYS A 76 1.83 -11.48 -8.13
C LYS A 76 2.22 -10.92 -9.51
N LYS A 77 1.28 -10.95 -10.44
CA LYS A 77 1.51 -10.45 -11.78
C LYS A 77 1.80 -8.95 -11.76
N MET A 78 1.47 -8.31 -10.65
CA MET A 78 1.69 -6.87 -10.51
C MET A 78 3.11 -6.59 -10.03
N LEU A 79 3.71 -7.58 -9.37
CA LEU A 79 5.08 -7.44 -8.86
C LEU A 79 6.10 -7.67 -9.96
N MET A 80 5.77 -8.55 -10.89
CA MET A 80 6.66 -8.87 -12.00
C MET A 80 6.96 -7.61 -12.82
N GLU A 81 6.11 -6.60 -12.70
CA GLU A 81 6.30 -5.35 -13.42
C GLU A 81 7.51 -4.59 -12.90
N PHE A 82 8.21 -3.90 -13.80
CA PHE A 82 9.39 -3.14 -13.43
C PHE A 82 9.01 -1.71 -13.04
N ASP A 83 7.83 -1.28 -13.46
CA ASP A 83 7.35 0.05 -13.15
C ASP A 83 6.11 0.00 -12.26
N PHE A 84 5.95 -1.12 -11.56
CA PHE A 84 4.79 -1.30 -10.68
C PHE A 84 4.80 -0.26 -9.56
N LEU A 85 5.98 0.22 -9.22
CA LEU A 85 6.13 1.22 -8.16
C LEU A 85 5.90 2.63 -8.70
N ASP A 86 6.12 2.79 -10.00
CA ASP A 86 5.93 4.09 -10.65
C ASP A 86 4.45 4.44 -10.76
N SER A 87 3.60 3.42 -10.66
CA SER A 87 2.16 3.62 -10.74
C SER A 87 1.59 4.05 -9.41
N LEU A 88 1.98 3.35 -8.35
CA LEU A 88 1.49 3.66 -7.00
C LEU A 88 1.90 5.07 -6.60
N ARG A 89 3.07 5.50 -7.06
CA ARG A 89 3.56 6.83 -6.75
C ARG A 89 2.92 7.89 -7.64
N LYS A 90 2.45 7.45 -8.81
CA LYS A 90 1.80 8.35 -9.75
C LYS A 90 0.30 8.43 -9.50
N PHE A 91 -0.17 7.65 -8.53
CA PHE A 91 -1.59 7.62 -8.19
C PHE A 91 -1.99 8.89 -7.44
N ASP A 92 -3.20 9.36 -7.67
CA ASP A 92 -3.71 10.56 -7.01
C ASP A 92 -4.41 10.22 -5.71
N LYS A 93 -3.87 10.71 -4.60
CA LYS A 93 -4.44 10.44 -3.28
C LYS A 93 -5.82 11.08 -3.16
N ASP A 94 -6.14 11.98 -4.09
CA ASP A 94 -7.43 12.66 -4.08
C ASP A 94 -8.51 11.77 -4.70
N HIS A 95 -8.13 10.57 -5.11
CA HIS A 95 -9.05 9.63 -5.72
C HIS A 95 -9.03 8.29 -4.98
N ILE A 96 -8.92 8.36 -3.66
CA ILE A 96 -8.88 7.16 -2.84
C ILE A 96 -10.25 6.85 -2.24
N PRO A 97 -10.92 5.83 -2.78
CA PRO A 97 -12.25 5.41 -2.32
C PRO A 97 -12.21 4.79 -0.93
N PRO A 98 -13.25 5.06 -0.13
CA PRO A 98 -13.36 4.53 1.23
C PRO A 98 -13.62 3.02 1.25
N GLU A 99 -13.87 2.45 0.07
CA GLU A 99 -14.12 1.03 -0.05
C GLU A 99 -12.82 0.24 0.01
N VAL A 100 -11.73 0.85 -0.46
CA VAL A 100 -10.43 0.20 -0.48
C VAL A 100 -9.72 0.39 0.86
N ILE A 101 -10.09 1.44 1.59
CA ILE A 101 -9.49 1.73 2.88
C ILE A 101 -10.18 0.96 3.99
N VAL A 102 -11.45 0.63 3.78
CA VAL A 102 -12.23 -0.10 4.78
C VAL A 102 -11.78 -1.56 4.85
N LYS A 103 -11.13 -2.03 3.78
CA LYS A 103 -10.66 -3.40 3.73
C LYS A 103 -9.36 -3.55 4.52
N ILE A 104 -8.57 -2.49 4.57
CA ILE A 104 -7.30 -2.50 5.30
C ILE A 104 -7.42 -1.73 6.60
N ARG A 105 -8.64 -1.39 6.98
CA ARG A 105 -8.89 -0.65 8.22
C ARG A 105 -8.31 -1.39 9.41
N PRO A 106 -8.71 -2.66 9.57
CA PRO A 106 -8.26 -3.51 10.68
C PRO A 106 -6.78 -3.88 10.54
N PHE A 107 -6.23 -3.69 9.36
CA PHE A 107 -4.84 -4.01 9.09
C PHE A 107 -3.93 -2.84 9.46
N ALA A 108 -4.46 -1.62 9.33
CA ALA A 108 -3.69 -0.42 9.64
C ALA A 108 -3.12 -0.50 11.06
N GLN A 109 -3.74 -1.31 11.90
CA GLN A 109 -3.29 -1.47 13.27
C GLN A 109 -2.65 -2.84 13.49
N ASP A 110 -2.86 -3.74 12.52
CA ASP A 110 -2.31 -5.09 12.61
C ASP A 110 -0.78 -5.05 12.63
N PRO A 111 -0.19 -5.86 13.51
CA PRO A 111 1.26 -5.93 13.66
C PRO A 111 1.93 -6.59 12.46
N GLU A 112 1.12 -7.11 11.54
CA GLU A 112 1.63 -7.76 10.34
C GLU A 112 1.38 -6.91 9.10
N PHE A 113 1.15 -5.62 9.31
CA PHE A 113 0.90 -4.70 8.21
C PHE A 113 1.60 -3.36 8.45
N GLN A 114 2.48 -3.33 9.45
CA GLN A 114 3.21 -2.11 9.78
C GLN A 114 4.56 -2.08 9.08
N PRO A 115 5.08 -0.87 8.82
CA PRO A 115 6.37 -0.68 8.16
C PRO A 115 7.55 -1.11 9.03
N LYS A 116 7.33 -1.11 10.34
CA LYS A 116 8.36 -1.50 11.29
C LYS A 116 8.47 -3.02 11.38
N VAL A 117 7.35 -3.70 11.18
CA VAL A 117 7.32 -5.16 11.23
C VAL A 117 7.70 -5.77 9.89
N ILE A 118 7.22 -5.16 8.81
CA ILE A 118 7.50 -5.64 7.46
C ILE A 118 8.97 -5.42 7.11
N GLU A 119 9.64 -4.54 7.85
CA GLU A 119 11.04 -4.26 7.61
C GLU A 119 11.93 -5.38 8.14
N LYS A 120 11.31 -6.36 8.80
CA LYS A 120 12.05 -7.48 9.36
C LYS A 120 12.02 -8.67 8.40
N GLN A 121 10.86 -8.91 7.80
CA GLN A 121 10.71 -10.02 6.86
C GLN A 121 10.87 -9.54 5.42
N SER A 122 10.45 -8.31 5.16
CA SER A 122 10.54 -7.73 3.83
C SER A 122 11.05 -6.29 3.89
N VAL A 123 12.37 -6.15 4.00
CA VAL A 123 12.99 -4.83 4.07
C VAL A 123 12.65 -4.00 2.84
N ALA A 124 12.61 -4.66 1.68
CA ALA A 124 12.30 -3.98 0.42
C ALA A 124 10.81 -3.71 0.30
N CYS A 125 9.99 -4.74 0.49
CA CYS A 125 8.55 -4.61 0.41
C CYS A 125 8.03 -3.64 1.47
N ALA A 126 8.82 -3.44 2.52
CA ALA A 126 8.44 -2.53 3.60
C ALA A 126 8.07 -1.16 3.07
N GLY A 127 8.66 -0.79 1.94
CA GLY A 127 8.39 0.51 1.34
C GLY A 127 6.98 0.61 0.81
N LEU A 128 6.36 -0.54 0.55
CA LEU A 128 5.00 -0.59 0.04
C LEU A 128 3.98 -0.33 1.14
N CYS A 129 3.95 -1.22 2.13
CA CYS A 129 3.03 -1.10 3.24
C CYS A 129 3.12 0.29 3.87
N SER A 130 4.32 0.87 3.84
CA SER A 130 4.54 2.20 4.42
C SER A 130 3.74 3.25 3.66
N TRP A 131 3.56 3.03 2.37
CA TRP A 131 2.81 3.97 1.54
C TRP A 131 1.31 3.78 1.70
N VAL A 132 0.90 2.52 1.89
CA VAL A 132 -0.51 2.20 2.08
C VAL A 132 -1.06 2.85 3.34
N ILE A 133 -0.31 2.76 4.43
CA ILE A 133 -0.72 3.34 5.70
C ILE A 133 -0.47 4.85 5.72
N ALA A 134 0.43 5.31 4.86
CA ALA A 134 0.75 6.73 4.79
C ALA A 134 -0.28 7.48 3.95
N LEU A 135 -0.62 6.92 2.80
CA LEU A 135 -1.60 7.53 1.90
C LEU A 135 -2.91 7.83 2.65
N GLU A 136 -3.24 6.96 3.61
CA GLU A 136 -4.46 7.13 4.39
C GLU A 136 -4.29 8.24 5.42
N LYS A 137 -3.06 8.48 5.83
CA LYS A 137 -2.77 9.51 6.82
C LYS A 137 -2.71 10.89 6.15
N TYR A 138 -2.08 10.95 4.98
CA TYR A 138 -1.96 12.21 4.24
C TYR A 138 -3.32 12.70 3.78
N ASP A 139 -4.24 11.76 3.55
CA ASP A 139 -5.57 12.11 3.08
C ASP A 139 -6.44 12.57 4.25
N LYS A 140 -6.09 12.12 5.45
CA LYS A 140 -6.85 12.49 6.65
C LYS A 140 -6.42 13.86 7.16
N VAL A 141 -5.19 14.25 6.85
CA VAL A 141 -4.66 15.54 7.26
C VAL A 141 -5.03 16.64 6.27
N ILE A 142 -5.08 16.27 4.99
CA ILE A 142 -5.41 17.22 3.94
C ILE A 142 -6.75 17.90 4.21
N LYS A 143 -7.57 17.25 5.03
CA LYS A 143 -8.88 17.80 5.39
C LYS A 143 -8.74 19.10 6.15
N GLU A 144 -7.54 19.36 6.65
CA GLU A 144 -7.27 20.59 7.41
C GLU A 144 -5.78 20.85 7.50
N VAL A 145 -5.04 20.49 6.46
CA VAL A 145 -3.60 20.68 6.43
C VAL A 145 -3.25 22.16 6.28
N GLU A 146 -3.91 22.83 5.34
CA GLU A 146 -3.66 24.24 5.10
C GLU A 146 -4.96 24.97 4.77
N PRO A 147 -5.85 25.08 5.77
CA PRO A 147 -7.14 25.76 5.61
C PRO A 147 -7.00 27.27 5.43
N LYS A 148 -5.92 27.82 5.97
CA LYS A 148 -5.65 29.24 5.88
C LYS A 148 -6.87 30.04 6.34
N ARG A 149 -7.35 29.75 7.55
CA ARG A 149 -8.50 30.45 8.11
C ARG A 149 -8.10 31.28 9.33
N GLN A 150 -9.05 32.03 9.86
CA GLN A 150 -8.81 32.87 11.03
C GLN A 150 -9.50 32.30 12.26
N LYS A 151 -9.40 33.02 13.38
CA LYS A 151 -10.01 32.59 14.62
C LYS A 151 -9.61 31.16 14.96
N LEU A 152 -8.39 30.80 14.61
CA LEU A 152 -7.87 29.45 14.88
C LEU A 152 -6.35 29.45 14.95
N ARG A 153 -5.80 28.55 15.75
CA ARG A 153 -4.36 28.44 15.91
C ARG A 153 -3.71 29.83 15.95
N GLU A 154 -4.35 30.76 16.65
CA GLU A 154 -3.84 32.12 16.75
C GLU A 154 -3.92 32.62 18.19
N ALA A 155 -2.79 33.06 18.72
CA ALA A 155 -2.73 33.57 20.09
C ALA A 155 -3.00 35.07 20.13
N GLY A 1 -2.20 22.94 15.15
CA GLY A 1 -2.73 21.62 14.83
C GLY A 1 -2.64 21.31 13.35
N SER A 2 -2.89 22.31 12.51
CA SER A 2 -2.84 22.12 11.07
C SER A 2 -1.42 21.81 10.61
N GLN A 3 -0.46 22.56 11.12
CA GLN A 3 0.95 22.37 10.77
C GLN A 3 1.49 21.10 11.40
N ALA A 4 0.89 20.70 12.52
CA ALA A 4 1.33 19.51 13.24
C ALA A 4 0.72 18.25 12.62
N ASP A 5 -0.43 18.41 11.97
CA ASP A 5 -1.11 17.28 11.34
C ASP A 5 -0.41 16.88 10.05
N LEU A 6 -0.08 17.87 9.22
CA LEU A 6 0.59 17.61 7.95
C LEU A 6 2.02 17.14 8.19
N ALA A 7 2.70 17.78 9.15
CA ALA A 7 4.07 17.43 9.48
C ALA A 7 4.15 16.06 10.15
N GLU A 8 2.99 15.53 10.52
CA GLU A 8 2.92 14.22 11.16
C GLU A 8 2.83 13.10 10.13
N ALA A 9 2.30 13.42 8.96
CA ALA A 9 2.16 12.45 7.89
C ALA A 9 3.17 12.70 6.78
N LEU A 10 3.60 13.95 6.64
CA LEU A 10 4.58 14.32 5.63
C LEU A 10 5.78 13.38 5.65
N PRO A 11 6.39 13.24 6.84
CA PRO A 11 7.55 12.36 7.02
C PRO A 11 7.20 10.89 6.91
N LEU A 12 5.90 10.60 6.90
CA LEU A 12 5.43 9.22 6.79
C LEU A 12 5.29 8.81 5.33
N LEU A 13 4.52 9.59 4.58
CA LEU A 13 4.31 9.29 3.16
C LEU A 13 5.62 9.30 2.39
N GLU A 14 6.36 10.40 2.50
CA GLU A 14 7.64 10.54 1.81
C GLU A 14 8.59 9.40 2.21
N ALA A 15 8.49 8.96 3.46
CA ALA A 15 9.33 7.89 3.96
C ALA A 15 9.06 6.59 3.21
N ALA A 16 7.87 6.48 2.63
CA ALA A 16 7.49 5.29 1.88
C ALA A 16 7.92 5.39 0.42
N LEU A 17 7.52 6.48 -0.24
CA LEU A 17 7.86 6.70 -1.64
C LEU A 17 9.37 6.61 -1.84
N LYS A 18 10.12 7.15 -0.90
CA LYS A 18 11.57 7.13 -0.98
C LYS A 18 12.10 5.70 -0.95
N ALA A 19 11.34 4.81 -0.33
CA ALA A 19 11.72 3.41 -0.24
C ALA A 19 11.73 2.74 -1.61
N LEU A 20 10.85 3.22 -2.49
CA LEU A 20 10.74 2.67 -3.84
C LEU A 20 11.80 3.29 -4.76
N ASP A 21 12.19 4.52 -4.45
CA ASP A 21 13.18 5.24 -5.25
C ASP A 21 14.53 4.54 -5.18
N THR A 22 14.91 4.10 -3.97
CA THR A 22 16.18 3.42 -3.78
C THR A 22 16.10 1.97 -4.23
N LEU A 23 14.90 1.40 -4.21
CA LEU A 23 14.69 0.03 -4.60
C LEU A 23 14.69 -0.10 -6.13
N LYS A 24 14.54 -1.33 -6.61
CA LYS A 24 14.53 -1.59 -8.05
C LYS A 24 13.30 -2.42 -8.43
N PRO A 25 12.94 -2.39 -9.73
CA PRO A 25 11.80 -3.14 -10.26
C PRO A 25 12.05 -4.64 -10.26
N ALA A 26 13.30 -5.04 -10.46
CA ALA A 26 13.67 -6.44 -10.48
C ALA A 26 13.42 -7.10 -9.12
N ASP A 27 13.45 -6.29 -8.07
CA ASP A 27 13.22 -6.80 -6.72
C ASP A 27 11.76 -7.17 -6.51
N ILE A 28 10.87 -6.48 -7.22
CA ILE A 28 9.44 -6.74 -7.11
C ILE A 28 9.06 -8.03 -7.83
N THR A 29 9.48 -8.14 -9.09
CA THR A 29 9.19 -9.33 -9.88
C THR A 29 9.71 -10.59 -9.20
N GLU A 30 10.71 -10.42 -8.34
CA GLU A 30 11.30 -11.55 -7.63
C GLU A 30 10.23 -12.34 -6.89
N VAL A 31 9.16 -11.65 -6.49
CA VAL A 31 8.06 -12.30 -5.77
C VAL A 31 7.19 -13.11 -6.72
N LYS A 32 7.07 -12.64 -7.96
CA LYS A 32 6.27 -13.33 -8.97
C LYS A 32 6.86 -14.70 -9.30
N GLY A 33 8.16 -14.85 -9.08
CA GLY A 33 8.82 -16.10 -9.36
C GLY A 33 8.80 -17.05 -8.18
N MET A 34 8.86 -16.50 -6.97
CA MET A 34 8.84 -17.30 -5.75
C MET A 34 7.66 -18.26 -5.76
N LYS A 35 7.93 -19.53 -5.48
CA LYS A 35 6.89 -20.54 -5.45
C LYS A 35 5.74 -20.12 -4.54
N SER A 36 6.08 -19.65 -3.34
CA SER A 36 5.07 -19.22 -2.39
C SER A 36 5.69 -18.28 -1.34
N PRO A 37 5.29 -17.01 -1.38
CA PRO A 37 5.78 -15.99 -0.46
C PRO A 37 5.27 -16.20 0.97
N PRO A 38 5.87 -15.48 1.93
CA PRO A 38 5.49 -15.57 3.33
C PRO A 38 4.11 -14.98 3.61
N ALA A 39 3.59 -15.23 4.80
CA ALA A 39 2.28 -14.72 5.18
C ALA A 39 2.36 -13.23 5.54
N GLY A 40 3.57 -12.74 5.75
CA GLY A 40 3.76 -11.34 6.09
C GLY A 40 3.84 -10.45 4.86
N VAL A 41 4.42 -10.98 3.79
CA VAL A 41 4.57 -10.23 2.55
C VAL A 41 3.31 -10.34 1.70
N ARG A 42 2.71 -11.52 1.68
CA ARG A 42 1.50 -11.75 0.91
C ARG A 42 0.38 -10.81 1.35
N ARG A 43 0.51 -10.28 2.56
CA ARG A 43 -0.50 -9.37 3.10
C ARG A 43 -0.23 -7.93 2.65
N VAL A 44 1.05 -7.62 2.42
CA VAL A 44 1.44 -6.29 2.00
C VAL A 44 1.25 -6.11 0.50
N LEU A 45 1.86 -7.00 -0.28
CA LEU A 45 1.76 -6.95 -1.74
C LEU A 45 0.30 -6.98 -2.18
N GLU A 46 -0.51 -7.76 -1.47
CA GLU A 46 -1.94 -7.86 -1.79
C GLU A 46 -2.67 -6.57 -1.43
N ALA A 47 -2.21 -5.91 -0.38
CA ALA A 47 -2.83 -4.68 0.07
C ALA A 47 -2.64 -3.55 -0.96
N ILE A 48 -1.74 -3.79 -1.90
CA ILE A 48 -1.47 -2.81 -2.95
C ILE A 48 -2.51 -2.88 -4.07
N CYS A 49 -3.07 -4.07 -4.24
CA CYS A 49 -4.09 -4.28 -5.28
C CYS A 49 -5.45 -3.81 -4.81
N ILE A 50 -5.61 -3.67 -3.50
CA ILE A 50 -6.87 -3.22 -2.92
C ILE A 50 -6.97 -1.70 -2.94
N MET A 51 -5.84 -1.03 -2.86
CA MET A 51 -5.80 0.43 -2.87
C MET A 51 -6.09 0.97 -4.26
N LYS A 52 -5.97 0.11 -5.26
CA LYS A 52 -6.23 0.49 -6.65
C LYS A 52 -7.52 -0.14 -7.16
N GLY A 53 -7.86 -1.30 -6.61
CA GLY A 53 -9.07 -2.00 -7.02
C GLY A 53 -8.83 -2.96 -8.17
N VAL A 54 -7.79 -3.78 -8.03
CA VAL A 54 -7.46 -4.76 -9.06
C VAL A 54 -8.51 -5.85 -9.15
N LYS A 55 -8.79 -6.29 -10.37
CA LYS A 55 -9.78 -7.33 -10.60
C LYS A 55 -9.21 -8.71 -10.27
N PRO A 56 -10.11 -9.65 -9.92
CA PRO A 56 -9.72 -11.02 -9.57
C PRO A 56 -9.21 -11.81 -10.78
N ALA A 57 -8.75 -13.03 -10.54
CA ALA A 57 -8.25 -13.88 -11.60
C ALA A 57 -9.15 -15.09 -11.83
N ARG A 58 -8.67 -16.05 -12.60
CA ARG A 58 -9.45 -17.25 -12.89
C ARG A 58 -8.55 -18.49 -12.85
N VAL A 59 -9.03 -19.54 -12.17
CA VAL A 59 -8.27 -20.78 -12.04
C VAL A 59 -9.21 -21.95 -11.82
N LYS A 60 -8.66 -23.16 -11.89
CA LYS A 60 -9.43 -24.38 -11.69
C LYS A 60 -9.15 -24.98 -10.32
N ASP A 61 -10.19 -25.09 -9.50
CA ASP A 61 -10.06 -25.66 -8.16
C ASP A 61 -9.57 -27.10 -8.23
N THR A 62 -8.51 -27.39 -7.49
CA THR A 62 -7.94 -28.74 -7.46
C THR A 62 -8.67 -29.62 -6.46
N ALA A 63 -9.34 -28.99 -5.50
CA ALA A 63 -10.09 -29.72 -4.48
C ALA A 63 -11.56 -29.82 -4.84
N SER A 64 -12.00 -28.95 -5.75
CA SER A 64 -13.39 -28.94 -6.18
C SER A 64 -13.53 -29.44 -7.60
N GLY A 65 -12.58 -29.07 -8.46
CA GLY A 65 -12.61 -29.51 -9.84
C GLY A 65 -13.49 -28.62 -10.70
N ARG A 66 -13.79 -27.42 -10.20
CA ARG A 66 -14.64 -26.49 -10.94
C ARG A 66 -13.88 -25.20 -11.24
N MET A 67 -14.52 -24.31 -11.98
CA MET A 67 -13.90 -23.03 -12.34
C MET A 67 -14.09 -22.00 -11.23
N VAL A 68 -12.98 -21.60 -10.61
CA VAL A 68 -13.02 -20.62 -9.53
C VAL A 68 -12.15 -19.41 -9.84
N ASP A 69 -12.17 -18.42 -8.95
CA ASP A 69 -11.37 -17.22 -9.14
C ASP A 69 -10.10 -17.26 -8.29
N ASP A 70 -9.06 -16.57 -8.74
CA ASP A 70 -7.80 -16.53 -8.03
C ASP A 70 -7.46 -15.10 -7.60
N TYR A 71 -7.18 -14.93 -6.31
CA TYR A 71 -6.84 -13.62 -5.79
C TYR A 71 -5.33 -13.40 -5.78
N TRP A 72 -4.58 -14.49 -5.93
CA TRP A 72 -3.13 -14.42 -5.94
C TRP A 72 -2.61 -14.14 -7.34
N GLU A 73 -3.14 -14.86 -8.32
CA GLU A 73 -2.72 -14.68 -9.72
C GLU A 73 -2.87 -13.22 -10.14
N ALA A 74 -3.92 -12.57 -9.65
CA ALA A 74 -4.17 -11.17 -9.98
C ALA A 74 -3.23 -10.24 -9.20
N SER A 75 -2.69 -10.75 -8.09
CA SER A 75 -1.78 -9.97 -7.26
C SER A 75 -0.35 -10.08 -7.77
N LYS A 76 0.15 -11.30 -7.88
CA LYS A 76 1.50 -11.54 -8.36
C LYS A 76 1.71 -10.90 -9.73
N LYS A 77 0.66 -10.90 -10.55
CA LYS A 77 0.73 -10.32 -11.89
C LYS A 77 1.01 -8.83 -11.82
N MET A 78 0.79 -8.24 -10.64
CA MET A 78 1.02 -6.82 -10.44
C MET A 78 2.49 -6.54 -10.12
N LEU A 79 3.18 -7.55 -9.62
CA LEU A 79 4.59 -7.41 -9.27
C LEU A 79 5.48 -7.62 -10.50
N MET A 80 5.01 -8.45 -11.43
CA MET A 80 5.76 -8.73 -12.65
C MET A 80 6.02 -7.45 -13.43
N GLU A 81 5.21 -6.42 -13.17
CA GLU A 81 5.36 -5.15 -13.85
C GLU A 81 6.60 -4.41 -13.36
N PHE A 82 7.37 -3.87 -14.29
CA PHE A 82 8.58 -3.14 -13.95
C PHE A 82 8.25 -1.71 -13.51
N ASP A 83 7.08 -1.22 -13.91
CA ASP A 83 6.65 0.12 -13.55
C ASP A 83 5.56 0.07 -12.49
N PHE A 84 5.51 -1.03 -11.75
CA PHE A 84 4.52 -1.20 -10.70
C PHE A 84 4.80 -0.28 -9.52
N LEU A 85 6.08 0.02 -9.30
CA LEU A 85 6.49 0.89 -8.21
C LEU A 85 6.38 2.36 -8.61
N ASP A 86 6.47 2.62 -9.90
CA ASP A 86 6.37 3.99 -10.42
C ASP A 86 4.91 4.41 -10.57
N SER A 87 4.02 3.43 -10.63
CA SER A 87 2.59 3.71 -10.77
C SER A 87 1.96 4.04 -9.42
N LEU A 88 2.40 3.35 -8.39
CA LEU A 88 1.89 3.57 -7.04
C LEU A 88 2.30 4.93 -6.51
N ARG A 89 3.49 5.39 -6.92
CA ARG A 89 4.01 6.67 -6.49
C ARG A 89 3.32 7.81 -7.25
N LYS A 90 3.02 7.57 -8.52
CA LYS A 90 2.36 8.57 -9.34
C LYS A 90 0.85 8.46 -9.25
N PHE A 91 0.39 7.62 -8.33
CA PHE A 91 -1.05 7.43 -8.13
C PHE A 91 -1.70 8.66 -7.52
N ASP A 92 -2.98 8.84 -7.77
CA ASP A 92 -3.72 9.98 -7.24
C ASP A 92 -4.52 9.59 -6.01
N LYS A 93 -4.19 10.20 -4.87
CA LYS A 93 -4.88 9.92 -3.63
C LYS A 93 -6.12 10.79 -3.48
N ASP A 94 -6.46 11.53 -4.53
CA ASP A 94 -7.61 12.40 -4.52
C ASP A 94 -8.86 11.66 -4.99
N HIS A 95 -8.74 10.33 -5.11
CA HIS A 95 -9.87 9.51 -5.55
C HIS A 95 -9.79 8.12 -4.91
N ILE A 96 -9.48 8.08 -3.63
CA ILE A 96 -9.39 6.82 -2.90
C ILE A 96 -10.60 6.59 -2.01
N PRO A 97 -11.48 5.67 -2.41
CA PRO A 97 -12.69 5.35 -1.66
C PRO A 97 -12.39 4.62 -0.36
N PRO A 98 -13.32 4.71 0.60
CA PRO A 98 -13.17 4.06 1.91
C PRO A 98 -13.28 2.54 1.83
N GLU A 99 -13.66 2.04 0.65
CA GLU A 99 -13.79 0.61 0.44
C GLU A 99 -12.42 -0.05 0.30
N VAL A 100 -11.43 0.74 -0.10
CA VAL A 100 -10.08 0.23 -0.28
C VAL A 100 -9.29 0.28 1.03
N ILE A 101 -9.67 1.22 1.90
CA ILE A 101 -9.01 1.37 3.18
C ILE A 101 -9.65 0.49 4.25
N VAL A 102 -10.94 0.22 4.08
CA VAL A 102 -11.67 -0.62 5.02
C VAL A 102 -11.19 -2.06 4.96
N LYS A 103 -10.53 -2.42 3.87
CA LYS A 103 -10.02 -3.76 3.68
C LYS A 103 -8.75 -3.98 4.52
N ILE A 104 -7.98 -2.92 4.69
CA ILE A 104 -6.75 -3.00 5.47
C ILE A 104 -6.92 -2.35 6.83
N ARG A 105 -8.17 -2.07 7.21
CA ARG A 105 -8.47 -1.45 8.48
C ARG A 105 -7.90 -2.28 9.63
N PRO A 106 -8.29 -3.56 9.71
CA PRO A 106 -7.82 -4.47 10.75
C PRO A 106 -6.34 -4.82 10.59
N PHE A 107 -5.81 -4.60 9.40
CA PHE A 107 -4.42 -4.90 9.12
C PHE A 107 -3.52 -3.75 9.53
N ALA A 108 -4.06 -2.53 9.47
CA ALA A 108 -3.31 -1.33 9.85
C ALA A 108 -2.69 -1.49 11.22
N GLN A 109 -3.28 -2.35 12.05
CA GLN A 109 -2.78 -2.58 13.40
C GLN A 109 -2.11 -3.95 13.50
N ASP A 110 -2.33 -4.78 12.50
CA ASP A 110 -1.75 -6.11 12.47
C ASP A 110 -0.23 -6.05 12.55
N PRO A 111 0.37 -6.92 13.38
CA PRO A 111 1.82 -6.98 13.56
C PRO A 111 2.53 -7.51 12.32
N GLU A 112 1.76 -7.94 11.33
CA GLU A 112 2.33 -8.47 10.10
C GLU A 112 2.01 -7.56 8.92
N PHE A 113 1.70 -6.30 9.21
CA PHE A 113 1.38 -5.33 8.18
C PHE A 113 2.08 -4.00 8.43
N GLN A 114 2.95 -3.98 9.44
CA GLN A 114 3.68 -2.78 9.79
C GLN A 114 5.03 -2.74 9.09
N PRO A 115 5.57 -1.52 8.88
CA PRO A 115 6.86 -1.32 8.22
C PRO A 115 8.03 -1.79 9.08
N LYS A 116 7.79 -1.92 10.38
CA LYS A 116 8.81 -2.37 11.31
C LYS A 116 8.95 -3.88 11.30
N VAL A 117 7.82 -4.58 11.16
CA VAL A 117 7.81 -6.03 11.13
C VAL A 117 8.07 -6.55 9.72
N ILE A 118 7.80 -5.71 8.73
CA ILE A 118 8.00 -6.09 7.33
C ILE A 118 9.42 -5.78 6.89
N GLU A 119 10.09 -4.89 7.61
CA GLU A 119 11.45 -4.51 7.30
C GLU A 119 12.45 -5.53 7.85
N LYS A 120 12.05 -6.23 8.90
CA LYS A 120 12.89 -7.24 9.52
C LYS A 120 12.81 -8.56 8.77
N GLN A 121 11.92 -8.62 7.79
CA GLN A 121 11.73 -9.84 6.99
C GLN A 121 11.95 -9.55 5.51
N SER A 122 11.34 -8.48 5.02
CA SER A 122 11.47 -8.11 3.62
C SER A 122 11.69 -6.60 3.47
N VAL A 123 12.95 -6.19 3.56
CA VAL A 123 13.29 -4.78 3.44
C VAL A 123 12.69 -4.17 2.18
N ALA A 124 12.82 -4.89 1.06
CA ALA A 124 12.29 -4.42 -0.22
C ALA A 124 10.79 -4.15 -0.12
N CYS A 125 10.03 -5.17 0.23
CA CYS A 125 8.58 -5.03 0.37
C CYS A 125 8.22 -4.04 1.46
N ALA A 126 9.16 -3.81 2.38
CA ALA A 126 8.94 -2.90 3.48
C ALA A 126 8.53 -1.52 2.98
N GLY A 127 8.96 -1.19 1.76
CA GLY A 127 8.62 0.11 1.18
C GLY A 127 7.18 0.17 0.73
N LEU A 128 6.54 -0.99 0.56
CA LEU A 128 5.16 -1.05 0.14
C LEU A 128 4.22 -0.80 1.30
N CYS A 129 4.26 -1.68 2.30
CA CYS A 129 3.41 -1.55 3.48
C CYS A 129 3.51 -0.15 4.07
N SER A 130 4.72 0.38 4.12
CA SER A 130 4.96 1.71 4.67
C SER A 130 4.13 2.76 3.92
N TRP A 131 3.98 2.56 2.62
CA TRP A 131 3.21 3.49 1.79
C TRP A 131 1.72 3.23 1.94
N VAL A 132 1.35 1.98 2.16
CA VAL A 132 -0.05 1.61 2.32
C VAL A 132 -0.65 2.25 3.57
N ILE A 133 0.09 2.17 4.67
CA ILE A 133 -0.36 2.73 5.94
C ILE A 133 -0.15 4.25 5.97
N ALA A 134 0.78 4.72 5.15
CA ALA A 134 1.08 6.14 5.08
C ALA A 134 0.06 6.88 4.24
N LEU A 135 -0.14 6.41 3.00
CA LEU A 135 -1.10 7.04 2.10
C LEU A 135 -2.47 7.17 2.75
N GLU A 136 -2.79 6.23 3.64
CA GLU A 136 -4.07 6.25 4.34
C GLU A 136 -4.12 7.39 5.35
N LYS A 137 -2.98 7.70 5.95
CA LYS A 137 -2.88 8.76 6.93
C LYS A 137 -2.80 10.12 6.26
N TYR A 138 -2.00 10.22 5.21
CA TYR A 138 -1.82 11.46 4.46
C TYR A 138 -3.17 11.98 3.97
N ASP A 139 -4.12 11.07 3.75
CA ASP A 139 -5.44 11.44 3.28
C ASP A 139 -6.31 11.94 4.43
N LYS A 140 -5.98 11.51 5.64
CA LYS A 140 -6.73 11.91 6.83
C LYS A 140 -6.29 13.28 7.31
N VAL A 141 -5.04 13.63 6.99
CA VAL A 141 -4.49 14.92 7.40
C VAL A 141 -4.83 16.01 6.39
N ILE A 142 -4.90 15.63 5.11
CA ILE A 142 -5.21 16.57 4.05
C ILE A 142 -6.53 17.28 4.32
N LYS A 143 -7.37 16.67 5.17
CA LYS A 143 -8.66 17.25 5.51
C LYS A 143 -8.49 18.53 6.31
N GLU A 144 -7.26 18.77 6.78
CA GLU A 144 -6.97 19.97 7.57
C GLU A 144 -5.47 20.27 7.56
N VAL A 145 -4.81 19.88 6.47
CA VAL A 145 -3.38 20.11 6.33
C VAL A 145 -3.07 21.57 6.02
N GLU A 146 -3.81 22.13 5.06
CA GLU A 146 -3.64 23.52 4.66
C GLU A 146 -4.98 24.19 4.39
N PRO A 147 -5.77 24.38 5.46
CA PRO A 147 -7.09 25.01 5.36
C PRO A 147 -7.00 26.50 5.04
N LYS A 148 -5.79 27.05 5.12
CA LYS A 148 -5.57 28.45 4.84
C LYS A 148 -6.53 29.33 5.65
N ARG A 149 -6.59 29.09 6.95
CA ARG A 149 -7.46 29.87 7.82
C ARG A 149 -6.78 30.16 9.16
N GLN A 150 -7.31 31.14 9.88
CA GLN A 150 -6.75 31.53 11.17
C GLN A 150 -7.84 32.05 12.10
N LYS A 151 -7.49 32.25 13.37
CA LYS A 151 -8.43 32.75 14.36
C LYS A 151 -8.76 34.21 14.10
N LEU A 152 -9.89 34.44 13.44
CA LEU A 152 -10.32 35.81 13.12
C LEU A 152 -10.44 36.65 14.39
N ARG A 153 -10.39 37.96 14.24
CA ARG A 153 -10.50 38.88 15.36
C ARG A 153 -11.87 39.54 15.40
N GLU A 154 -12.90 38.75 15.68
CA GLU A 154 -14.26 39.28 15.74
C GLU A 154 -14.49 40.04 17.05
N ALA A 155 -14.32 41.35 17.00
CA ALA A 155 -14.51 42.19 18.17
C ALA A 155 -15.92 42.78 18.20
N GLY A 1 -0.91 24.97 13.42
CA GLY A 1 -1.39 23.62 13.26
C GLY A 1 -1.18 23.09 11.85
N SER A 2 -1.19 23.99 10.87
CA SER A 2 -1.02 23.62 9.47
C SER A 2 0.40 23.09 9.23
N GLN A 3 1.40 23.84 9.69
CA GLN A 3 2.79 23.45 9.52
C GLN A 3 3.15 22.32 10.48
N ALA A 4 2.32 22.12 11.50
CA ALA A 4 2.56 21.08 12.49
C ALA A 4 1.85 19.78 12.10
N ASP A 5 0.85 19.90 11.24
CA ASP A 5 0.08 18.75 10.79
C ASP A 5 0.69 18.16 9.52
N LEU A 6 1.03 19.03 8.57
CA LEU A 6 1.62 18.60 7.31
C LEU A 6 3.04 18.08 7.52
N ALA A 7 3.79 18.77 8.37
CA ALA A 7 5.16 18.38 8.66
C ALA A 7 5.20 17.10 9.50
N GLU A 8 4.04 16.68 9.98
CA GLU A 8 3.94 15.48 10.79
C GLU A 8 3.78 14.24 9.91
N ALA A 9 3.20 14.42 8.74
CA ALA A 9 2.98 13.32 7.80
C ALA A 9 3.93 13.41 6.62
N LEU A 10 4.35 14.63 6.29
CA LEU A 10 5.26 14.86 5.17
C LEU A 10 6.45 13.91 5.24
N PRO A 11 7.13 13.90 6.40
CA PRO A 11 8.30 13.04 6.62
C PRO A 11 7.92 11.57 6.73
N LEU A 12 6.62 11.29 6.84
CA LEU A 12 6.13 9.93 6.95
C LEU A 12 5.89 9.33 5.57
N LEU A 13 5.10 10.02 4.76
CA LEU A 13 4.79 9.55 3.41
C LEU A 13 6.06 9.42 2.58
N GLU A 14 6.83 10.49 2.50
CA GLU A 14 8.08 10.49 1.74
C GLU A 14 9.02 9.40 2.25
N ALA A 15 8.99 9.16 3.55
CA ALA A 15 9.84 8.14 4.15
C ALA A 15 9.55 6.77 3.57
N ALA A 16 8.33 6.58 3.07
CA ALA A 16 7.93 5.31 2.47
C ALA A 16 8.29 5.25 1.00
N LEU A 17 7.84 6.25 0.24
CA LEU A 17 8.11 6.31 -1.19
C LEU A 17 9.61 6.19 -1.46
N LYS A 18 10.41 6.86 -0.64
CA LYS A 18 11.85 6.83 -0.78
C LYS A 18 12.38 5.40 -0.79
N ALA A 19 11.65 4.51 -0.11
CA ALA A 19 12.03 3.11 -0.04
C ALA A 19 11.97 2.45 -1.42
N LEU A 20 11.09 2.96 -2.27
CA LEU A 20 10.92 2.43 -3.61
C LEU A 20 11.96 3.01 -4.58
N ASP A 21 12.44 4.21 -4.24
CA ASP A 21 13.45 4.88 -5.07
C ASP A 21 14.75 4.09 -5.10
N THR A 22 15.14 3.58 -3.93
CA THR A 22 16.38 2.81 -3.82
C THR A 22 16.17 1.38 -4.32
N LEU A 23 14.94 0.91 -4.27
CA LEU A 23 14.61 -0.44 -4.72
C LEU A 23 14.60 -0.51 -6.24
N LYS A 24 14.34 -1.71 -6.76
CA LYS A 24 14.30 -1.92 -8.20
C LYS A 24 13.11 -2.81 -8.59
N PRO A 25 12.70 -2.73 -9.86
CA PRO A 25 11.59 -3.52 -10.38
C PRO A 25 11.92 -5.01 -10.47
N ALA A 26 13.19 -5.31 -10.71
CA ALA A 26 13.64 -6.70 -10.81
C ALA A 26 13.73 -7.35 -9.44
N ASP A 27 13.81 -6.52 -8.40
CA ASP A 27 13.90 -7.02 -7.03
C ASP A 27 12.54 -7.50 -6.53
N ILE A 28 11.48 -6.83 -6.99
CA ILE A 28 10.12 -7.17 -6.59
C ILE A 28 9.66 -8.46 -7.28
N THR A 29 9.88 -8.53 -8.58
CA THR A 29 9.49 -9.70 -9.37
C THR A 29 10.14 -10.96 -8.83
N GLU A 30 11.25 -10.80 -8.11
CA GLU A 30 11.97 -11.93 -7.53
C GLU A 30 11.03 -12.79 -6.68
N VAL A 31 10.01 -12.16 -6.11
CA VAL A 31 9.04 -12.86 -5.28
C VAL A 31 8.12 -13.73 -6.12
N LYS A 32 7.86 -13.29 -7.35
CA LYS A 32 7.00 -14.03 -8.26
C LYS A 32 7.64 -15.34 -8.69
N GLY A 33 8.97 -15.41 -8.59
CA GLY A 33 9.68 -16.61 -8.97
C GLY A 33 9.25 -17.82 -8.15
N MET A 34 9.49 -17.78 -6.85
CA MET A 34 9.12 -18.88 -5.96
C MET A 34 7.66 -19.26 -6.15
N LYS A 35 7.29 -20.42 -5.63
CA LYS A 35 5.92 -20.90 -5.74
C LYS A 35 4.93 -19.84 -5.26
N SER A 36 5.26 -19.18 -4.15
CA SER A 36 4.40 -18.14 -3.60
C SER A 36 5.17 -17.26 -2.63
N PRO A 37 4.65 -16.05 -2.38
CA PRO A 37 5.28 -15.09 -1.47
C PRO A 37 5.21 -15.53 -0.01
N PRO A 38 6.01 -14.87 0.84
CA PRO A 38 6.04 -15.19 2.28
C PRO A 38 4.77 -14.77 3.00
N ALA A 39 4.63 -15.22 4.25
CA ALA A 39 3.44 -14.90 5.04
C ALA A 39 3.51 -13.46 5.55
N GLY A 40 4.70 -12.87 5.49
CA GLY A 40 4.87 -11.50 5.95
C GLY A 40 4.55 -10.49 4.88
N VAL A 41 4.85 -10.82 3.63
CA VAL A 41 4.60 -9.93 2.50
C VAL A 41 3.17 -10.08 2.00
N ARG A 42 2.64 -11.29 2.10
CA ARG A 42 1.28 -11.58 1.65
C ARG A 42 0.28 -10.67 2.35
N ARG A 43 0.67 -10.16 3.53
CA ARG A 43 -0.19 -9.28 4.30
C ARG A 43 -0.02 -7.83 3.86
N VAL A 44 1.17 -7.51 3.37
CA VAL A 44 1.46 -6.14 2.92
C VAL A 44 0.96 -5.92 1.49
N LEU A 45 1.35 -6.80 0.58
CA LEU A 45 0.94 -6.70 -0.81
C LEU A 45 -0.58 -6.66 -0.92
N GLU A 46 -1.26 -7.21 0.07
CA GLU A 46 -2.72 -7.22 0.09
C GLU A 46 -3.29 -5.86 0.46
N ALA A 47 -2.50 -5.09 1.20
CA ALA A 47 -2.91 -3.75 1.63
C ALA A 47 -2.73 -2.73 0.50
N ILE A 48 -1.99 -3.13 -0.53
CA ILE A 48 -1.74 -2.24 -1.66
C ILE A 48 -2.88 -2.31 -2.68
N CYS A 49 -3.55 -3.45 -2.72
CA CYS A 49 -4.67 -3.64 -3.64
C CYS A 49 -5.93 -2.98 -3.10
N ILE A 50 -6.02 -2.88 -1.78
CA ILE A 50 -7.19 -2.28 -1.14
C ILE A 50 -7.16 -0.76 -1.28
N MET A 51 -6.07 -0.15 -0.84
CA MET A 51 -5.91 1.30 -0.91
C MET A 51 -6.19 1.79 -2.33
N LYS A 52 -5.91 0.96 -3.31
CA LYS A 52 -6.12 1.31 -4.72
C LYS A 52 -7.49 0.84 -5.19
N GLY A 53 -8.02 -0.21 -4.54
CA GLY A 53 -9.32 -0.73 -4.91
C GLY A 53 -9.30 -1.50 -6.21
N VAL A 54 -8.32 -2.39 -6.34
CA VAL A 54 -8.18 -3.20 -7.55
C VAL A 54 -8.96 -4.50 -7.43
N LYS A 55 -9.39 -5.04 -8.58
CA LYS A 55 -10.15 -6.28 -8.60
C LYS A 55 -9.23 -7.48 -8.79
N PRO A 56 -9.67 -8.66 -8.33
CA PRO A 56 -8.90 -9.89 -8.44
C PRO A 56 -8.79 -10.38 -9.88
N ALA A 57 -8.19 -11.55 -10.06
CA ALA A 57 -8.02 -12.14 -11.38
C ALA A 57 -9.20 -13.05 -11.74
N ARG A 58 -9.15 -13.64 -12.93
CA ARG A 58 -10.20 -14.54 -13.38
C ARG A 58 -9.61 -15.76 -14.08
N VAL A 59 -9.97 -16.95 -13.59
CA VAL A 59 -9.49 -18.19 -14.17
C VAL A 59 -10.51 -19.31 -14.00
N LYS A 60 -10.26 -20.43 -14.67
CA LYS A 60 -11.15 -21.58 -14.59
C LYS A 60 -10.73 -22.53 -13.47
N ASP A 61 -11.66 -22.86 -12.60
CA ASP A 61 -11.39 -23.76 -11.49
C ASP A 61 -10.96 -25.13 -11.99
N THR A 62 -9.93 -25.70 -11.37
CA THR A 62 -9.42 -27.00 -11.75
C THR A 62 -10.22 -28.12 -11.10
N ALA A 63 -10.82 -27.81 -9.94
CA ALA A 63 -11.62 -28.79 -9.21
C ALA A 63 -13.10 -28.65 -9.54
N SER A 64 -13.50 -27.44 -9.91
CA SER A 64 -14.89 -27.16 -10.24
C SER A 64 -15.10 -27.18 -11.75
N GLY A 65 -14.10 -26.72 -12.49
CA GLY A 65 -14.19 -26.69 -13.94
C GLY A 65 -15.07 -25.57 -14.44
N ARG A 66 -15.29 -24.57 -13.60
CA ARG A 66 -16.12 -23.42 -13.97
C ARG A 66 -15.34 -22.13 -13.86
N MET A 67 -16.00 -21.02 -14.15
CA MET A 67 -15.37 -19.70 -14.08
C MET A 67 -15.24 -19.23 -12.64
N VAL A 68 -14.02 -18.88 -12.25
CA VAL A 68 -13.76 -18.40 -10.89
C VAL A 68 -12.75 -17.27 -10.88
N ASP A 69 -12.49 -16.72 -9.70
CA ASP A 69 -11.54 -15.63 -9.56
C ASP A 69 -10.33 -16.06 -8.73
N ASP A 70 -9.19 -15.42 -8.98
CA ASP A 70 -7.96 -15.74 -8.26
C ASP A 70 -7.37 -14.50 -7.60
N TYR A 71 -7.36 -14.48 -6.28
CA TYR A 71 -6.84 -13.36 -5.53
C TYR A 71 -5.31 -13.39 -5.49
N TRP A 72 -4.74 -14.58 -5.67
CA TRP A 72 -3.30 -14.75 -5.66
C TRP A 72 -2.68 -14.22 -6.94
N GLU A 73 -3.25 -14.60 -8.07
CA GLU A 73 -2.75 -14.15 -9.37
C GLU A 73 -2.60 -12.63 -9.41
N ALA A 74 -3.67 -11.93 -9.07
CA ALA A 74 -3.65 -10.47 -9.06
C ALA A 74 -2.58 -9.94 -8.12
N SER A 75 -2.18 -10.77 -7.17
CA SER A 75 -1.16 -10.38 -6.20
C SER A 75 0.25 -10.60 -6.76
N LYS A 76 0.57 -11.87 -7.04
CA LYS A 76 1.88 -12.21 -7.58
C LYS A 76 2.15 -11.45 -8.88
N LYS A 77 1.10 -11.23 -9.66
CA LYS A 77 1.22 -10.50 -10.92
C LYS A 77 1.52 -9.03 -10.68
N MET A 78 1.31 -8.59 -9.44
CA MET A 78 1.56 -7.20 -9.08
C MET A 78 3.04 -6.98 -8.74
N LEU A 79 3.72 -8.05 -8.34
CA LEU A 79 5.12 -7.98 -8.00
C LEU A 79 6.01 -8.11 -9.23
N MET A 80 5.55 -8.90 -10.20
CA MET A 80 6.28 -9.10 -11.44
C MET A 80 6.33 -7.82 -12.26
N GLU A 81 5.40 -6.93 -11.99
CA GLU A 81 5.33 -5.65 -12.72
C GLU A 81 6.57 -4.81 -12.45
N PHE A 82 7.13 -4.22 -13.49
CA PHE A 82 8.32 -3.39 -13.38
C PHE A 82 7.94 -1.94 -13.08
N ASP A 83 6.68 -1.61 -13.32
CA ASP A 83 6.18 -0.26 -13.08
C ASP A 83 5.24 -0.21 -11.88
N PHE A 84 5.08 -1.36 -11.23
CA PHE A 84 4.19 -1.46 -10.06
C PHE A 84 4.57 -0.43 -9.01
N LEU A 85 5.86 -0.40 -8.65
CA LEU A 85 6.36 0.54 -7.66
C LEU A 85 6.23 1.97 -8.14
N ASP A 86 6.21 2.14 -9.46
CA ASP A 86 6.09 3.47 -10.05
C ASP A 86 4.64 3.90 -10.13
N SER A 87 3.73 2.93 -10.06
CA SER A 87 2.30 3.21 -10.13
C SER A 87 1.77 3.63 -8.76
N LEU A 88 2.29 3.00 -7.71
CA LEU A 88 1.87 3.31 -6.35
C LEU A 88 2.34 4.71 -5.94
N ARG A 89 3.50 5.12 -6.45
CA ARG A 89 4.05 6.42 -6.14
C ARG A 89 3.34 7.52 -6.93
N LYS A 90 2.97 7.21 -8.16
CA LYS A 90 2.28 8.17 -9.02
C LYS A 90 0.77 8.09 -8.83
N PHE A 91 0.35 7.32 -7.82
CA PHE A 91 -1.07 7.15 -7.54
C PHE A 91 -1.65 8.43 -6.93
N ASP A 92 -2.93 8.69 -7.21
CA ASP A 92 -3.61 9.87 -6.70
C ASP A 92 -4.35 9.56 -5.41
N LYS A 93 -3.92 10.17 -4.32
CA LYS A 93 -4.55 9.96 -3.01
C LYS A 93 -5.74 10.89 -2.83
N ASP A 94 -6.10 11.62 -3.88
CA ASP A 94 -7.21 12.55 -3.83
C ASP A 94 -8.53 11.82 -4.08
N HIS A 95 -8.46 10.50 -4.21
CA HIS A 95 -9.65 9.69 -4.45
C HIS A 95 -9.57 8.37 -3.69
N ILE A 96 -9.17 8.44 -2.43
CA ILE A 96 -9.05 7.26 -1.59
C ILE A 96 -10.19 7.19 -0.57
N PRO A 97 -11.14 6.27 -0.81
CA PRO A 97 -12.29 6.09 0.07
C PRO A 97 -11.90 5.46 1.41
N PRO A 98 -12.70 5.74 2.45
CA PRO A 98 -12.47 5.22 3.79
C PRO A 98 -12.70 3.71 3.89
N GLU A 99 -13.29 3.14 2.84
CA GLU A 99 -13.56 1.71 2.80
C GLU A 99 -12.27 0.91 2.67
N VAL A 100 -11.21 1.58 2.26
CA VAL A 100 -9.91 0.94 2.10
C VAL A 100 -9.15 0.87 3.42
N ILE A 101 -9.38 1.86 4.28
CA ILE A 101 -8.73 1.92 5.58
C ILE A 101 -9.46 1.06 6.60
N VAL A 102 -10.67 0.65 6.26
CA VAL A 102 -11.49 -0.18 7.15
C VAL A 102 -10.96 -1.61 7.20
N LYS A 103 -10.44 -2.08 6.08
CA LYS A 103 -9.90 -3.43 6.00
C LYS A 103 -8.53 -3.51 6.65
N ILE A 104 -7.74 -2.47 6.48
CA ILE A 104 -6.39 -2.42 7.05
C ILE A 104 -6.39 -1.65 8.36
N ARG A 105 -7.58 -1.31 8.85
CA ARG A 105 -7.71 -0.58 10.10
C ARG A 105 -6.96 -1.28 11.23
N PRO A 106 -7.32 -2.55 11.47
CA PRO A 106 -6.70 -3.35 12.53
C PRO A 106 -5.26 -3.73 12.19
N PHE A 107 -4.89 -3.57 10.92
CA PHE A 107 -3.55 -3.89 10.47
C PHE A 107 -2.58 -2.74 10.76
N ALA A 108 -3.11 -1.53 10.74
CA ALA A 108 -2.30 -0.34 11.00
C ALA A 108 -1.61 -0.43 12.36
N GLN A 109 -2.17 -1.27 13.24
CA GLN A 109 -1.60 -1.45 14.58
C GLN A 109 -1.08 -2.86 14.76
N ASP A 110 -1.20 -3.67 13.71
CA ASP A 110 -0.73 -5.06 13.76
C ASP A 110 0.79 -5.12 13.64
N PRO A 111 1.42 -5.97 14.47
CA PRO A 111 2.87 -6.15 14.47
C PRO A 111 3.37 -6.85 13.22
N GLU A 112 2.44 -7.32 12.40
CA GLU A 112 2.79 -8.02 11.17
C GLU A 112 2.47 -7.17 9.95
N PHE A 113 2.32 -5.86 10.16
CA PHE A 113 2.02 -4.94 9.09
C PHE A 113 2.83 -3.65 9.22
N GLN A 114 3.79 -3.66 10.14
CA GLN A 114 4.64 -2.50 10.37
C GLN A 114 5.88 -2.56 9.49
N PRO A 115 6.42 -1.37 9.18
CA PRO A 115 7.62 -1.25 8.34
C PRO A 115 8.87 -1.76 9.03
N LYS A 116 8.83 -1.81 10.36
CA LYS A 116 9.96 -2.28 11.15
C LYS A 116 10.03 -3.80 11.16
N VAL A 117 8.86 -4.43 11.10
CA VAL A 117 8.78 -5.90 11.10
C VAL A 117 8.92 -6.45 9.70
N ILE A 118 8.17 -5.89 8.76
CA ILE A 118 8.21 -6.33 7.37
C ILE A 118 9.62 -6.20 6.80
N GLU A 119 10.42 -5.33 7.41
CA GLU A 119 11.80 -5.12 6.96
C GLU A 119 12.73 -6.17 7.55
N LYS A 120 12.26 -6.84 8.60
CA LYS A 120 13.06 -7.87 9.26
C LYS A 120 13.17 -9.11 8.38
N GLN A 121 12.23 -9.26 7.46
CA GLN A 121 12.23 -10.41 6.55
C GLN A 121 12.25 -9.95 5.09
N SER A 122 11.50 -8.91 4.79
CA SER A 122 11.42 -8.38 3.44
C SER A 122 11.75 -6.89 3.42
N VAL A 123 13.05 -6.57 3.29
CA VAL A 123 13.50 -5.19 3.25
C VAL A 123 12.82 -4.43 2.12
N ALA A 124 12.79 -5.03 0.93
CA ALA A 124 12.18 -4.41 -0.23
C ALA A 124 10.69 -4.13 0.02
N CYS A 125 9.94 -5.18 0.32
CA CYS A 125 8.52 -5.05 0.57
C CYS A 125 8.26 -4.06 1.70
N ALA A 126 9.24 -3.87 2.56
CA ALA A 126 9.12 -2.95 3.70
C ALA A 126 8.69 -1.57 3.22
N GLY A 127 9.03 -1.23 1.98
CA GLY A 127 8.67 0.07 1.44
C GLY A 127 7.19 0.16 1.12
N LEU A 128 6.56 -0.99 0.88
CA LEU A 128 5.14 -1.03 0.55
C LEU A 128 4.29 -0.73 1.79
N CYS A 129 4.41 -1.60 2.79
CA CYS A 129 3.65 -1.43 4.04
C CYS A 129 3.85 -0.03 4.61
N SER A 130 5.08 0.45 4.56
CA SER A 130 5.40 1.78 5.08
C SER A 130 4.64 2.86 4.33
N TRP A 131 4.28 2.57 3.09
CA TRP A 131 3.54 3.51 2.26
C TRP A 131 2.05 3.44 2.55
N VAL A 132 1.57 2.23 2.84
CA VAL A 132 0.16 2.02 3.14
C VAL A 132 -0.23 2.69 4.45
N ILE A 133 0.65 2.57 5.45
CA ILE A 133 0.40 3.16 6.76
C ILE A 133 0.70 4.66 6.76
N ALA A 134 1.53 5.08 5.81
CA ALA A 134 1.90 6.49 5.70
C ALA A 134 0.88 7.26 4.86
N LEU A 135 0.66 6.80 3.64
CA LEU A 135 -0.29 7.45 2.74
C LEU A 135 -1.63 7.64 3.43
N GLU A 136 -2.04 6.66 4.22
CA GLU A 136 -3.31 6.72 4.92
C GLU A 136 -3.31 7.86 5.93
N LYS A 137 -2.16 8.11 6.54
CA LYS A 137 -2.03 9.18 7.53
C LYS A 137 -1.90 10.54 6.84
N TYR A 138 -1.09 10.60 5.79
CA TYR A 138 -0.89 11.84 5.06
C TYR A 138 -2.22 12.40 4.56
N ASP A 139 -3.15 11.51 4.22
CA ASP A 139 -4.46 11.91 3.74
C ASP A 139 -5.27 12.58 4.85
N LYS A 140 -4.96 12.23 6.09
CA LYS A 140 -5.65 12.79 7.25
C LYS A 140 -5.18 14.22 7.51
N VAL A 141 -3.94 14.51 7.18
CA VAL A 141 -3.37 15.84 7.37
C VAL A 141 -3.54 16.70 6.12
N ILE A 142 -3.59 16.05 4.97
CA ILE A 142 -3.75 16.74 3.71
C ILE A 142 -4.98 17.65 3.72
N LYS A 143 -6.01 17.22 4.44
CA LYS A 143 -7.24 17.99 4.54
C LYS A 143 -7.02 19.28 5.32
N GLU A 144 -5.86 19.39 5.96
CA GLU A 144 -5.52 20.57 6.73
C GLU A 144 -4.05 20.94 6.56
N VAL A 145 -3.44 20.46 5.49
CA VAL A 145 -2.03 20.72 5.21
C VAL A 145 -1.84 22.11 4.61
N GLU A 146 -2.63 22.41 3.58
CA GLU A 146 -2.55 23.71 2.92
C GLU A 146 -3.93 24.20 2.52
N PRO A 147 -4.77 24.53 3.51
CA PRO A 147 -6.13 25.01 3.29
C PRO A 147 -6.15 26.42 2.68
N LYS A 148 -5.38 27.32 3.27
CA LYS A 148 -5.30 28.70 2.80
C LYS A 148 -6.70 29.28 2.60
N ARG A 149 -7.64 28.84 3.42
CA ARG A 149 -9.02 29.31 3.34
C ARG A 149 -9.49 29.86 4.68
N GLN A 150 -10.59 30.61 4.66
CA GLN A 150 -11.14 31.19 5.89
C GLN A 150 -12.44 30.52 6.27
N LYS A 151 -12.49 29.20 6.11
CA LYS A 151 -13.69 28.43 6.44
C LYS A 151 -13.48 27.63 7.72
N LEU A 152 -13.41 28.33 8.85
CA LEU A 152 -13.23 27.69 10.14
C LEU A 152 -14.18 28.25 11.17
N ARG A 153 -14.57 27.42 12.14
CA ARG A 153 -15.49 27.83 13.20
C ARG A 153 -14.82 27.71 14.57
N GLU A 154 -13.95 28.66 14.88
CA GLU A 154 -13.24 28.66 16.15
C GLU A 154 -14.14 29.21 17.26
N ALA A 155 -14.84 28.33 17.96
CA ALA A 155 -15.73 28.73 19.04
C ALA A 155 -15.11 28.42 20.40
N GLY A 1 -1.82 24.97 14.54
CA GLY A 1 -3.05 24.19 14.57
C GLY A 1 -3.49 23.73 13.20
N SER A 2 -3.00 24.41 12.16
CA SER A 2 -3.35 24.06 10.80
C SER A 2 -2.18 23.36 10.09
N GLN A 3 -0.97 23.78 10.45
CA GLN A 3 0.23 23.19 9.85
C GLN A 3 0.67 21.96 10.63
N ALA A 4 0.26 21.88 11.89
CA ALA A 4 0.62 20.75 12.74
C ALA A 4 -0.10 19.47 12.29
N ASP A 5 -1.23 19.65 11.62
CA ASP A 5 -2.01 18.52 11.13
C ASP A 5 -1.40 17.94 9.87
N LEU A 6 -1.12 18.80 8.91
CA LEU A 6 -0.53 18.37 7.64
C LEU A 6 0.90 17.87 7.85
N ALA A 7 1.64 18.56 8.71
CA ALA A 7 3.01 18.18 9.00
C ALA A 7 3.07 16.88 9.79
N GLU A 8 1.91 16.42 10.25
CA GLU A 8 1.84 15.19 11.03
C GLU A 8 1.72 13.98 10.11
N ALA A 9 1.14 14.18 8.93
CA ALA A 9 0.98 13.10 7.96
C ALA A 9 1.94 13.26 6.79
N LEU A 10 2.34 14.50 6.53
CA LEU A 10 3.28 14.79 5.44
C LEU A 10 4.48 13.86 5.48
N PRO A 11 5.15 13.81 6.65
CA PRO A 11 6.32 12.96 6.85
C PRO A 11 5.97 11.48 6.89
N LEU A 12 4.68 11.19 6.99
CA LEU A 12 4.21 9.80 7.03
C LEU A 12 3.97 9.27 5.63
N LEU A 13 3.16 9.99 4.86
CA LEU A 13 2.85 9.58 3.48
C LEU A 13 4.11 9.60 2.62
N GLU A 14 4.89 10.67 2.72
CA GLU A 14 6.12 10.80 1.95
C GLU A 14 7.12 9.72 2.34
N ALA A 15 7.11 9.34 3.62
CA ALA A 15 8.01 8.33 4.13
C ALA A 15 7.80 6.99 3.42
N ALA A 16 6.60 6.80 2.87
CA ALA A 16 6.26 5.57 2.17
C ALA A 16 6.65 5.65 0.71
N LEU A 17 6.20 6.71 0.04
CA LEU A 17 6.49 6.92 -1.38
C LEU A 17 8.00 6.94 -1.62
N LYS A 18 8.72 7.65 -0.74
CA LYS A 18 10.17 7.75 -0.86
C LYS A 18 10.82 6.37 -0.89
N ALA A 19 10.15 5.40 -0.27
CA ALA A 19 10.67 4.04 -0.23
C ALA A 19 10.56 3.38 -1.60
N LEU A 20 9.63 3.84 -2.42
CA LEU A 20 9.42 3.30 -3.75
C LEU A 20 10.38 3.94 -4.75
N ASP A 21 10.83 5.14 -4.44
CA ASP A 21 11.76 5.87 -5.30
C ASP A 21 13.14 5.23 -5.28
N THR A 22 13.64 4.96 -4.08
CA THR A 22 14.96 4.35 -3.92
C THR A 22 14.93 2.88 -4.32
N LEU A 23 13.74 2.29 -4.29
CA LEU A 23 13.58 0.88 -4.66
C LEU A 23 13.63 0.70 -6.17
N LYS A 24 13.90 -0.52 -6.60
CA LYS A 24 13.96 -0.83 -8.03
C LYS A 24 12.93 -1.90 -8.40
N PRO A 25 12.61 -1.98 -9.71
CA PRO A 25 11.65 -2.96 -10.22
C PRO A 25 12.18 -4.39 -10.16
N ALA A 26 13.49 -4.52 -10.09
CA ALA A 26 14.13 -5.84 -10.02
C ALA A 26 14.09 -6.39 -8.60
N ASP A 27 13.89 -5.50 -7.63
CA ASP A 27 13.83 -5.90 -6.23
C ASP A 27 12.43 -6.41 -5.87
N ILE A 28 11.42 -5.86 -6.53
CA ILE A 28 10.04 -6.26 -6.28
C ILE A 28 9.72 -7.57 -6.98
N THR A 29 10.15 -7.70 -8.22
CA THR A 29 9.90 -8.90 -9.00
C THR A 29 10.47 -10.13 -8.30
N GLU A 30 11.42 -9.91 -7.40
CA GLU A 30 12.05 -11.00 -6.66
C GLU A 30 10.99 -11.91 -6.02
N VAL A 31 9.85 -11.31 -5.68
CA VAL A 31 8.75 -12.07 -5.06
C VAL A 31 8.02 -12.91 -6.10
N LYS A 32 7.92 -12.38 -7.31
CA LYS A 32 7.23 -13.09 -8.39
C LYS A 32 7.89 -14.44 -8.65
N GLY A 33 9.16 -14.56 -8.30
CA GLY A 33 9.87 -15.81 -8.50
C GLY A 33 10.72 -16.19 -7.31
N MET A 34 10.13 -16.13 -6.12
CA MET A 34 10.85 -16.47 -4.90
C MET A 34 10.55 -17.90 -4.47
N LYS A 35 11.21 -18.35 -3.41
CA LYS A 35 11.01 -19.71 -2.91
C LYS A 35 9.57 -19.93 -2.47
N SER A 36 9.04 -18.98 -1.70
CA SER A 36 7.68 -19.07 -1.21
C SER A 36 7.18 -17.71 -0.73
N PRO A 37 5.87 -17.47 -0.88
CA PRO A 37 5.24 -16.22 -0.47
C PRO A 37 5.19 -16.07 1.05
N PRO A 38 5.95 -15.11 1.59
CA PRO A 38 6.01 -14.84 3.02
C PRO A 38 4.72 -14.23 3.55
N ALA A 39 4.40 -14.53 4.81
CA ALA A 39 3.19 -14.01 5.44
C ALA A 39 3.29 -12.51 5.65
N GLY A 40 4.49 -11.97 5.49
CA GLY A 40 4.70 -10.55 5.67
C GLY A 40 4.42 -9.75 4.41
N VAL A 41 4.92 -10.25 3.28
CA VAL A 41 4.73 -9.59 2.01
C VAL A 41 3.40 -9.97 1.37
N ARG A 42 3.09 -11.26 1.43
CA ARG A 42 1.84 -11.76 0.86
C ARG A 42 0.64 -11.07 1.49
N ARG A 43 0.83 -10.50 2.67
CA ARG A 43 -0.23 -9.81 3.38
C ARG A 43 -0.30 -8.34 2.96
N VAL A 44 0.86 -7.77 2.62
CA VAL A 44 0.93 -6.37 2.20
C VAL A 44 0.61 -6.23 0.72
N LEU A 45 1.34 -6.97 -0.12
CA LEU A 45 1.13 -6.93 -1.56
C LEU A 45 -0.33 -7.20 -1.90
N GLU A 46 -0.94 -8.13 -1.18
CA GLU A 46 -2.34 -8.49 -1.41
C GLU A 46 -3.26 -7.35 -1.01
N ALA A 47 -2.79 -6.51 -0.08
CA ALA A 47 -3.58 -5.37 0.38
C ALA A 47 -3.55 -4.23 -0.61
N ILE A 48 -2.60 -4.29 -1.55
CA ILE A 48 -2.46 -3.26 -2.57
C ILE A 48 -3.47 -3.45 -3.70
N CYS A 49 -3.86 -4.70 -3.92
CA CYS A 49 -4.82 -5.04 -4.97
C CYS A 49 -6.25 -4.73 -4.51
N ILE A 50 -6.43 -4.61 -3.20
CA ILE A 50 -7.75 -4.32 -2.64
C ILE A 50 -8.16 -2.88 -2.91
N MET A 51 -7.22 -1.96 -2.75
CA MET A 51 -7.48 -0.54 -2.98
C MET A 51 -8.00 -0.31 -4.39
N LYS A 52 -7.66 -1.22 -5.30
CA LYS A 52 -8.10 -1.12 -6.69
C LYS A 52 -9.17 -2.16 -7.00
N GLY A 53 -9.36 -3.10 -6.08
CA GLY A 53 -10.36 -4.14 -6.27
C GLY A 53 -10.20 -4.85 -7.60
N VAL A 54 -9.02 -5.43 -7.83
CA VAL A 54 -8.75 -6.15 -9.07
C VAL A 54 -9.32 -7.56 -9.04
N LYS A 55 -9.76 -8.04 -10.20
CA LYS A 55 -10.33 -9.38 -10.29
C LYS A 55 -9.23 -10.43 -10.35
N PRO A 56 -9.57 -11.66 -9.93
CA PRO A 56 -8.62 -12.79 -9.92
C PRO A 56 -8.27 -13.25 -11.32
N ALA A 57 -7.15 -13.96 -11.44
CA ALA A 57 -6.70 -14.47 -12.73
C ALA A 57 -7.52 -15.69 -13.16
N ARG A 58 -7.21 -16.22 -14.33
CA ARG A 58 -7.93 -17.38 -14.86
C ARG A 58 -6.96 -18.53 -15.15
N VAL A 59 -7.17 -19.67 -14.50
CA VAL A 59 -6.32 -20.83 -14.71
C VAL A 59 -7.10 -22.12 -14.49
N LYS A 60 -6.47 -23.25 -14.84
CA LYS A 60 -7.11 -24.55 -14.69
C LYS A 60 -6.59 -25.25 -13.42
N ASP A 61 -7.52 -25.73 -12.60
CA ASP A 61 -7.17 -26.42 -11.38
C ASP A 61 -6.43 -27.73 -11.68
N THR A 62 -5.35 -27.97 -10.96
CA THR A 62 -4.55 -29.18 -11.15
C THR A 62 -5.13 -30.35 -10.35
N ALA A 63 -5.94 -30.02 -9.35
CA ALA A 63 -6.57 -31.05 -8.52
C ALA A 63 -7.95 -31.43 -9.04
N SER A 64 -8.65 -30.44 -9.59
CA SER A 64 -9.99 -30.67 -10.13
C SER A 64 -9.94 -30.86 -11.64
N GLY A 65 -9.07 -30.11 -12.30
CA GLY A 65 -8.94 -30.20 -13.74
C GLY A 65 -9.97 -29.38 -14.48
N ARG A 66 -10.54 -28.39 -13.79
CA ARG A 66 -11.55 -27.53 -14.38
C ARG A 66 -11.08 -26.07 -14.38
N MET A 67 -11.93 -25.19 -14.88
CA MET A 67 -11.61 -23.77 -14.95
C MET A 67 -11.83 -23.11 -13.59
N VAL A 68 -10.77 -22.48 -13.07
CA VAL A 68 -10.85 -21.80 -11.78
C VAL A 68 -10.23 -20.42 -11.85
N ASP A 69 -10.22 -19.73 -10.71
CA ASP A 69 -9.64 -18.39 -10.64
C ASP A 69 -8.44 -18.35 -9.69
N ASP A 70 -7.42 -17.59 -10.07
CA ASP A 70 -6.22 -17.47 -9.26
C ASP A 70 -5.90 -16.01 -8.97
N TYR A 71 -6.25 -15.55 -7.79
CA TYR A 71 -6.02 -14.17 -7.39
C TYR A 71 -4.56 -13.97 -6.96
N TRP A 72 -3.87 -15.09 -6.74
CA TRP A 72 -2.47 -15.04 -6.32
C TRP A 72 -1.55 -14.73 -7.49
N GLU A 73 -1.67 -15.52 -8.56
CA GLU A 73 -0.86 -15.32 -9.74
C GLU A 73 -0.92 -13.86 -10.22
N ALA A 74 -2.14 -13.38 -10.45
CA ALA A 74 -2.34 -12.00 -10.90
C ALA A 74 -1.77 -11.00 -9.89
N SER A 75 -1.58 -11.47 -8.65
CA SER A 75 -1.04 -10.61 -7.61
C SER A 75 0.47 -10.48 -7.73
N LYS A 76 1.16 -11.60 -7.59
CA LYS A 76 2.62 -11.62 -7.69
C LYS A 76 3.09 -11.03 -9.02
N LYS A 77 2.37 -11.35 -10.09
CA LYS A 77 2.71 -10.86 -11.41
C LYS A 77 2.59 -9.33 -11.47
N MET A 78 1.91 -8.77 -10.48
CA MET A 78 1.72 -7.32 -10.41
C MET A 78 2.92 -6.65 -9.75
N LEU A 79 3.68 -7.42 -8.97
CA LEU A 79 4.85 -6.90 -8.28
C LEU A 79 6.04 -6.80 -9.23
N MET A 80 6.09 -7.69 -10.21
CA MET A 80 7.17 -7.69 -11.20
C MET A 80 7.01 -6.55 -12.19
N GLU A 81 5.80 -6.01 -12.27
CA GLU A 81 5.52 -4.90 -13.19
C GLU A 81 6.53 -3.78 -13.01
N PHE A 82 6.92 -3.17 -14.12
CA PHE A 82 7.89 -2.08 -14.09
C PHE A 82 7.25 -0.80 -13.55
N ASP A 83 5.93 -0.69 -13.70
CA ASP A 83 5.19 0.47 -13.23
C ASP A 83 4.29 0.10 -12.05
N PHE A 84 4.66 -0.95 -11.34
CA PHE A 84 3.88 -1.41 -10.19
C PHE A 84 3.84 -0.35 -9.11
N LEU A 85 5.02 0.16 -8.75
CA LEU A 85 5.12 1.20 -7.71
C LEU A 85 4.72 2.56 -8.26
N ASP A 86 5.02 2.79 -9.53
CA ASP A 86 4.70 4.06 -10.19
C ASP A 86 3.19 4.26 -10.25
N SER A 87 2.44 3.15 -10.21
CA SER A 87 0.99 3.20 -10.28
C SER A 87 0.39 3.49 -8.90
N LEU A 88 1.06 3.00 -7.86
CA LEU A 88 0.60 3.20 -6.49
C LEU A 88 0.86 4.63 -6.03
N ARG A 89 1.92 5.23 -6.58
CA ARG A 89 2.28 6.59 -6.22
C ARG A 89 1.40 7.60 -6.94
N LYS A 90 0.93 7.23 -8.13
CA LYS A 90 0.08 8.10 -8.93
C LYS A 90 -1.35 8.08 -8.41
N PHE A 91 -1.63 7.16 -7.48
CA PHE A 91 -2.96 7.04 -6.89
C PHE A 91 -3.46 8.39 -6.40
N ASP A 92 -4.76 8.61 -6.52
CA ASP A 92 -5.37 9.87 -6.08
C ASP A 92 -6.19 9.66 -4.82
N LYS A 93 -6.02 10.56 -3.85
CA LYS A 93 -6.74 10.49 -2.59
C LYS A 93 -7.93 11.44 -2.57
N ASP A 94 -8.35 11.86 -3.76
CA ASP A 94 -9.48 12.78 -3.88
C ASP A 94 -10.79 12.01 -4.06
N HIS A 95 -10.74 10.69 -3.83
CA HIS A 95 -11.91 9.85 -3.97
C HIS A 95 -11.61 8.42 -3.52
N ILE A 96 -11.04 8.28 -2.33
CA ILE A 96 -10.70 6.98 -1.79
C ILE A 96 -11.96 6.21 -1.36
N PRO A 97 -12.17 5.05 -1.98
CA PRO A 97 -13.33 4.20 -1.68
C PRO A 97 -13.24 3.56 -0.30
N PRO A 98 -14.20 3.91 0.58
CA PRO A 98 -14.24 3.39 1.94
C PRO A 98 -14.61 1.90 1.99
N GLU A 99 -14.95 1.35 0.82
CA GLU A 99 -15.33 -0.05 0.72
C GLU A 99 -14.09 -0.94 0.61
N VAL A 100 -12.99 -0.35 0.13
CA VAL A 100 -11.75 -1.09 -0.02
C VAL A 100 -10.93 -1.08 1.26
N ILE A 101 -11.09 -0.02 2.05
CA ILE A 101 -10.37 0.10 3.32
C ILE A 101 -10.98 -0.80 4.38
N VAL A 102 -12.18 -1.32 4.11
CA VAL A 102 -12.87 -2.18 5.05
C VAL A 102 -12.13 -3.50 5.23
N LYS A 103 -11.38 -3.90 4.19
CA LYS A 103 -10.61 -5.14 4.24
C LYS A 103 -9.30 -4.94 4.99
N ILE A 104 -8.69 -3.78 4.80
CA ILE A 104 -7.43 -3.47 5.47
C ILE A 104 -7.67 -2.80 6.82
N ARG A 105 -8.93 -2.60 7.16
CA ARG A 105 -9.30 -1.97 8.42
C ARG A 105 -8.61 -2.67 9.59
N PRO A 106 -8.86 -3.99 9.72
CA PRO A 106 -8.26 -4.80 10.79
C PRO A 106 -6.76 -4.98 10.62
N PHE A 107 -6.27 -4.69 9.42
CA PHE A 107 -4.85 -4.83 9.12
C PHE A 107 -4.08 -3.59 9.59
N ALA A 108 -4.71 -2.43 9.50
CA ALA A 108 -4.08 -1.19 9.92
C ALA A 108 -3.56 -1.28 11.35
N GLN A 109 -4.13 -2.20 12.12
CA GLN A 109 -3.72 -2.39 13.51
C GLN A 109 -3.01 -3.73 13.69
N ASP A 110 -3.06 -4.57 12.65
CA ASP A 110 -2.43 -5.88 12.70
C ASP A 110 -0.90 -5.75 12.77
N PRO A 111 -0.28 -6.54 13.66
CA PRO A 111 1.17 -6.52 13.84
C PRO A 111 1.92 -7.11 12.63
N GLU A 112 1.15 -7.68 11.70
CA GLU A 112 1.75 -8.27 10.51
C GLU A 112 1.46 -7.41 9.28
N PHE A 113 1.12 -6.15 9.51
CA PHE A 113 0.84 -5.22 8.42
C PHE A 113 1.43 -3.85 8.69
N GLN A 114 2.25 -3.76 9.74
CA GLN A 114 2.88 -2.51 10.12
C GLN A 114 4.22 -2.33 9.39
N PRO A 115 4.62 -1.07 9.19
CA PRO A 115 5.87 -0.74 8.51
C PRO A 115 7.10 -1.12 9.34
N LYS A 116 6.91 -1.24 10.65
CA LYS A 116 7.99 -1.59 11.55
C LYS A 116 8.26 -3.10 11.53
N VAL A 117 7.20 -3.87 11.32
CA VAL A 117 7.33 -5.33 11.26
C VAL A 117 7.70 -5.79 9.86
N ILE A 118 7.01 -5.26 8.86
CA ILE A 118 7.27 -5.62 7.47
C ILE A 118 8.70 -5.27 7.07
N GLU A 119 9.30 -4.35 7.81
CA GLU A 119 10.67 -3.92 7.53
C GLU A 119 11.68 -4.87 8.17
N LYS A 120 11.20 -5.68 9.11
CA LYS A 120 12.06 -6.63 9.81
C LYS A 120 12.40 -7.81 8.91
N GLN A 121 11.57 -8.02 7.88
CA GLN A 121 11.79 -9.13 6.95
C GLN A 121 11.90 -8.60 5.52
N SER A 122 11.04 -7.65 5.17
CA SER A 122 11.04 -7.07 3.83
C SER A 122 11.07 -5.56 3.90
N VAL A 123 12.28 -5.00 4.03
CA VAL A 123 12.45 -3.55 4.10
C VAL A 123 11.77 -2.85 2.93
N ALA A 124 11.99 -3.36 1.73
CA ALA A 124 11.39 -2.80 0.53
C ALA A 124 9.87 -2.83 0.61
N CYS A 125 9.32 -4.02 0.75
CA CYS A 125 7.87 -4.19 0.83
C CYS A 125 7.28 -3.26 1.89
N ALA A 126 8.06 -2.98 2.93
CA ALA A 126 7.61 -2.11 4.01
C ALA A 126 7.10 -0.79 3.47
N GLY A 127 7.69 -0.33 2.36
CA GLY A 127 7.27 0.91 1.77
C GLY A 127 5.83 0.90 1.32
N LEU A 128 5.32 -0.28 0.97
CA LEU A 128 3.94 -0.42 0.52
C LEU A 128 2.98 -0.29 1.69
N CYS A 129 3.08 -1.21 2.65
CA CYS A 129 2.21 -1.19 3.83
C CYS A 129 2.32 0.14 4.56
N SER A 130 3.44 0.82 4.38
CA SER A 130 3.67 2.11 5.03
C SER A 130 2.91 3.22 4.31
N TRP A 131 2.60 2.98 3.04
CA TRP A 131 1.88 3.96 2.23
C TRP A 131 0.37 3.83 2.43
N VAL A 132 -0.13 2.60 2.41
CA VAL A 132 -1.55 2.35 2.59
C VAL A 132 -2.02 2.80 3.98
N ILE A 133 -1.18 2.58 4.97
CA ILE A 133 -1.49 2.97 6.34
C ILE A 133 -1.27 4.45 6.56
N ALA A 134 -0.42 5.05 5.73
CA ALA A 134 -0.10 6.46 5.83
C ALA A 134 -1.17 7.31 5.15
N LEU A 135 -1.56 6.91 3.95
CA LEU A 135 -2.59 7.63 3.19
C LEU A 135 -3.84 7.84 4.04
N GLU A 136 -4.26 6.79 4.73
CA GLU A 136 -5.44 6.87 5.58
C GLU A 136 -5.35 8.04 6.56
N LYS A 137 -4.12 8.40 6.91
CA LYS A 137 -3.89 9.52 7.83
C LYS A 137 -3.89 10.84 7.10
N TYR A 138 -3.48 10.81 5.83
CA TYR A 138 -3.43 12.02 5.01
C TYR A 138 -4.84 12.51 4.69
N ASP A 139 -5.79 11.59 4.65
CA ASP A 139 -7.18 11.93 4.36
C ASP A 139 -7.87 12.52 5.58
N LYS A 140 -7.39 12.13 6.76
CA LYS A 140 -7.96 12.62 8.01
C LYS A 140 -7.40 14.00 8.36
N VAL A 141 -6.17 14.26 7.92
CA VAL A 141 -5.53 15.55 8.18
C VAL A 141 -5.90 16.57 7.12
N ILE A 142 -6.20 16.10 5.92
CA ILE A 142 -6.57 16.99 4.82
C ILE A 142 -7.79 17.84 5.19
N LYS A 143 -8.53 17.39 6.19
CA LYS A 143 -9.71 18.12 6.64
C LYS A 143 -9.32 19.35 7.46
N GLU A 144 -8.05 19.44 7.83
CA GLU A 144 -7.55 20.56 8.60
C GLU A 144 -6.15 20.96 8.14
N VAL A 145 -5.73 20.43 7.00
CA VAL A 145 -4.42 20.74 6.45
C VAL A 145 -4.37 22.14 5.87
N GLU A 146 -5.20 22.39 4.86
CA GLU A 146 -5.26 23.69 4.21
C GLU A 146 -6.64 24.30 4.34
N PRO A 147 -7.03 24.66 5.57
CA PRO A 147 -8.34 25.26 5.85
C PRO A 147 -8.46 26.68 5.31
N LYS A 148 -7.35 27.21 4.81
CA LYS A 148 -7.32 28.55 4.26
C LYS A 148 -7.84 29.58 5.27
N ARG A 149 -7.45 29.40 6.53
CA ARG A 149 -7.87 30.30 7.59
C ARG A 149 -6.87 30.30 8.74
N GLN A 150 -6.03 31.33 8.78
CA GLN A 150 -5.01 31.44 9.82
C GLN A 150 -5.02 32.84 10.43
N LYS A 151 -4.03 33.12 11.28
CA LYS A 151 -3.93 34.41 11.93
C LYS A 151 -2.50 34.93 11.88
N LEU A 152 -2.32 36.13 11.34
CA LEU A 152 -1.00 36.75 11.24
C LEU A 152 -0.30 36.77 12.60
N ARG A 153 0.96 36.35 12.61
CA ARG A 153 1.74 36.32 13.84
C ARG A 153 3.23 36.54 13.55
N GLU A 154 3.64 37.80 13.54
CA GLU A 154 5.03 38.15 13.27
C GLU A 154 5.72 38.64 14.54
N ALA A 155 6.76 37.94 14.96
CA ALA A 155 7.51 38.30 16.15
C ALA A 155 8.38 39.53 15.89
N GLY A 1 -7.10 20.02 17.41
CA GLY A 1 -6.10 20.83 16.75
C GLY A 1 -6.07 20.61 15.26
N SER A 2 -5.62 21.62 14.52
CA SER A 2 -5.53 21.54 13.07
C SER A 2 -4.08 21.41 12.61
N GLN A 3 -3.18 22.08 13.32
CA GLN A 3 -1.76 22.04 13.00
C GLN A 3 -1.12 20.76 13.52
N ALA A 4 -1.73 20.18 14.53
CA ALA A 4 -1.21 18.95 15.13
C ALA A 4 -1.74 17.71 14.40
N ASP A 5 -2.91 17.86 13.79
CA ASP A 5 -3.54 16.76 13.05
C ASP A 5 -2.78 16.49 11.76
N LEU A 6 -2.43 17.55 11.04
CA LEU A 6 -1.70 17.41 9.78
C LEU A 6 -0.27 16.91 10.02
N ALA A 7 0.35 17.41 11.09
CA ALA A 7 1.72 17.01 11.42
C ALA A 7 1.75 15.57 11.93
N GLU A 8 0.56 15.00 12.18
CA GLU A 8 0.46 13.64 12.67
C GLU A 8 0.44 12.64 11.51
N ALA A 9 -0.03 13.11 10.35
CA ALA A 9 -0.10 12.26 9.17
C ALA A 9 0.97 12.65 8.15
N LEU A 10 1.38 13.91 8.18
CA LEU A 10 2.40 14.41 7.26
C LEU A 10 3.60 13.48 7.23
N PRO A 11 4.17 13.20 8.42
CA PRO A 11 5.33 12.32 8.56
C PRO A 11 5.00 10.87 8.26
N LEU A 12 3.71 10.56 8.15
CA LEU A 12 3.26 9.21 7.88
C LEU A 12 3.19 8.96 6.36
N LEU A 13 2.45 9.81 5.67
CA LEU A 13 2.31 9.69 4.22
C LEU A 13 3.67 9.77 3.53
N GLU A 14 4.37 10.88 3.74
CA GLU A 14 5.68 11.08 3.15
C GLU A 14 6.61 9.91 3.47
N ALA A 15 6.48 9.37 4.67
CA ALA A 15 7.31 8.25 5.10
C ALA A 15 7.13 7.05 4.16
N ALA A 16 6.00 7.02 3.45
CA ALA A 16 5.72 5.94 2.53
C ALA A 16 6.31 6.21 1.15
N LEU A 17 5.95 7.36 0.58
CA LEU A 17 6.43 7.75 -0.73
C LEU A 17 7.96 7.72 -0.78
N LYS A 18 8.59 8.10 0.33
CA LYS A 18 10.05 8.11 0.41
C LYS A 18 10.60 6.69 0.32
N ALA A 19 9.79 5.72 0.71
CA ALA A 19 10.20 4.32 0.67
C ALA A 19 10.32 3.82 -0.76
N LEU A 20 9.42 4.27 -1.62
CA LEU A 20 9.43 3.86 -3.03
C LEU A 20 10.41 4.71 -3.83
N ASP A 21 10.70 5.91 -3.32
CA ASP A 21 11.63 6.81 -3.99
C ASP A 21 13.06 6.28 -3.91
N THR A 22 13.34 5.49 -2.87
CA THR A 22 14.67 4.91 -2.69
C THR A 22 14.76 3.52 -3.30
N LEU A 23 13.63 2.84 -3.39
CA LEU A 23 13.57 1.50 -3.96
C LEU A 23 14.01 1.51 -5.42
N LYS A 24 13.83 0.38 -6.10
CA LYS A 24 14.20 0.27 -7.51
C LYS A 24 13.19 -0.58 -8.27
N PRO A 25 13.08 -0.32 -9.58
CA PRO A 25 12.16 -1.05 -10.46
C PRO A 25 12.57 -2.50 -10.66
N ALA A 26 13.86 -2.73 -10.80
CA ALA A 26 14.38 -4.08 -11.01
C ALA A 26 14.34 -4.88 -9.71
N ASP A 27 14.25 -4.18 -8.58
CA ASP A 27 14.20 -4.84 -7.28
C ASP A 27 12.83 -5.48 -7.05
N ILE A 28 11.84 -5.01 -7.80
CA ILE A 28 10.49 -5.55 -7.67
C ILE A 28 10.32 -6.84 -8.47
N THR A 29 10.66 -6.78 -9.75
CA THR A 29 10.56 -7.94 -10.63
C THR A 29 11.41 -9.10 -10.10
N GLU A 30 12.40 -8.77 -9.28
CA GLU A 30 13.27 -9.79 -8.71
C GLU A 30 12.46 -10.87 -7.99
N VAL A 31 11.29 -10.49 -7.51
CA VAL A 31 10.42 -11.42 -6.80
C VAL A 31 9.65 -12.31 -7.78
N LYS A 32 9.41 -11.79 -8.98
CA LYS A 32 8.68 -12.53 -10.01
C LYS A 32 9.56 -13.62 -10.60
N GLY A 33 10.89 -13.45 -10.48
CA GLY A 33 11.81 -14.43 -11.02
C GLY A 33 11.74 -15.75 -10.30
N MET A 34 11.95 -15.73 -8.99
CA MET A 34 11.90 -16.94 -8.18
C MET A 34 10.62 -17.72 -8.44
N LYS A 35 10.56 -18.95 -7.94
CA LYS A 35 9.39 -19.80 -8.11
C LYS A 35 8.12 -19.07 -7.69
N SER A 36 8.17 -18.41 -6.53
CA SER A 36 7.03 -17.67 -6.02
C SER A 36 7.46 -16.68 -4.95
N PRO A 37 6.63 -15.65 -4.73
CA PRO A 37 6.91 -14.61 -3.73
C PRO A 37 6.78 -15.14 -2.30
N PRO A 38 7.30 -14.36 -1.34
CA PRO A 38 7.27 -14.72 0.08
C PRO A 38 5.86 -14.66 0.66
N ALA A 39 5.69 -15.21 1.85
CA ALA A 39 4.40 -15.21 2.52
C ALA A 39 4.21 -13.96 3.37
N GLY A 40 5.30 -13.21 3.55
CA GLY A 40 5.22 -11.99 4.33
C GLY A 40 4.82 -10.78 3.51
N VAL A 41 5.28 -10.74 2.26
CA VAL A 41 4.96 -9.63 1.37
C VAL A 41 3.63 -9.86 0.68
N ARG A 42 3.26 -11.12 0.51
CA ARG A 42 2.00 -11.47 -0.13
C ARG A 42 0.81 -10.85 0.60
N ARG A 43 1.03 -10.50 1.87
CA ARG A 43 -0.02 -9.91 2.69
C ARG A 43 -0.07 -8.39 2.49
N VAL A 44 1.10 -7.78 2.33
CA VAL A 44 1.19 -6.34 2.13
C VAL A 44 0.75 -5.95 0.72
N LEU A 45 1.36 -6.59 -0.28
CA LEU A 45 1.02 -6.31 -1.67
C LEU A 45 -0.45 -6.58 -1.94
N GLU A 46 -1.08 -7.36 -1.08
CA GLU A 46 -2.50 -7.69 -1.22
C GLU A 46 -3.36 -6.44 -1.05
N ALA A 47 -2.90 -5.52 -0.21
CA ALA A 47 -3.63 -4.29 0.05
C ALA A 47 -3.50 -3.32 -1.12
N ILE A 48 -2.50 -3.55 -1.96
CA ILE A 48 -2.27 -2.70 -3.13
C ILE A 48 -3.17 -3.09 -4.28
N CYS A 49 -3.52 -4.37 -4.36
CA CYS A 49 -4.39 -4.87 -5.42
C CYS A 49 -5.85 -4.53 -5.13
N ILE A 50 -6.21 -4.53 -3.85
CA ILE A 50 -7.58 -4.22 -3.43
C ILE A 50 -7.86 -2.72 -3.57
N MET A 51 -6.82 -1.91 -3.38
CA MET A 51 -6.96 -0.47 -3.48
C MET A 51 -7.35 -0.05 -4.89
N LYS A 52 -6.98 -0.88 -5.86
CA LYS A 52 -7.29 -0.59 -7.26
C LYS A 52 -8.52 -1.37 -7.72
N GLY A 53 -8.77 -2.51 -7.06
CA GLY A 53 -9.92 -3.33 -7.41
C GLY A 53 -9.63 -4.28 -8.56
N VAL A 54 -8.49 -4.95 -8.48
CA VAL A 54 -8.09 -5.89 -9.52
C VAL A 54 -8.53 -7.32 -9.17
N LYS A 55 -9.20 -7.97 -10.11
CA LYS A 55 -9.68 -9.33 -9.90
C LYS A 55 -8.54 -10.33 -10.10
N PRO A 56 -8.67 -11.51 -9.46
CA PRO A 56 -7.67 -12.58 -9.54
C PRO A 56 -7.63 -13.23 -10.92
N ALA A 57 -6.84 -14.28 -11.05
CA ALA A 57 -6.71 -14.99 -12.32
C ALA A 57 -7.63 -16.21 -12.36
N ARG A 58 -7.47 -17.02 -13.39
CA ARG A 58 -8.29 -18.23 -13.54
C ARG A 58 -7.41 -19.48 -13.64
N VAL A 59 -7.59 -20.40 -12.70
CA VAL A 59 -6.83 -21.64 -12.68
C VAL A 59 -7.63 -22.78 -12.07
N LYS A 60 -7.10 -23.99 -12.19
CA LYS A 60 -7.77 -25.17 -11.65
C LYS A 60 -7.16 -25.58 -10.32
N ASP A 61 -8.00 -25.87 -9.33
CA ASP A 61 -7.53 -26.28 -8.02
C ASP A 61 -7.01 -27.71 -8.05
N THR A 62 -5.84 -27.92 -7.46
CA THR A 62 -5.23 -29.24 -7.41
C THR A 62 -5.81 -30.09 -6.28
N ALA A 63 -6.36 -29.41 -5.27
CA ALA A 63 -6.95 -30.10 -4.13
C ALA A 63 -8.45 -30.25 -4.30
N SER A 64 -9.06 -29.34 -5.07
CA SER A 64 -10.49 -29.37 -5.30
C SER A 64 -10.81 -30.03 -6.64
N GLY A 65 -9.91 -29.87 -7.61
CA GLY A 65 -10.12 -30.45 -8.92
C GLY A 65 -11.14 -29.69 -9.74
N ARG A 66 -11.43 -28.46 -9.32
CA ARG A 66 -12.40 -27.64 -10.02
C ARG A 66 -11.79 -26.30 -10.42
N MET A 67 -12.60 -25.46 -11.07
CA MET A 67 -12.13 -24.14 -11.50
C MET A 67 -12.19 -23.14 -10.35
N VAL A 68 -11.08 -22.44 -10.13
CA VAL A 68 -11.01 -21.44 -9.06
C VAL A 68 -10.22 -20.22 -9.50
N ASP A 69 -10.08 -19.25 -8.60
CA ASP A 69 -9.34 -18.04 -8.89
C ASP A 69 -7.89 -18.16 -8.46
N ASP A 70 -7.01 -17.43 -9.13
CA ASP A 70 -5.59 -17.45 -8.81
C ASP A 70 -5.11 -16.07 -8.37
N TYR A 71 -4.82 -15.92 -7.09
CA TYR A 71 -4.35 -14.65 -6.55
C TYR A 71 -2.83 -14.56 -6.64
N TRP A 72 -2.18 -15.69 -6.89
CA TRP A 72 -0.73 -15.72 -7.00
C TRP A 72 -0.26 -15.03 -8.27
N GLU A 73 -0.72 -15.53 -9.42
CA GLU A 73 -0.35 -14.96 -10.70
C GLU A 73 -0.61 -13.45 -10.73
N ALA A 74 -1.84 -13.06 -10.42
CA ALA A 74 -2.21 -11.66 -10.40
C ALA A 74 -1.32 -10.86 -9.45
N SER A 75 -0.74 -11.55 -8.48
CA SER A 75 0.14 -10.92 -7.50
C SER A 75 1.55 -10.75 -8.06
N LYS A 76 2.19 -11.88 -8.36
CA LYS A 76 3.54 -11.86 -8.90
C LYS A 76 3.61 -11.05 -10.19
N LYS A 77 2.50 -11.03 -10.93
CA LYS A 77 2.43 -10.30 -12.19
C LYS A 77 2.36 -8.80 -11.93
N MET A 78 2.06 -8.42 -10.69
CA MET A 78 1.97 -7.02 -10.32
C MET A 78 3.35 -6.46 -9.97
N LEU A 79 4.27 -7.35 -9.60
CA LEU A 79 5.62 -6.95 -9.24
C LEU A 79 6.51 -6.83 -10.47
N MET A 80 6.19 -7.63 -11.50
CA MET A 80 6.96 -7.61 -12.74
C MET A 80 6.93 -6.23 -13.38
N GLU A 81 5.96 -5.41 -12.98
CA GLU A 81 5.81 -4.07 -13.51
C GLU A 81 6.94 -3.17 -13.00
N PHE A 82 7.52 -2.38 -13.91
CA PHE A 82 8.60 -1.47 -13.55
C PHE A 82 8.04 -0.13 -13.08
N ASP A 83 6.78 0.13 -13.39
CA ASP A 83 6.13 1.37 -12.99
C ASP A 83 5.04 1.11 -11.96
N PHE A 84 4.99 -0.11 -11.44
CA PHE A 84 4.00 -0.48 -10.45
C PHE A 84 4.04 0.46 -9.25
N LEU A 85 5.25 0.71 -8.74
CA LEU A 85 5.41 1.60 -7.60
C LEU A 85 5.15 3.05 -7.99
N ASP A 86 5.36 3.36 -9.27
CA ASP A 86 5.14 4.71 -9.76
C ASP A 86 3.66 4.98 -9.99
N SER A 87 2.88 3.91 -10.10
CA SER A 87 1.44 4.02 -10.31
C SER A 87 0.72 4.25 -9.00
N LEU A 88 1.18 3.60 -7.94
CA LEU A 88 0.57 3.73 -6.62
C LEU A 88 0.81 5.13 -6.05
N ARG A 89 1.97 5.70 -6.36
CA ARG A 89 2.32 7.03 -5.88
C ARG A 89 1.52 8.09 -6.62
N LYS A 90 1.22 7.84 -7.89
CA LYS A 90 0.46 8.78 -8.70
C LYS A 90 -1.00 8.80 -8.29
N PHE A 91 -1.40 7.81 -7.49
CA PHE A 91 -2.78 7.72 -7.02
C PHE A 91 -3.22 9.02 -6.37
N ASP A 92 -4.49 9.37 -6.55
CA ASP A 92 -5.04 10.59 -5.98
C ASP A 92 -5.82 10.30 -4.70
N LYS A 93 -5.50 11.02 -3.63
CA LYS A 93 -6.18 10.83 -2.35
C LYS A 93 -7.48 11.63 -2.31
N ASP A 94 -7.81 12.27 -3.42
CA ASP A 94 -9.02 13.07 -3.50
C ASP A 94 -10.19 12.24 -4.01
N HIS A 95 -9.99 10.92 -4.06
CA HIS A 95 -11.03 10.01 -4.53
C HIS A 95 -10.69 8.57 -4.15
N ILE A 96 -10.35 8.35 -2.89
CA ILE A 96 -10.01 7.02 -2.40
C ILE A 96 -11.27 6.19 -2.13
N PRO A 97 -11.35 5.03 -2.78
CA PRO A 97 -12.48 4.12 -2.63
C PRO A 97 -12.53 3.47 -1.24
N PRO A 98 -13.58 3.81 -0.47
CA PRO A 98 -13.77 3.27 0.88
C PRO A 98 -14.12 1.79 0.87
N GLU A 99 -14.38 1.25 -0.32
CA GLU A 99 -14.73 -0.16 -0.46
C GLU A 99 -13.49 -1.03 -0.44
N VAL A 100 -12.33 -0.42 -0.68
CA VAL A 100 -11.07 -1.15 -0.69
C VAL A 100 -10.49 -1.25 0.71
N ILE A 101 -10.83 -0.28 1.56
CA ILE A 101 -10.34 -0.26 2.94
C ILE A 101 -11.14 -1.21 3.82
N VAL A 102 -12.27 -1.69 3.30
CA VAL A 102 -13.14 -2.61 4.04
C VAL A 102 -12.50 -4.00 4.13
N LYS A 103 -11.62 -4.30 3.19
CA LYS A 103 -10.94 -5.59 3.16
C LYS A 103 -9.68 -5.56 4.03
N ILE A 104 -8.99 -4.42 4.01
CA ILE A 104 -7.76 -4.26 4.79
C ILE A 104 -8.03 -3.52 6.10
N ARG A 105 -9.31 -3.31 6.39
CA ARG A 105 -9.71 -2.61 7.61
C ARG A 105 -9.08 -3.26 8.83
N PRO A 106 -9.28 -4.58 8.97
CA PRO A 106 -8.74 -5.35 10.09
C PRO A 106 -7.22 -5.49 10.03
N PHE A 107 -6.66 -5.27 8.84
CA PHE A 107 -5.23 -5.38 8.64
C PHE A 107 -4.51 -4.14 9.16
N ALA A 108 -5.19 -3.00 9.08
CA ALA A 108 -4.62 -1.73 9.54
C ALA A 108 -4.12 -1.85 10.98
N GLN A 109 -4.66 -2.82 11.71
CA GLN A 109 -4.27 -3.04 13.10
C GLN A 109 -3.55 -4.38 13.26
N ASP A 110 -3.62 -5.20 12.23
CA ASP A 110 -2.97 -6.50 12.25
C ASP A 110 -1.47 -6.37 12.47
N PRO A 111 -0.92 -7.20 13.37
CA PRO A 111 0.51 -7.19 13.68
C PRO A 111 1.36 -7.71 12.53
N GLU A 112 0.70 -8.22 11.50
CA GLU A 112 1.41 -8.75 10.33
C GLU A 112 1.16 -7.89 9.10
N PHE A 113 0.77 -6.63 9.34
CA PHE A 113 0.51 -5.70 8.24
C PHE A 113 1.03 -4.31 8.58
N GLN A 114 1.78 -4.22 9.66
CA GLN A 114 2.34 -2.93 10.09
C GLN A 114 3.71 -2.70 9.44
N PRO A 115 4.06 -1.41 9.25
CA PRO A 115 5.34 -1.03 8.65
C PRO A 115 6.53 -1.33 9.55
N LYS A 116 6.26 -1.51 10.83
CA LYS A 116 7.30 -1.81 11.81
C LYS A 116 7.70 -3.28 11.75
N VAL A 117 6.72 -4.14 11.51
CA VAL A 117 6.97 -5.58 11.43
C VAL A 117 7.41 -5.98 10.03
N ILE A 118 6.70 -5.48 9.02
CA ILE A 118 7.01 -5.79 7.63
C ILE A 118 8.43 -5.35 7.28
N GLU A 119 8.96 -4.40 8.05
CA GLU A 119 10.31 -3.91 7.82
C GLU A 119 11.34 -4.80 8.49
N LYS A 120 10.88 -5.88 9.10
CA LYS A 120 11.75 -6.82 9.78
C LYS A 120 12.09 -8.00 8.88
N GLN A 121 11.28 -8.21 7.85
CA GLN A 121 11.50 -9.31 6.91
C GLN A 121 11.59 -8.79 5.48
N SER A 122 10.70 -7.87 5.13
CA SER A 122 10.68 -7.30 3.79
C SER A 122 10.51 -5.77 3.86
N VAL A 123 11.62 -5.07 4.04
CA VAL A 123 11.60 -3.62 4.12
C VAL A 123 11.14 -3.01 2.80
N ALA A 124 11.56 -3.60 1.69
CA ALA A 124 11.19 -3.11 0.36
C ALA A 124 9.68 -2.95 0.25
N CYS A 125 8.95 -4.05 0.44
CA CYS A 125 7.50 -4.03 0.36
C CYS A 125 6.89 -3.24 1.52
N ALA A 126 7.66 -3.11 2.60
CA ALA A 126 7.21 -2.39 3.78
C ALA A 126 6.72 -0.99 3.42
N GLY A 127 7.27 -0.44 2.34
CA GLY A 127 6.88 0.89 1.90
C GLY A 127 5.45 0.93 1.37
N LEU A 128 4.95 -0.23 0.94
CA LEU A 128 3.59 -0.32 0.42
C LEU A 128 2.57 -0.25 1.54
N CYS A 129 2.61 -1.22 2.45
CA CYS A 129 1.68 -1.27 3.57
C CYS A 129 1.73 0.04 4.36
N SER A 130 2.92 0.63 4.44
CA SER A 130 3.11 1.87 5.18
C SER A 130 2.41 3.03 4.47
N TRP A 131 2.14 2.86 3.19
CA TRP A 131 1.47 3.89 2.40
C TRP A 131 -0.04 3.79 2.54
N VAL A 132 -0.56 2.57 2.42
CA VAL A 132 -1.99 2.34 2.54
C VAL A 132 -2.49 2.64 3.94
N ILE A 133 -1.66 2.32 4.94
CA ILE A 133 -2.01 2.55 6.33
C ILE A 133 -1.82 4.02 6.71
N ALA A 134 -0.98 4.72 5.94
CA ALA A 134 -0.71 6.13 6.20
C ALA A 134 -1.73 7.01 5.49
N LEU A 135 -2.02 6.69 4.24
CA LEU A 135 -2.97 7.46 3.45
C LEU A 135 -4.29 7.63 4.20
N GLU A 136 -4.75 6.54 4.82
CA GLU A 136 -6.00 6.58 5.58
C GLU A 136 -5.96 7.66 6.65
N LYS A 137 -4.77 7.93 7.16
CA LYS A 137 -4.59 8.94 8.19
C LYS A 137 -4.43 10.33 7.57
N TYR A 138 -4.15 10.37 6.28
CA TYR A 138 -3.97 11.64 5.57
C TYR A 138 -5.32 12.15 5.06
N ASP A 139 -6.25 11.23 4.81
CA ASP A 139 -7.56 11.60 4.32
C ASP A 139 -8.46 12.07 5.47
N LYS A 140 -8.16 11.61 6.67
CA LYS A 140 -8.95 11.99 7.85
C LYS A 140 -8.46 13.33 8.41
N VAL A 141 -7.20 13.66 8.15
CA VAL A 141 -6.63 14.91 8.62
C VAL A 141 -6.91 16.05 7.64
N ILE A 142 -6.83 15.74 6.35
CA ILE A 142 -7.07 16.73 5.31
C ILE A 142 -8.44 17.39 5.49
N LYS A 143 -9.34 16.69 6.17
CA LYS A 143 -10.69 17.20 6.42
C LYS A 143 -10.63 18.50 7.20
N GLU A 144 -9.52 18.75 7.87
CA GLU A 144 -9.33 19.96 8.66
C GLU A 144 -7.86 20.22 8.94
N VAL A 145 -7.01 19.88 7.97
CA VAL A 145 -5.58 20.08 8.11
C VAL A 145 -5.22 21.57 8.08
N GLU A 146 -5.87 22.31 7.19
CA GLU A 146 -5.62 23.75 7.07
C GLU A 146 -6.88 24.48 6.63
N PRO A 147 -7.89 24.47 7.51
CA PRO A 147 -9.17 25.14 7.24
C PRO A 147 -9.05 26.66 7.24
N LYS A 148 -8.41 27.20 8.27
CA LYS A 148 -8.23 28.64 8.38
C LYS A 148 -6.78 29.02 8.06
N ARG A 149 -6.34 28.70 6.85
CA ARG A 149 -4.98 29.02 6.42
C ARG A 149 -4.65 30.48 6.71
N GLN A 150 -3.86 30.71 7.75
CA GLN A 150 -3.47 32.07 8.12
C GLN A 150 -2.65 32.72 7.03
N LYS A 151 -2.25 33.97 7.25
CA LYS A 151 -1.46 34.71 6.28
C LYS A 151 -0.38 35.53 6.96
N LEU A 152 0.02 35.10 8.16
CA LEU A 152 1.05 35.80 8.92
C LEU A 152 2.30 36.04 8.07
N ARG A 153 3.20 36.87 8.57
CA ARG A 153 4.44 37.17 7.85
C ARG A 153 5.58 36.30 8.36
N GLU A 154 5.65 36.11 9.67
CA GLU A 154 6.71 35.30 10.27
C GLU A 154 6.35 33.81 10.18
N ALA A 155 6.20 33.31 8.96
CA ALA A 155 5.86 31.91 8.74
C ALA A 155 7.08 31.02 8.90
N GLY A 1 -2.39 22.23 16.70
CA GLY A 1 -1.90 21.01 16.08
C GLY A 1 -2.07 21.01 14.58
N SER A 2 -2.25 22.20 14.01
CA SER A 2 -2.44 22.33 12.56
C SER A 2 -1.22 21.78 11.81
N GLN A 3 -0.03 22.04 12.35
CA GLN A 3 1.20 21.58 11.72
C GLN A 3 1.58 20.18 12.23
N ALA A 4 1.07 19.84 13.41
CA ALA A 4 1.35 18.54 14.00
C ALA A 4 0.68 17.42 13.22
N ASP A 5 -0.42 17.75 12.53
CA ASP A 5 -1.15 16.78 11.74
C ASP A 5 -0.43 16.47 10.43
N LEU A 6 -0.10 17.53 9.69
CA LEU A 6 0.59 17.37 8.42
C LEU A 6 2.01 16.84 8.63
N ALA A 7 2.66 17.32 9.67
CA ALA A 7 4.02 16.89 9.99
C ALA A 7 4.04 15.45 10.50
N GLU A 8 2.85 14.91 10.76
CA GLU A 8 2.73 13.53 11.25
C GLU A 8 2.65 12.55 10.08
N ALA A 9 2.16 13.03 8.94
CA ALA A 9 2.03 12.20 7.75
C ALA A 9 3.09 12.56 6.72
N LEU A 10 3.54 13.80 6.74
CA LEU A 10 4.55 14.27 5.79
C LEU A 10 5.74 13.31 5.75
N PRO A 11 6.31 13.01 6.93
CA PRO A 11 7.45 12.10 7.05
C PRO A 11 7.06 10.65 6.76
N LEU A 12 5.77 10.39 6.67
CA LEU A 12 5.28 9.04 6.40
C LEU A 12 5.18 8.80 4.89
N LEU A 13 4.46 9.67 4.20
CA LEU A 13 4.30 9.55 2.75
C LEU A 13 5.65 9.60 2.04
N GLU A 14 6.44 10.63 2.35
CA GLU A 14 7.75 10.78 1.74
C GLU A 14 8.64 9.57 2.05
N ALA A 15 8.48 9.01 3.24
CA ALA A 15 9.26 7.85 3.64
C ALA A 15 8.92 6.63 2.80
N ALA A 16 7.74 6.65 2.19
CA ALA A 16 7.29 5.55 1.35
C ALA A 16 7.78 5.71 -0.08
N LEU A 17 7.44 6.83 -0.69
CA LEU A 17 7.85 7.11 -2.07
C LEU A 17 9.36 6.99 -2.22
N LYS A 18 10.09 7.33 -1.16
CA LYS A 18 11.54 7.27 -1.16
C LYS A 18 12.02 5.82 -1.04
N ALA A 19 11.20 4.98 -0.41
CA ALA A 19 11.54 3.58 -0.23
C ALA A 19 11.57 2.84 -1.55
N LEU A 20 10.74 3.27 -2.50
CA LEU A 20 10.67 2.66 -3.81
C LEU A 20 11.79 3.18 -4.72
N ASP A 21 12.26 4.39 -4.42
CA ASP A 21 13.33 5.00 -5.20
C ASP A 21 14.63 4.24 -5.02
N THR A 22 15.00 3.96 -3.77
CA THR A 22 16.22 3.24 -3.46
C THR A 22 16.16 1.80 -3.96
N LEU A 23 14.94 1.27 -4.06
CA LEU A 23 14.74 -0.09 -4.52
C LEU A 23 14.94 -0.19 -6.03
N LYS A 24 14.80 -1.40 -6.56
CA LYS A 24 14.96 -1.63 -7.99
C LYS A 24 13.75 -2.37 -8.56
N PRO A 25 13.56 -2.27 -9.89
CA PRO A 25 12.45 -2.91 -10.58
C PRO A 25 12.59 -4.43 -10.63
N ALA A 26 13.82 -4.91 -10.48
CA ALA A 26 14.10 -6.34 -10.50
C ALA A 26 13.79 -6.97 -9.14
N ASP A 27 13.83 -6.15 -8.09
CA ASP A 27 13.56 -6.63 -6.74
C ASP A 27 12.11 -7.03 -6.59
N ILE A 28 11.22 -6.29 -7.23
CA ILE A 28 9.79 -6.56 -7.16
C ILE A 28 9.45 -7.85 -7.91
N THR A 29 9.85 -7.92 -9.18
CA THR A 29 9.57 -9.10 -9.99
C THR A 29 10.17 -10.35 -9.36
N GLU A 30 11.16 -10.16 -8.50
CA GLU A 30 11.81 -11.28 -7.82
C GLU A 30 10.79 -12.13 -7.07
N VAL A 31 9.71 -11.50 -6.63
CA VAL A 31 8.65 -12.19 -5.90
C VAL A 31 7.82 -13.06 -6.83
N LYS A 32 7.80 -12.69 -8.11
CA LYS A 32 7.04 -13.44 -9.11
C LYS A 32 7.75 -14.73 -9.49
N GLY A 33 9.04 -14.81 -9.14
CA GLY A 33 9.82 -15.99 -9.46
C GLY A 33 9.55 -17.14 -8.50
N MET A 34 9.84 -16.93 -7.23
CA MET A 34 9.62 -17.95 -6.21
C MET A 34 8.20 -18.50 -6.29
N LYS A 35 7.99 -19.66 -5.70
CA LYS A 35 6.67 -20.30 -5.69
C LYS A 35 5.60 -19.32 -5.21
N SER A 36 5.87 -18.66 -4.08
CA SER A 36 4.93 -17.70 -3.52
C SER A 36 5.62 -16.81 -2.49
N PRO A 37 5.08 -15.60 -2.30
CA PRO A 37 5.62 -14.62 -1.36
C PRO A 37 5.43 -15.06 0.09
N PRO A 38 6.12 -14.36 1.01
CA PRO A 38 6.04 -14.65 2.44
C PRO A 38 4.69 -14.28 3.05
N ALA A 39 4.45 -14.73 4.27
CA ALA A 39 3.19 -14.44 4.95
C ALA A 39 3.11 -12.97 5.35
N GLY A 40 4.25 -12.30 5.35
CA GLY A 40 4.29 -10.89 5.72
C GLY A 40 4.03 -9.98 4.53
N VAL A 41 4.53 -10.37 3.36
CA VAL A 41 4.36 -9.58 2.16
C VAL A 41 3.03 -9.91 1.48
N ARG A 42 2.62 -11.16 1.57
CA ARG A 42 1.37 -11.62 0.97
C ARG A 42 0.22 -10.69 1.36
N ARG A 43 0.32 -10.09 2.54
CA ARG A 43 -0.72 -9.18 3.02
C ARG A 43 -0.47 -7.76 2.52
N VAL A 44 0.79 -7.40 2.37
CA VAL A 44 1.17 -6.07 1.90
C VAL A 44 0.90 -5.92 0.40
N LEU A 45 1.52 -6.79 -0.39
CA LEU A 45 1.35 -6.77 -1.83
C LEU A 45 -0.13 -6.75 -2.21
N GLU A 46 -0.96 -7.33 -1.36
CA GLU A 46 -2.40 -7.38 -1.60
C GLU A 46 -3.05 -6.03 -1.31
N ALA A 47 -2.55 -5.35 -0.28
CA ALA A 47 -3.07 -4.04 0.10
C ALA A 47 -2.84 -3.01 -0.99
N ILE A 48 -1.91 -3.32 -1.89
CA ILE A 48 -1.60 -2.42 -3.00
C ILE A 48 -2.59 -2.59 -4.15
N CYS A 49 -3.09 -3.80 -4.31
CA CYS A 49 -4.04 -4.10 -5.37
C CYS A 49 -5.42 -3.53 -5.04
N ILE A 50 -5.64 -3.23 -3.76
CA ILE A 50 -6.91 -2.68 -3.32
C ILE A 50 -7.06 -1.22 -3.75
N MET A 51 -6.12 -0.38 -3.32
CA MET A 51 -6.15 1.04 -3.67
C MET A 51 -6.30 1.22 -5.18
N LYS A 52 -5.58 0.41 -5.95
CA LYS A 52 -5.63 0.48 -7.40
C LYS A 52 -6.98 0.00 -7.92
N GLY A 53 -7.61 -0.90 -7.18
CA GLY A 53 -8.91 -1.42 -7.58
C GLY A 53 -8.79 -2.60 -8.53
N VAL A 54 -7.74 -3.40 -8.35
CA VAL A 54 -7.52 -4.57 -9.20
C VAL A 54 -8.40 -5.73 -8.77
N LYS A 55 -8.75 -6.59 -9.73
CA LYS A 55 -9.59 -7.75 -9.46
C LYS A 55 -8.79 -9.04 -9.59
N PRO A 56 -9.27 -10.10 -8.94
CA PRO A 56 -8.62 -11.42 -8.97
C PRO A 56 -8.74 -12.09 -10.34
N ALA A 57 -8.27 -13.33 -10.43
CA ALA A 57 -8.33 -14.07 -11.68
C ALA A 57 -9.42 -15.14 -11.63
N ARG A 58 -9.49 -15.96 -12.69
CA ARG A 58 -10.48 -17.02 -12.76
C ARG A 58 -9.83 -18.38 -13.01
N VAL A 59 -10.04 -19.31 -12.09
CA VAL A 59 -9.47 -20.64 -12.20
C VAL A 59 -10.36 -21.68 -11.54
N LYS A 60 -10.04 -22.95 -11.76
CA LYS A 60 -10.81 -24.05 -11.18
C LYS A 60 -10.14 -24.57 -9.91
N ASP A 61 -10.95 -24.86 -8.90
CA ASP A 61 -10.45 -25.37 -7.63
C ASP A 61 -10.13 -26.87 -7.73
N THR A 62 -8.92 -27.24 -7.31
CA THR A 62 -8.50 -28.62 -7.35
C THR A 62 -8.99 -29.40 -6.13
N ALA A 63 -9.25 -28.67 -5.05
CA ALA A 63 -9.74 -29.28 -3.82
C ALA A 63 -11.26 -29.25 -3.75
N SER A 64 -11.85 -28.29 -4.45
CA SER A 64 -13.31 -28.14 -4.47
C SER A 64 -13.90 -28.72 -5.75
N GLY A 65 -13.17 -28.60 -6.84
CA GLY A 65 -13.64 -29.12 -8.11
C GLY A 65 -14.66 -28.21 -8.76
N ARG A 66 -14.71 -26.96 -8.33
CA ARG A 66 -15.65 -26.00 -8.89
C ARG A 66 -14.92 -24.76 -9.42
N MET A 67 -15.68 -23.80 -9.92
CA MET A 67 -15.11 -22.57 -10.46
C MET A 67 -14.80 -21.58 -9.34
N VAL A 68 -13.56 -21.13 -9.26
CA VAL A 68 -13.14 -20.18 -8.25
C VAL A 68 -12.34 -19.04 -8.85
N ASP A 69 -11.87 -18.13 -8.01
CA ASP A 69 -11.09 -16.99 -8.46
C ASP A 69 -9.69 -17.02 -7.86
N ASP A 70 -8.70 -16.68 -8.67
CA ASP A 70 -7.30 -16.67 -8.21
C ASP A 70 -6.84 -15.26 -7.91
N TYR A 71 -6.96 -14.85 -6.66
CA TYR A 71 -6.56 -13.51 -6.24
C TYR A 71 -5.03 -13.40 -6.17
N TRP A 72 -4.37 -14.55 -6.09
CA TRP A 72 -2.91 -14.57 -6.03
C TRP A 72 -2.30 -14.19 -7.37
N GLU A 73 -2.73 -14.87 -8.43
CA GLU A 73 -2.22 -14.60 -9.77
C GLU A 73 -2.31 -13.11 -10.09
N ALA A 74 -3.50 -12.54 -9.93
CA ALA A 74 -3.72 -11.12 -10.21
C ALA A 74 -2.83 -10.26 -9.33
N SER A 75 -2.36 -10.82 -8.22
CA SER A 75 -1.52 -10.10 -7.28
C SER A 75 -0.07 -10.11 -7.74
N LYS A 76 0.52 -11.30 -7.78
CA LYS A 76 1.91 -11.44 -8.22
C LYS A 76 2.12 -10.84 -9.60
N LYS A 77 1.07 -10.87 -10.42
CA LYS A 77 1.14 -10.33 -11.77
C LYS A 77 1.41 -8.83 -11.74
N MET A 78 1.19 -8.21 -10.58
CA MET A 78 1.41 -6.79 -10.43
C MET A 78 2.86 -6.50 -10.07
N LEU A 79 3.55 -7.50 -9.53
CA LEU A 79 4.96 -7.35 -9.15
C LEU A 79 5.87 -7.59 -10.35
N MET A 80 5.44 -8.46 -11.25
CA MET A 80 6.22 -8.77 -12.44
C MET A 80 6.53 -7.50 -13.22
N GLU A 81 5.70 -6.49 -13.06
CA GLU A 81 5.89 -5.23 -13.77
C GLU A 81 7.17 -4.53 -13.29
N PHE A 82 7.88 -3.90 -14.23
CA PHE A 82 9.11 -3.20 -13.91
C PHE A 82 8.84 -1.75 -13.53
N ASP A 83 7.65 -1.27 -13.88
CA ASP A 83 7.26 0.10 -13.56
C ASP A 83 6.09 0.13 -12.57
N PHE A 84 5.88 -0.99 -11.90
CA PHE A 84 4.80 -1.10 -10.92
C PHE A 84 5.03 -0.16 -9.74
N LEU A 85 6.30 0.12 -9.46
CA LEU A 85 6.66 0.99 -8.36
C LEU A 85 6.62 2.46 -8.79
N ASP A 86 6.81 2.70 -10.09
CA ASP A 86 6.79 4.05 -10.62
C ASP A 86 5.37 4.50 -10.90
N SER A 87 4.46 3.53 -11.03
CA SER A 87 3.06 3.83 -11.30
C SER A 87 2.31 4.16 -10.01
N LEU A 88 2.79 3.61 -8.90
CA LEU A 88 2.18 3.83 -7.60
C LEU A 88 2.58 5.18 -7.03
N ARG A 89 3.80 5.61 -7.35
CA ARG A 89 4.32 6.89 -6.87
C ARG A 89 3.63 8.05 -7.59
N LYS A 90 3.31 7.85 -8.86
CA LYS A 90 2.66 8.88 -9.66
C LYS A 90 1.15 8.86 -9.43
N PHE A 91 0.70 7.98 -8.55
CA PHE A 91 -0.72 7.86 -8.24
C PHE A 91 -1.21 9.07 -7.44
N ASP A 92 -2.46 9.47 -7.68
CA ASP A 92 -3.04 10.61 -6.99
C ASP A 92 -3.79 10.16 -5.74
N LYS A 93 -3.35 10.65 -4.59
CA LYS A 93 -3.98 10.30 -3.32
C LYS A 93 -5.38 10.88 -3.23
N ASP A 94 -5.71 11.77 -4.16
CA ASP A 94 -7.03 12.39 -4.18
C ASP A 94 -8.03 11.51 -4.91
N HIS A 95 -7.60 10.30 -5.27
CA HIS A 95 -8.47 9.36 -5.97
C HIS A 95 -8.58 8.05 -5.21
N ILE A 96 -8.38 8.11 -3.90
CA ILE A 96 -8.45 6.92 -3.05
C ILE A 96 -9.81 6.82 -2.35
N PRO A 97 -10.65 5.91 -2.84
CA PRO A 97 -11.99 5.70 -2.27
C PRO A 97 -11.95 5.07 -0.89
N PRO A 98 -13.00 5.30 -0.08
CA PRO A 98 -13.09 4.76 1.27
C PRO A 98 -13.30 3.24 1.28
N GLU A 99 -13.52 2.68 0.09
CA GLU A 99 -13.74 1.24 -0.04
C GLU A 99 -12.40 0.49 -0.09
N VAL A 100 -11.37 1.16 -0.58
CA VAL A 100 -10.05 0.56 -0.68
C VAL A 100 -9.26 0.74 0.62
N ILE A 101 -9.66 1.73 1.41
CA ILE A 101 -8.99 2.00 2.69
C ILE A 101 -9.64 1.20 3.82
N VAL A 102 -10.92 0.90 3.67
CA VAL A 102 -11.65 0.14 4.67
C VAL A 102 -11.19 -1.31 4.71
N LYS A 103 -10.60 -1.76 3.61
CA LYS A 103 -10.10 -3.13 3.51
C LYS A 103 -8.85 -3.32 4.35
N ILE A 104 -8.05 -2.26 4.46
CA ILE A 104 -6.82 -2.31 5.23
C ILE A 104 -6.98 -1.58 6.57
N ARG A 105 -8.22 -1.25 6.90
CA ARG A 105 -8.51 -0.55 8.15
C ARG A 105 -7.99 -1.34 9.35
N PRO A 106 -8.45 -2.59 9.47
CA PRO A 106 -8.05 -3.48 10.57
C PRO A 106 -6.58 -3.91 10.46
N PHE A 107 -6.00 -3.71 9.29
CA PHE A 107 -4.60 -4.08 9.06
C PHE A 107 -3.67 -2.97 9.50
N ALA A 108 -4.13 -1.73 9.39
CA ALA A 108 -3.33 -0.58 9.80
C ALA A 108 -2.80 -0.74 11.21
N GLN A 109 -3.50 -1.54 12.01
CA GLN A 109 -3.10 -1.78 13.39
C GLN A 109 -2.50 -3.17 13.55
N ASP A 110 -2.70 -4.03 12.56
CA ASP A 110 -2.19 -5.38 12.58
C ASP A 110 -0.66 -5.37 12.64
N PRO A 111 -0.10 -6.23 13.50
CA PRO A 111 1.35 -6.34 13.68
C PRO A 111 2.04 -6.97 12.47
N GLU A 112 1.23 -7.42 11.51
CA GLU A 112 1.76 -8.05 10.30
C GLU A 112 1.53 -7.15 9.08
N PHE A 113 1.34 -5.86 9.33
CA PHE A 113 1.10 -4.90 8.26
C PHE A 113 1.81 -3.57 8.54
N GLN A 114 2.66 -3.58 9.56
CA GLN A 114 3.40 -2.38 9.92
C GLN A 114 4.77 -2.34 9.26
N PRO A 115 5.29 -1.13 9.02
CA PRO A 115 6.60 -0.93 8.39
C PRO A 115 7.75 -1.37 9.28
N LYS A 116 7.47 -1.49 10.58
CA LYS A 116 8.49 -1.90 11.54
C LYS A 116 8.67 -3.42 11.54
N VAL A 117 7.58 -4.12 11.25
CA VAL A 117 7.61 -5.58 11.21
C VAL A 117 8.02 -6.09 9.84
N ILE A 118 7.48 -5.46 8.79
CA ILE A 118 7.79 -5.84 7.43
C ILE A 118 9.24 -5.56 7.09
N GLU A 119 9.90 -4.76 7.94
CA GLU A 119 11.30 -4.42 7.72
C GLU A 119 12.22 -5.55 8.17
N LYS A 120 11.72 -6.39 9.07
CA LYS A 120 12.49 -7.52 9.57
C LYS A 120 12.32 -8.74 8.68
N GLN A 121 11.24 -8.75 7.90
CA GLN A 121 10.96 -9.85 7.00
C GLN A 121 11.30 -9.49 5.55
N SER A 122 10.77 -8.36 5.10
CA SER A 122 11.01 -7.88 3.74
C SER A 122 11.30 -6.39 3.73
N VAL A 123 12.58 -6.04 3.85
CA VAL A 123 13.00 -4.65 3.84
C VAL A 123 12.54 -3.94 2.57
N ALA A 124 12.74 -4.59 1.43
CA ALA A 124 12.34 -4.02 0.16
C ALA A 124 10.83 -3.77 0.10
N CYS A 125 10.06 -4.81 0.33
CA CYS A 125 8.60 -4.70 0.32
C CYS A 125 8.12 -3.76 1.41
N ALA A 126 8.95 -3.55 2.42
CA ALA A 126 8.61 -2.67 3.52
C ALA A 126 8.18 -1.30 3.02
N GLY A 127 8.66 -0.93 1.84
CA GLY A 127 8.31 0.36 1.28
C GLY A 127 6.86 0.43 0.85
N LEU A 128 6.29 -0.72 0.51
CA LEU A 128 4.89 -0.78 0.08
C LEU A 128 3.95 -0.59 1.26
N CYS A 129 4.05 -1.47 2.25
CA CYS A 129 3.21 -1.40 3.44
C CYS A 129 3.32 -0.02 4.10
N SER A 130 4.43 0.66 3.85
CA SER A 130 4.66 1.98 4.43
C SER A 130 3.95 3.05 3.61
N TRP A 131 3.71 2.76 2.34
CA TRP A 131 3.03 3.70 1.46
C TRP A 131 1.52 3.58 1.59
N VAL A 132 1.03 2.35 1.72
CA VAL A 132 -0.39 2.09 1.86
C VAL A 132 -0.94 2.68 3.15
N ILE A 133 -0.13 2.62 4.21
CA ILE A 133 -0.53 3.14 5.51
C ILE A 133 -0.34 4.65 5.57
N ALA A 134 0.68 5.14 4.86
CA ALA A 134 0.97 6.56 4.83
C ALA A 134 0.00 7.31 3.92
N LEU A 135 -0.07 6.87 2.66
CA LEU A 135 -0.95 7.50 1.68
C LEU A 135 -2.37 7.62 2.23
N GLU A 136 -2.77 6.63 3.04
CA GLU A 136 -4.11 6.62 3.62
C GLU A 136 -4.22 7.68 4.71
N LYS A 137 -3.14 7.87 5.46
CA LYS A 137 -3.11 8.86 6.54
C LYS A 137 -3.01 10.28 5.98
N TYR A 138 -2.23 10.43 4.92
CA TYR A 138 -2.03 11.74 4.30
C TYR A 138 -3.37 12.34 3.89
N ASP A 139 -4.34 11.49 3.61
CA ASP A 139 -5.67 11.94 3.21
C ASP A 139 -6.50 12.33 4.43
N LYS A 140 -6.16 11.76 5.58
CA LYS A 140 -6.87 12.06 6.82
C LYS A 140 -6.36 13.35 7.44
N VAL A 141 -5.11 13.70 7.13
CA VAL A 141 -4.50 14.91 7.66
C VAL A 141 -4.83 16.11 6.79
N ILE A 142 -4.94 15.89 5.49
CA ILE A 142 -5.26 16.95 4.55
C ILE A 142 -6.57 17.63 4.91
N LYS A 143 -7.40 16.95 5.70
CA LYS A 143 -8.68 17.50 6.12
C LYS A 143 -8.48 18.69 7.06
N GLU A 144 -7.25 18.86 7.54
CA GLU A 144 -6.94 19.96 8.44
C GLU A 144 -5.43 20.20 8.50
N VAL A 145 -4.76 19.93 7.39
CA VAL A 145 -3.31 20.12 7.31
C VAL A 145 -2.95 21.60 7.28
N GLU A 146 -3.58 22.34 6.37
CA GLU A 146 -3.32 23.77 6.23
C GLU A 146 -4.60 24.57 6.44
N PRO A 147 -5.13 24.55 7.66
CA PRO A 147 -6.36 25.28 8.01
C PRO A 147 -6.16 26.78 8.02
N LYS A 148 -4.90 27.21 7.87
CA LYS A 148 -4.59 28.64 7.86
C LYS A 148 -4.75 29.22 6.46
N ARG A 149 -5.90 28.97 5.85
CA ARG A 149 -6.18 29.47 4.51
C ARG A 149 -7.42 30.35 4.51
N GLN A 150 -8.10 30.42 5.65
CA GLN A 150 -9.31 31.23 5.78
C GLN A 150 -9.54 31.63 7.23
N LYS A 151 -10.62 32.38 7.47
CA LYS A 151 -10.96 32.84 8.81
C LYS A 151 -11.34 31.66 9.70
N LEU A 152 -10.36 31.08 10.38
CA LEU A 152 -10.59 29.96 11.27
C LEU A 152 -11.57 30.34 12.38
N ARG A 153 -11.07 31.08 13.36
CA ARG A 153 -11.90 31.51 14.49
C ARG A 153 -11.37 32.81 15.09
N GLU A 154 -11.60 33.92 14.41
CA GLU A 154 -11.14 35.21 14.88
C GLU A 154 -11.68 35.51 16.28
N ALA A 155 -10.81 35.40 17.28
CA ALA A 155 -11.21 35.66 18.65
C ALA A 155 -10.60 36.97 19.15
N GLY A 1 -4.25 23.47 14.48
CA GLY A 1 -4.95 22.21 14.34
C GLY A 1 -5.00 21.74 12.89
N SER A 2 -5.65 22.52 12.04
CA SER A 2 -5.77 22.18 10.63
C SER A 2 -4.39 22.02 9.99
N GLN A 3 -3.46 22.86 10.39
CA GLN A 3 -2.10 22.82 9.86
C GLN A 3 -1.29 21.71 10.53
N ALA A 4 -1.75 21.27 11.69
CA ALA A 4 -1.08 20.22 12.44
C ALA A 4 -1.45 18.84 11.90
N ASP A 5 -2.50 18.79 11.10
CA ASP A 5 -2.97 17.53 10.52
C ASP A 5 -2.23 17.23 9.22
N LEU A 6 -2.01 18.25 8.41
CA LEU A 6 -1.31 18.10 7.14
C LEU A 6 0.16 17.75 7.37
N ALA A 7 0.76 18.37 8.37
CA ALA A 7 2.16 18.12 8.70
C ALA A 7 2.33 16.75 9.36
N GLU A 8 1.22 16.12 9.71
CA GLU A 8 1.25 14.80 10.34
C GLU A 8 1.22 13.70 9.30
N ALA A 9 0.69 14.01 8.11
CA ALA A 9 0.61 13.05 7.03
C ALA A 9 1.62 13.34 5.94
N LEU A 10 1.96 14.63 5.79
CA LEU A 10 2.92 15.05 4.78
C LEU A 10 4.20 14.21 4.85
N PRO A 11 4.78 14.12 6.05
CA PRO A 11 6.00 13.36 6.29
C PRO A 11 5.77 11.85 6.18
N LEU A 12 4.50 11.46 6.13
CA LEU A 12 4.15 10.05 6.03
C LEU A 12 4.10 9.60 4.57
N LEU A 13 3.34 10.32 3.76
CA LEU A 13 3.20 10.00 2.35
C LEU A 13 4.56 10.08 1.65
N GLU A 14 5.21 11.23 1.74
CA GLU A 14 6.52 11.43 1.11
C GLU A 14 7.51 10.38 1.61
N ALA A 15 7.31 9.90 2.84
CA ALA A 15 8.19 8.91 3.42
C ALA A 15 8.06 7.58 2.70
N ALA A 16 6.95 7.38 1.99
CA ALA A 16 6.72 6.15 1.26
C ALA A 16 7.28 6.24 -0.16
N LEU A 17 6.87 7.28 -0.88
CA LEU A 17 7.33 7.48 -2.25
C LEU A 17 8.85 7.56 -2.30
N LYS A 18 9.47 7.91 -1.18
CA LYS A 18 10.92 8.02 -1.09
C LYS A 18 11.56 6.65 -0.90
N ALA A 19 10.77 5.70 -0.40
CA ALA A 19 11.26 4.35 -0.16
C ALA A 19 11.46 3.60 -1.48
N LEU A 20 10.66 3.95 -2.47
CA LEU A 20 10.75 3.31 -3.79
C LEU A 20 11.90 3.89 -4.59
N ASP A 21 12.30 5.11 -4.26
CA ASP A 21 13.39 5.78 -4.95
C ASP A 21 14.72 5.06 -4.70
N THR A 22 14.93 4.65 -3.45
CA THR A 22 16.15 3.95 -3.08
C THR A 22 16.10 2.49 -3.50
N LEU A 23 14.89 1.94 -3.57
CA LEU A 23 14.71 0.55 -3.97
C LEU A 23 14.89 0.38 -5.47
N LYS A 24 14.78 -0.86 -5.95
CA LYS A 24 14.93 -1.16 -7.36
C LYS A 24 13.78 -2.04 -7.86
N PRO A 25 13.57 -2.04 -9.19
CA PRO A 25 12.51 -2.83 -9.82
C PRO A 25 12.79 -4.32 -9.76
N ALA A 26 14.07 -4.68 -9.77
CA ALA A 26 14.47 -6.09 -9.71
C ALA A 26 14.22 -6.68 -8.33
N ASP A 27 14.21 -5.82 -7.32
CA ASP A 27 13.98 -6.26 -5.95
C ASP A 27 12.52 -6.62 -5.73
N ILE A 28 11.63 -6.04 -6.54
CA ILE A 28 10.21 -6.31 -6.43
C ILE A 28 9.87 -7.67 -7.01
N THR A 29 10.28 -7.91 -8.26
CA THR A 29 10.02 -9.18 -8.92
C THR A 29 10.62 -10.35 -8.15
N GLU A 30 11.60 -10.04 -7.30
CA GLU A 30 12.26 -11.06 -6.50
C GLU A 30 11.24 -11.88 -5.71
N VAL A 31 10.16 -11.23 -5.31
CA VAL A 31 9.11 -11.87 -4.54
C VAL A 31 8.33 -12.86 -5.41
N LYS A 32 8.26 -12.57 -6.70
CA LYS A 32 7.54 -13.42 -7.64
C LYS A 32 8.32 -14.70 -7.91
N GLY A 33 9.63 -14.66 -7.67
CA GLY A 33 10.46 -15.83 -7.89
C GLY A 33 10.70 -16.62 -6.62
N MET A 34 10.64 -15.94 -5.47
CA MET A 34 10.85 -16.58 -4.18
C MET A 34 9.96 -17.81 -4.04
N LYS A 35 10.44 -18.80 -3.29
CA LYS A 35 9.69 -20.03 -3.08
C LYS A 35 8.28 -19.72 -2.58
N SER A 36 8.17 -19.27 -1.34
CA SER A 36 6.88 -18.93 -0.75
C SER A 36 7.04 -17.91 0.36
N PRO A 37 6.53 -16.68 0.11
CA PRO A 37 6.60 -15.60 1.09
C PRO A 37 5.70 -15.83 2.29
N PRO A 38 5.89 -15.02 3.34
CA PRO A 38 5.11 -15.11 4.57
C PRO A 38 3.66 -14.68 4.38
N ALA A 39 2.82 -14.96 5.37
CA ALA A 39 1.42 -14.59 5.32
C ALA A 39 1.23 -13.10 5.54
N GLY A 40 2.26 -12.45 6.08
CA GLY A 40 2.18 -11.03 6.34
C GLY A 40 2.57 -10.19 5.13
N VAL A 41 3.78 -10.41 4.64
CA VAL A 41 4.28 -9.68 3.47
C VAL A 41 3.35 -9.85 2.28
N ARG A 42 2.69 -11.00 2.21
CA ARG A 42 1.77 -11.30 1.12
C ARG A 42 0.47 -10.53 1.29
N ARG A 43 0.18 -10.12 2.52
CA ARG A 43 -1.04 -9.38 2.82
C ARG A 43 -0.83 -7.88 2.64
N VAL A 44 0.40 -7.43 2.85
CA VAL A 44 0.74 -6.02 2.71
C VAL A 44 1.01 -5.66 1.25
N LEU A 45 1.51 -6.64 0.50
CA LEU A 45 1.82 -6.42 -0.91
C LEU A 45 0.57 -6.61 -1.77
N GLU A 46 -0.38 -7.40 -1.27
CA GLU A 46 -1.61 -7.66 -2.00
C GLU A 46 -2.60 -6.51 -1.81
N ALA A 47 -2.46 -5.79 -0.70
CA ALA A 47 -3.34 -4.66 -0.41
C ALA A 47 -3.06 -3.48 -1.32
N ILE A 48 -1.92 -3.54 -2.01
CA ILE A 48 -1.53 -2.47 -2.93
C ILE A 48 -2.41 -2.47 -4.17
N CYS A 49 -2.55 -3.64 -4.80
CA CYS A 49 -3.37 -3.76 -5.99
C CYS A 49 -4.81 -3.36 -5.72
N ILE A 50 -5.21 -3.44 -4.46
CA ILE A 50 -6.57 -3.09 -4.06
C ILE A 50 -6.87 -1.62 -4.38
N MET A 51 -6.01 -0.73 -3.89
CA MET A 51 -6.18 0.69 -4.13
C MET A 51 -6.30 1.00 -5.62
N LYS A 52 -5.71 0.12 -6.44
CA LYS A 52 -5.75 0.29 -7.89
C LYS A 52 -7.07 -0.21 -8.46
N GLY A 53 -7.67 -1.19 -7.79
CA GLY A 53 -8.93 -1.73 -8.25
C GLY A 53 -8.76 -2.73 -9.37
N VAL A 54 -7.73 -3.56 -9.27
CA VAL A 54 -7.45 -4.57 -10.29
C VAL A 54 -8.32 -5.80 -10.09
N LYS A 55 -8.60 -6.51 -11.17
CA LYS A 55 -9.42 -7.71 -11.12
C LYS A 55 -8.61 -8.91 -10.62
N PRO A 56 -9.30 -9.91 -10.06
CA PRO A 56 -8.67 -11.11 -9.54
C PRO A 56 -8.08 -12.00 -10.65
N ALA A 57 -7.49 -13.12 -10.25
CA ALA A 57 -6.89 -14.04 -11.20
C ALA A 57 -7.82 -15.22 -11.47
N ARG A 58 -7.31 -16.21 -12.21
CA ARG A 58 -8.09 -17.39 -12.54
C ARG A 58 -7.31 -18.67 -12.22
N VAL A 59 -7.86 -19.49 -11.33
CA VAL A 59 -7.23 -20.74 -10.95
C VAL A 59 -8.26 -21.79 -10.55
N LYS A 60 -7.79 -23.03 -10.38
CA LYS A 60 -8.67 -24.12 -10.00
C LYS A 60 -8.47 -24.51 -8.54
N ASP A 61 -9.58 -24.64 -7.82
CA ASP A 61 -9.52 -25.00 -6.40
C ASP A 61 -9.04 -26.44 -6.23
N THR A 62 -8.05 -26.63 -5.36
CA THR A 62 -7.49 -27.96 -5.12
C THR A 62 -8.32 -28.72 -4.09
N ALA A 63 -9.09 -27.97 -3.29
CA ALA A 63 -9.93 -28.58 -2.26
C ALA A 63 -11.35 -28.78 -2.78
N SER A 64 -11.76 -27.94 -3.71
CA SER A 64 -13.11 -28.03 -4.28
C SER A 64 -13.07 -28.71 -5.65
N GLY A 65 -12.04 -28.41 -6.43
CA GLY A 65 -11.91 -29.00 -7.75
C GLY A 65 -12.70 -28.24 -8.80
N ARG A 66 -13.04 -27.00 -8.50
CA ARG A 66 -13.80 -26.17 -9.42
C ARG A 66 -13.01 -24.93 -9.83
N MET A 67 -13.62 -24.10 -10.67
CA MET A 67 -12.97 -22.88 -11.14
C MET A 67 -13.19 -21.73 -10.15
N VAL A 68 -12.11 -21.21 -9.60
CA VAL A 68 -12.18 -20.12 -8.64
C VAL A 68 -11.21 -19.01 -9.00
N ASP A 69 -11.27 -17.90 -8.27
CA ASP A 69 -10.39 -16.77 -8.50
C ASP A 69 -9.20 -16.78 -7.56
N ASP A 70 -8.08 -16.21 -8.00
CA ASP A 70 -6.88 -16.15 -7.18
C ASP A 70 -6.49 -14.71 -6.89
N TYR A 71 -6.40 -14.38 -5.60
CA TYR A 71 -6.04 -13.04 -5.18
C TYR A 71 -4.52 -12.90 -5.03
N TRP A 72 -3.84 -14.04 -4.94
CA TRP A 72 -2.39 -14.06 -4.79
C TRP A 72 -1.71 -13.97 -6.15
N GLU A 73 -2.14 -14.81 -7.08
CA GLU A 73 -1.56 -14.82 -8.42
C GLU A 73 -1.61 -13.43 -9.05
N ALA A 74 -2.66 -12.68 -8.74
CA ALA A 74 -2.83 -11.34 -9.28
C ALA A 74 -1.98 -10.33 -8.50
N SER A 75 -1.60 -10.70 -7.28
CA SER A 75 -0.79 -9.83 -6.43
C SER A 75 0.70 -10.00 -6.75
N LYS A 76 1.13 -11.25 -6.87
CA LYS A 76 2.52 -11.55 -7.18
C LYS A 76 2.87 -11.16 -8.62
N LYS A 77 1.88 -11.26 -9.49
CA LYS A 77 2.07 -10.92 -10.91
C LYS A 77 2.26 -9.42 -11.08
N MET A 78 1.91 -8.66 -10.05
CA MET A 78 2.04 -7.21 -10.09
C MET A 78 3.44 -6.78 -9.69
N LEU A 79 4.13 -7.63 -8.94
CA LEU A 79 5.48 -7.35 -8.48
C LEU A 79 6.51 -7.65 -9.58
N MET A 80 6.20 -8.64 -10.41
CA MET A 80 7.09 -9.03 -11.49
C MET A 80 7.32 -7.86 -12.44
N GLU A 81 6.40 -6.90 -12.43
CA GLU A 81 6.51 -5.72 -13.30
C GLU A 81 7.75 -4.91 -12.94
N PHE A 82 8.37 -4.31 -13.95
CA PHE A 82 9.57 -3.50 -13.75
C PHE A 82 9.20 -2.05 -13.46
N ASP A 83 7.97 -1.68 -13.79
CA ASP A 83 7.49 -0.32 -13.58
C ASP A 83 6.34 -0.30 -12.58
N PHE A 84 6.26 -1.35 -11.75
CA PHE A 84 5.20 -1.45 -10.76
C PHE A 84 5.36 -0.38 -9.68
N LEU A 85 6.59 -0.01 -9.41
CA LEU A 85 6.88 1.01 -8.40
C LEU A 85 6.71 2.41 -8.97
N ASP A 86 6.87 2.53 -10.28
CA ASP A 86 6.73 3.82 -10.95
C ASP A 86 5.27 4.11 -11.26
N SER A 87 4.45 3.07 -11.29
CA SER A 87 3.03 3.22 -11.58
C SER A 87 2.26 3.60 -10.32
N LEU A 88 2.78 3.18 -9.16
CA LEU A 88 2.14 3.49 -7.88
C LEU A 88 2.41 4.92 -7.47
N ARG A 89 3.59 5.43 -7.83
CA ARG A 89 3.98 6.79 -7.50
C ARG A 89 3.18 7.80 -8.32
N LYS A 90 2.91 7.45 -9.57
CA LYS A 90 2.16 8.33 -10.46
C LYS A 90 0.67 8.26 -10.14
N PHE A 91 0.28 7.30 -9.32
CA PHE A 91 -1.12 7.14 -8.94
C PHE A 91 -1.69 8.44 -8.38
N ASP A 92 -3.00 8.61 -8.49
CA ASP A 92 -3.66 9.81 -7.99
C ASP A 92 -4.46 9.51 -6.73
N LYS A 93 -4.18 10.24 -5.66
CA LYS A 93 -4.88 10.05 -4.40
C LYS A 93 -6.28 10.65 -4.44
N ASP A 94 -6.58 11.34 -5.55
CA ASP A 94 -7.89 11.96 -5.72
C ASP A 94 -8.85 11.02 -6.43
N HIS A 95 -8.47 9.74 -6.50
CA HIS A 95 -9.31 8.74 -7.16
C HIS A 95 -9.32 7.44 -6.37
N ILE A 96 -9.26 7.56 -5.05
CA ILE A 96 -9.27 6.39 -4.18
C ILE A 96 -10.65 6.16 -3.58
N PRO A 97 -11.35 5.14 -4.09
CA PRO A 97 -12.70 4.78 -3.62
C PRO A 97 -12.68 4.20 -2.21
N PRO A 98 -13.80 4.37 -1.48
CA PRO A 98 -13.94 3.87 -0.11
C PRO A 98 -14.02 2.35 -0.06
N GLU A 99 -14.11 1.72 -1.23
CA GLU A 99 -14.20 0.28 -1.31
C GLU A 99 -12.82 -0.36 -1.22
N VAL A 100 -11.81 0.37 -1.67
CA VAL A 100 -10.44 -0.12 -1.64
C VAL A 100 -9.79 0.15 -0.28
N ILE A 101 -10.36 1.09 0.46
CA ILE A 101 -9.83 1.44 1.78
C ILE A 101 -10.47 0.57 2.87
N VAL A 102 -11.69 0.12 2.62
CA VAL A 102 -12.41 -0.72 3.57
C VAL A 102 -11.80 -2.12 3.63
N LYS A 103 -11.12 -2.51 2.56
CA LYS A 103 -10.49 -3.83 2.49
C LYS A 103 -9.25 -3.88 3.38
N ILE A 104 -8.60 -2.74 3.55
CA ILE A 104 -7.40 -2.66 4.37
C ILE A 104 -7.70 -1.97 5.70
N ARG A 105 -8.97 -1.78 5.99
CA ARG A 105 -9.39 -1.13 7.24
C ARG A 105 -8.88 -1.91 8.44
N PRO A 106 -9.19 -3.21 8.49
CA PRO A 106 -8.77 -4.08 9.59
C PRO A 106 -7.27 -4.34 9.58
N PHE A 107 -6.63 -4.09 8.45
CA PHE A 107 -5.20 -4.30 8.31
C PHE A 107 -4.43 -3.06 8.77
N ALA A 108 -5.03 -1.89 8.58
CA ALA A 108 -4.40 -0.64 8.97
C ALA A 108 -3.93 -0.68 10.42
N GLN A 109 -4.56 -1.54 11.21
CA GLN A 109 -4.20 -1.69 12.63
C GLN A 109 -3.48 -3.00 12.87
N ASP A 110 -3.54 -3.90 11.89
CA ASP A 110 -2.90 -5.20 12.00
C ASP A 110 -1.39 -5.05 12.20
N PRO A 111 -0.83 -5.84 13.14
CA PRO A 111 0.59 -5.80 13.45
C PRO A 111 1.45 -6.37 12.33
N GLU A 112 0.79 -6.93 11.31
CA GLU A 112 1.50 -7.50 10.17
C GLU A 112 1.26 -6.67 8.91
N PHE A 113 0.86 -5.41 9.10
CA PHE A 113 0.61 -4.52 7.98
C PHE A 113 1.26 -3.16 8.21
N GLN A 114 1.99 -3.04 9.31
CA GLN A 114 2.68 -1.80 9.63
C GLN A 114 4.07 -1.75 9.00
N PRO A 115 4.56 -0.53 8.75
CA PRO A 115 5.88 -0.32 8.14
C PRO A 115 7.01 -0.69 9.10
N LYS A 116 6.70 -0.76 10.38
CA LYS A 116 7.70 -1.10 11.40
C LYS A 116 7.89 -2.61 11.49
N VAL A 117 6.79 -3.35 11.33
CA VAL A 117 6.84 -4.81 11.38
C VAL A 117 7.22 -5.40 10.03
N ILE A 118 6.94 -4.64 8.97
CA ILE A 118 7.24 -5.10 7.61
C ILE A 118 8.68 -4.75 7.23
N GLU A 119 9.26 -3.80 7.96
CA GLU A 119 10.64 -3.37 7.69
C GLU A 119 11.64 -4.27 8.42
N LYS A 120 11.18 -4.92 9.49
CA LYS A 120 12.03 -5.80 10.27
C LYS A 120 12.06 -7.20 9.67
N GLN A 121 11.25 -7.41 8.62
CA GLN A 121 11.19 -8.70 7.95
C GLN A 121 11.39 -8.54 6.44
N SER A 122 10.75 -7.53 5.86
CA SER A 122 10.86 -7.28 4.43
C SER A 122 11.05 -5.80 4.15
N VAL A 123 12.29 -5.32 4.30
CA VAL A 123 12.61 -3.92 4.06
C VAL A 123 12.07 -3.45 2.71
N ALA A 124 12.32 -4.24 1.67
CA ALA A 124 11.86 -3.92 0.33
C ALA A 124 10.35 -3.65 0.32
N CYS A 125 9.58 -4.62 0.77
CA CYS A 125 8.13 -4.49 0.81
C CYS A 125 7.71 -3.38 1.76
N ALA A 126 8.57 -3.08 2.73
CA ALA A 126 8.29 -2.04 3.72
C ALA A 126 7.96 -0.72 3.04
N GLY A 127 8.61 -0.46 1.92
CA GLY A 127 8.37 0.77 1.19
C GLY A 127 7.00 0.80 0.54
N LEU A 128 6.42 -0.37 0.33
CA LEU A 128 5.11 -0.47 -0.30
C LEU A 128 4.00 -0.33 0.75
N CYS A 129 3.97 -1.25 1.70
CA CYS A 129 2.96 -1.23 2.76
C CYS A 129 2.95 0.13 3.46
N SER A 130 4.10 0.80 3.48
CA SER A 130 4.21 2.10 4.13
C SER A 130 3.45 3.17 3.34
N TRP A 131 3.34 2.97 2.03
CA TRP A 131 2.63 3.91 1.17
C TRP A 131 1.12 3.69 1.25
N VAL A 132 0.72 2.43 1.38
CA VAL A 132 -0.70 2.10 1.47
C VAL A 132 -1.36 2.77 2.68
N ILE A 133 -0.67 2.73 3.81
CA ILE A 133 -1.18 3.34 5.04
C ILE A 133 -0.94 4.84 5.04
N ALA A 134 0.14 5.26 4.39
CA ALA A 134 0.49 6.68 4.33
C ALA A 134 -0.49 7.44 3.43
N LEU A 135 -0.66 6.96 2.21
CA LEU A 135 -1.57 7.59 1.26
C LEU A 135 -2.95 7.81 1.88
N GLU A 136 -3.39 6.83 2.67
CA GLU A 136 -4.70 6.91 3.33
C GLU A 136 -4.74 8.09 4.30
N LYS A 137 -3.59 8.38 4.91
CA LYS A 137 -3.50 9.48 5.86
C LYS A 137 -3.58 10.83 5.15
N TYR A 138 -2.79 10.99 4.10
CA TYR A 138 -2.77 12.23 3.33
C TYR A 138 -4.16 12.55 2.78
N ASP A 139 -4.92 11.50 2.47
CA ASP A 139 -6.27 11.67 1.93
C ASP A 139 -7.25 11.96 3.05
N LYS A 140 -6.95 11.50 4.25
CA LYS A 140 -7.82 11.72 5.40
C LYS A 140 -7.59 13.10 6.00
N VAL A 141 -6.40 13.65 5.79
CA VAL A 141 -6.06 14.97 6.31
C VAL A 141 -6.50 16.07 5.34
N ILE A 142 -6.40 15.77 4.05
CA ILE A 142 -6.78 16.73 3.02
C ILE A 142 -8.21 17.21 3.22
N LYS A 143 -9.01 16.41 3.92
CA LYS A 143 -10.40 16.75 4.18
C LYS A 143 -10.50 18.06 4.96
N GLU A 144 -9.42 18.43 5.64
CA GLU A 144 -9.39 19.67 6.41
C GLU A 144 -7.95 20.10 6.68
N VAL A 145 -7.07 19.84 5.72
CA VAL A 145 -5.66 20.21 5.85
C VAL A 145 -5.50 21.72 5.98
N GLU A 146 -6.18 22.46 5.10
CA GLU A 146 -6.11 23.92 5.13
C GLU A 146 -7.26 24.53 4.35
N PRO A 147 -8.49 24.31 4.84
CA PRO A 147 -9.70 24.84 4.20
C PRO A 147 -9.82 26.35 4.33
N LYS A 148 -9.67 26.86 5.54
CA LYS A 148 -9.75 28.29 5.79
C LYS A 148 -9.39 28.61 7.25
N ARG A 149 -8.51 27.80 7.83
CA ARG A 149 -8.09 28.00 9.21
C ARG A 149 -6.92 28.97 9.29
N GLN A 150 -6.53 29.31 10.51
CA GLN A 150 -5.41 30.24 10.72
C GLN A 150 -4.34 29.61 11.60
N LYS A 151 -3.28 30.36 11.87
CA LYS A 151 -2.18 29.87 12.70
C LYS A 151 -1.72 30.96 13.67
N LEU A 152 -1.54 30.59 14.92
CA LEU A 152 -1.09 31.53 15.95
C LEU A 152 -0.42 30.79 17.10
N ARG A 153 0.02 31.55 18.11
CA ARG A 153 0.67 30.98 19.27
C ARG A 153 -0.16 29.86 19.87
N GLU A 154 -1.34 30.22 20.37
CA GLU A 154 -2.24 29.24 20.97
C GLU A 154 -3.66 29.79 21.09
N ALA A 155 -4.64 28.98 20.74
CA ALA A 155 -6.03 29.38 20.80
C ALA A 155 -6.66 29.02 22.14
N GLY A 1 -2.24 26.71 12.64
CA GLY A 1 -1.82 25.34 12.86
C GLY A 1 -2.16 24.42 11.70
N SER A 2 -2.03 24.94 10.49
CA SER A 2 -2.34 24.16 9.29
C SER A 2 -1.08 23.53 8.71
N GLN A 3 0.05 24.24 8.87
CA GLN A 3 1.32 23.76 8.35
C GLN A 3 1.81 22.56 9.16
N ALA A 4 1.36 22.45 10.40
CA ALA A 4 1.75 21.36 11.27
C ALA A 4 1.10 20.05 10.83
N ASP A 5 -0.05 20.16 10.16
CA ASP A 5 -0.77 18.99 9.69
C ASP A 5 -0.12 18.41 8.43
N LEU A 6 0.10 19.26 7.44
CA LEU A 6 0.71 18.83 6.19
C LEU A 6 2.16 18.40 6.43
N ALA A 7 2.87 19.15 7.26
CA ALA A 7 4.26 18.85 7.57
C ALA A 7 4.37 17.57 8.41
N GLU A 8 3.24 17.09 8.89
CA GLU A 8 3.21 15.89 9.72
C GLU A 8 3.10 14.63 8.84
N ALA A 9 2.52 14.80 7.66
CA ALA A 9 2.36 13.68 6.72
C ALA A 9 3.33 13.81 5.56
N LEU A 10 3.72 15.03 5.24
CA LEU A 10 4.65 15.28 4.14
C LEU A 10 5.87 14.37 4.24
N PRO A 11 6.53 14.40 5.41
CA PRO A 11 7.72 13.59 5.67
C PRO A 11 7.39 12.09 5.77
N LEU A 12 6.10 11.78 5.86
CA LEU A 12 5.66 10.40 5.95
C LEU A 12 5.48 9.78 4.58
N LEU A 13 4.67 10.43 3.74
CA LEU A 13 4.42 9.95 2.39
C LEU A 13 5.72 9.84 1.59
N GLU A 14 6.48 10.92 1.56
CA GLU A 14 7.75 10.95 0.84
C GLU A 14 8.71 9.90 1.38
N ALA A 15 8.65 9.67 2.69
CA ALA A 15 9.50 8.69 3.33
C ALA A 15 9.24 7.29 2.80
N ALA A 16 8.03 7.08 2.29
CA ALA A 16 7.64 5.78 1.73
C ALA A 16 8.01 5.69 0.25
N LEU A 17 7.64 6.70 -0.51
CA LEU A 17 7.93 6.72 -1.94
C LEU A 17 9.42 6.56 -2.20
N LYS A 18 10.24 7.07 -1.29
CA LYS A 18 11.68 6.99 -1.41
C LYS A 18 12.17 5.55 -1.15
N ALA A 19 11.35 4.79 -0.42
CA ALA A 19 11.69 3.40 -0.11
C ALA A 19 11.67 2.54 -1.36
N LEU A 20 10.88 2.96 -2.35
CA LEU A 20 10.76 2.22 -3.60
C LEU A 20 11.95 2.52 -4.52
N ASP A 21 12.57 3.67 -4.33
CA ASP A 21 13.71 4.08 -5.14
C ASP A 21 14.91 3.17 -4.86
N THR A 22 15.21 2.96 -3.59
CA THR A 22 16.34 2.12 -3.19
C THR A 22 16.11 0.67 -3.59
N LEU A 23 14.84 0.30 -3.71
CA LEU A 23 14.47 -1.07 -4.08
C LEU A 23 14.71 -1.31 -5.57
N LYS A 24 14.62 -2.57 -5.98
CA LYS A 24 14.82 -2.92 -7.38
C LYS A 24 13.67 -3.80 -7.89
N PRO A 25 13.49 -3.83 -9.22
CA PRO A 25 12.43 -4.61 -9.86
C PRO A 25 12.68 -6.11 -9.75
N ALA A 26 13.95 -6.50 -9.59
CA ALA A 26 14.31 -7.90 -9.47
C ALA A 26 14.04 -8.42 -8.07
N ASP A 27 13.97 -7.51 -7.10
CA ASP A 27 13.72 -7.87 -5.71
C ASP A 27 12.23 -8.15 -5.48
N ILE A 28 11.39 -7.55 -6.32
CA ILE A 28 9.95 -7.75 -6.21
C ILE A 28 9.52 -9.08 -6.82
N THR A 29 9.96 -9.34 -8.04
CA THR A 29 9.63 -10.58 -8.73
C THR A 29 10.08 -11.80 -7.94
N GLU A 30 11.04 -11.58 -7.04
CA GLU A 30 11.56 -12.67 -6.21
C GLU A 30 10.43 -13.39 -5.48
N VAL A 31 9.35 -12.65 -5.21
CA VAL A 31 8.19 -13.22 -4.53
C VAL A 31 7.33 -14.04 -5.47
N LYS A 32 7.31 -13.63 -6.74
CA LYS A 32 6.52 -14.34 -7.75
C LYS A 32 7.13 -15.70 -8.05
N GLY A 33 8.45 -15.79 -7.95
CA GLY A 33 9.13 -17.05 -8.22
C GLY A 33 9.06 -18.01 -7.04
N MET A 34 9.07 -17.46 -5.84
CA MET A 34 9.00 -18.27 -4.63
C MET A 34 7.83 -19.25 -4.69
N LYS A 35 8.08 -20.50 -4.31
CA LYS A 35 7.04 -21.52 -4.31
C LYS A 35 5.84 -21.08 -3.47
N SER A 36 6.11 -20.51 -2.31
CA SER A 36 5.07 -20.05 -1.41
C SER A 36 5.61 -19.04 -0.41
N PRO A 37 5.17 -17.78 -0.53
CA PRO A 37 5.60 -16.70 0.36
C PRO A 37 5.04 -16.85 1.77
N PRO A 38 5.57 -16.06 2.71
CA PRO A 38 5.13 -16.09 4.11
C PRO A 38 3.73 -15.52 4.30
N ALA A 39 3.16 -15.74 5.47
CA ALA A 39 1.82 -15.25 5.78
C ALA A 39 1.84 -13.76 6.09
N GLY A 40 3.03 -13.23 6.36
CA GLY A 40 3.16 -11.82 6.68
C GLY A 40 3.29 -10.96 5.44
N VAL A 41 4.30 -11.25 4.62
CA VAL A 41 4.52 -10.49 3.39
C VAL A 41 3.30 -10.53 2.48
N ARG A 42 2.60 -11.67 2.50
CA ARG A 42 1.42 -11.84 1.67
C ARG A 42 0.26 -10.99 2.18
N ARG A 43 0.36 -10.58 3.45
CA ARG A 43 -0.68 -9.76 4.06
C ARG A 43 -0.45 -8.28 3.78
N VAL A 44 0.81 -7.91 3.58
CA VAL A 44 1.17 -6.53 3.29
C VAL A 44 1.05 -6.23 1.80
N LEU A 45 1.70 -7.04 0.98
CA LEU A 45 1.66 -6.87 -0.47
C LEU A 45 0.23 -6.89 -0.98
N GLU A 46 -0.61 -7.72 -0.35
CA GLU A 46 -2.00 -7.83 -0.75
C GLU A 46 -2.79 -6.59 -0.36
N ALA A 47 -2.34 -5.92 0.69
CA ALA A 47 -3.00 -4.70 1.18
C ALA A 47 -2.83 -3.56 0.18
N ILE A 48 -1.92 -3.74 -0.77
CA ILE A 48 -1.67 -2.73 -1.79
C ILE A 48 -2.69 -2.82 -2.93
N CYS A 49 -2.96 -4.05 -3.37
CA CYS A 49 -3.92 -4.26 -4.45
C CYS A 49 -5.30 -3.76 -4.06
N ILE A 50 -5.52 -3.57 -2.77
CA ILE A 50 -6.80 -3.10 -2.26
C ILE A 50 -6.97 -1.61 -2.54
N MET A 51 -5.99 -0.82 -2.12
CA MET A 51 -6.02 0.63 -2.32
C MET A 51 -6.30 0.97 -3.79
N LYS A 52 -5.83 0.11 -4.69
CA LYS A 52 -6.02 0.31 -6.12
C LYS A 52 -7.23 -0.47 -6.62
N GLY A 53 -7.66 -1.45 -5.83
CA GLY A 53 -8.80 -2.26 -6.21
C GLY A 53 -8.51 -3.15 -7.41
N VAL A 54 -7.45 -3.94 -7.32
CA VAL A 54 -7.07 -4.83 -8.41
C VAL A 54 -8.17 -5.84 -8.71
N LYS A 55 -8.33 -6.18 -9.98
CA LYS A 55 -9.35 -7.14 -10.40
C LYS A 55 -8.86 -8.56 -10.20
N PRO A 56 -9.81 -9.50 -10.03
CA PRO A 56 -9.50 -10.92 -9.83
C PRO A 56 -8.96 -11.58 -11.10
N ALA A 57 -8.36 -12.74 -10.94
CA ALA A 57 -7.80 -13.48 -12.07
C ALA A 57 -8.81 -14.48 -12.63
N ARG A 58 -8.41 -15.20 -13.67
CA ARG A 58 -9.27 -16.19 -14.29
C ARG A 58 -8.50 -17.46 -14.62
N VAL A 59 -8.81 -18.53 -13.91
CA VAL A 59 -8.16 -19.82 -14.14
C VAL A 59 -9.11 -20.98 -13.92
N LYS A 60 -8.67 -22.18 -14.29
CA LYS A 60 -9.50 -23.38 -14.13
C LYS A 60 -9.19 -24.08 -12.80
N ASP A 61 -10.22 -24.63 -12.18
CA ASP A 61 -10.06 -25.34 -10.92
C ASP A 61 -9.59 -26.78 -11.14
N THR A 62 -8.68 -27.24 -10.29
CA THR A 62 -8.15 -28.60 -10.41
C THR A 62 -9.07 -29.60 -9.72
N ALA A 63 -9.85 -29.12 -8.76
CA ALA A 63 -10.78 -29.98 -8.03
C ALA A 63 -12.18 -29.90 -8.62
N SER A 64 -12.54 -28.72 -9.13
CA SER A 64 -13.85 -28.50 -9.72
C SER A 64 -13.82 -28.72 -11.23
N GLY A 65 -12.65 -28.51 -11.83
CA GLY A 65 -12.51 -28.70 -13.26
C GLY A 65 -13.30 -27.67 -14.06
N ARG A 66 -13.68 -26.59 -13.41
CA ARG A 66 -14.45 -25.54 -14.06
C ARG A 66 -13.71 -24.20 -14.02
N MET A 67 -14.32 -23.17 -14.57
CA MET A 67 -13.72 -21.84 -14.59
C MET A 67 -13.93 -21.12 -13.27
N VAL A 68 -12.84 -20.83 -12.57
CA VAL A 68 -12.91 -20.13 -11.29
C VAL A 68 -12.06 -18.87 -11.29
N ASP A 69 -12.03 -18.18 -10.16
CA ASP A 69 -11.24 -16.96 -10.03
C ASP A 69 -10.12 -17.13 -9.01
N ASP A 70 -9.05 -16.37 -9.20
CA ASP A 70 -7.90 -16.45 -8.29
C ASP A 70 -7.47 -15.05 -7.87
N TYR A 71 -7.49 -14.80 -6.57
CA TYR A 71 -7.10 -13.50 -6.02
C TYR A 71 -5.58 -13.41 -5.89
N TRP A 72 -4.93 -14.56 -5.78
CA TRP A 72 -3.48 -14.62 -5.64
C TRP A 72 -2.80 -14.34 -6.99
N GLU A 73 -3.31 -14.96 -8.04
CA GLU A 73 -2.75 -14.79 -9.37
C GLU A 73 -2.69 -13.31 -9.75
N ALA A 74 -3.62 -12.53 -9.20
CA ALA A 74 -3.67 -11.09 -9.48
C ALA A 74 -2.66 -10.33 -8.63
N SER A 75 -2.29 -10.91 -7.49
CA SER A 75 -1.34 -10.29 -6.58
C SER A 75 0.09 -10.62 -6.99
N LYS A 76 0.38 -11.89 -7.20
CA LYS A 76 1.70 -12.33 -7.59
C LYS A 76 2.09 -11.76 -8.95
N LYS A 77 1.09 -11.56 -9.81
CA LYS A 77 1.32 -11.01 -11.13
C LYS A 77 1.66 -9.53 -11.06
N MET A 78 1.39 -8.93 -9.91
CA MET A 78 1.66 -7.50 -9.71
C MET A 78 3.11 -7.29 -9.26
N LEU A 79 3.71 -8.33 -8.69
CA LEU A 79 5.09 -8.26 -8.23
C LEU A 79 6.06 -8.48 -9.39
N MET A 80 5.67 -9.32 -10.33
CA MET A 80 6.51 -9.60 -11.49
C MET A 80 6.67 -8.37 -12.38
N GLU A 81 5.82 -7.37 -12.14
CA GLU A 81 5.87 -6.14 -12.92
C GLU A 81 7.13 -5.35 -12.61
N PHE A 82 7.73 -4.76 -13.63
CA PHE A 82 8.95 -3.99 -13.48
C PHE A 82 8.63 -2.55 -13.09
N ASP A 83 7.40 -2.14 -13.34
CA ASP A 83 6.95 -0.78 -13.03
C ASP A 83 5.84 -0.80 -11.98
N PHE A 84 5.74 -1.91 -11.25
CA PHE A 84 4.73 -2.06 -10.22
C PHE A 84 4.87 -0.97 -9.15
N LEU A 85 6.12 -0.61 -8.85
CA LEU A 85 6.40 0.41 -7.85
C LEU A 85 6.19 1.81 -8.42
N ASP A 86 6.37 1.93 -9.73
CA ASP A 86 6.21 3.21 -10.41
C ASP A 86 4.73 3.56 -10.59
N SER A 87 3.88 2.53 -10.52
CA SER A 87 2.45 2.72 -10.67
C SER A 87 1.81 3.16 -9.36
N LEU A 88 2.38 2.69 -8.25
CA LEU A 88 1.87 3.03 -6.92
C LEU A 88 2.22 4.46 -6.56
N ARG A 89 3.36 4.93 -7.06
CA ARG A 89 3.81 6.29 -6.78
C ARG A 89 3.01 7.30 -7.58
N LYS A 90 2.64 6.93 -8.81
CA LYS A 90 1.87 7.80 -9.68
C LYS A 90 0.38 7.65 -9.42
N PHE A 91 0.04 6.87 -8.41
CA PHE A 91 -1.36 6.64 -8.05
C PHE A 91 -2.02 7.93 -7.57
N ASP A 92 -3.32 8.02 -7.78
CA ASP A 92 -4.08 9.21 -7.37
C ASP A 92 -4.80 8.96 -6.06
N LYS A 93 -4.44 9.73 -5.03
CA LYS A 93 -5.05 9.60 -3.71
C LYS A 93 -6.37 10.33 -3.66
N ASP A 94 -6.75 10.96 -4.77
CA ASP A 94 -8.00 11.70 -4.84
C ASP A 94 -9.14 10.80 -5.32
N HIS A 95 -8.90 9.50 -5.34
CA HIS A 95 -9.90 8.53 -5.78
C HIS A 95 -9.83 7.26 -4.94
N ILE A 96 -9.62 7.44 -3.64
CA ILE A 96 -9.53 6.30 -2.72
C ILE A 96 -10.81 6.16 -1.90
N PRO A 97 -11.62 5.14 -2.24
CA PRO A 97 -12.89 4.87 -1.55
C PRO A 97 -12.67 4.36 -0.12
N PRO A 98 -13.69 4.53 0.74
CA PRO A 98 -13.63 4.09 2.13
C PRO A 98 -13.65 2.57 2.26
N GLU A 99 -13.88 1.89 1.14
CA GLU A 99 -13.93 0.44 1.13
C GLU A 99 -12.53 -0.15 1.05
N VAL A 100 -11.61 0.59 0.43
CA VAL A 100 -10.24 0.14 0.27
C VAL A 100 -9.41 0.49 1.50
N ILE A 101 -9.87 1.50 2.25
CA ILE A 101 -9.16 1.93 3.45
C ILE A 101 -9.65 1.17 4.68
N VAL A 102 -10.90 0.72 4.63
CA VAL A 102 -11.48 -0.03 5.73
C VAL A 102 -10.91 -1.43 5.82
N LYS A 103 -10.34 -1.89 4.71
CA LYS A 103 -9.75 -3.22 4.66
C LYS A 103 -8.41 -3.25 5.39
N ILE A 104 -7.68 -2.14 5.34
CA ILE A 104 -6.39 -2.05 6.00
C ILE A 104 -6.51 -1.32 7.35
N ARG A 105 -7.75 -1.11 7.78
CA ARG A 105 -8.01 -0.42 9.04
C ARG A 105 -7.30 -1.13 10.20
N PRO A 106 -7.60 -2.44 10.36
CA PRO A 106 -6.99 -3.26 11.42
C PRO A 106 -5.51 -3.52 11.18
N PHE A 107 -5.06 -3.25 9.97
CA PHE A 107 -3.66 -3.46 9.61
C PHE A 107 -2.82 -2.22 9.93
N ALA A 108 -3.41 -1.04 9.74
CA ALA A 108 -2.73 0.21 10.01
C ALA A 108 -2.23 0.26 11.45
N GLN A 109 -2.85 -0.54 12.31
CA GLN A 109 -2.47 -0.59 13.72
C GLN A 109 -1.85 -1.94 14.08
N ASP A 110 -1.79 -2.83 13.11
CA ASP A 110 -1.23 -4.16 13.32
C ASP A 110 0.29 -4.10 13.35
N PRO A 111 0.89 -4.79 14.33
CA PRO A 111 2.34 -4.84 14.50
C PRO A 111 3.04 -5.63 13.38
N GLU A 112 2.24 -6.28 12.55
CA GLU A 112 2.78 -7.07 11.45
C GLU A 112 2.52 -6.38 10.12
N PHE A 113 2.20 -5.08 10.17
CA PHE A 113 1.94 -4.30 8.98
C PHE A 113 2.67 -2.96 9.03
N GLN A 114 3.44 -2.76 10.09
CA GLN A 114 4.19 -1.52 10.26
C GLN A 114 5.48 -1.54 9.45
N PRO A 115 5.90 -0.36 8.97
CA PRO A 115 7.12 -0.22 8.17
C PRO A 115 8.39 -0.44 9.01
N LYS A 116 8.23 -0.38 10.32
CA LYS A 116 9.36 -0.57 11.23
C LYS A 116 9.60 -2.06 11.49
N VAL A 117 8.52 -2.84 11.56
CA VAL A 117 8.62 -4.26 11.79
C VAL A 117 8.86 -5.02 10.50
N ILE A 118 8.24 -4.55 9.42
CA ILE A 118 8.39 -5.19 8.12
C ILE A 118 9.84 -5.14 7.65
N GLU A 119 10.65 -4.34 8.32
CA GLU A 119 12.06 -4.20 7.97
C GLU A 119 12.87 -5.36 8.54
N LYS A 120 12.41 -5.92 9.65
CA LYS A 120 13.08 -7.04 10.29
C LYS A 120 12.75 -8.35 9.60
N GLN A 121 11.84 -8.28 8.63
CA GLN A 121 11.43 -9.48 7.88
C GLN A 121 11.60 -9.26 6.38
N SER A 122 11.10 -8.13 5.89
CA SER A 122 11.19 -7.81 4.47
C SER A 122 11.59 -6.35 4.27
N VAL A 123 12.89 -6.10 4.25
CA VAL A 123 13.40 -4.75 4.06
C VAL A 123 12.78 -4.08 2.84
N ALA A 124 12.61 -4.86 1.77
CA ALA A 124 12.02 -4.35 0.54
C ALA A 124 10.52 -4.08 0.72
N CYS A 125 9.81 -5.08 1.23
CA CYS A 125 8.37 -4.95 1.45
C CYS A 125 8.06 -3.76 2.36
N ALA A 126 8.99 -3.45 3.24
CA ALA A 126 8.81 -2.34 4.17
C ALA A 126 8.53 -1.04 3.42
N GLY A 127 8.98 -0.97 2.18
CA GLY A 127 8.77 0.21 1.38
C GLY A 127 7.35 0.34 0.88
N LEU A 128 6.62 -0.78 0.90
CA LEU A 128 5.23 -0.80 0.45
C LEU A 128 4.30 -0.28 1.54
N CYS A 129 4.24 -0.99 2.66
CA CYS A 129 3.39 -0.60 3.77
C CYS A 129 3.63 0.86 4.15
N SER A 130 4.89 1.26 4.19
CA SER A 130 5.25 2.62 4.54
C SER A 130 4.44 3.63 3.74
N TRP A 131 4.10 3.26 2.51
CA TRP A 131 3.31 4.12 1.64
C TRP A 131 1.82 3.95 1.91
N VAL A 132 1.42 2.75 2.23
CA VAL A 132 0.02 2.45 2.52
C VAL A 132 -0.44 3.14 3.80
N ILE A 133 0.41 3.12 4.82
CA ILE A 133 0.10 3.75 6.09
C ILE A 133 0.32 5.25 6.03
N ALA A 134 1.17 5.69 5.10
CA ALA A 134 1.47 7.10 4.94
C ALA A 134 0.41 7.79 4.08
N LEU A 135 0.21 7.28 2.87
CA LEU A 135 -0.77 7.84 1.95
C LEU A 135 -2.13 7.98 2.62
N GLU A 136 -2.45 7.05 3.51
CA GLU A 136 -3.72 7.07 4.23
C GLU A 136 -3.82 8.29 5.12
N LYS A 137 -2.68 8.71 5.67
CA LYS A 137 -2.64 9.88 6.54
C LYS A 137 -2.67 11.18 5.74
N TYR A 138 -1.97 11.17 4.61
CA TYR A 138 -1.92 12.34 3.74
C TYR A 138 -3.32 12.79 3.35
N ASP A 139 -4.26 11.86 3.32
CA ASP A 139 -5.64 12.14 2.97
C ASP A 139 -6.39 12.76 4.15
N LYS A 140 -5.92 12.45 5.36
CA LYS A 140 -6.54 12.98 6.57
C LYS A 140 -6.07 14.39 6.85
N VAL A 141 -4.88 14.73 6.38
CA VAL A 141 -4.31 16.06 6.58
C VAL A 141 -4.78 17.02 5.50
N ILE A 142 -4.98 16.51 4.29
CA ILE A 142 -5.42 17.31 3.18
C ILE A 142 -6.72 18.04 3.51
N LYS A 143 -7.45 17.53 4.49
CA LYS A 143 -8.71 18.13 4.91
C LYS A 143 -8.48 19.47 5.59
N GLU A 144 -7.22 19.76 5.90
CA GLU A 144 -6.87 21.02 6.56
C GLU A 144 -5.39 21.34 6.34
N VAL A 145 -4.84 20.88 5.22
CA VAL A 145 -3.44 21.12 4.90
C VAL A 145 -3.23 22.55 4.42
N GLU A 146 -4.15 23.03 3.58
CA GLU A 146 -4.07 24.38 3.04
C GLU A 146 -5.46 25.00 2.92
N PRO A 147 -6.09 25.26 4.07
CA PRO A 147 -7.43 25.86 4.12
C PRO A 147 -7.43 27.32 3.68
N LYS A 148 -6.24 27.90 3.59
CA LYS A 148 -6.10 29.30 3.18
C LYS A 148 -7.00 30.21 4.01
N ARG A 149 -7.12 29.89 5.30
CA ARG A 149 -7.95 30.68 6.20
C ARG A 149 -7.69 30.29 7.66
N GLN A 150 -7.76 31.27 8.55
CA GLN A 150 -7.54 31.04 9.97
C GLN A 150 -8.85 31.07 10.75
N LYS A 151 -8.81 30.59 11.98
CA LYS A 151 -10.01 30.57 12.82
C LYS A 151 -9.64 30.85 14.28
N LEU A 152 -10.21 31.92 14.83
CA LEU A 152 -9.95 32.31 16.21
C LEU A 152 -10.79 31.47 17.18
N ARG A 153 -10.40 31.49 18.44
CA ARG A 153 -11.13 30.74 19.47
C ARG A 153 -11.58 31.66 20.60
N GLU A 154 -11.74 32.93 20.29
CA GLU A 154 -12.17 33.92 21.28
C GLU A 154 -11.28 33.86 22.52
N ALA A 155 -9.98 33.65 22.30
CA ALA A 155 -9.02 33.58 23.40
C ALA A 155 -8.96 34.90 24.15
N GLY A 1 -5.14 24.08 14.76
CA GLY A 1 -4.23 22.97 14.54
C GLY A 1 -4.09 22.63 13.07
N SER A 2 -4.46 23.55 12.20
CA SER A 2 -4.38 23.32 10.76
C SER A 2 -2.98 22.88 10.35
N GLN A 3 -1.97 23.44 11.01
CA GLN A 3 -0.58 23.09 10.72
C GLN A 3 -0.18 21.80 11.42
N ALA A 4 -0.87 21.50 12.52
CA ALA A 4 -0.58 20.29 13.29
C ALA A 4 -1.14 19.06 12.59
N ASP A 5 -2.19 19.24 11.80
CA ASP A 5 -2.80 18.15 11.06
C ASP A 5 -1.94 17.72 9.89
N LEU A 6 -1.61 18.69 9.03
CA LEU A 6 -0.78 18.42 7.85
C LEU A 6 0.59 17.93 8.26
N ALA A 7 1.15 18.54 9.31
CA ALA A 7 2.47 18.15 9.79
C ALA A 7 2.45 16.79 10.45
N GLU A 8 1.23 16.26 10.67
CA GLU A 8 1.08 14.96 11.29
C GLU A 8 1.12 13.84 10.25
N ALA A 9 0.74 14.19 9.02
CA ALA A 9 0.72 13.22 7.93
C ALA A 9 1.88 13.47 6.97
N LEU A 10 2.33 14.71 6.90
CA LEU A 10 3.43 15.09 6.01
C LEU A 10 4.61 14.14 6.18
N PRO A 11 5.06 13.98 7.43
CA PRO A 11 6.18 13.10 7.76
C PRO A 11 5.84 11.62 7.58
N LEU A 12 4.56 11.34 7.42
CA LEU A 12 4.09 9.97 7.24
C LEU A 12 4.13 9.57 5.77
N LEU A 13 3.50 10.36 4.92
CA LEU A 13 3.46 10.08 3.50
C LEU A 13 4.86 10.09 2.90
N GLU A 14 5.64 11.11 3.24
CA GLU A 14 7.01 11.24 2.75
C GLU A 14 7.87 10.09 3.26
N ALA A 15 7.59 9.65 4.47
CA ALA A 15 8.34 8.55 5.07
C ALA A 15 8.16 7.26 4.28
N ALA A 16 7.06 7.17 3.55
CA ALA A 16 6.76 5.98 2.74
C ALA A 16 7.39 6.10 1.36
N LEU A 17 7.11 7.20 0.68
CA LEU A 17 7.64 7.43 -0.66
C LEU A 17 9.16 7.27 -0.68
N LYS A 18 9.81 7.72 0.38
CA LYS A 18 11.26 7.62 0.49
C LYS A 18 11.72 6.17 0.42
N ALA A 19 10.84 5.26 0.83
CA ALA A 19 11.15 3.83 0.82
C ALA A 19 11.22 3.31 -0.62
N LEU A 20 10.14 3.51 -1.37
CA LEU A 20 10.09 3.05 -2.76
C LEU A 20 11.07 3.83 -3.62
N ASP A 21 11.47 5.01 -3.15
CA ASP A 21 12.40 5.85 -3.88
C ASP A 21 13.78 5.20 -3.95
N THR A 22 14.16 4.53 -2.86
CA THR A 22 15.45 3.87 -2.79
C THR A 22 15.36 2.43 -3.28
N LEU A 23 14.24 2.10 -3.91
CA LEU A 23 14.03 0.75 -4.43
C LEU A 23 14.33 0.68 -5.92
N LYS A 24 14.26 -0.51 -6.49
CA LYS A 24 14.53 -0.70 -7.91
C LYS A 24 13.44 -1.56 -8.56
N PRO A 25 13.35 -1.47 -9.90
CA PRO A 25 12.35 -2.22 -10.67
C PRO A 25 12.63 -3.71 -10.68
N ALA A 26 13.92 -4.08 -10.65
CA ALA A 26 14.33 -5.47 -10.65
C ALA A 26 14.01 -6.14 -9.32
N ASP A 27 13.98 -5.35 -8.26
CA ASP A 27 13.69 -5.87 -6.93
C ASP A 27 12.24 -6.34 -6.83
N ILE A 28 11.41 -5.85 -7.74
CA ILE A 28 9.99 -6.22 -7.76
C ILE A 28 9.79 -7.56 -8.47
N THR A 29 10.20 -7.62 -9.74
CA THR A 29 10.07 -8.84 -10.52
C THR A 29 10.78 -10.00 -9.85
N GLU A 30 11.74 -9.69 -8.99
CA GLU A 30 12.50 -10.71 -8.29
C GLU A 30 11.57 -11.72 -7.61
N VAL A 31 10.38 -11.26 -7.23
CA VAL A 31 9.41 -12.11 -6.58
C VAL A 31 8.65 -12.97 -7.60
N LYS A 32 8.42 -12.40 -8.78
CA LYS A 32 7.71 -13.10 -9.84
C LYS A 32 8.53 -14.29 -10.34
N GLY A 33 9.83 -14.27 -10.07
CA GLY A 33 10.70 -15.35 -10.50
C GLY A 33 10.48 -16.62 -9.70
N MET A 34 10.64 -16.52 -8.38
CA MET A 34 10.46 -17.67 -7.50
C MET A 34 9.14 -18.36 -7.77
N LYS A 35 9.02 -19.61 -7.32
CA LYS A 35 7.80 -20.38 -7.52
C LYS A 35 6.58 -19.60 -7.05
N SER A 36 6.68 -19.02 -5.85
CA SER A 36 5.58 -18.25 -5.30
C SER A 36 6.07 -17.37 -4.15
N PRO A 37 5.40 -16.23 -3.95
CA PRO A 37 5.74 -15.27 -2.90
C PRO A 37 5.41 -15.81 -1.50
N PRO A 38 5.96 -15.15 -0.47
CA PRO A 38 5.74 -15.54 0.93
C PRO A 38 4.31 -15.28 1.38
N ALA A 39 3.95 -15.83 2.54
CA ALA A 39 2.62 -15.65 3.09
C ALA A 39 2.46 -14.28 3.74
N GLY A 40 3.60 -13.63 3.99
CA GLY A 40 3.57 -12.30 4.61
C GLY A 40 3.41 -11.19 3.59
N VAL A 41 4.32 -11.13 2.63
CA VAL A 41 4.28 -10.10 1.61
C VAL A 41 2.96 -10.15 0.84
N ARG A 42 2.48 -11.37 0.59
CA ARG A 42 1.22 -11.55 -0.14
C ARG A 42 0.05 -10.95 0.63
N ARG A 43 0.24 -10.76 1.93
CA ARG A 43 -0.80 -10.19 2.77
C ARG A 43 -0.74 -8.67 2.77
N VAL A 44 0.47 -8.12 2.63
CA VAL A 44 0.67 -6.69 2.61
C VAL A 44 0.45 -6.13 1.20
N LEU A 45 1.12 -6.71 0.23
CA LEU A 45 1.00 -6.27 -1.16
C LEU A 45 -0.44 -6.35 -1.63
N GLU A 46 -1.25 -7.15 -0.93
CA GLU A 46 -2.65 -7.31 -1.28
C GLU A 46 -3.39 -5.98 -1.20
N ALA A 47 -2.95 -5.11 -0.29
CA ALA A 47 -3.57 -3.81 -0.12
C ALA A 47 -3.31 -2.91 -1.32
N ILE A 48 -2.30 -3.27 -2.12
CA ILE A 48 -1.94 -2.50 -3.30
C ILE A 48 -2.81 -2.89 -4.49
N CYS A 49 -3.26 -4.14 -4.50
CA CYS A 49 -4.10 -4.64 -5.58
C CYS A 49 -5.56 -4.22 -5.38
N ILE A 50 -5.97 -4.12 -4.12
CA ILE A 50 -7.33 -3.72 -3.80
C ILE A 50 -7.54 -2.23 -4.03
N MET A 51 -6.46 -1.47 -4.00
CA MET A 51 -6.52 -0.03 -4.21
C MET A 51 -6.75 0.30 -5.68
N LYS A 52 -6.59 -0.71 -6.54
CA LYS A 52 -6.77 -0.53 -7.96
C LYS A 52 -7.94 -1.36 -8.47
N GLY A 53 -8.30 -2.39 -7.72
CA GLY A 53 -9.41 -3.25 -8.10
C GLY A 53 -8.98 -4.38 -9.02
N VAL A 54 -7.91 -5.07 -8.64
CA VAL A 54 -7.40 -6.18 -9.44
C VAL A 54 -8.15 -7.47 -9.12
N LYS A 55 -8.58 -8.16 -10.17
CA LYS A 55 -9.32 -9.41 -10.01
C LYS A 55 -8.35 -10.59 -9.93
N PRO A 56 -8.81 -11.68 -9.27
CA PRO A 56 -8.00 -12.89 -9.11
C PRO A 56 -7.80 -13.64 -10.43
N ALA A 57 -7.24 -14.84 -10.34
CA ALA A 57 -6.99 -15.66 -11.52
C ALA A 57 -7.91 -16.87 -11.55
N ARG A 58 -7.64 -17.79 -12.46
CA ARG A 58 -8.44 -19.01 -12.59
C ARG A 58 -7.58 -20.25 -12.48
N VAL A 59 -7.89 -21.10 -11.49
CA VAL A 59 -7.13 -22.33 -11.26
C VAL A 59 -8.02 -23.39 -10.63
N LYS A 60 -7.50 -24.61 -10.58
CA LYS A 60 -8.23 -25.73 -9.99
C LYS A 60 -7.66 -26.11 -8.63
N ASP A 61 -8.54 -26.20 -7.64
CA ASP A 61 -8.12 -26.56 -6.28
C ASP A 61 -7.51 -27.96 -6.25
N THR A 62 -6.33 -28.06 -5.65
CA THR A 62 -5.64 -29.34 -5.55
C THR A 62 -6.13 -30.14 -4.36
N ALA A 63 -6.69 -29.45 -3.37
CA ALA A 63 -7.21 -30.10 -2.18
C ALA A 63 -8.70 -30.37 -2.31
N SER A 64 -9.39 -29.57 -3.10
CA SER A 64 -10.82 -29.73 -3.31
C SER A 64 -11.11 -30.43 -4.63
N GLY A 65 -10.32 -30.10 -5.65
CA GLY A 65 -10.51 -30.70 -6.96
C GLY A 65 -11.60 -30.02 -7.76
N ARG A 66 -11.92 -28.78 -7.40
CA ARG A 66 -12.95 -28.02 -8.09
C ARG A 66 -12.38 -26.73 -8.67
N MET A 67 -13.23 -25.94 -9.32
CA MET A 67 -12.81 -24.68 -9.91
C MET A 67 -12.73 -23.58 -8.85
N VAL A 68 -11.60 -22.88 -8.81
CA VAL A 68 -11.40 -21.81 -7.85
C VAL A 68 -10.57 -20.68 -8.46
N ASP A 69 -10.36 -19.63 -7.67
CA ASP A 69 -9.58 -18.48 -8.13
C ASP A 69 -8.16 -18.53 -7.57
N ASP A 70 -7.22 -17.93 -8.30
CA ASP A 70 -5.83 -17.91 -7.87
C ASP A 70 -5.42 -16.50 -7.44
N TYR A 71 -5.07 -16.35 -6.16
CA TYR A 71 -4.66 -15.06 -5.63
C TYR A 71 -3.19 -14.80 -5.90
N TRP A 72 -2.47 -15.86 -6.24
CA TRP A 72 -1.03 -15.75 -6.53
C TRP A 72 -0.80 -15.00 -7.84
N GLU A 73 -1.37 -15.53 -8.93
CA GLU A 73 -1.23 -14.91 -10.24
C GLU A 73 -1.59 -13.43 -10.19
N ALA A 74 -2.78 -13.13 -9.68
CA ALA A 74 -3.24 -11.75 -9.57
C ALA A 74 -2.29 -10.93 -8.71
N SER A 75 -1.52 -11.59 -7.87
CA SER A 75 -0.58 -10.92 -6.99
C SER A 75 0.75 -10.66 -7.70
N LYS A 76 1.45 -11.74 -8.05
CA LYS A 76 2.73 -11.63 -8.74
C LYS A 76 2.59 -10.79 -10.00
N LYS A 77 1.42 -10.83 -10.62
CA LYS A 77 1.16 -10.07 -11.84
C LYS A 77 1.41 -8.58 -11.62
N MET A 78 1.35 -8.16 -10.36
CA MET A 78 1.57 -6.76 -10.02
C MET A 78 3.06 -6.47 -9.85
N LEU A 79 3.83 -7.52 -9.55
CA LEU A 79 5.27 -7.37 -9.37
C LEU A 79 5.99 -7.46 -10.71
N MET A 80 5.43 -8.24 -11.64
CA MET A 80 6.03 -8.40 -12.96
C MET A 80 6.18 -7.04 -13.66
N GLU A 81 5.41 -6.06 -13.21
CA GLU A 81 5.46 -4.73 -13.79
C GLU A 81 6.76 -4.02 -13.42
N PHE A 82 7.31 -3.25 -14.36
CA PHE A 82 8.55 -2.53 -14.12
C PHE A 82 8.28 -1.15 -13.53
N ASP A 83 7.03 -0.69 -13.67
CA ASP A 83 6.63 0.61 -13.15
C ASP A 83 5.52 0.48 -12.12
N PHE A 84 5.41 -0.72 -11.54
CA PHE A 84 4.39 -0.98 -10.54
C PHE A 84 4.53 -0.05 -9.34
N LEU A 85 5.70 -0.09 -8.71
CA LEU A 85 5.98 0.74 -7.55
C LEU A 85 6.07 2.22 -7.95
N ASP A 86 6.37 2.46 -9.21
CA ASP A 86 6.48 3.82 -9.72
C ASP A 86 5.10 4.42 -9.98
N SER A 87 4.10 3.55 -10.10
CA SER A 87 2.73 3.99 -10.34
C SER A 87 2.05 4.41 -9.05
N LEU A 88 2.20 3.59 -8.01
CA LEU A 88 1.60 3.85 -6.72
C LEU A 88 2.15 5.16 -6.12
N ARG A 89 3.45 5.38 -6.31
CA ARG A 89 4.10 6.57 -5.80
C ARG A 89 3.67 7.81 -6.58
N LYS A 90 3.16 7.59 -7.79
CA LYS A 90 2.71 8.68 -8.64
C LYS A 90 1.18 8.74 -8.68
N PHE A 91 0.54 7.96 -7.82
CA PHE A 91 -0.92 7.92 -7.76
C PHE A 91 -1.47 9.29 -7.38
N ASP A 92 -2.71 9.54 -7.76
CA ASP A 92 -3.37 10.80 -7.45
C ASP A 92 -4.25 10.68 -6.22
N LYS A 93 -3.90 11.40 -5.16
CA LYS A 93 -4.65 11.37 -3.92
C LYS A 93 -6.02 12.01 -4.10
N ASP A 94 -6.22 12.68 -5.23
CA ASP A 94 -7.49 13.33 -5.53
C ASP A 94 -8.49 12.32 -6.10
N HIS A 95 -8.08 11.07 -6.18
CA HIS A 95 -8.93 10.02 -6.72
C HIS A 95 -8.75 8.72 -5.93
N ILE A 96 -8.73 8.83 -4.60
CA ILE A 96 -8.57 7.67 -3.75
C ILE A 96 -9.91 7.04 -3.40
N PRO A 97 -10.15 5.83 -3.93
CA PRO A 97 -11.39 5.10 -3.70
C PRO A 97 -11.51 4.59 -2.26
N PRO A 98 -12.48 5.13 -1.52
CA PRO A 98 -12.71 4.75 -0.12
C PRO A 98 -13.27 3.33 0.01
N GLU A 99 -13.61 2.73 -1.13
CA GLU A 99 -14.15 1.38 -1.13
C GLU A 99 -13.04 0.35 -1.04
N VAL A 100 -11.81 0.78 -1.34
CA VAL A 100 -10.65 -0.11 -1.29
C VAL A 100 -10.07 -0.17 0.12
N ILE A 101 -10.25 0.90 0.88
CA ILE A 101 -9.75 0.95 2.25
C ILE A 101 -10.62 0.14 3.19
N VAL A 102 -11.80 -0.25 2.71
CA VAL A 102 -12.73 -1.03 3.51
C VAL A 102 -12.22 -2.46 3.71
N LYS A 103 -11.40 -2.93 2.77
CA LYS A 103 -10.85 -4.27 2.85
C LYS A 103 -9.63 -4.30 3.77
N ILE A 104 -8.81 -3.25 3.70
CA ILE A 104 -7.62 -3.15 4.52
C ILE A 104 -7.89 -2.34 5.79
N ARG A 105 -9.15 -1.99 6.00
CA ARG A 105 -9.55 -1.22 7.18
C ARG A 105 -9.00 -1.87 8.45
N PRO A 106 -9.35 -3.14 8.68
CA PRO A 106 -8.90 -3.89 9.86
C PRO A 106 -7.41 -4.20 9.81
N PHE A 107 -6.81 -4.03 8.64
CA PHE A 107 -5.39 -4.29 8.47
C PHE A 107 -4.55 -3.08 8.87
N ALA A 108 -5.11 -1.90 8.63
CA ALA A 108 -4.42 -0.66 8.97
C ALA A 108 -3.97 -0.65 10.43
N GLN A 109 -4.64 -1.45 11.25
CA GLN A 109 -4.32 -1.53 12.66
C GLN A 109 -3.67 -2.87 13.00
N ASP A 110 -3.74 -3.81 12.05
CA ASP A 110 -3.15 -5.13 12.25
C ASP A 110 -1.64 -5.04 12.40
N PRO A 111 -1.10 -5.79 13.37
CA PRO A 111 0.35 -5.81 13.63
C PRO A 111 1.13 -6.50 12.53
N GLU A 112 0.41 -7.09 11.57
CA GLU A 112 1.05 -7.79 10.46
C GLU A 112 0.92 -6.97 9.17
N PHE A 113 0.60 -5.69 9.31
CA PHE A 113 0.45 -4.81 8.16
C PHE A 113 1.04 -3.43 8.45
N GLN A 114 1.76 -3.32 9.57
CA GLN A 114 2.38 -2.06 9.96
C GLN A 114 3.70 -1.86 9.25
N PRO A 115 4.05 -0.60 8.98
CA PRO A 115 5.29 -0.24 8.28
C PRO A 115 6.52 -0.49 9.16
N LYS A 116 6.33 -0.47 10.47
CA LYS A 116 7.41 -0.69 11.41
C LYS A 116 7.64 -2.19 11.64
N VAL A 117 6.57 -2.97 11.54
CA VAL A 117 6.66 -4.42 11.73
C VAL A 117 7.11 -5.10 10.44
N ILE A 118 6.51 -4.72 9.33
CA ILE A 118 6.85 -5.30 8.04
C ILE A 118 8.34 -5.20 7.76
N GLU A 119 8.98 -4.23 8.41
CA GLU A 119 10.42 -4.03 8.23
C GLU A 119 11.20 -5.25 8.69
N LYS A 120 10.65 -5.97 9.66
CA LYS A 120 11.29 -7.18 10.19
C LYS A 120 11.05 -8.37 9.27
N GLN A 121 9.97 -8.31 8.50
CA GLN A 121 9.63 -9.39 7.58
C GLN A 121 10.17 -9.11 6.18
N SER A 122 9.74 -8.02 5.58
CA SER A 122 10.17 -7.64 4.25
C SER A 122 10.49 -6.15 4.18
N VAL A 123 11.75 -5.80 4.43
CA VAL A 123 12.18 -4.40 4.40
C VAL A 123 11.64 -3.69 3.16
N ALA A 124 11.74 -4.36 2.02
CA ALA A 124 11.26 -3.80 0.76
C ALA A 124 9.75 -3.63 0.77
N CYS A 125 9.06 -4.62 1.31
CA CYS A 125 7.60 -4.59 1.39
C CYS A 125 7.13 -3.50 2.33
N ALA A 126 7.90 -3.24 3.37
CA ALA A 126 7.57 -2.21 4.35
C ALA A 126 7.34 -0.87 3.67
N GLY A 127 7.97 -0.67 2.51
CA GLY A 127 7.81 0.57 1.78
C GLY A 127 6.46 0.69 1.11
N LEU A 128 5.83 -0.45 0.86
CA LEU A 128 4.51 -0.47 0.23
C LEU A 128 3.42 -0.05 1.20
N CYS A 129 3.25 -0.84 2.25
CA CYS A 129 2.23 -0.54 3.27
C CYS A 129 2.44 0.84 3.86
N SER A 130 3.69 1.19 4.12
CA SER A 130 4.03 2.49 4.69
C SER A 130 3.33 3.61 3.93
N TRP A 131 3.14 3.42 2.63
CA TRP A 131 2.48 4.41 1.79
C TRP A 131 0.97 4.26 1.86
N VAL A 132 0.52 3.01 1.94
CA VAL A 132 -0.92 2.73 2.00
C VAL A 132 -1.52 3.25 3.30
N ILE A 133 -0.82 3.04 4.40
CA ILE A 133 -1.29 3.49 5.71
C ILE A 133 -1.03 4.98 5.90
N ALA A 134 -0.07 5.51 5.15
CA ALA A 134 0.26 6.92 5.23
C ALA A 134 -0.69 7.77 4.40
N LEU A 135 -0.86 7.39 3.14
CA LEU A 135 -1.76 8.12 2.24
C LEU A 135 -3.13 8.32 2.87
N GLU A 136 -3.65 7.26 3.48
CA GLU A 136 -4.96 7.32 4.13
C GLU A 136 -5.00 8.43 5.17
N LYS A 137 -3.86 8.70 5.79
CA LYS A 137 -3.76 9.74 6.80
C LYS A 137 -3.53 11.10 6.17
N TYR A 138 -3.15 11.10 4.89
CA TYR A 138 -2.89 12.34 4.17
C TYR A 138 -4.18 12.87 3.53
N ASP A 139 -5.11 11.96 3.26
CA ASP A 139 -6.39 12.33 2.64
C ASP A 139 -7.36 12.87 3.69
N LYS A 140 -7.17 12.44 4.93
CA LYS A 140 -8.03 12.87 6.03
C LYS A 140 -7.59 14.23 6.56
N VAL A 141 -6.32 14.56 6.36
CA VAL A 141 -5.78 15.84 6.80
C VAL A 141 -6.01 16.93 5.77
N ILE A 142 -5.95 16.54 4.50
CA ILE A 142 -6.15 17.48 3.40
C ILE A 142 -7.47 18.22 3.54
N LYS A 143 -8.39 17.63 4.30
CA LYS A 143 -9.70 18.23 4.52
C LYS A 143 -9.60 19.50 5.36
N GLU A 144 -8.41 19.71 5.94
CA GLU A 144 -8.18 20.88 6.77
C GLU A 144 -6.69 21.18 6.88
N VAL A 145 -5.93 20.79 5.86
CA VAL A 145 -4.49 21.01 5.85
C VAL A 145 -4.16 22.47 5.54
N GLU A 146 -4.87 23.03 4.58
CA GLU A 146 -4.65 24.42 4.19
C GLU A 146 -5.96 25.08 3.73
N PRO A 147 -6.89 25.26 4.67
CA PRO A 147 -8.19 25.87 4.38
C PRO A 147 -8.08 27.35 4.06
N LYS A 148 -6.94 27.95 4.39
CA LYS A 148 -6.70 29.35 4.14
C LYS A 148 -7.84 30.21 4.70
N ARG A 149 -8.01 30.16 6.02
CA ARG A 149 -9.05 30.93 6.68
C ARG A 149 -8.55 31.56 7.97
N GLN A 150 -7.90 30.74 8.80
CA GLN A 150 -7.37 31.21 10.07
C GLN A 150 -6.00 30.61 10.34
N LYS A 151 -5.39 30.99 11.46
CA LYS A 151 -4.06 30.50 11.83
C LYS A 151 -3.86 30.57 13.34
N LEU A 152 -3.49 29.45 13.94
CA LEU A 152 -3.26 29.38 15.38
C LEU A 152 -2.26 30.46 15.82
N ARG A 153 -2.35 30.86 17.08
CA ARG A 153 -1.44 31.87 17.62
C ARG A 153 0.00 31.38 17.60
N GLU A 154 0.30 30.42 18.46
CA GLU A 154 1.65 29.86 18.55
C GLU A 154 2.67 30.95 18.86
N ALA A 155 2.26 31.92 19.68
CA ALA A 155 3.14 33.01 20.06
C ALA A 155 3.86 32.71 21.37
N GLY A 1 -1.62 21.72 17.20
CA GLY A 1 -0.92 22.59 16.28
C GLY A 1 -1.01 22.13 14.84
N SER A 2 -1.45 23.01 13.96
CA SER A 2 -1.60 22.68 12.54
C SER A 2 -0.24 22.40 11.91
N GLN A 3 0.72 23.27 12.19
CA GLN A 3 2.07 23.12 11.64
C GLN A 3 2.76 21.90 12.22
N ALA A 4 2.34 21.51 13.43
CA ALA A 4 2.92 20.35 14.10
C ALA A 4 2.28 19.05 13.60
N ASP A 5 1.02 19.14 13.19
CA ASP A 5 0.30 17.98 12.69
C ASP A 5 0.88 17.52 11.35
N LEU A 6 1.00 18.45 10.42
CA LEU A 6 1.54 18.13 9.10
C LEU A 6 2.97 17.65 9.20
N ALA A 7 3.76 18.30 10.06
CA ALA A 7 5.15 17.93 10.25
C ALA A 7 5.28 16.59 10.96
N GLU A 8 4.16 16.10 11.48
CA GLU A 8 4.15 14.82 12.18
C GLU A 8 3.93 13.66 11.21
N ALA A 9 3.28 13.95 10.08
CA ALA A 9 3.01 12.94 9.08
C ALA A 9 3.91 13.12 7.86
N LEU A 10 4.34 14.36 7.63
CA LEU A 10 5.20 14.66 6.50
C LEU A 10 6.39 13.71 6.43
N PRO A 11 7.12 13.60 7.55
CA PRO A 11 8.29 12.72 7.66
C PRO A 11 7.91 11.25 7.65
N LEU A 12 6.61 10.98 7.79
CA LEU A 12 6.11 9.61 7.79
C LEU A 12 5.82 9.12 6.38
N LEU A 13 5.00 9.88 5.66
CA LEU A 13 4.63 9.53 4.29
C LEU A 13 5.85 9.51 3.40
N GLU A 14 6.55 10.64 3.32
CA GLU A 14 7.75 10.74 2.49
C GLU A 14 8.75 9.63 2.84
N ALA A 15 8.76 9.24 4.11
CA ALA A 15 9.67 8.19 4.57
C ALA A 15 9.42 6.88 3.84
N ALA A 16 8.19 6.72 3.33
CA ALA A 16 7.82 5.51 2.60
C ALA A 16 8.12 5.66 1.11
N LEU A 17 7.65 6.75 0.52
CA LEU A 17 7.87 7.00 -0.89
C LEU A 17 9.35 7.12 -1.21
N LYS A 18 10.14 7.41 -0.19
CA LYS A 18 11.59 7.54 -0.36
C LYS A 18 12.26 6.17 -0.43
N ALA A 19 11.59 5.15 0.13
CA ALA A 19 12.11 3.80 0.12
C ALA A 19 12.06 3.20 -1.29
N LEU A 20 11.08 3.64 -2.08
CA LEU A 20 10.93 3.15 -3.44
C LEU A 20 11.84 3.90 -4.41
N ASP A 21 12.21 5.12 -4.03
CA ASP A 21 13.08 5.94 -4.85
C ASP A 21 14.45 5.31 -5.00
N THR A 22 14.91 4.63 -3.96
CA THR A 22 16.21 3.97 -3.97
C THR A 22 16.09 2.53 -4.48
N LEU A 23 14.94 1.93 -4.23
CA LEU A 23 14.68 0.55 -4.67
C LEU A 23 14.71 0.44 -6.19
N LYS A 24 14.31 -0.71 -6.71
CA LYS A 24 14.28 -0.94 -8.14
C LYS A 24 12.99 -1.63 -8.55
N PRO A 25 12.64 -1.51 -9.85
CA PRO A 25 11.43 -2.13 -10.40
C PRO A 25 11.52 -3.65 -10.46
N ALA A 26 12.73 -4.15 -10.72
CA ALA A 26 12.95 -5.59 -10.79
C ALA A 26 12.98 -6.22 -9.42
N ASP A 27 13.23 -5.40 -8.40
CA ASP A 27 13.31 -5.88 -7.03
C ASP A 27 11.95 -6.42 -6.57
N ILE A 28 10.89 -5.90 -7.17
CA ILE A 28 9.53 -6.33 -6.82
C ILE A 28 9.15 -7.59 -7.57
N THR A 29 9.23 -7.54 -8.90
CA THR A 29 8.90 -8.68 -9.73
C THR A 29 9.76 -9.90 -9.38
N GLU A 30 10.90 -9.64 -8.75
CA GLU A 30 11.81 -10.71 -8.35
C GLU A 30 11.10 -11.71 -7.44
N VAL A 31 10.02 -11.27 -6.81
CA VAL A 31 9.25 -12.13 -5.91
C VAL A 31 8.28 -13.01 -6.68
N LYS A 32 7.80 -12.50 -7.81
CA LYS A 32 6.86 -13.24 -8.64
C LYS A 32 7.52 -14.50 -9.21
N GLY A 33 8.84 -14.55 -9.13
CA GLY A 33 9.56 -15.72 -9.63
C GLY A 33 9.29 -16.97 -8.82
N MET A 34 9.60 -16.92 -7.53
CA MET A 34 9.38 -18.06 -6.65
C MET A 34 7.94 -18.56 -6.74
N LYS A 35 7.69 -19.74 -6.20
CA LYS A 35 6.36 -20.33 -6.22
C LYS A 35 5.31 -19.34 -5.69
N SER A 36 5.66 -18.66 -4.60
CA SER A 36 4.76 -17.70 -3.99
C SER A 36 5.52 -16.77 -3.05
N PRO A 37 4.91 -15.60 -2.76
CA PRO A 37 5.52 -14.59 -1.87
C PRO A 37 5.55 -15.06 -0.42
N PRO A 38 6.31 -14.32 0.42
CA PRO A 38 6.45 -14.64 1.84
C PRO A 38 5.16 -14.37 2.61
N ALA A 39 5.11 -14.85 3.86
CA ALA A 39 3.95 -14.67 4.70
C ALA A 39 3.92 -13.26 5.29
N GLY A 40 5.05 -12.56 5.20
CA GLY A 40 5.13 -11.22 5.74
C GLY A 40 4.68 -10.16 4.74
N VAL A 41 4.98 -10.39 3.46
CA VAL A 41 4.59 -9.46 2.41
C VAL A 41 3.17 -9.73 1.93
N ARG A 42 2.72 -10.97 2.09
CA ARG A 42 1.38 -11.36 1.68
C ARG A 42 0.34 -10.39 2.23
N ARG A 43 0.61 -9.84 3.41
CA ARG A 43 -0.30 -8.90 4.04
C ARG A 43 -0.03 -7.47 3.57
N VAL A 44 1.23 -7.18 3.28
CA VAL A 44 1.62 -5.85 2.82
C VAL A 44 1.10 -5.59 1.41
N LEU A 45 1.48 -6.46 0.47
CA LEU A 45 1.05 -6.32 -0.91
C LEU A 45 -0.46 -6.16 -1.01
N GLU A 46 -1.18 -6.76 -0.05
CA GLU A 46 -2.63 -6.69 -0.03
C GLU A 46 -3.10 -5.27 0.32
N ALA A 47 -2.40 -4.64 1.27
CA ALA A 47 -2.75 -3.28 1.69
C ALA A 47 -2.57 -2.30 0.54
N ILE A 48 -1.80 -2.69 -0.46
CA ILE A 48 -1.56 -1.84 -1.62
C ILE A 48 -2.66 -1.98 -2.66
N CYS A 49 -3.12 -3.23 -2.86
CA CYS A 49 -4.17 -3.50 -3.83
C CYS A 49 -5.55 -3.23 -3.22
N ILE A 50 -5.62 -3.22 -1.90
CA ILE A 50 -6.86 -2.98 -1.19
C ILE A 50 -7.12 -1.48 -1.04
N MET A 51 -6.04 -0.71 -0.93
CA MET A 51 -6.15 0.73 -0.78
C MET A 51 -6.66 1.39 -2.07
N LYS A 52 -6.44 0.70 -3.20
CA LYS A 52 -6.89 1.21 -4.48
C LYS A 52 -8.18 0.55 -4.92
N GLY A 53 -8.42 -0.66 -4.41
CA GLY A 53 -9.63 -1.39 -4.76
C GLY A 53 -9.46 -2.23 -6.01
N VAL A 54 -8.36 -2.98 -6.08
CA VAL A 54 -8.09 -3.82 -7.22
C VAL A 54 -9.17 -4.87 -7.41
N LYS A 55 -9.50 -5.17 -8.66
CA LYS A 55 -10.54 -6.16 -8.97
C LYS A 55 -9.92 -7.54 -9.19
N PRO A 56 -10.72 -8.58 -8.97
CA PRO A 56 -10.29 -9.97 -9.13
C PRO A 56 -10.04 -10.33 -10.59
N ALA A 57 -9.37 -11.45 -10.82
CA ALA A 57 -9.07 -11.91 -12.18
C ALA A 57 -10.15 -12.87 -12.68
N ARG A 58 -9.98 -13.35 -13.90
CA ARG A 58 -10.93 -14.28 -14.50
C ARG A 58 -10.22 -15.40 -15.24
N VAL A 59 -10.44 -16.64 -14.80
CA VAL A 59 -9.82 -17.80 -15.41
C VAL A 59 -10.68 -19.04 -15.23
N LYS A 60 -10.35 -20.09 -15.98
CA LYS A 60 -11.09 -21.35 -15.89
C LYS A 60 -10.38 -22.34 -14.97
N ASP A 61 -11.16 -23.03 -14.15
CA ASP A 61 -10.61 -24.01 -13.22
C ASP A 61 -10.25 -25.30 -13.93
N THR A 62 -9.06 -25.80 -13.67
CA THR A 62 -8.59 -27.03 -14.30
C THR A 62 -9.10 -28.26 -13.55
N ALA A 63 -9.40 -28.09 -12.27
CA ALA A 63 -9.91 -29.18 -11.44
C ALA A 63 -11.43 -29.22 -11.46
N SER A 64 -12.05 -28.06 -11.68
CA SER A 64 -13.51 -27.97 -11.72
C SER A 64 -14.01 -27.97 -13.16
N GLY A 65 -13.23 -27.37 -14.05
CA GLY A 65 -13.61 -27.31 -15.45
C GLY A 65 -14.67 -26.26 -15.72
N ARG A 66 -14.80 -25.31 -14.79
CA ARG A 66 -15.78 -24.24 -14.93
C ARG A 66 -15.12 -22.87 -14.79
N MET A 67 -15.92 -21.82 -14.92
CA MET A 67 -15.41 -20.46 -14.81
C MET A 67 -15.23 -20.06 -13.34
N VAL A 68 -14.05 -19.56 -13.01
CA VAL A 68 -13.75 -19.15 -11.64
C VAL A 68 -12.93 -17.86 -11.63
N ASP A 69 -12.67 -17.33 -10.44
CA ASP A 69 -11.90 -16.11 -10.28
C ASP A 69 -10.56 -16.40 -9.61
N ASP A 70 -9.57 -15.58 -9.90
CA ASP A 70 -8.23 -15.74 -9.33
C ASP A 70 -7.82 -14.50 -8.55
N TYR A 71 -7.85 -14.61 -7.22
CA TYR A 71 -7.48 -13.49 -6.36
C TYR A 71 -5.97 -13.38 -6.21
N TRP A 72 -5.27 -14.48 -6.48
CA TRP A 72 -3.82 -14.52 -6.39
C TRP A 72 -3.18 -13.84 -7.61
N GLU A 73 -3.70 -14.18 -8.79
CA GLU A 73 -3.17 -13.61 -10.03
C GLU A 73 -3.13 -12.09 -9.96
N ALA A 74 -4.25 -11.49 -9.55
CA ALA A 74 -4.34 -10.04 -9.43
C ALA A 74 -3.34 -9.51 -8.41
N SER A 75 -2.91 -10.38 -7.50
CA SER A 75 -1.96 -10.00 -6.46
C SER A 75 -0.54 -10.02 -6.99
N LYS A 76 -0.08 -11.21 -7.36
CA LYS A 76 1.28 -11.37 -7.89
C LYS A 76 1.50 -10.47 -9.11
N LYS A 77 0.43 -10.21 -9.85
CA LYS A 77 0.51 -9.36 -11.04
C LYS A 77 0.88 -7.92 -10.65
N MET A 78 0.75 -7.61 -9.36
CA MET A 78 1.07 -6.29 -8.86
C MET A 78 2.57 -6.15 -8.58
N LEU A 79 3.21 -7.29 -8.36
CA LEU A 79 4.64 -7.30 -8.07
C LEU A 79 5.46 -7.48 -9.35
N MET A 80 4.88 -8.18 -10.32
CA MET A 80 5.55 -8.42 -11.59
C MET A 80 5.66 -7.13 -12.40
N GLU A 81 4.83 -6.14 -12.05
CA GLU A 81 4.84 -4.87 -12.75
C GLU A 81 6.14 -4.12 -12.50
N PHE A 82 6.67 -3.49 -13.54
CA PHE A 82 7.92 -2.75 -13.45
C PHE A 82 7.66 -1.30 -13.05
N ASP A 83 6.41 -0.86 -13.19
CA ASP A 83 6.02 0.50 -12.85
C ASP A 83 5.02 0.50 -11.70
N PHE A 84 4.98 -0.58 -10.95
CA PHE A 84 4.06 -0.70 -9.83
C PHE A 84 4.43 0.27 -8.71
N LEU A 85 5.71 0.29 -8.36
CA LEU A 85 6.20 1.19 -7.31
C LEU A 85 5.99 2.65 -7.70
N ASP A 86 5.92 2.90 -8.99
CA ASP A 86 5.73 4.26 -9.50
C ASP A 86 4.24 4.63 -9.50
N SER A 87 3.39 3.61 -9.47
CA SER A 87 1.95 3.84 -9.46
C SER A 87 1.45 4.13 -8.06
N LEU A 88 2.10 3.55 -7.06
CA LEU A 88 1.72 3.75 -5.66
C LEU A 88 2.14 5.14 -5.19
N ARG A 89 3.27 5.61 -5.68
CA ARG A 89 3.79 6.92 -5.30
C ARG A 89 2.90 8.04 -5.85
N LYS A 90 2.35 7.81 -7.04
CA LYS A 90 1.48 8.79 -7.68
C LYS A 90 0.06 8.68 -7.14
N PHE A 91 -0.15 7.75 -6.22
CA PHE A 91 -1.47 7.55 -5.63
C PHE A 91 -1.98 8.83 -4.97
N ASP A 92 -3.28 9.05 -5.06
CA ASP A 92 -3.90 10.23 -4.48
C ASP A 92 -4.76 9.87 -3.28
N LYS A 93 -4.67 10.67 -2.22
CA LYS A 93 -5.44 10.43 -1.01
C LYS A 93 -6.70 11.30 -0.98
N ASP A 94 -7.17 11.68 -2.16
CA ASP A 94 -8.37 12.51 -2.27
C ASP A 94 -9.56 11.68 -2.74
N HIS A 95 -9.41 10.36 -2.71
CA HIS A 95 -10.48 9.46 -3.13
C HIS A 95 -10.32 8.09 -2.47
N ILE A 96 -9.97 8.09 -1.19
CA ILE A 96 -9.79 6.85 -0.44
C ILE A 96 -10.97 6.60 0.50
N PRO A 97 -11.81 5.62 0.14
CA PRO A 97 -12.99 5.26 0.93
C PRO A 97 -12.61 4.58 2.25
N PRO A 98 -13.51 4.68 3.24
CA PRO A 98 -13.29 4.08 4.55
C PRO A 98 -13.35 2.55 4.52
N GLU A 99 -13.75 2.01 3.38
CA GLU A 99 -13.85 0.56 3.22
C GLU A 99 -12.47 -0.05 2.98
N VAL A 100 -11.58 0.74 2.40
CA VAL A 100 -10.23 0.27 2.13
C VAL A 100 -9.31 0.46 3.33
N ILE A 101 -9.68 1.38 4.20
CA ILE A 101 -8.90 1.66 5.41
C ILE A 101 -9.34 0.78 6.56
N VAL A 102 -10.60 0.34 6.52
CA VAL A 102 -11.14 -0.51 7.57
C VAL A 102 -10.60 -1.93 7.46
N LYS A 103 -10.08 -2.27 6.28
CA LYS A 103 -9.53 -3.60 6.04
C LYS A 103 -8.13 -3.72 6.63
N ILE A 104 -7.45 -2.59 6.76
CA ILE A 104 -6.10 -2.57 7.31
C ILE A 104 -6.09 -1.96 8.72
N ARG A 105 -7.28 -1.80 9.29
CA ARG A 105 -7.40 -1.23 10.63
C ARG A 105 -6.67 -2.09 11.65
N PRO A 106 -7.05 -3.37 11.72
CA PRO A 106 -6.43 -4.33 12.66
C PRO A 106 -4.99 -4.66 12.29
N PHE A 107 -4.61 -4.33 11.06
CA PHE A 107 -3.26 -4.59 10.58
C PHE A 107 -2.32 -3.44 10.92
N ALA A 108 -2.86 -2.23 10.93
CA ALA A 108 -2.07 -1.03 11.24
C ALA A 108 -1.38 -1.18 12.60
N GLN A 109 -1.94 -2.03 13.46
CA GLN A 109 -1.38 -2.25 14.78
C GLN A 109 -0.81 -3.67 14.90
N ASP A 110 -0.85 -4.40 13.80
CA ASP A 110 -0.34 -5.77 13.78
C ASP A 110 1.18 -5.78 13.66
N PRO A 111 1.84 -6.66 14.42
CA PRO A 111 3.29 -6.79 14.42
C PRO A 111 3.82 -7.39 13.12
N GLU A 112 2.90 -7.83 12.27
CA GLU A 112 3.27 -8.44 10.99
C GLU A 112 2.89 -7.52 9.83
N PHE A 113 2.72 -6.24 10.14
CA PHE A 113 2.36 -5.25 9.12
C PHE A 113 3.15 -3.97 9.30
N GLN A 114 4.13 -4.00 10.21
CA GLN A 114 4.95 -2.84 10.48
C GLN A 114 6.18 -2.82 9.58
N PRO A 115 6.71 -1.61 9.32
CA PRO A 115 7.89 -1.42 8.47
C PRO A 115 9.17 -1.95 9.11
N LYS A 116 9.15 -2.06 10.44
CA LYS A 116 10.30 -2.55 11.18
C LYS A 116 10.38 -4.07 11.13
N VAL A 117 9.21 -4.72 11.06
CA VAL A 117 9.15 -6.17 10.99
C VAL A 117 9.29 -6.66 9.56
N ILE A 118 8.57 -6.01 8.65
CA ILE A 118 8.60 -6.38 7.23
C ILE A 118 10.00 -6.19 6.66
N GLU A 119 10.80 -5.35 7.31
CA GLU A 119 12.16 -5.07 6.86
C GLU A 119 13.12 -6.16 7.37
N LYS A 120 12.71 -6.87 8.40
CA LYS A 120 13.54 -7.92 8.97
C LYS A 120 13.67 -9.10 8.01
N GLN A 121 12.71 -9.22 7.10
CA GLN A 121 12.72 -10.30 6.11
C GLN A 121 12.72 -9.75 4.70
N SER A 122 11.96 -8.68 4.48
CA SER A 122 11.87 -8.05 3.18
C SER A 122 12.09 -6.55 3.27
N VAL A 123 13.36 -6.14 3.31
CA VAL A 123 13.70 -4.73 3.40
C VAL A 123 13.05 -3.92 2.29
N ALA A 124 13.15 -4.43 1.06
CA ALA A 124 12.56 -3.76 -0.09
C ALA A 124 11.05 -3.58 0.10
N CYS A 125 10.34 -4.68 0.30
CA CYS A 125 8.90 -4.64 0.48
C CYS A 125 8.53 -3.80 1.70
N ALA A 126 9.46 -3.69 2.64
CA ALA A 126 9.23 -2.92 3.86
C ALA A 126 8.74 -1.51 3.52
N GLY A 127 9.23 -0.97 2.40
CA GLY A 127 8.83 0.36 1.99
C GLY A 127 7.35 0.45 1.66
N LEU A 128 6.79 -0.64 1.15
CA LEU A 128 5.38 -0.68 0.79
C LEU A 128 4.49 -0.56 2.04
N CYS A 129 4.60 -1.54 2.93
CA CYS A 129 3.82 -1.55 4.15
C CYS A 129 4.04 -0.26 4.95
N SER A 130 5.19 0.37 4.72
CA SER A 130 5.53 1.61 5.42
C SER A 130 4.72 2.78 4.86
N TRP A 131 4.31 2.66 3.62
CA TRP A 131 3.53 3.72 2.97
C TRP A 131 2.05 3.58 3.31
N VAL A 132 1.58 2.34 3.44
CA VAL A 132 0.18 2.09 3.77
C VAL A 132 -0.18 2.66 5.13
N ILE A 133 0.72 2.51 6.09
CA ILE A 133 0.50 3.01 7.44
C ILE A 133 0.79 4.51 7.53
N ALA A 134 1.73 4.96 6.71
CA ALA A 134 2.09 6.38 6.68
C ALA A 134 1.02 7.21 6.00
N LEU A 135 0.64 6.82 4.79
CA LEU A 135 -0.37 7.53 4.03
C LEU A 135 -1.63 7.74 4.87
N GLU A 136 -1.95 6.75 5.70
CA GLU A 136 -3.13 6.83 6.56
C GLU A 136 -2.98 7.95 7.59
N LYS A 137 -1.76 8.16 8.05
CA LYS A 137 -1.48 9.21 9.02
C LYS A 137 -1.34 10.58 8.35
N TYR A 138 -1.22 10.56 7.02
CA TYR A 138 -1.07 11.79 6.26
C TYR A 138 -2.44 12.34 5.85
N ASP A 139 -3.42 11.44 5.76
CA ASP A 139 -4.78 11.84 5.38
C ASP A 139 -5.55 12.36 6.58
N LYS A 140 -5.13 11.95 7.78
CA LYS A 140 -5.78 12.38 9.01
C LYS A 140 -5.29 13.76 9.44
N VAL A 141 -4.11 14.14 8.95
CA VAL A 141 -3.54 15.44 9.27
C VAL A 141 -4.00 16.51 8.29
N ILE A 142 -4.20 16.10 7.04
CA ILE A 142 -4.64 17.03 5.99
C ILE A 142 -5.92 17.74 6.40
N LYS A 143 -6.66 17.13 7.32
CA LYS A 143 -7.91 17.70 7.81
C LYS A 143 -7.68 19.11 8.37
N GLU A 144 -6.52 19.31 8.99
CA GLU A 144 -6.19 20.60 9.57
C GLU A 144 -4.70 20.90 9.40
N VAL A 145 -4.10 20.34 8.35
CA VAL A 145 -2.69 20.56 8.08
C VAL A 145 -2.39 22.02 7.78
N GLU A 146 -3.18 22.60 6.87
CA GLU A 146 -3.00 24.00 6.50
C GLU A 146 -4.35 24.71 6.42
N PRO A 147 -4.93 25.00 7.60
CA PRO A 147 -6.22 25.68 7.69
C PRO A 147 -6.14 27.15 7.27
N LYS A 148 -4.92 27.63 7.04
CA LYS A 148 -4.70 29.00 6.62
C LYS A 148 -4.78 29.14 5.10
N ARG A 149 -5.84 28.59 4.53
CA ARG A 149 -6.03 28.65 3.08
C ARG A 149 -7.50 28.86 2.73
N GLN A 150 -7.82 28.81 1.44
CA GLN A 150 -9.19 29.00 0.98
C GLN A 150 -10.15 28.08 1.74
N LYS A 151 -11.23 28.66 2.26
CA LYS A 151 -12.22 27.90 3.01
C LYS A 151 -13.28 27.34 2.07
N LEU A 152 -12.86 26.52 1.11
CA LEU A 152 -13.77 25.92 0.16
C LEU A 152 -13.76 24.40 0.28
N ARG A 153 -12.80 23.87 1.05
CA ARG A 153 -12.69 22.44 1.25
C ARG A 153 -12.90 22.08 2.72
N GLU A 154 -13.74 22.86 3.39
CA GLU A 154 -14.02 22.62 4.81
C GLU A 154 -15.51 22.66 5.08
N ALA A 155 -16.00 21.69 5.85
CA ALA A 155 -17.41 21.62 6.19
C ALA A 155 -17.74 22.50 7.39
N GLY A 1 -2.73 23.61 17.62
CA GLY A 1 -3.67 22.50 17.62
C GLY A 1 -3.86 21.90 16.24
N SER A 2 -3.57 22.69 15.22
CA SER A 2 -3.72 22.22 13.84
C SER A 2 -2.36 21.89 13.22
N GLN A 3 -1.33 22.59 13.68
CA GLN A 3 0.02 22.38 13.17
C GLN A 3 0.60 21.07 13.72
N ALA A 4 0.11 20.65 14.89
CA ALA A 4 0.58 19.43 15.52
C ALA A 4 -0.07 18.20 14.88
N ASP A 5 -1.26 18.40 14.32
CA ASP A 5 -1.99 17.31 13.68
C ASP A 5 -1.33 16.92 12.35
N LEU A 6 -1.06 17.92 11.52
CA LEU A 6 -0.43 17.70 10.22
C LEU A 6 1.01 17.22 10.38
N ALA A 7 1.72 17.81 11.34
CA ALA A 7 3.10 17.46 11.60
C ALA A 7 3.20 16.07 12.23
N GLU A 8 2.06 15.51 12.62
CA GLU A 8 2.02 14.20 13.23
C GLU A 8 1.93 13.10 12.17
N ALA A 9 1.36 13.45 11.02
CA ALA A 9 1.21 12.50 9.92
C ALA A 9 2.18 12.81 8.79
N LEU A 10 2.57 14.08 8.68
CA LEU A 10 3.49 14.52 7.64
C LEU A 10 4.72 13.60 7.59
N PRO A 11 5.37 13.44 8.75
CA PRO A 11 6.57 12.59 8.86
C PRO A 11 6.25 11.11 8.72
N LEU A 12 4.95 10.78 8.76
CA LEU A 12 4.51 9.39 8.63
C LEU A 12 4.31 9.02 7.17
N LEU A 13 3.49 9.81 6.47
CA LEU A 13 3.21 9.57 5.06
C LEU A 13 4.48 9.71 4.23
N GLU A 14 5.21 10.79 4.43
CA GLU A 14 6.45 11.04 3.70
C GLU A 14 7.48 9.95 3.99
N ALA A 15 7.44 9.43 5.21
CA ALA A 15 8.37 8.39 5.61
C ALA A 15 8.24 7.14 4.73
N ALA A 16 7.06 7.00 4.11
CA ALA A 16 6.81 5.87 3.24
C ALA A 16 7.25 6.16 1.81
N LEU A 17 6.81 7.30 1.27
CA LEU A 17 7.16 7.70 -0.08
C LEU A 17 8.67 7.66 -0.29
N LYS A 18 9.41 8.13 0.72
CA LYS A 18 10.87 8.16 0.65
C LYS A 18 11.43 6.73 0.56
N ALA A 19 10.70 5.78 1.14
CA ALA A 19 11.13 4.38 1.12
C ALA A 19 11.20 3.85 -0.31
N LEU A 20 10.27 4.29 -1.15
CA LEU A 20 10.23 3.87 -2.54
C LEU A 20 11.31 4.57 -3.36
N ASP A 21 11.79 5.69 -2.85
CA ASP A 21 12.82 6.46 -3.54
C ASP A 21 14.11 5.65 -3.65
N THR A 22 14.39 4.84 -2.63
CA THR A 22 15.59 4.02 -2.61
C THR A 22 15.32 2.63 -3.17
N LEU A 23 14.18 2.48 -3.86
CA LEU A 23 13.81 1.20 -4.44
C LEU A 23 14.07 1.19 -5.95
N LYS A 24 13.78 0.06 -6.58
CA LYS A 24 13.98 -0.08 -8.02
C LYS A 24 12.80 -0.80 -8.66
N PRO A 25 12.65 -0.64 -9.98
CA PRO A 25 11.56 -1.27 -10.74
C PRO A 25 11.74 -2.78 -10.85
N ALA A 26 12.99 -3.23 -10.90
CA ALA A 26 13.28 -4.65 -11.00
C ALA A 26 13.19 -5.32 -9.64
N ASP A 27 13.32 -4.54 -8.58
CA ASP A 27 13.26 -5.06 -7.23
C ASP A 27 11.85 -5.54 -6.89
N ILE A 28 10.85 -4.92 -7.52
CA ILE A 28 9.45 -5.28 -7.29
C ILE A 28 9.06 -6.49 -8.13
N THR A 29 9.30 -6.41 -9.44
CA THR A 29 8.98 -7.49 -10.35
C THR A 29 9.67 -8.78 -9.94
N GLU A 30 10.76 -8.65 -9.18
CA GLU A 30 11.52 -9.81 -8.72
C GLU A 30 10.62 -10.78 -7.96
N VAL A 31 9.55 -10.26 -7.39
CA VAL A 31 8.60 -11.07 -6.63
C VAL A 31 7.68 -11.85 -7.56
N LYS A 32 7.49 -11.33 -8.77
CA LYS A 32 6.63 -11.98 -9.75
C LYS A 32 7.32 -13.19 -10.37
N GLY A 33 8.65 -13.19 -10.33
CA GLY A 33 9.41 -14.30 -10.88
C GLY A 33 9.35 -15.54 -10.02
N MET A 34 9.78 -15.41 -8.77
CA MET A 34 9.77 -16.53 -7.83
C MET A 34 8.39 -17.16 -7.76
N LYS A 35 8.29 -18.29 -7.07
CA LYS A 35 7.02 -19.00 -6.92
C LYS A 35 5.93 -18.05 -6.43
N SER A 36 6.12 -17.52 -5.23
CA SER A 36 5.14 -16.61 -4.64
C SER A 36 5.76 -15.80 -3.50
N PRO A 37 5.16 -14.65 -3.19
CA PRO A 37 5.63 -13.77 -2.12
C PRO A 37 5.42 -14.38 -0.74
N PRO A 38 6.08 -13.79 0.29
CA PRO A 38 5.97 -14.24 1.67
C PRO A 38 4.60 -13.98 2.27
N ALA A 39 4.33 -14.58 3.43
CA ALA A 39 3.05 -14.40 4.11
C ALA A 39 2.95 -13.01 4.73
N GLY A 40 4.09 -12.34 4.85
CA GLY A 40 4.11 -11.01 5.44
C GLY A 40 3.85 -9.92 4.42
N VAL A 41 4.38 -10.12 3.21
CA VAL A 41 4.20 -9.13 2.13
C VAL A 41 2.89 -9.36 1.40
N ARG A 42 2.47 -10.62 1.32
CA ARG A 42 1.23 -10.97 0.63
C ARG A 42 0.07 -10.13 1.16
N ARG A 43 0.17 -9.70 2.41
CA ARG A 43 -0.87 -8.89 3.03
C ARG A 43 -0.66 -7.41 2.72
N VAL A 44 0.59 -7.01 2.59
CA VAL A 44 0.93 -5.61 2.29
C VAL A 44 0.54 -5.25 0.86
N LEU A 45 1.05 -6.01 -0.09
CA LEU A 45 0.76 -5.77 -1.50
C LEU A 45 -0.74 -5.69 -1.74
N GLU A 46 -1.51 -6.35 -0.89
CA GLU A 46 -2.96 -6.35 -1.00
C GLU A 46 -3.54 -5.02 -0.53
N ALA A 47 -2.96 -4.47 0.52
CA ALA A 47 -3.43 -3.19 1.07
C ALA A 47 -3.25 -2.07 0.06
N ILE A 48 -2.43 -2.32 -0.96
CA ILE A 48 -2.18 -1.33 -2.00
C ILE A 48 -3.25 -1.38 -3.09
N CYS A 49 -3.63 -2.59 -3.49
CA CYS A 49 -4.64 -2.77 -4.51
C CYS A 49 -6.04 -2.65 -3.92
N ILE A 50 -6.18 -3.00 -2.65
CA ILE A 50 -7.47 -2.92 -1.96
C ILE A 50 -7.89 -1.47 -1.74
N MET A 51 -6.91 -0.58 -1.64
CA MET A 51 -7.18 0.83 -1.43
C MET A 51 -7.59 1.51 -2.73
N LYS A 52 -7.26 0.87 -3.85
CA LYS A 52 -7.60 1.41 -5.17
C LYS A 52 -8.90 0.80 -5.69
N GLY A 53 -9.18 -0.43 -5.27
CA GLY A 53 -10.39 -1.10 -5.71
C GLY A 53 -10.14 -2.06 -6.85
N VAL A 54 -9.02 -2.77 -6.80
CA VAL A 54 -8.66 -3.72 -7.84
C VAL A 54 -9.42 -5.03 -7.67
N LYS A 55 -9.65 -5.73 -8.77
CA LYS A 55 -10.37 -7.01 -8.74
C LYS A 55 -9.41 -8.17 -9.02
N PRO A 56 -9.80 -9.37 -8.57
CA PRO A 56 -8.99 -10.58 -8.75
C PRO A 56 -8.96 -11.04 -10.20
N ALA A 57 -8.42 -12.23 -10.43
CA ALA A 57 -8.32 -12.78 -11.78
C ALA A 57 -9.16 -14.04 -11.92
N ARG A 58 -9.24 -14.56 -13.14
CA ARG A 58 -10.01 -15.77 -13.40
C ARG A 58 -9.17 -16.82 -14.12
N VAL A 59 -9.09 -18.01 -13.53
CA VAL A 59 -8.31 -19.10 -14.12
C VAL A 59 -8.88 -20.46 -13.72
N LYS A 60 -8.38 -21.51 -14.35
CA LYS A 60 -8.83 -22.87 -14.06
C LYS A 60 -7.95 -23.52 -13.02
N ASP A 61 -8.56 -24.19 -12.05
CA ASP A 61 -7.83 -24.86 -10.99
C ASP A 61 -7.16 -26.13 -11.52
N THR A 62 -5.89 -26.33 -11.15
CA THR A 62 -5.14 -27.50 -11.59
C THR A 62 -5.42 -28.70 -10.69
N ALA A 63 -5.91 -28.43 -9.49
CA ALA A 63 -6.23 -29.49 -8.55
C ALA A 63 -7.66 -29.99 -8.74
N SER A 64 -8.56 -29.06 -9.05
CA SER A 64 -9.97 -29.41 -9.26
C SER A 64 -10.27 -29.61 -10.74
N GLY A 65 -9.65 -28.78 -11.59
CA GLY A 65 -9.87 -28.89 -13.01
C GLY A 65 -11.12 -28.15 -13.47
N ARG A 66 -11.51 -27.13 -12.72
CA ARG A 66 -12.69 -26.35 -13.05
C ARG A 66 -12.37 -24.86 -13.09
N MET A 67 -13.38 -24.05 -13.36
CA MET A 67 -13.21 -22.60 -13.43
C MET A 67 -13.23 -21.99 -12.04
N VAL A 68 -12.18 -21.24 -11.71
CA VAL A 68 -12.07 -20.59 -10.41
C VAL A 68 -11.48 -19.19 -10.54
N ASP A 69 -11.32 -18.52 -9.41
CA ASP A 69 -10.77 -17.16 -9.39
C ASP A 69 -9.44 -17.13 -8.65
N ASP A 70 -8.54 -16.26 -9.09
CA ASP A 70 -7.23 -16.13 -8.48
C ASP A 70 -6.93 -14.68 -8.12
N TYR A 71 -6.97 -14.37 -6.83
CA TYR A 71 -6.71 -13.02 -6.35
C TYR A 71 -5.22 -12.73 -6.31
N TRP A 72 -4.42 -13.78 -6.28
CA TRP A 72 -2.97 -13.65 -6.25
C TRP A 72 -2.43 -13.20 -7.60
N GLU A 73 -2.88 -13.87 -8.66
CA GLU A 73 -2.44 -13.54 -10.01
C GLU A 73 -2.68 -12.07 -10.32
N ALA A 74 -3.71 -11.50 -9.69
CA ALA A 74 -4.04 -10.09 -9.90
C ALA A 74 -3.21 -9.19 -9.01
N SER A 75 -2.68 -9.75 -7.93
CA SER A 75 -1.87 -9.00 -6.98
C SER A 75 -0.41 -8.97 -7.44
N LYS A 76 0.12 -10.13 -7.81
CA LYS A 76 1.50 -10.23 -8.27
C LYS A 76 1.70 -9.47 -9.57
N LYS A 77 0.66 -9.40 -10.38
CA LYS A 77 0.71 -8.69 -11.66
C LYS A 77 0.92 -7.19 -11.43
N MET A 78 0.69 -6.74 -10.21
CA MET A 78 0.85 -5.33 -9.86
C MET A 78 2.31 -5.02 -9.51
N LEU A 79 3.03 -6.05 -9.07
CA LEU A 79 4.43 -5.88 -8.70
C LEU A 79 5.33 -5.91 -9.93
N MET A 80 4.94 -6.70 -10.92
CA MET A 80 5.71 -6.80 -12.15
C MET A 80 5.88 -5.44 -12.82
N GLU A 81 4.99 -4.51 -12.50
CA GLU A 81 5.05 -3.17 -13.05
C GLU A 81 6.30 -2.44 -12.59
N PHE A 82 6.95 -1.74 -13.52
CA PHE A 82 8.17 -1.00 -13.20
C PHE A 82 7.84 0.41 -12.70
N ASP A 83 6.61 0.84 -12.96
CA ASP A 83 6.16 2.16 -12.54
C ASP A 83 5.06 2.06 -11.50
N PHE A 84 4.94 0.88 -10.88
CA PHE A 84 3.92 0.66 -9.86
C PHE A 84 4.19 1.51 -8.62
N LEU A 85 5.46 1.59 -8.23
CA LEU A 85 5.85 2.37 -7.05
C LEU A 85 5.66 3.86 -7.31
N ASP A 86 5.73 4.25 -8.59
CA ASP A 86 5.56 5.65 -8.96
C ASP A 86 4.09 6.02 -9.07
N SER A 87 3.24 4.99 -9.22
CA SER A 87 1.80 5.22 -9.34
C SER A 87 1.16 5.40 -7.97
N LEU A 88 1.71 4.72 -6.97
CA LEU A 88 1.19 4.80 -5.61
C LEU A 88 1.57 6.14 -4.97
N ARG A 89 2.76 6.64 -5.30
CA ARG A 89 3.23 7.90 -4.76
C ARG A 89 2.57 9.08 -5.47
N LYS A 90 2.11 8.84 -6.70
CA LYS A 90 1.45 9.89 -7.48
C LYS A 90 -0.07 9.73 -7.42
N PHE A 91 -0.54 8.85 -6.55
CA PHE A 91 -1.97 8.61 -6.38
C PHE A 91 -2.59 9.68 -5.49
N ASP A 92 -3.89 9.90 -5.67
CA ASP A 92 -4.62 10.89 -4.88
C ASP A 92 -5.48 10.22 -3.82
N LYS A 93 -5.26 10.59 -2.57
CA LYS A 93 -6.02 10.02 -1.46
C LYS A 93 -7.35 10.75 -1.29
N ASP A 94 -7.63 11.68 -2.19
CA ASP A 94 -8.87 12.45 -2.13
C ASP A 94 -10.02 11.65 -2.72
N HIS A 95 -9.72 10.44 -3.19
CA HIS A 95 -10.74 9.57 -3.78
C HIS A 95 -10.70 8.19 -3.15
N ILE A 96 -10.20 8.11 -1.92
CA ILE A 96 -10.10 6.84 -1.21
C ILE A 96 -11.17 6.74 -0.12
N PRO A 97 -12.19 5.91 -0.38
CA PRO A 97 -13.29 5.69 0.56
C PRO A 97 -12.85 4.93 1.81
N PRO A 98 -13.56 5.16 2.93
CA PRO A 98 -13.25 4.50 4.20
C PRO A 98 -13.58 3.03 4.18
N GLU A 99 -14.25 2.58 3.12
CA GLU A 99 -14.64 1.18 2.98
C GLU A 99 -13.42 0.32 2.65
N VAL A 100 -12.34 0.96 2.21
CA VAL A 100 -11.12 0.25 1.86
C VAL A 100 -10.23 0.05 3.09
N ILE A 101 -10.30 0.98 4.03
CA ILE A 101 -9.51 0.90 5.25
C ILE A 101 -10.13 -0.10 6.23
N VAL A 102 -11.36 -0.49 5.96
CA VAL A 102 -12.06 -1.45 6.82
C VAL A 102 -11.42 -2.83 6.74
N LYS A 103 -10.72 -3.10 5.64
CA LYS A 103 -10.06 -4.37 5.45
C LYS A 103 -8.70 -4.39 6.13
N ILE A 104 -8.06 -3.23 6.22
CA ILE A 104 -6.76 -3.11 6.84
C ILE A 104 -6.88 -2.58 8.27
N ARG A 105 -8.11 -2.44 8.74
CA ARG A 105 -8.36 -1.95 10.09
C ARG A 105 -7.74 -2.86 11.14
N PRO A 106 -8.12 -4.16 11.10
CA PRO A 106 -7.60 -5.15 12.03
C PRO A 106 -6.14 -5.49 11.78
N PHE A 107 -5.66 -5.15 10.58
CA PHE A 107 -4.27 -5.41 10.21
C PHE A 107 -3.36 -4.27 10.65
N ALA A 108 -3.91 -3.06 10.69
CA ALA A 108 -3.15 -1.89 11.10
C ALA A 108 -2.46 -2.13 12.43
N GLN A 109 -3.02 -3.03 13.23
CA GLN A 109 -2.45 -3.35 14.53
C GLN A 109 -1.75 -4.71 14.52
N ASP A 110 -2.04 -5.50 13.49
CA ASP A 110 -1.44 -6.81 13.36
C ASP A 110 0.08 -6.71 13.23
N PRO A 111 0.80 -7.59 13.95
CA PRO A 111 2.25 -7.62 13.93
C PRO A 111 2.82 -8.10 12.60
N GLU A 112 1.93 -8.54 11.71
CA GLU A 112 2.34 -9.02 10.40
C GLU A 112 1.94 -8.04 9.30
N PHE A 113 1.72 -6.78 9.70
CA PHE A 113 1.33 -5.75 8.75
C PHE A 113 1.99 -4.41 9.10
N GLN A 114 2.95 -4.46 10.02
CA GLN A 114 3.66 -3.26 10.45
C GLN A 114 4.95 -3.07 9.66
N PRO A 115 5.37 -1.82 9.51
CA PRO A 115 6.60 -1.48 8.79
C PRO A 115 7.86 -1.92 9.52
N LYS A 116 7.70 -2.29 10.79
CA LYS A 116 8.83 -2.74 11.60
C LYS A 116 9.14 -4.20 11.31
N VAL A 117 8.11 -4.99 11.05
CA VAL A 117 8.28 -6.42 10.75
C VAL A 117 8.54 -6.64 9.27
N ILE A 118 7.74 -5.99 8.43
CA ILE A 118 7.89 -6.12 6.99
C ILE A 118 9.26 -5.66 6.53
N GLU A 119 9.96 -4.94 7.41
CA GLU A 119 11.29 -4.43 7.09
C GLU A 119 12.37 -5.42 7.54
N LYS A 120 11.93 -6.57 8.04
CA LYS A 120 12.87 -7.60 8.51
C LYS A 120 13.09 -8.65 7.42
N GLN A 121 12.08 -8.83 6.57
CA GLN A 121 12.17 -9.80 5.48
C GLN A 121 12.40 -9.11 4.14
N SER A 122 11.62 -8.08 3.87
CA SER A 122 11.74 -7.34 2.62
C SER A 122 11.67 -5.84 2.87
N VAL A 123 12.83 -5.24 3.12
CA VAL A 123 12.91 -3.80 3.37
C VAL A 123 12.18 -3.00 2.28
N ALA A 124 12.41 -3.39 1.03
CA ALA A 124 11.78 -2.72 -0.09
C ALA A 124 10.27 -2.65 0.09
N CYS A 125 9.64 -3.80 0.29
CA CYS A 125 8.19 -3.88 0.47
C CYS A 125 7.78 -3.15 1.75
N ALA A 126 8.70 -3.06 2.70
CA ALA A 126 8.43 -2.39 3.97
C ALA A 126 7.95 -0.96 3.74
N GLY A 127 8.31 -0.39 2.60
CA GLY A 127 7.90 0.97 2.28
C GLY A 127 6.45 1.06 1.88
N LEU A 128 5.87 -0.06 1.48
CA LEU A 128 4.47 -0.11 1.07
C LEU A 128 3.55 -0.11 2.28
N CYS A 129 3.71 -1.10 3.15
CA CYS A 129 2.88 -1.21 4.35
C CYS A 129 2.96 0.08 5.17
N SER A 130 4.09 0.76 5.10
CA SER A 130 4.29 1.99 5.84
C SER A 130 3.54 3.15 5.19
N TRP A 131 3.21 2.99 3.91
CA TRP A 131 2.50 4.01 3.17
C TRP A 131 0.99 3.87 3.36
N VAL A 132 0.51 2.63 3.30
CA VAL A 132 -0.92 2.36 3.48
C VAL A 132 -1.37 2.67 4.90
N ILE A 133 -0.51 2.37 5.86
CA ILE A 133 -0.82 2.62 7.27
C ILE A 133 -0.64 4.10 7.61
N ALA A 134 0.18 4.79 6.82
CA ALA A 134 0.44 6.20 7.04
C ALA A 134 -0.62 7.07 6.38
N LEU A 135 -0.95 6.75 5.13
CA LEU A 135 -1.96 7.50 4.39
C LEU A 135 -3.25 7.61 5.18
N GLU A 136 -3.68 6.49 5.75
CA GLU A 136 -4.91 6.46 6.53
C GLU A 136 -4.85 7.47 7.68
N LYS A 137 -3.64 7.81 8.10
CA LYS A 137 -3.45 8.77 9.17
C LYS A 137 -3.47 10.20 8.64
N TYR A 138 -3.10 10.36 7.38
CA TYR A 138 -3.08 11.67 6.75
C TYR A 138 -4.49 12.16 6.45
N ASP A 139 -5.40 11.21 6.24
CA ASP A 139 -6.79 11.54 5.94
C ASP A 139 -7.54 11.94 7.21
N LYS A 140 -7.07 11.43 8.34
CA LYS A 140 -7.70 11.72 9.63
C LYS A 140 -7.22 13.06 10.17
N VAL A 141 -6.00 13.45 9.80
CA VAL A 141 -5.42 14.71 10.25
C VAL A 141 -5.81 15.85 9.31
N ILE A 142 -6.05 15.51 8.05
CA ILE A 142 -6.42 16.51 7.05
C ILE A 142 -7.68 17.26 7.48
N LYS A 143 -8.43 16.67 8.40
CA LYS A 143 -9.66 17.28 8.89
C LYS A 143 -9.36 18.43 9.85
N GLU A 144 -8.11 18.49 10.31
CA GLU A 144 -7.69 19.55 11.22
C GLU A 144 -6.27 20.03 10.89
N VAL A 145 -5.80 19.66 9.70
CA VAL A 145 -4.48 20.06 9.26
C VAL A 145 -4.42 21.54 8.90
N GLU A 146 -5.42 21.99 8.13
CA GLU A 146 -5.49 23.38 7.71
C GLU A 146 -6.94 23.83 7.58
N PRO A 147 -7.64 23.91 8.72
CA PRO A 147 -9.04 24.33 8.77
C PRO A 147 -9.21 25.81 8.46
N LYS A 148 -8.42 26.65 9.12
CA LYS A 148 -8.48 28.09 8.91
C LYS A 148 -7.20 28.60 8.24
N ARG A 149 -6.77 27.91 7.19
CA ARG A 149 -5.55 28.29 6.48
C ARG A 149 -5.47 27.57 5.14
N GLN A 150 -4.82 28.22 4.17
CA GLN A 150 -4.67 27.64 2.84
C GLN A 150 -3.23 27.19 2.60
N LYS A 151 -2.98 26.60 1.44
CA LYS A 151 -1.65 26.12 1.08
C LYS A 151 -1.61 25.64 -0.36
N LEU A 152 -0.69 26.20 -1.14
CA LEU A 152 -0.54 25.83 -2.55
C LEU A 152 -0.47 24.31 -2.69
N ARG A 153 -1.02 23.80 -3.80
CA ARG A 153 -1.02 22.37 -4.06
C ARG A 153 -0.04 22.03 -5.19
N GLU A 154 -0.42 22.37 -6.42
CA GLU A 154 0.42 22.10 -7.58
C GLU A 154 -0.16 22.74 -8.83
N ALA A 155 0.61 23.63 -9.45
CA ALA A 155 0.17 24.31 -10.65
C ALA A 155 1.31 24.47 -11.64
N GLY A 1 -4.69 23.17 14.98
CA GLY A 1 -4.20 21.90 14.49
C GLY A 1 -4.21 21.82 12.96
N SER A 2 -3.56 22.78 12.33
CA SER A 2 -3.50 22.83 10.86
C SER A 2 -2.17 22.27 10.36
N GLN A 3 -1.07 22.75 10.95
CA GLN A 3 0.26 22.30 10.55
C GLN A 3 0.60 20.97 11.21
N ALA A 4 0.07 20.74 12.41
CA ALA A 4 0.32 19.50 13.13
C ALA A 4 -0.34 18.32 12.43
N ASP A 5 -1.26 18.61 11.52
CA ASP A 5 -1.95 17.56 10.77
C ASP A 5 -1.19 17.18 9.52
N LEU A 6 -0.79 18.18 8.75
CA LEU A 6 -0.04 17.95 7.52
C LEU A 6 1.37 17.43 7.82
N ALA A 7 1.99 17.99 8.85
CA ALA A 7 3.33 17.58 9.25
C ALA A 7 3.32 16.19 9.87
N GLU A 8 2.13 15.68 10.13
CA GLU A 8 1.97 14.36 10.74
C GLU A 8 1.92 13.28 9.66
N ALA A 9 1.48 13.66 8.46
CA ALA A 9 1.38 12.72 7.35
C ALA A 9 2.47 12.99 6.32
N LEU A 10 2.94 14.23 6.25
CA LEU A 10 3.99 14.61 5.31
C LEU A 10 5.16 13.64 5.38
N PRO A 11 5.69 13.45 6.60
CA PRO A 11 6.82 12.54 6.84
C PRO A 11 6.44 11.07 6.65
N LEU A 12 5.14 10.81 6.55
CA LEU A 12 4.65 9.45 6.37
C LEU A 12 4.59 9.08 4.89
N LEU A 13 3.91 9.91 4.11
CA LEU A 13 3.78 9.66 2.67
C LEU A 13 5.15 9.63 2.00
N GLU A 14 5.92 10.70 2.18
CA GLU A 14 7.25 10.78 1.60
C GLU A 14 8.12 9.59 2.04
N ALA A 15 7.92 9.16 3.27
CA ALA A 15 8.68 8.04 3.81
C ALA A 15 8.39 6.76 3.04
N ALA A 16 7.26 6.73 2.34
CA ALA A 16 6.87 5.57 1.56
C ALA A 16 7.44 5.64 0.16
N LEU A 17 7.14 6.73 -0.55
CA LEU A 17 7.63 6.92 -1.91
C LEU A 17 9.15 6.76 -1.97
N LYS A 18 9.82 7.25 -0.94
CA LYS A 18 11.28 7.17 -0.88
C LYS A 18 11.73 5.72 -0.70
N ALA A 19 10.86 4.90 -0.13
CA ALA A 19 11.18 3.49 0.08
C ALA A 19 11.24 2.73 -1.24
N LEU A 20 10.42 3.15 -2.19
CA LEU A 20 10.38 2.51 -3.50
C LEU A 20 11.50 3.04 -4.40
N ASP A 21 11.98 4.24 -4.10
CA ASP A 21 13.04 4.85 -4.88
C ASP A 21 14.37 4.15 -4.63
N THR A 22 14.70 3.93 -3.35
CA THR A 22 15.94 3.27 -2.99
C THR A 22 15.99 1.85 -3.53
N LEU A 23 14.82 1.27 -3.78
CA LEU A 23 14.72 -0.08 -4.31
C LEU A 23 14.97 -0.10 -5.81
N LYS A 24 14.93 -1.29 -6.40
CA LYS A 24 15.16 -1.45 -7.84
C LYS A 24 14.05 -2.28 -8.47
N PRO A 25 13.90 -2.16 -9.80
CA PRO A 25 12.88 -2.91 -10.55
C PRO A 25 13.18 -4.40 -10.62
N ALA A 26 14.46 -4.75 -10.48
CA ALA A 26 14.87 -6.15 -10.53
C ALA A 26 14.59 -6.84 -9.19
N ASP A 27 14.49 -6.05 -8.13
CA ASP A 27 14.23 -6.59 -6.80
C ASP A 27 12.79 -7.11 -6.70
N ILE A 28 11.86 -6.38 -7.30
CA ILE A 28 10.45 -6.77 -7.27
C ILE A 28 10.22 -8.02 -8.11
N THR A 29 10.62 -7.96 -9.38
CA THR A 29 10.45 -9.09 -10.29
C THR A 29 11.16 -10.33 -9.75
N GLU A 30 12.13 -10.12 -8.87
CA GLU A 30 12.89 -11.23 -8.30
C GLU A 30 11.95 -12.24 -7.66
N VAL A 31 10.79 -11.79 -7.21
CA VAL A 31 9.80 -12.66 -6.59
C VAL A 31 9.05 -13.47 -7.64
N LYS A 32 8.90 -12.90 -8.82
CA LYS A 32 8.19 -13.57 -9.91
C LYS A 32 8.99 -14.77 -10.42
N GLY A 33 10.30 -14.74 -10.20
CA GLY A 33 11.14 -15.84 -10.64
C GLY A 33 10.97 -17.08 -9.79
N MET A 34 11.21 -16.94 -8.49
CA MET A 34 11.09 -18.06 -7.56
C MET A 34 9.71 -18.71 -7.68
N LYS A 35 9.54 -19.85 -7.01
CA LYS A 35 8.27 -20.56 -7.03
C LYS A 35 7.11 -19.62 -6.72
N SER A 36 7.10 -19.09 -5.50
CA SER A 36 6.04 -18.18 -5.07
C SER A 36 6.48 -17.38 -3.84
N PRO A 37 5.84 -16.22 -3.64
CA PRO A 37 6.14 -15.34 -2.50
C PRO A 37 5.70 -15.94 -1.17
N PRO A 38 6.17 -15.33 -0.07
CA PRO A 38 5.82 -15.79 1.29
C PRO A 38 4.37 -15.53 1.64
N ALA A 39 3.91 -16.12 2.73
CA ALA A 39 2.54 -15.95 3.19
C ALA A 39 2.34 -14.59 3.84
N GLY A 40 3.45 -13.94 4.20
CA GLY A 40 3.38 -12.65 4.84
C GLY A 40 3.30 -11.51 3.85
N VAL A 41 4.29 -11.42 2.97
CA VAL A 41 4.35 -10.37 1.96
C VAL A 41 3.08 -10.38 1.11
N ARG A 42 2.56 -11.57 0.84
CA ARG A 42 1.36 -11.72 0.03
C ARG A 42 0.14 -11.14 0.76
N ARG A 43 0.26 -11.00 2.08
CA ARG A 43 -0.84 -10.47 2.88
C ARG A 43 -0.77 -8.95 2.93
N VAL A 44 0.44 -8.40 2.81
CA VAL A 44 0.64 -6.96 2.84
C VAL A 44 0.41 -6.34 1.46
N LEU A 45 1.08 -6.89 0.45
CA LEU A 45 0.95 -6.40 -0.91
C LEU A 45 -0.50 -6.47 -1.38
N GLU A 46 -1.27 -7.34 -0.74
CA GLU A 46 -2.68 -7.51 -1.10
C GLU A 46 -3.45 -6.20 -0.92
N ALA A 47 -3.01 -5.39 0.04
CA ALA A 47 -3.66 -4.12 0.31
C ALA A 47 -3.46 -3.14 -0.84
N ILE A 48 -2.45 -3.42 -1.68
CA ILE A 48 -2.16 -2.56 -2.82
C ILE A 48 -3.10 -2.85 -3.98
N CYS A 49 -3.58 -4.10 -4.06
CA CYS A 49 -4.49 -4.50 -5.12
C CYS A 49 -5.90 -3.97 -4.86
N ILE A 50 -6.16 -3.61 -3.60
CA ILE A 50 -7.47 -3.10 -3.22
C ILE A 50 -7.68 -1.68 -3.76
N MET A 51 -6.69 -0.82 -3.51
CA MET A 51 -6.76 0.56 -3.97
C MET A 51 -7.10 0.64 -5.46
N LYS A 52 -6.51 -0.27 -6.24
CA LYS A 52 -6.74 -0.31 -7.67
C LYS A 52 -8.06 -1.02 -7.98
N GLY A 53 -8.52 -1.86 -7.05
CA GLY A 53 -9.77 -2.57 -7.25
C GLY A 53 -9.65 -3.65 -8.31
N VAL A 54 -8.53 -4.37 -8.31
CA VAL A 54 -8.29 -5.44 -9.28
C VAL A 54 -9.00 -6.72 -8.86
N LYS A 55 -9.68 -7.35 -9.81
CA LYS A 55 -10.41 -8.59 -9.54
C LYS A 55 -9.44 -9.75 -9.36
N PRO A 56 -9.89 -10.78 -8.63
CA PRO A 56 -9.07 -11.97 -8.37
C PRO A 56 -8.87 -12.82 -9.62
N ALA A 57 -7.79 -13.60 -9.63
CA ALA A 57 -7.47 -14.46 -10.78
C ALA A 57 -8.50 -15.58 -10.91
N ARG A 58 -8.23 -16.51 -11.83
CA ARG A 58 -9.13 -17.63 -12.06
C ARG A 58 -8.34 -18.92 -12.25
N VAL A 59 -8.49 -19.86 -11.32
CA VAL A 59 -7.80 -21.13 -11.38
C VAL A 59 -8.60 -22.24 -10.71
N LYS A 60 -8.42 -23.46 -11.17
CA LYS A 60 -9.13 -24.61 -10.61
C LYS A 60 -8.55 -25.00 -9.25
N ASP A 61 -9.43 -25.18 -8.27
CA ASP A 61 -9.00 -25.55 -6.93
C ASP A 61 -8.59 -27.03 -6.87
N THR A 62 -7.60 -27.33 -6.03
CA THR A 62 -7.12 -28.70 -5.89
C THR A 62 -7.98 -29.49 -4.92
N ALA A 63 -8.64 -28.78 -4.01
CA ALA A 63 -9.51 -29.42 -3.02
C ALA A 63 -10.97 -29.38 -3.47
N SER A 64 -11.35 -28.31 -4.14
CA SER A 64 -12.71 -28.16 -4.62
C SER A 64 -12.87 -28.76 -6.02
N GLY A 65 -11.86 -28.58 -6.85
CA GLY A 65 -11.92 -29.11 -8.21
C GLY A 65 -12.69 -28.22 -9.15
N ARG A 66 -13.11 -27.07 -8.66
CA ARG A 66 -13.87 -26.12 -9.46
C ARG A 66 -13.10 -24.82 -9.65
N MET A 67 -13.68 -23.89 -10.39
CA MET A 67 -13.05 -22.60 -10.65
C MET A 67 -13.09 -21.72 -9.40
N VAL A 68 -11.92 -21.32 -8.92
CA VAL A 68 -11.82 -20.47 -7.74
C VAL A 68 -10.92 -19.26 -8.00
N ASP A 69 -10.83 -18.38 -7.01
CA ASP A 69 -10.00 -17.19 -7.13
C ASP A 69 -8.56 -17.47 -6.71
N ASP A 70 -7.61 -16.85 -7.41
CA ASP A 70 -6.20 -17.03 -7.10
C ASP A 70 -5.56 -15.72 -6.67
N TYR A 71 -5.22 -15.62 -5.40
CA TYR A 71 -4.61 -14.41 -4.86
C TYR A 71 -3.11 -14.37 -5.18
N TRP A 72 -2.54 -15.55 -5.44
CA TRP A 72 -1.13 -15.65 -5.76
C TRP A 72 -0.83 -15.05 -7.12
N GLU A 73 -1.50 -15.57 -8.16
CA GLU A 73 -1.30 -15.08 -9.52
C GLU A 73 -1.45 -13.56 -9.57
N ALA A 74 -2.59 -13.07 -9.12
CA ALA A 74 -2.87 -11.63 -9.11
C ALA A 74 -1.80 -10.87 -8.33
N SER A 75 -1.13 -11.58 -7.42
CA SER A 75 -0.09 -10.97 -6.60
C SER A 75 1.24 -10.92 -7.36
N LYS A 76 1.77 -12.09 -7.68
CA LYS A 76 3.03 -12.18 -8.40
C LYS A 76 2.97 -11.43 -9.71
N LYS A 77 1.77 -11.36 -10.30
CA LYS A 77 1.57 -10.66 -11.56
C LYS A 77 1.77 -9.16 -11.38
N MET A 78 1.68 -8.69 -10.14
CA MET A 78 1.86 -7.27 -9.85
C MET A 78 3.34 -6.94 -9.67
N LEU A 79 4.13 -7.94 -9.35
CA LEU A 79 5.56 -7.76 -9.16
C LEU A 79 6.32 -7.92 -10.48
N MET A 80 5.76 -8.73 -11.37
CA MET A 80 6.38 -8.97 -12.67
C MET A 80 6.70 -7.65 -13.37
N GLU A 81 5.91 -6.62 -13.07
CA GLU A 81 6.10 -5.31 -13.67
C GLU A 81 7.32 -4.62 -13.09
N PHE A 82 8.12 -4.00 -13.96
CA PHE A 82 9.33 -3.30 -13.53
C PHE A 82 9.01 -1.87 -13.09
N ASP A 83 7.84 -1.38 -13.52
CA ASP A 83 7.42 -0.03 -13.18
C ASP A 83 6.24 -0.06 -12.21
N PHE A 84 5.96 -1.24 -11.67
CA PHE A 84 4.85 -1.42 -10.73
C PHE A 84 4.98 -0.44 -9.57
N LEU A 85 6.20 -0.21 -9.12
CA LEU A 85 6.47 0.69 -8.00
C LEU A 85 6.35 2.14 -8.45
N ASP A 86 6.57 2.37 -9.75
CA ASP A 86 6.50 3.71 -10.31
C ASP A 86 5.05 4.09 -10.64
N SER A 87 4.19 3.08 -10.76
CA SER A 87 2.79 3.30 -11.09
C SER A 87 2.00 3.65 -9.83
N LEU A 88 2.38 3.06 -8.70
CA LEU A 88 1.71 3.30 -7.44
C LEU A 88 2.00 4.71 -6.93
N ARG A 89 3.22 5.18 -7.17
CA ARG A 89 3.63 6.51 -6.75
C ARG A 89 2.90 7.59 -7.55
N LYS A 90 2.66 7.30 -8.83
CA LYS A 90 1.98 8.24 -9.71
C LYS A 90 0.50 8.33 -9.36
N PHE A 91 0.02 7.39 -8.55
CA PHE A 91 -1.38 7.36 -8.14
C PHE A 91 -1.81 8.72 -7.57
N ASP A 92 -3.04 9.11 -7.85
CA ASP A 92 -3.57 10.38 -7.37
C ASP A 92 -4.44 10.17 -6.13
N LYS A 93 -4.14 10.92 -5.08
CA LYS A 93 -4.88 10.81 -3.83
C LYS A 93 -6.13 11.68 -3.87
N ASP A 94 -6.38 12.30 -5.02
CA ASP A 94 -7.54 13.16 -5.19
C ASP A 94 -8.76 12.35 -5.63
N HIS A 95 -8.63 11.02 -5.60
CA HIS A 95 -9.71 10.14 -6.00
C HIS A 95 -9.63 8.81 -5.25
N ILE A 96 -9.27 8.88 -3.97
CA ILE A 96 -9.16 7.68 -3.14
C ILE A 96 -10.53 7.11 -2.82
N PRO A 97 -10.80 5.90 -3.34
CA PRO A 97 -12.08 5.20 -3.12
C PRO A 97 -12.23 4.73 -1.69
N PRO A 98 -13.27 5.22 -0.99
CA PRO A 98 -13.55 4.85 0.39
C PRO A 98 -14.03 3.41 0.53
N GLU A 99 -14.24 2.75 -0.61
CA GLU A 99 -14.69 1.36 -0.62
C GLU A 99 -13.52 0.40 -0.48
N VAL A 100 -12.34 0.85 -0.91
CA VAL A 100 -11.14 0.04 -0.83
C VAL A 100 -10.46 0.18 0.53
N ILE A 101 -10.60 1.36 1.12
CA ILE A 101 -10.00 1.62 2.42
C ILE A 101 -10.68 0.82 3.52
N VAL A 102 -11.83 0.24 3.19
CA VAL A 102 -12.59 -0.56 4.14
C VAL A 102 -11.95 -1.94 4.33
N LYS A 103 -11.22 -2.39 3.32
CA LYS A 103 -10.55 -3.68 3.37
C LYS A 103 -9.26 -3.60 4.16
N ILE A 104 -8.58 -2.47 4.04
CA ILE A 104 -7.32 -2.25 4.76
C ILE A 104 -7.57 -1.70 6.16
N ARG A 105 -8.84 -1.60 6.53
CA ARG A 105 -9.20 -1.08 7.85
C ARG A 105 -8.59 -1.93 8.96
N PRO A 106 -8.91 -3.23 8.94
CA PRO A 106 -8.40 -4.17 9.94
C PRO A 106 -6.90 -4.43 9.78
N PHE A 107 -6.35 -4.03 8.65
CA PHE A 107 -4.93 -4.21 8.38
C PHE A 107 -4.11 -3.04 8.91
N ALA A 108 -4.67 -1.85 8.81
CA ALA A 108 -4.00 -0.65 9.29
C ALA A 108 -3.55 -0.81 10.74
N GLN A 109 -4.22 -1.69 11.47
CA GLN A 109 -3.89 -1.95 12.87
C GLN A 109 -3.26 -3.33 13.04
N ASP A 110 -3.34 -4.14 12.00
CA ASP A 110 -2.77 -5.49 12.03
C ASP A 110 -1.29 -5.44 12.36
N PRO A 111 -0.86 -6.32 13.29
CA PRO A 111 0.54 -6.40 13.71
C PRO A 111 1.45 -6.96 12.62
N GLU A 112 0.84 -7.39 11.52
CA GLU A 112 1.60 -7.95 10.40
C GLU A 112 1.40 -7.11 9.14
N PHE A 113 1.02 -5.86 9.33
CA PHE A 113 0.79 -4.95 8.20
C PHE A 113 1.42 -3.58 8.47
N GLN A 114 2.14 -3.48 9.58
CA GLN A 114 2.79 -2.23 9.95
C GLN A 114 4.19 -2.15 9.35
N PRO A 115 4.68 -0.92 9.15
CA PRO A 115 6.02 -0.68 8.59
C PRO A 115 7.13 -1.06 9.55
N LYS A 116 6.78 -1.21 10.83
CA LYS A 116 7.75 -1.57 11.85
C LYS A 116 7.96 -3.08 11.88
N VAL A 117 6.88 -3.84 11.71
CA VAL A 117 6.96 -5.29 11.72
C VAL A 117 7.31 -5.83 10.33
N ILE A 118 7.04 -5.03 9.31
CA ILE A 118 7.32 -5.42 7.93
C ILE A 118 8.76 -5.07 7.56
N GLU A 119 9.38 -4.18 8.33
CA GLU A 119 10.74 -3.77 8.08
C GLU A 119 11.73 -4.75 8.70
N LYS A 120 11.28 -5.49 9.71
CA LYS A 120 12.12 -6.47 10.38
C LYS A 120 12.03 -7.83 9.70
N GLN A 121 11.17 -7.93 8.70
CA GLN A 121 10.99 -9.18 7.97
C GLN A 121 11.16 -8.96 6.46
N SER A 122 10.54 -7.89 5.95
CA SER A 122 10.63 -7.58 4.53
C SER A 122 10.86 -6.08 4.32
N VAL A 123 12.11 -5.67 4.42
CA VAL A 123 12.47 -4.26 4.25
C VAL A 123 11.86 -3.70 2.96
N ALA A 124 11.96 -4.47 1.88
CA ALA A 124 11.42 -4.05 0.59
C ALA A 124 9.92 -3.81 0.68
N CYS A 125 9.18 -4.85 1.07
CA CYS A 125 7.74 -4.74 1.19
C CYS A 125 7.35 -3.61 2.14
N ALA A 126 8.24 -3.28 3.06
CA ALA A 126 8.00 -2.23 4.02
C ALA A 126 7.63 -0.92 3.33
N GLY A 127 8.12 -0.75 2.11
CA GLY A 127 7.84 0.46 1.35
C GLY A 127 6.41 0.51 0.84
N LEU A 128 5.77 -0.66 0.78
CA LEU A 128 4.39 -0.75 0.30
C LEU A 128 3.41 -0.50 1.45
N CYS A 129 3.46 -1.35 2.46
CA CYS A 129 2.58 -1.23 3.62
C CYS A 129 2.71 0.16 4.26
N SER A 130 3.85 0.79 4.03
CA SER A 130 4.11 2.11 4.58
C SER A 130 3.44 3.20 3.75
N TRP A 131 3.18 2.88 2.49
CA TRP A 131 2.54 3.83 1.58
C TRP A 131 1.02 3.76 1.69
N VAL A 132 0.50 2.54 1.82
CA VAL A 132 -0.93 2.33 1.94
C VAL A 132 -1.45 2.88 3.26
N ILE A 133 -0.68 2.70 4.32
CA ILE A 133 -1.06 3.19 5.65
C ILE A 133 -0.79 4.68 5.78
N ALA A 134 0.12 5.19 4.96
CA ALA A 134 0.47 6.60 4.99
C ALA A 134 -0.51 7.43 4.16
N LEU A 135 -0.72 7.01 2.92
CA LEU A 135 -1.64 7.71 2.02
C LEU A 135 -3.00 7.94 2.69
N GLU A 136 -3.51 6.89 3.34
CA GLU A 136 -4.79 6.98 4.02
C GLU A 136 -4.80 8.13 5.03
N LYS A 137 -3.64 8.42 5.60
CA LYS A 137 -3.51 9.49 6.58
C LYS A 137 -3.29 10.83 5.88
N TYR A 138 -2.82 10.78 4.65
CA TYR A 138 -2.57 12.00 3.87
C TYR A 138 -3.87 12.58 3.34
N ASP A 139 -4.85 11.71 3.10
CA ASP A 139 -6.14 12.14 2.59
C ASP A 139 -7.02 12.69 3.71
N LYS A 140 -6.75 12.24 4.93
CA LYS A 140 -7.51 12.69 6.09
C LYS A 140 -7.00 14.03 6.59
N VAL A 141 -5.73 14.32 6.32
CA VAL A 141 -5.13 15.58 6.73
C VAL A 141 -5.38 16.68 5.71
N ILE A 142 -5.42 16.30 4.43
CA ILE A 142 -5.65 17.25 3.36
C ILE A 142 -6.95 18.02 3.59
N LYS A 143 -7.84 17.45 4.39
CA LYS A 143 -9.12 18.07 4.69
C LYS A 143 -8.92 19.39 5.43
N GLU A 144 -7.73 19.58 5.97
CA GLU A 144 -7.41 20.79 6.72
C GLU A 144 -5.89 21.00 6.82
N VAL A 145 -5.17 20.56 5.79
CA VAL A 145 -3.72 20.68 5.77
C VAL A 145 -3.30 22.14 5.51
N GLU A 146 -3.79 22.70 4.42
CA GLU A 146 -3.46 24.08 4.07
C GLU A 146 -4.73 24.90 3.85
N PRO A 147 -5.45 25.15 4.94
CA PRO A 147 -6.70 25.93 4.90
C PRO A 147 -6.45 27.41 4.61
N LYS A 148 -5.19 27.80 4.60
CA LYS A 148 -4.81 29.18 4.34
C LYS A 148 -5.91 30.14 4.78
N ARG A 149 -6.19 30.16 6.07
CA ARG A 149 -7.23 31.03 6.62
C ARG A 149 -6.61 32.11 7.50
N GLN A 150 -7.47 32.97 8.06
CA GLN A 150 -7.00 34.05 8.91
C GLN A 150 -6.42 33.50 10.21
N LYS A 151 -6.03 34.40 11.11
CA LYS A 151 -5.45 34.00 12.38
C LYS A 151 -6.50 34.03 13.50
N LEU A 152 -6.81 32.85 14.03
CA LEU A 152 -7.80 32.74 15.10
C LEU A 152 -7.45 33.65 16.27
N ARG A 153 -8.35 33.74 17.24
CA ARG A 153 -8.13 34.58 18.41
C ARG A 153 -7.46 33.79 19.54
N GLU A 154 -6.24 33.33 19.27
CA GLU A 154 -5.49 32.56 20.26
C GLU A 154 -4.29 33.36 20.77
N ALA A 155 -4.52 34.13 21.83
CA ALA A 155 -3.47 34.95 22.42
C ALA A 155 -3.15 34.49 23.84
N GLY A 1 -3.08 22.29 14.92
CA GLY A 1 -4.36 22.18 14.25
C GLY A 1 -4.23 21.91 12.76
N SER A 2 -3.54 22.81 12.07
CA SER A 2 -3.34 22.66 10.63
C SER A 2 -1.91 22.26 10.31
N GLN A 3 -0.96 22.95 10.92
CA GLN A 3 0.46 22.67 10.71
C GLN A 3 0.86 21.36 11.37
N ALA A 4 0.07 20.94 12.35
CA ALA A 4 0.34 19.69 13.07
C ALA A 4 -0.27 18.50 12.34
N ASP A 5 -1.28 18.76 11.51
CA ASP A 5 -1.95 17.71 10.76
C ASP A 5 -1.22 17.44 9.45
N LEU A 6 -0.90 18.51 8.72
CA LEU A 6 -0.21 18.38 7.44
C LEU A 6 1.22 17.88 7.65
N ALA A 7 1.89 18.40 8.66
CA ALA A 7 3.26 18.00 8.97
C ALA A 7 3.30 16.60 9.58
N GLU A 8 2.12 16.07 9.92
CA GLU A 8 2.02 14.74 10.51
C GLU A 8 1.88 13.68 9.43
N ALA A 9 1.35 14.07 8.27
CA ALA A 9 1.16 13.16 7.17
C ALA A 9 2.17 13.41 6.05
N LEU A 10 2.59 14.67 5.94
CA LEU A 10 3.56 15.06 4.91
C LEU A 10 4.76 14.12 4.92
N PRO A 11 5.37 13.95 6.10
CA PRO A 11 6.54 13.09 6.28
C PRO A 11 6.19 11.61 6.12
N LEU A 12 4.90 11.30 6.10
CA LEU A 12 4.44 9.94 5.95
C LEU A 12 4.32 9.55 4.49
N LEU A 13 3.64 10.38 3.70
CA LEU A 13 3.46 10.13 2.28
C LEU A 13 4.79 10.19 1.54
N GLU A 14 5.58 11.23 1.84
CA GLU A 14 6.88 11.40 1.20
C GLU A 14 7.83 10.27 1.57
N ALA A 15 7.69 9.76 2.80
CA ALA A 15 8.53 8.68 3.28
C ALA A 15 8.24 7.38 2.53
N ALA A 16 7.05 7.31 1.92
CA ALA A 16 6.65 6.13 1.16
C ALA A 16 7.18 6.19 -0.26
N LEU A 17 6.88 7.28 -0.96
CA LEU A 17 7.32 7.45 -2.34
C LEU A 17 8.83 7.27 -2.45
N LYS A 18 9.56 7.81 -1.48
CA LYS A 18 11.02 7.71 -1.46
C LYS A 18 11.46 6.26 -1.28
N ALA A 19 10.60 5.46 -0.65
CA ALA A 19 10.91 4.05 -0.41
C ALA A 19 11.02 3.29 -1.72
N LEU A 20 10.17 3.64 -2.68
CA LEU A 20 10.18 2.98 -3.98
C LEU A 20 11.26 3.56 -4.87
N ASP A 21 11.62 4.82 -4.64
CA ASP A 21 12.66 5.49 -5.43
C ASP A 21 14.02 4.88 -5.14
N THR A 22 14.32 4.66 -3.86
CA THR A 22 15.59 4.09 -3.46
C THR A 22 15.65 2.60 -3.77
N LEU A 23 14.49 1.94 -3.70
CA LEU A 23 14.42 0.51 -3.98
C LEU A 23 14.85 0.20 -5.40
N LYS A 24 14.64 -1.04 -5.82
CA LYS A 24 15.01 -1.46 -7.17
C LYS A 24 13.96 -2.42 -7.75
N PRO A 25 13.95 -2.53 -9.09
CA PRO A 25 13.00 -3.41 -9.79
C PRO A 25 13.30 -4.88 -9.57
N ALA A 26 14.56 -5.19 -9.26
CA ALA A 26 14.97 -6.57 -9.02
C ALA A 26 14.55 -7.03 -7.63
N ASP A 27 14.30 -6.07 -6.74
CA ASP A 27 13.89 -6.37 -5.38
C ASP A 27 12.43 -6.83 -5.34
N ILE A 28 11.67 -6.46 -6.36
CA ILE A 28 10.26 -6.84 -6.43
C ILE A 28 10.10 -8.25 -6.98
N THR A 29 10.73 -8.51 -8.12
CA THR A 29 10.65 -9.83 -8.75
C THR A 29 11.17 -10.91 -7.81
N GLU A 30 11.98 -10.51 -6.83
CA GLU A 30 12.54 -11.46 -5.87
C GLU A 30 11.43 -12.26 -5.19
N VAL A 31 10.24 -11.68 -5.12
CA VAL A 31 9.10 -12.34 -4.50
C VAL A 31 8.41 -13.27 -5.48
N LYS A 32 8.55 -12.98 -6.76
CA LYS A 32 7.94 -13.81 -7.81
C LYS A 32 8.73 -15.10 -8.01
N GLY A 33 10.00 -15.07 -7.64
CA GLY A 33 10.85 -16.25 -7.80
C GLY A 33 10.47 -17.36 -6.84
N MET A 34 10.45 -17.04 -5.55
CA MET A 34 10.10 -18.02 -4.53
C MET A 34 8.79 -18.72 -4.86
N LYS A 35 8.49 -19.79 -4.13
CA LYS A 35 7.26 -20.55 -4.35
C LYS A 35 6.14 -20.05 -3.44
N SER A 36 6.49 -19.71 -2.21
CA SER A 36 5.52 -19.22 -1.24
C SER A 36 6.06 -17.99 -0.50
N PRO A 37 5.44 -16.82 -0.76
CA PRO A 37 5.84 -15.57 -0.13
C PRO A 37 5.50 -15.53 1.36
N PRO A 38 6.04 -14.53 2.07
CA PRO A 38 5.81 -14.36 3.51
C PRO A 38 4.38 -13.92 3.81
N ALA A 39 4.00 -14.00 5.08
CA ALA A 39 2.66 -13.62 5.51
C ALA A 39 2.53 -12.10 5.59
N GLY A 40 3.66 -11.41 5.62
CA GLY A 40 3.65 -9.95 5.69
C GLY A 40 3.48 -9.31 4.34
N VAL A 41 4.37 -9.64 3.41
CA VAL A 41 4.33 -9.07 2.07
C VAL A 41 3.03 -9.45 1.36
N ARG A 42 2.62 -10.70 1.51
CA ARG A 42 1.38 -11.18 0.89
C ARG A 42 0.18 -10.40 1.39
N ARG A 43 0.31 -9.82 2.58
CA ARG A 43 -0.78 -9.04 3.18
C ARG A 43 -0.71 -7.59 2.71
N VAL A 44 0.50 -7.08 2.54
CA VAL A 44 0.71 -5.71 2.11
C VAL A 44 0.32 -5.53 0.64
N LEU A 45 0.97 -6.31 -0.23
CA LEU A 45 0.70 -6.25 -1.65
C LEU A 45 -0.80 -6.36 -1.94
N GLU A 46 -1.50 -7.08 -1.07
CA GLU A 46 -2.94 -7.27 -1.23
C GLU A 46 -3.66 -5.93 -1.19
N ALA A 47 -3.32 -5.10 -0.21
CA ALA A 47 -3.93 -3.79 -0.05
C ALA A 47 -3.66 -2.92 -1.27
N ILE A 48 -2.66 -3.30 -2.06
CA ILE A 48 -2.30 -2.55 -3.26
C ILE A 48 -3.24 -2.87 -4.42
N CYS A 49 -3.82 -4.07 -4.38
CA CYS A 49 -4.73 -4.49 -5.43
C CYS A 49 -6.13 -3.94 -5.19
N ILE A 50 -6.41 -3.54 -3.95
CA ILE A 50 -7.71 -3.00 -3.59
C ILE A 50 -7.85 -1.56 -4.08
N MET A 51 -6.78 -0.80 -4.00
CA MET A 51 -6.78 0.59 -4.44
C MET A 51 -7.17 0.70 -5.92
N LYS A 52 -7.00 -0.40 -6.64
CA LYS A 52 -7.33 -0.44 -8.06
C LYS A 52 -8.50 -1.39 -8.32
N GLY A 53 -8.76 -2.27 -7.37
CA GLY A 53 -9.86 -3.21 -7.50
C GLY A 53 -9.55 -4.32 -8.50
N VAL A 54 -8.40 -4.98 -8.32
CA VAL A 54 -7.99 -6.05 -9.20
C VAL A 54 -8.68 -7.37 -8.83
N LYS A 55 -9.02 -8.16 -9.84
CA LYS A 55 -9.67 -9.44 -9.62
C LYS A 55 -8.66 -10.59 -9.68
N PRO A 56 -9.00 -11.71 -9.03
CA PRO A 56 -8.15 -12.89 -8.99
C PRO A 56 -8.07 -13.59 -10.34
N ALA A 57 -7.31 -14.69 -10.39
CA ALA A 57 -7.16 -15.45 -11.62
C ALA A 57 -8.13 -16.63 -11.67
N ARG A 58 -7.94 -17.51 -12.64
CA ARG A 58 -8.80 -18.67 -12.80
C ARG A 58 -8.00 -19.96 -12.76
N VAL A 59 -8.31 -20.81 -11.78
CA VAL A 59 -7.61 -22.08 -11.62
C VAL A 59 -8.52 -23.14 -11.00
N LYS A 60 -8.06 -24.38 -11.01
CA LYS A 60 -8.82 -25.48 -10.44
C LYS A 60 -8.34 -25.83 -9.03
N ASP A 61 -9.28 -26.08 -8.13
CA ASP A 61 -8.93 -26.43 -6.75
C ASP A 61 -8.46 -27.88 -6.66
N THR A 62 -7.33 -28.08 -5.98
CA THR A 62 -6.77 -29.41 -5.81
C THR A 62 -7.43 -30.15 -4.66
N ALA A 63 -7.96 -29.39 -3.71
CA ALA A 63 -8.62 -29.97 -2.54
C ALA A 63 -10.13 -30.05 -2.74
N SER A 64 -10.65 -29.16 -3.60
CA SER A 64 -12.09 -29.13 -3.87
C SER A 64 -12.40 -29.82 -5.20
N GLY A 65 -11.45 -29.74 -6.14
CA GLY A 65 -11.64 -30.36 -7.44
C GLY A 65 -12.63 -29.60 -8.30
N ARG A 66 -12.85 -28.32 -7.98
CA ARG A 66 -13.78 -27.49 -8.73
C ARG A 66 -13.08 -26.25 -9.27
N MET A 67 -13.85 -25.40 -9.96
CA MET A 67 -13.30 -24.17 -10.52
C MET A 67 -13.21 -23.08 -9.47
N VAL A 68 -11.99 -22.65 -9.16
CA VAL A 68 -11.77 -21.61 -8.17
C VAL A 68 -10.95 -20.46 -8.74
N ASP A 69 -10.68 -19.46 -7.91
CA ASP A 69 -9.90 -18.30 -8.34
C ASP A 69 -8.50 -18.33 -7.73
N ASP A 70 -7.54 -17.76 -8.43
CA ASP A 70 -6.16 -17.72 -7.97
C ASP A 70 -5.73 -16.28 -7.67
N TYR A 71 -5.80 -15.89 -6.40
CA TYR A 71 -5.42 -14.55 -6.00
C TYR A 71 -3.90 -14.37 -6.02
N TRP A 72 -3.18 -15.50 -5.98
CA TRP A 72 -1.73 -15.47 -6.00
C TRP A 72 -1.21 -15.18 -7.40
N GLU A 73 -1.76 -15.88 -8.39
CA GLU A 73 -1.35 -15.69 -9.78
C GLU A 73 -1.48 -14.22 -10.19
N ALA A 74 -2.43 -13.53 -9.57
CA ALA A 74 -2.66 -12.12 -9.88
C ALA A 74 -1.70 -11.23 -9.09
N SER A 75 -1.19 -11.76 -7.98
CA SER A 75 -0.27 -11.01 -7.13
C SER A 75 1.16 -11.14 -7.63
N LYS A 76 1.59 -12.37 -7.85
CA LYS A 76 2.94 -12.64 -8.32
C LYS A 76 3.22 -11.90 -9.63
N LYS A 77 2.19 -11.82 -10.48
CA LYS A 77 2.32 -11.12 -11.76
C LYS A 77 2.43 -9.62 -11.56
N MET A 78 2.08 -9.16 -10.36
CA MET A 78 2.15 -7.74 -10.04
C MET A 78 3.55 -7.34 -9.58
N LEU A 79 4.30 -8.32 -9.08
CA LEU A 79 5.66 -8.07 -8.60
C LEU A 79 6.66 -8.18 -9.74
N MET A 80 6.41 -9.11 -10.66
CA MET A 80 7.28 -9.32 -11.80
C MET A 80 7.37 -8.05 -12.66
N GLU A 81 6.39 -7.18 -12.50
CA GLU A 81 6.35 -5.92 -13.26
C GLU A 81 7.50 -5.01 -12.85
N PHE A 82 8.13 -4.38 -13.83
CA PHE A 82 9.25 -3.47 -13.57
C PHE A 82 8.75 -2.05 -13.33
N ASP A 83 7.50 -1.80 -13.72
CA ASP A 83 6.91 -0.48 -13.55
C ASP A 83 5.68 -0.54 -12.63
N PHE A 84 5.61 -1.61 -11.84
CA PHE A 84 4.49 -1.80 -10.92
C PHE A 84 4.46 -0.70 -9.86
N LEU A 85 5.61 -0.43 -9.25
CA LEU A 85 5.72 0.59 -8.23
C LEU A 85 5.61 1.99 -8.84
N ASP A 86 5.97 2.09 -10.12
CA ASP A 86 5.91 3.37 -10.83
C ASP A 86 4.47 3.82 -11.01
N SER A 87 3.55 2.87 -10.96
CA SER A 87 2.13 3.18 -11.12
C SER A 87 1.52 3.68 -9.82
N LEU A 88 1.86 3.01 -8.72
CA LEU A 88 1.35 3.37 -7.41
C LEU A 88 1.86 4.75 -6.99
N ARG A 89 3.05 5.11 -7.49
CA ARG A 89 3.64 6.41 -7.16
C ARG A 89 3.12 7.50 -8.09
N LYS A 90 2.83 7.12 -9.34
CA LYS A 90 2.32 8.06 -10.33
C LYS A 90 0.84 8.35 -10.09
N PHE A 91 0.24 7.59 -9.18
CA PHE A 91 -1.17 7.77 -8.85
C PHE A 91 -1.44 9.18 -8.33
N ASP A 92 -2.64 9.69 -8.61
CA ASP A 92 -3.02 11.03 -8.19
C ASP A 92 -3.89 10.96 -6.92
N LYS A 93 -3.45 11.67 -5.88
CA LYS A 93 -4.20 11.69 -4.63
C LYS A 93 -5.54 12.38 -4.79
N ASP A 94 -5.71 13.06 -5.92
CA ASP A 94 -6.96 13.76 -6.21
C ASP A 94 -8.04 12.79 -6.70
N HIS A 95 -7.67 11.51 -6.79
CA HIS A 95 -8.60 10.48 -7.24
C HIS A 95 -8.47 9.23 -6.40
N ILE A 96 -8.43 9.40 -5.07
CA ILE A 96 -8.30 8.29 -4.16
C ILE A 96 -9.67 7.73 -3.78
N PRO A 97 -9.96 6.51 -4.25
CA PRO A 97 -11.24 5.84 -3.97
C PRO A 97 -11.36 5.42 -2.52
N PRO A 98 -12.31 6.03 -1.80
CA PRO A 98 -12.56 5.74 -0.38
C PRO A 98 -13.17 4.35 -0.18
N GLU A 99 -13.55 3.71 -1.28
CA GLU A 99 -14.14 2.38 -1.22
C GLU A 99 -13.07 1.31 -1.07
N VAL A 100 -11.83 1.67 -1.40
CA VAL A 100 -10.71 0.74 -1.31
C VAL A 100 -10.13 0.71 0.10
N ILE A 101 -10.27 1.83 0.81
CA ILE A 101 -9.76 1.94 2.17
C ILE A 101 -10.67 1.22 3.16
N VAL A 102 -11.88 0.88 2.70
CA VAL A 102 -12.85 0.20 3.55
C VAL A 102 -12.42 -1.24 3.80
N LYS A 103 -11.63 -1.79 2.89
CA LYS A 103 -11.15 -3.17 3.01
C LYS A 103 -9.88 -3.23 3.86
N ILE A 104 -9.08 -2.17 3.80
CA ILE A 104 -7.85 -2.10 4.56
C ILE A 104 -8.07 -1.43 5.91
N ARG A 105 -9.32 -1.12 6.21
CA ARG A 105 -9.67 -0.46 7.47
C ARG A 105 -9.07 -1.23 8.65
N PRO A 106 -9.35 -2.53 8.71
CA PRO A 106 -8.86 -3.40 9.78
C PRO A 106 -7.35 -3.64 9.68
N PHE A 107 -6.77 -3.29 8.55
CA PHE A 107 -5.35 -3.46 8.32
C PHE A 107 -4.57 -2.25 8.81
N ALA A 108 -5.17 -1.07 8.67
CA ALA A 108 -4.54 0.18 9.09
C ALA A 108 -4.12 0.10 10.55
N GLN A 109 -4.75 -0.79 11.31
CA GLN A 109 -4.44 -0.96 12.72
C GLN A 109 -3.88 -2.36 12.99
N ASP A 110 -3.60 -3.09 11.93
CA ASP A 110 -3.06 -4.44 12.06
C ASP A 110 -1.56 -4.41 12.30
N PRO A 111 -1.09 -5.26 13.23
CA PRO A 111 0.33 -5.34 13.58
C PRO A 111 1.17 -5.95 12.46
N GLU A 112 0.50 -6.44 11.42
CA GLU A 112 1.18 -7.06 10.30
C GLU A 112 0.98 -6.23 9.03
N PHE A 113 0.61 -4.96 9.20
CA PHE A 113 0.38 -4.07 8.08
C PHE A 113 1.08 -2.74 8.28
N GLN A 114 1.85 -2.65 9.36
CA GLN A 114 2.58 -1.43 9.69
C GLN A 114 3.95 -1.42 9.01
N PRO A 115 4.49 -0.22 8.78
CA PRO A 115 5.80 -0.04 8.14
C PRO A 115 6.95 -0.50 9.05
N LYS A 116 6.69 -0.53 10.35
CA LYS A 116 7.70 -0.95 11.31
C LYS A 116 7.77 -2.47 11.40
N VAL A 117 6.62 -3.12 11.24
CA VAL A 117 6.56 -4.58 11.30
C VAL A 117 6.89 -5.20 9.94
N ILE A 118 6.67 -4.43 8.87
CA ILE A 118 6.94 -4.90 7.53
C ILE A 118 8.38 -4.61 7.12
N GLU A 119 9.02 -3.70 7.84
CA GLU A 119 10.40 -3.33 7.55
C GLU A 119 11.38 -4.26 8.28
N LYS A 120 10.90 -4.87 9.36
CA LYS A 120 11.73 -5.79 10.14
C LYS A 120 11.75 -7.17 9.51
N GLN A 121 10.90 -7.38 8.51
CA GLN A 121 10.82 -8.66 7.81
C GLN A 121 11.00 -8.48 6.31
N SER A 122 10.38 -7.44 5.77
CA SER A 122 10.47 -7.16 4.34
C SER A 122 10.71 -5.67 4.09
N VAL A 123 11.96 -5.25 4.25
CA VAL A 123 12.33 -3.85 4.04
C VAL A 123 11.83 -3.35 2.70
N ALA A 124 12.04 -4.15 1.65
CA ALA A 124 11.62 -3.78 0.31
C ALA A 124 10.12 -3.51 0.27
N CYS A 125 9.33 -4.51 0.64
CA CYS A 125 7.88 -4.38 0.64
C CYS A 125 7.43 -3.30 1.61
N ALA A 126 8.29 -2.99 2.57
CA ALA A 126 7.98 -1.97 3.57
C ALA A 126 7.62 -0.64 2.90
N GLY A 127 8.11 -0.45 1.69
CA GLY A 127 7.82 0.79 0.97
C GLY A 127 6.40 0.83 0.44
N LEU A 128 5.77 -0.34 0.36
CA LEU A 128 4.40 -0.43 -0.14
C LEU A 128 3.40 -0.08 0.95
N CYS A 129 3.39 -0.89 2.01
CA CYS A 129 2.48 -0.67 3.13
C CYS A 129 2.60 0.75 3.66
N SER A 130 3.84 1.24 3.76
CA SER A 130 4.10 2.58 4.26
C SER A 130 3.36 3.62 3.42
N TRP A 131 3.13 3.31 2.15
CA TRP A 131 2.43 4.22 1.25
C TRP A 131 0.92 4.06 1.39
N VAL A 132 0.48 2.83 1.67
CA VAL A 132 -0.94 2.55 1.83
C VAL A 132 -1.51 3.28 3.04
N ILE A 133 -0.78 3.23 4.15
CA ILE A 133 -1.22 3.89 5.38
C ILE A 133 -0.94 5.39 5.33
N ALA A 134 0.02 5.77 4.49
CA ALA A 134 0.38 7.18 4.36
C ALA A 134 -0.58 7.91 3.44
N LEU A 135 -0.74 7.40 2.22
CA LEU A 135 -1.64 8.02 1.24
C LEU A 135 -3.03 8.21 1.84
N GLU A 136 -3.44 7.28 2.69
CA GLU A 136 -4.76 7.35 3.33
C GLU A 136 -4.81 8.51 4.33
N LYS A 137 -3.67 8.81 4.94
CA LYS A 137 -3.58 9.89 5.91
C LYS A 137 -3.44 11.24 5.21
N TYR A 138 -2.54 11.30 4.23
CA TYR A 138 -2.30 12.53 3.48
C TYR A 138 -3.60 13.07 2.91
N ASP A 139 -4.51 12.18 2.56
CA ASP A 139 -5.79 12.57 1.99
C ASP A 139 -6.76 13.03 3.10
N LYS A 140 -6.54 12.53 4.30
CA LYS A 140 -7.39 12.88 5.44
C LYS A 140 -6.94 14.20 6.05
N VAL A 141 -5.66 14.53 5.87
CA VAL A 141 -5.11 15.77 6.41
C VAL A 141 -5.31 16.92 5.43
N ILE A 142 -5.28 16.61 4.13
CA ILE A 142 -5.45 17.61 3.10
C ILE A 142 -6.77 18.36 3.28
N LYS A 143 -7.69 17.77 4.03
CA LYS A 143 -8.98 18.38 4.29
C LYS A 143 -8.84 19.59 5.20
N GLU A 144 -7.71 19.68 5.89
CA GLU A 144 -7.45 20.78 6.80
C GLU A 144 -5.97 21.12 6.85
N VAL A 145 -5.26 20.74 5.79
CA VAL A 145 -3.82 21.00 5.71
C VAL A 145 -3.54 22.48 5.47
N GLU A 146 -4.14 23.02 4.42
CA GLU A 146 -3.95 24.43 4.07
C GLU A 146 -5.30 25.14 3.97
N PRO A 147 -5.99 25.29 5.11
CA PRO A 147 -7.29 25.95 5.16
C PRO A 147 -7.19 27.46 4.92
N LYS A 148 -5.96 27.96 4.86
CA LYS A 148 -5.73 29.37 4.63
C LYS A 148 -6.46 30.23 5.66
N ARG A 149 -5.97 30.21 6.89
CA ARG A 149 -6.58 30.97 7.97
C ARG A 149 -5.60 31.15 9.13
N GLN A 150 -6.11 31.67 10.24
CA GLN A 150 -5.28 31.89 11.43
C GLN A 150 -4.85 30.56 12.04
N LYS A 151 -4.16 30.63 13.17
CA LYS A 151 -3.68 29.44 13.87
C LYS A 151 -4.15 29.43 15.31
N LEU A 152 -4.87 28.38 15.70
CA LEU A 152 -5.37 28.25 17.06
C LEU A 152 -4.34 27.58 17.96
N ARG A 153 -4.54 27.70 19.27
CA ARG A 153 -3.63 27.09 20.24
C ARG A 153 -3.86 25.59 20.35
N GLU A 154 -4.96 25.23 21.01
CA GLU A 154 -5.30 23.82 21.19
C GLU A 154 -6.47 23.42 20.30
N ALA A 155 -6.23 22.45 19.43
CA ALA A 155 -7.28 21.98 18.51
C ALA A 155 -7.37 20.46 18.53
N GLY A 1 -6.56 23.23 15.27
CA GLY A 1 -5.38 22.46 14.89
C GLY A 1 -5.36 22.13 13.42
N SER A 2 -5.67 23.12 12.58
CA SER A 2 -5.68 22.91 11.13
C SER A 2 -4.31 22.47 10.64
N GLN A 3 -3.26 23.12 11.13
CA GLN A 3 -1.89 22.79 10.74
C GLN A 3 -1.36 21.62 11.56
N ALA A 4 -1.91 21.45 12.76
CA ALA A 4 -1.49 20.36 13.64
C ALA A 4 -2.02 19.02 13.15
N ASP A 5 -3.14 19.07 12.42
CA ASP A 5 -3.76 17.85 11.89
C ASP A 5 -2.95 17.30 10.72
N LEU A 6 -2.64 18.16 9.76
CA LEU A 6 -1.88 17.75 8.59
C LEU A 6 -0.43 17.42 8.96
N ALA A 7 0.12 18.18 9.91
CA ALA A 7 1.48 17.97 10.36
C ALA A 7 1.61 16.67 11.15
N GLU A 8 0.46 16.08 11.48
CA GLU A 8 0.44 14.83 12.24
C GLU A 8 0.52 13.63 11.30
N ALA A 9 0.04 13.81 10.07
CA ALA A 9 0.06 12.75 9.08
C ALA A 9 1.14 12.99 8.03
N LEU A 10 1.48 14.25 7.82
CA LEU A 10 2.50 14.62 6.84
C LEU A 10 3.76 13.77 7.03
N PRO A 11 4.29 13.76 8.25
CA PRO A 11 5.49 13.00 8.60
C PRO A 11 5.25 11.49 8.57
N LEU A 12 3.98 11.10 8.51
CA LEU A 12 3.62 9.69 8.49
C LEU A 12 3.59 9.16 7.06
N LEU A 13 2.86 9.84 6.18
CA LEU A 13 2.75 9.43 4.79
C LEU A 13 4.10 9.57 4.08
N GLU A 14 4.77 10.69 4.31
CA GLU A 14 6.06 10.95 3.70
C GLU A 14 7.08 9.87 4.10
N ALA A 15 6.94 9.36 5.31
CA ALA A 15 7.83 8.32 5.82
C ALA A 15 7.72 7.05 4.97
N ALA A 16 6.59 6.88 4.30
CA ALA A 16 6.36 5.71 3.46
C ALA A 16 6.86 5.95 2.05
N LEU A 17 6.34 6.99 1.41
CA LEU A 17 6.75 7.33 0.05
C LEU A 17 8.26 7.43 -0.07
N LYS A 18 8.90 8.02 0.94
CA LYS A 18 10.35 8.17 0.96
C LYS A 18 11.04 6.82 0.78
N ALA A 19 10.40 5.76 1.28
CA ALA A 19 10.96 4.43 1.18
C ALA A 19 11.08 3.99 -0.28
N LEU A 20 9.96 4.00 -0.98
CA LEU A 20 9.94 3.60 -2.39
C LEU A 20 11.00 4.37 -3.18
N ASP A 21 11.29 5.59 -2.74
CA ASP A 21 12.28 6.42 -3.40
C ASP A 21 13.61 5.69 -3.52
N THR A 22 13.91 4.85 -2.53
CA THR A 22 15.16 4.10 -2.52
C THR A 22 14.99 2.75 -3.22
N LEU A 23 13.76 2.27 -3.28
CA LEU A 23 13.47 0.99 -3.92
C LEU A 23 13.88 1.03 -5.39
N LYS A 24 13.67 -0.10 -6.07
CA LYS A 24 14.02 -0.20 -7.49
C LYS A 24 13.00 -1.06 -8.24
N PRO A 25 12.95 -0.90 -9.57
CA PRO A 25 12.04 -1.66 -10.42
C PRO A 25 12.39 -3.14 -10.50
N ALA A 26 13.69 -3.43 -10.43
CA ALA A 26 14.17 -4.80 -10.48
C ALA A 26 14.02 -5.50 -9.14
N ASP A 27 13.91 -4.71 -8.08
CA ASP A 27 13.76 -5.24 -6.73
C ASP A 27 12.37 -5.86 -6.54
N ILE A 28 11.38 -5.27 -7.18
CA ILE A 28 10.02 -5.77 -7.08
C ILE A 28 9.81 -7.03 -7.93
N THR A 29 10.17 -6.94 -9.20
CA THR A 29 10.03 -8.07 -10.11
C THR A 29 10.82 -9.28 -9.62
N GLU A 30 11.81 -9.02 -8.78
CA GLU A 30 12.65 -10.09 -8.23
C GLU A 30 11.79 -11.13 -7.52
N VAL A 31 10.62 -10.70 -7.04
CA VAL A 31 9.71 -11.60 -6.34
C VAL A 31 8.92 -12.45 -7.33
N LYS A 32 8.72 -11.93 -8.54
CA LYS A 32 7.98 -12.64 -9.57
C LYS A 32 8.80 -13.81 -10.12
N GLY A 33 10.12 -13.73 -9.94
CA GLY A 33 10.99 -14.79 -10.42
C GLY A 33 10.90 -16.05 -9.57
N MET A 34 11.28 -15.93 -8.30
CA MET A 34 11.23 -17.07 -7.39
C MET A 34 9.85 -17.73 -7.42
N LYS A 35 9.76 -18.90 -6.79
CA LYS A 35 8.51 -19.64 -6.74
C LYS A 35 7.36 -18.75 -6.28
N SER A 36 7.44 -18.30 -5.04
CA SER A 36 6.40 -17.43 -4.47
C SER A 36 6.91 -16.72 -3.22
N PRO A 37 6.33 -15.54 -2.93
CA PRO A 37 6.71 -14.74 -1.76
C PRO A 37 6.28 -15.38 -0.45
N PRO A 38 6.78 -14.86 0.67
CA PRO A 38 6.47 -15.36 2.00
C PRO A 38 5.03 -15.06 2.40
N ALA A 39 4.58 -15.68 3.49
CA ALA A 39 3.22 -15.48 3.98
C ALA A 39 3.05 -14.08 4.56
N GLY A 40 4.16 -13.44 4.88
CA GLY A 40 4.12 -12.10 5.42
C GLY A 40 4.08 -11.02 4.36
N VAL A 41 5.09 -11.02 3.49
CA VAL A 41 5.17 -10.04 2.41
C VAL A 41 3.96 -10.13 1.49
N ARG A 42 3.38 -11.33 1.41
CA ARG A 42 2.22 -11.56 0.55
C ARG A 42 0.96 -10.99 1.20
N ARG A 43 1.01 -10.80 2.51
CA ARG A 43 -0.13 -10.26 3.25
C ARG A 43 -0.10 -8.73 3.27
N VAL A 44 1.10 -8.17 3.31
CA VAL A 44 1.27 -6.73 3.32
C VAL A 44 1.07 -6.13 1.94
N LEU A 45 1.46 -6.88 0.91
CA LEU A 45 1.32 -6.43 -0.47
C LEU A 45 -0.11 -6.61 -0.96
N GLU A 46 -0.88 -7.41 -0.23
CA GLU A 46 -2.28 -7.67 -0.58
C GLU A 46 -3.13 -6.42 -0.39
N ALA A 47 -2.93 -5.75 0.74
CA ALA A 47 -3.68 -4.54 1.05
C ALA A 47 -3.51 -3.50 -0.04
N ILE A 48 -2.47 -3.64 -0.84
CA ILE A 48 -2.20 -2.71 -1.93
C ILE A 48 -3.23 -2.85 -3.05
N CYS A 49 -3.68 -4.08 -3.28
CA CYS A 49 -4.66 -4.36 -4.31
C CYS A 49 -6.08 -4.07 -3.81
N ILE A 50 -6.26 -4.12 -2.49
CA ILE A 50 -7.55 -3.86 -1.88
C ILE A 50 -7.89 -2.37 -1.91
N MET A 51 -6.96 -1.55 -1.42
CA MET A 51 -7.15 -0.11 -1.38
C MET A 51 -7.58 0.41 -2.75
N LYS A 52 -7.10 -0.25 -3.80
CA LYS A 52 -7.43 0.15 -5.17
C LYS A 52 -8.70 -0.55 -5.65
N GLY A 53 -8.94 -1.74 -5.11
CA GLY A 53 -10.13 -2.50 -5.49
C GLY A 53 -9.97 -3.17 -6.84
N VAL A 54 -8.82 -3.78 -7.07
CA VAL A 54 -8.54 -4.46 -8.33
C VAL A 54 -9.15 -5.87 -8.34
N LYS A 55 -9.64 -6.28 -9.50
CA LYS A 55 -10.24 -7.60 -9.65
C LYS A 55 -9.17 -8.69 -9.65
N PRO A 56 -9.58 -9.93 -9.36
CA PRO A 56 -8.68 -11.08 -9.33
C PRO A 56 -8.19 -11.47 -10.72
N ALA A 57 -7.51 -12.61 -10.80
CA ALA A 57 -6.99 -13.09 -12.07
C ALA A 57 -7.98 -14.04 -12.76
N ARG A 58 -7.54 -14.67 -13.83
CA ARG A 58 -8.40 -15.60 -14.58
C ARG A 58 -7.61 -16.84 -14.99
N VAL A 59 -7.96 -17.98 -14.40
CA VAL A 59 -7.29 -19.24 -14.71
C VAL A 59 -8.26 -20.42 -14.58
N LYS A 60 -7.87 -21.55 -15.14
CA LYS A 60 -8.69 -22.75 -15.10
C LYS A 60 -8.27 -23.66 -13.95
N ASP A 61 -9.24 -24.09 -13.14
CA ASP A 61 -8.97 -24.96 -12.01
C ASP A 61 -8.42 -26.30 -12.47
N THR A 62 -7.39 -26.78 -11.78
CA THR A 62 -6.77 -28.05 -12.12
C THR A 62 -7.53 -29.23 -11.52
N ALA A 63 -8.22 -28.96 -10.40
CA ALA A 63 -8.99 -30.00 -9.72
C ALA A 63 -10.46 -29.96 -10.14
N SER A 64 -10.93 -28.77 -10.53
CA SER A 64 -12.31 -28.59 -10.96
C SER A 64 -12.42 -28.68 -12.48
N GLY A 65 -11.42 -28.14 -13.18
CA GLY A 65 -11.44 -28.18 -14.63
C GLY A 65 -12.36 -27.13 -15.22
N ARG A 66 -12.68 -26.12 -14.42
CA ARG A 66 -13.56 -25.04 -14.88
C ARG A 66 -12.90 -23.68 -14.71
N MET A 67 -13.53 -22.65 -15.25
CA MET A 67 -13.00 -21.29 -15.15
C MET A 67 -13.10 -20.77 -13.72
N VAL A 68 -11.97 -20.33 -13.18
CA VAL A 68 -11.92 -19.80 -11.82
C VAL A 68 -11.01 -18.58 -11.73
N ASP A 69 -10.96 -17.98 -10.55
CA ASP A 69 -10.13 -16.79 -10.33
C ASP A 69 -8.99 -17.11 -9.36
N ASP A 70 -7.88 -16.40 -9.51
CA ASP A 70 -6.72 -16.59 -8.64
C ASP A 70 -6.28 -15.28 -8.02
N TYR A 71 -6.24 -15.25 -6.69
CA TYR A 71 -5.83 -14.04 -5.97
C TYR A 71 -4.31 -13.90 -5.94
N TRP A 72 -3.62 -15.02 -6.14
CA TRP A 72 -2.16 -15.02 -6.14
C TRP A 72 -1.63 -14.53 -7.48
N GLU A 73 -2.17 -15.07 -8.58
CA GLU A 73 -1.74 -14.69 -9.91
C GLU A 73 -1.87 -13.18 -10.11
N ALA A 74 -2.78 -12.57 -9.36
CA ALA A 74 -3.01 -11.13 -9.46
C ALA A 74 -2.02 -10.35 -8.60
N SER A 75 -1.46 -11.02 -7.60
CA SER A 75 -0.49 -10.40 -6.71
C SER A 75 0.91 -10.44 -7.31
N LYS A 76 1.33 -11.61 -7.77
CA LYS A 76 2.63 -11.78 -8.37
C LYS A 76 2.74 -10.99 -9.67
N LYS A 77 1.63 -10.85 -10.37
CA LYS A 77 1.60 -10.10 -11.62
C LYS A 77 1.67 -8.60 -11.38
N MET A 78 1.44 -8.20 -10.13
CA MET A 78 1.49 -6.79 -9.77
C MET A 78 2.91 -6.35 -9.47
N LEU A 79 3.77 -7.31 -9.12
CA LEU A 79 5.17 -7.01 -8.82
C LEU A 79 6.01 -6.98 -10.10
N MET A 80 5.63 -7.79 -11.07
CA MET A 80 6.34 -7.86 -12.34
C MET A 80 6.45 -6.46 -12.96
N GLU A 81 5.49 -5.60 -12.65
CA GLU A 81 5.48 -4.24 -13.18
C GLU A 81 6.56 -3.39 -12.51
N PHE A 82 7.26 -2.58 -13.30
CA PHE A 82 8.30 -1.72 -12.78
C PHE A 82 7.74 -0.37 -12.36
N ASP A 83 6.54 -0.07 -12.83
CA ASP A 83 5.89 1.20 -12.50
C ASP A 83 4.75 0.98 -11.51
N PHE A 84 4.51 -0.28 -11.16
CA PHE A 84 3.45 -0.62 -10.22
C PHE A 84 3.56 0.21 -8.95
N LEU A 85 4.80 0.51 -8.56
CA LEU A 85 5.04 1.30 -7.35
C LEU A 85 4.73 2.77 -7.60
N ASP A 86 5.20 3.29 -8.72
CA ASP A 86 4.97 4.69 -9.08
C ASP A 86 3.49 5.00 -9.10
N SER A 87 2.67 3.96 -9.25
CA SER A 87 1.22 4.12 -9.30
C SER A 87 0.63 4.26 -7.89
N LEU A 88 1.36 3.73 -6.91
CA LEU A 88 0.92 3.79 -5.52
C LEU A 88 1.39 5.07 -4.85
N ARG A 89 2.51 5.61 -5.33
CA ARG A 89 3.06 6.84 -4.77
C ARG A 89 2.18 8.03 -5.10
N LYS A 90 1.86 8.19 -6.38
CA LYS A 90 1.02 9.30 -6.83
C LYS A 90 -0.44 8.88 -6.85
N PHE A 91 -0.76 7.77 -6.18
CA PHE A 91 -2.12 7.27 -6.13
C PHE A 91 -3.06 8.31 -5.51
N ASP A 92 -4.29 8.34 -6.00
CA ASP A 92 -5.29 9.29 -5.49
C ASP A 92 -6.04 8.70 -4.30
N LYS A 93 -5.85 9.30 -3.14
CA LYS A 93 -6.51 8.84 -1.91
C LYS A 93 -7.88 9.46 -1.77
N ASP A 94 -8.32 10.18 -2.81
CA ASP A 94 -9.61 10.83 -2.79
C ASP A 94 -10.71 9.88 -3.29
N HIS A 95 -10.34 8.62 -3.47
CA HIS A 95 -11.29 7.61 -3.94
C HIS A 95 -11.07 6.29 -3.21
N ILE A 96 -10.67 6.37 -1.95
CA ILE A 96 -10.43 5.18 -1.15
C ILE A 96 -11.61 4.87 -0.25
N PRO A 97 -12.39 3.84 -0.63
CA PRO A 97 -13.57 3.42 0.14
C PRO A 97 -13.21 2.79 1.48
N PRO A 98 -14.14 2.86 2.44
CA PRO A 98 -13.94 2.31 3.78
C PRO A 98 -13.92 0.78 3.78
N GLU A 99 -14.25 0.19 2.63
CA GLU A 99 -14.28 -1.26 2.50
C GLU A 99 -12.87 -1.82 2.43
N VAL A 100 -11.90 -0.95 2.15
CA VAL A 100 -10.51 -1.36 2.06
C VAL A 100 -9.83 -1.33 3.41
N ILE A 101 -10.27 -0.41 4.27
CA ILE A 101 -9.70 -0.28 5.61
C ILE A 101 -10.25 -1.36 6.54
N VAL A 102 -11.41 -1.90 6.20
CA VAL A 102 -12.04 -2.94 7.00
C VAL A 102 -11.41 -4.30 6.73
N LYS A 103 -10.68 -4.40 5.61
CA LYS A 103 -10.02 -5.65 5.24
C LYS A 103 -8.66 -5.77 5.90
N ILE A 104 -8.03 -4.63 6.15
CA ILE A 104 -6.71 -4.60 6.79
C ILE A 104 -6.80 -4.03 8.20
N ARG A 105 -8.02 -3.88 8.70
CA ARG A 105 -8.24 -3.34 10.05
C ARG A 105 -7.44 -4.13 11.08
N PRO A 106 -7.64 -5.46 11.09
CA PRO A 106 -6.95 -6.35 12.04
C PRO A 106 -5.45 -6.46 11.73
N PHE A 107 -5.06 -6.05 10.53
CA PHE A 107 -3.67 -6.11 10.12
C PHE A 107 -2.91 -4.87 10.59
N ALA A 108 -3.60 -3.74 10.64
CA ALA A 108 -2.99 -2.50 11.07
C ALA A 108 -2.30 -2.66 12.42
N GLN A 109 -2.75 -3.65 13.20
CA GLN A 109 -2.17 -3.91 14.51
C GLN A 109 -1.34 -5.19 14.50
N ASP A 110 -1.49 -5.97 13.43
CA ASP A 110 -0.76 -7.23 13.30
C ASP A 110 0.75 -6.96 13.18
N PRO A 111 1.54 -7.76 13.90
CA PRO A 111 3.00 -7.64 13.90
C PRO A 111 3.62 -8.07 12.57
N GLU A 112 2.79 -8.63 11.69
CA GLU A 112 3.25 -9.07 10.38
C GLU A 112 2.84 -8.09 9.29
N PHE A 113 2.43 -6.90 9.70
CA PHE A 113 2.00 -5.86 8.76
C PHE A 113 2.62 -4.52 9.11
N GLN A 114 3.48 -4.52 10.12
CA GLN A 114 4.13 -3.29 10.56
C GLN A 114 5.40 -3.03 9.75
N PRO A 115 5.73 -1.74 9.57
CA PRO A 115 6.92 -1.32 8.82
C PRO A 115 8.22 -1.66 9.55
N LYS A 116 8.11 -1.91 10.85
CA LYS A 116 9.28 -2.24 11.66
C LYS A 116 9.65 -3.71 11.49
N VAL A 117 8.66 -4.55 11.23
CA VAL A 117 8.89 -5.98 11.04
C VAL A 117 9.18 -6.30 9.58
N ILE A 118 8.44 -5.66 8.67
CA ILE A 118 8.63 -5.88 7.24
C ILE A 118 9.96 -5.33 6.78
N GLU A 119 10.55 -4.45 7.57
CA GLU A 119 11.84 -3.85 7.24
C GLU A 119 12.98 -4.82 7.52
N LYS A 120 12.70 -5.83 8.34
CA LYS A 120 13.70 -6.83 8.69
C LYS A 120 13.65 -8.02 7.72
N GLN A 121 12.52 -8.18 7.05
CA GLN A 121 12.35 -9.27 6.09
C GLN A 121 12.44 -8.77 4.66
N SER A 122 11.69 -7.71 4.35
CA SER A 122 11.69 -7.13 3.01
C SER A 122 11.77 -5.61 3.09
N VAL A 123 12.98 -5.08 3.23
CA VAL A 123 13.18 -3.65 3.32
C VAL A 123 12.48 -2.93 2.16
N ALA A 124 12.63 -3.47 0.96
CA ALA A 124 12.00 -2.89 -0.22
C ALA A 124 10.49 -2.82 -0.07
N CYS A 125 9.87 -3.98 0.12
CA CYS A 125 8.42 -4.06 0.28
C CYS A 125 7.96 -3.23 1.48
N ALA A 126 8.88 -2.98 2.39
CA ALA A 126 8.57 -2.20 3.59
C ALA A 126 7.99 -0.83 3.22
N GLY A 127 8.31 -0.37 2.01
CA GLY A 127 7.81 0.92 1.56
C GLY A 127 6.33 0.89 1.23
N LEU A 128 5.85 -0.28 0.84
CA LEU A 128 4.44 -0.45 0.49
C LEU A 128 3.57 -0.54 1.74
N CYS A 129 3.84 -1.56 2.56
CA CYS A 129 3.07 -1.75 3.80
C CYS A 129 3.12 -0.50 4.68
N SER A 130 4.19 0.29 4.52
CA SER A 130 4.35 1.51 5.29
C SER A 130 3.44 2.62 4.76
N TRP A 131 3.05 2.50 3.50
CA TRP A 131 2.19 3.49 2.88
C TRP A 131 0.72 3.21 3.18
N VAL A 132 0.39 1.93 3.33
CA VAL A 132 -0.98 1.52 3.63
C VAL A 132 -1.39 1.98 5.02
N ILE A 133 -0.50 1.77 5.99
CA ILE A 133 -0.78 2.15 7.38
C ILE A 133 -0.60 3.66 7.57
N ALA A 134 0.20 4.27 6.70
CA ALA A 134 0.45 5.70 6.77
C ALA A 134 -0.68 6.50 6.14
N LEU A 135 -1.04 6.12 4.92
CA LEU A 135 -2.11 6.80 4.19
C LEU A 135 -3.37 6.89 5.05
N GLU A 136 -3.68 5.80 5.76
CA GLU A 136 -4.86 5.76 6.61
C GLU A 136 -4.87 6.95 7.58
N LYS A 137 -3.68 7.42 7.93
CA LYS A 137 -3.55 8.54 8.85
C LYS A 137 -3.67 9.88 8.11
N TYR A 138 -3.27 9.87 6.84
CA TYR A 138 -3.34 11.08 6.03
C TYR A 138 -4.75 11.29 5.49
N ASP A 139 -5.52 10.22 5.41
CA ASP A 139 -6.89 10.29 4.91
C ASP A 139 -7.83 10.81 5.99
N LYS A 140 -7.43 10.67 7.24
CA LYS A 140 -8.23 11.12 8.36
C LYS A 140 -8.03 12.62 8.60
N VAL A 141 -6.84 13.11 8.26
CA VAL A 141 -6.53 14.52 8.43
C VAL A 141 -6.90 15.33 7.19
N ILE A 142 -6.82 14.68 6.03
CA ILE A 142 -7.15 15.33 4.77
C ILE A 142 -8.49 16.05 4.85
N LYS A 143 -9.38 15.53 5.69
CA LYS A 143 -10.70 16.12 5.88
C LYS A 143 -10.60 17.62 6.15
N GLU A 144 -9.56 18.02 6.89
CA GLU A 144 -9.35 19.41 7.22
C GLU A 144 -7.86 19.75 7.23
N VAL A 145 -7.11 19.10 6.35
CA VAL A 145 -5.67 19.33 6.26
C VAL A 145 -5.38 20.72 5.70
N GLU A 146 -5.96 21.03 4.55
CA GLU A 146 -5.75 22.32 3.92
C GLU A 146 -7.08 23.03 3.69
N PRO A 147 -7.72 23.47 4.78
CA PRO A 147 -9.01 24.17 4.73
C PRO A 147 -8.88 25.57 4.12
N LYS A 148 -7.64 26.00 3.91
CA LYS A 148 -7.39 27.32 3.34
C LYS A 148 -8.11 28.41 4.12
N ARG A 149 -7.61 28.70 5.32
CA ARG A 149 -8.21 29.71 6.17
C ARG A 149 -7.50 31.05 6.01
N GLN A 150 -8.05 32.10 6.62
CA GLN A 150 -7.47 33.42 6.54
C GLN A 150 -5.98 33.39 6.88
N LYS A 151 -5.28 34.48 6.60
CA LYS A 151 -3.86 34.58 6.88
C LYS A 151 -3.38 36.02 6.81
N LEU A 152 -2.77 36.50 7.89
CA LEU A 152 -2.26 37.86 7.95
C LEU A 152 -1.42 38.18 6.72
N ARG A 153 -1.23 39.48 6.47
CA ARG A 153 -0.44 39.92 5.32
C ARG A 153 1.05 39.84 5.63
N GLU A 154 1.52 38.64 5.96
CA GLU A 154 2.93 38.43 6.27
C GLU A 154 3.46 37.17 5.59
N ALA A 155 4.12 37.36 4.46
CA ALA A 155 4.69 36.24 3.71
C ALA A 155 6.11 35.93 4.16
N GLY A 1 -3.38 24.25 15.16
CA GLY A 1 -2.32 23.40 14.66
C GLY A 1 -2.52 23.02 13.21
N SER A 2 -3.04 23.96 12.42
CA SER A 2 -3.27 23.72 11.00
C SER A 2 -2.00 23.27 10.30
N GLN A 3 -0.86 23.72 10.81
CA GLN A 3 0.43 23.37 10.23
C GLN A 3 1.01 22.12 10.89
N ALA A 4 0.39 21.71 12.00
CA ALA A 4 0.84 20.53 12.74
C ALA A 4 0.28 19.26 12.11
N ASP A 5 -1.01 19.28 11.79
CA ASP A 5 -1.66 18.12 11.20
C ASP A 5 -0.92 17.67 9.94
N LEU A 6 -0.79 18.58 8.98
CA LEU A 6 -0.10 18.26 7.73
C LEU A 6 1.31 17.77 7.99
N ALA A 7 1.97 18.36 8.99
CA ALA A 7 3.33 17.97 9.35
C ALA A 7 3.35 16.61 10.04
N GLU A 8 2.17 16.10 10.37
CA GLU A 8 2.05 14.80 11.03
C GLU A 8 1.96 13.67 9.99
N ALA A 9 1.48 14.02 8.81
CA ALA A 9 1.33 13.04 7.73
C ALA A 9 2.38 13.26 6.65
N LEU A 10 2.83 14.50 6.51
CA LEU A 10 3.83 14.85 5.51
C LEU A 10 5.02 13.89 5.58
N PRO A 11 5.59 13.74 6.78
CA PRO A 11 6.74 12.85 7.00
C PRO A 11 6.37 11.38 6.90
N LEU A 12 5.06 11.11 6.86
CA LEU A 12 4.58 9.74 6.75
C LEU A 12 4.46 9.31 5.30
N LEU A 13 3.71 10.09 4.52
CA LEU A 13 3.51 9.79 3.10
C LEU A 13 4.85 9.75 2.38
N GLU A 14 5.60 10.84 2.46
CA GLU A 14 6.90 10.93 1.81
C GLU A 14 7.80 9.78 2.23
N ALA A 15 7.68 9.37 3.49
CA ALA A 15 8.49 8.28 4.03
C ALA A 15 8.18 6.97 3.32
N ALA A 16 7.01 6.90 2.70
CA ALA A 16 6.60 5.69 1.97
C ALA A 16 7.08 5.73 0.54
N LEU A 17 6.63 6.72 -0.21
CA LEU A 17 7.02 6.88 -1.61
C LEU A 17 8.54 6.86 -1.76
N LYS A 18 9.22 7.43 -0.77
CA LYS A 18 10.68 7.49 -0.79
C LYS A 18 11.28 6.10 -0.61
N ALA A 19 10.58 5.24 0.11
CA ALA A 19 11.04 3.88 0.36
C ALA A 19 11.07 3.08 -0.94
N LEU A 20 10.27 3.51 -1.92
CA LEU A 20 10.21 2.82 -3.21
C LEU A 20 11.37 3.24 -4.10
N ASP A 21 11.95 4.40 -3.81
CA ASP A 21 13.07 4.91 -4.59
C ASP A 21 14.27 3.98 -4.48
N THR A 22 14.63 3.63 -3.25
CA THR A 22 15.77 2.74 -3.01
C THR A 22 15.54 1.38 -3.66
N LEU A 23 14.29 1.03 -3.90
CA LEU A 23 13.94 -0.24 -4.53
C LEU A 23 14.15 -0.18 -6.03
N LYS A 24 14.14 -1.34 -6.68
CA LYS A 24 14.32 -1.43 -8.12
C LYS A 24 13.12 -2.10 -8.77
N PRO A 25 12.96 -1.88 -10.09
CA PRO A 25 11.86 -2.46 -10.86
C PRO A 25 12.00 -3.97 -11.03
N ALA A 26 13.24 -4.43 -11.12
CA ALA A 26 13.51 -5.86 -11.29
C ALA A 26 13.44 -6.59 -9.95
N ASP A 27 13.66 -5.85 -8.87
CA ASP A 27 13.61 -6.43 -7.53
C ASP A 27 12.20 -6.89 -7.18
N ILE A 28 11.22 -6.35 -7.89
CA ILE A 28 9.83 -6.70 -7.66
C ILE A 28 9.43 -7.93 -8.46
N THR A 29 9.56 -7.84 -9.78
CA THR A 29 9.22 -8.94 -10.67
C THR A 29 9.99 -10.21 -10.29
N GLU A 30 11.17 -10.03 -9.69
CA GLU A 30 12.00 -11.15 -9.28
C GLU A 30 11.29 -12.00 -8.22
N VAL A 31 10.34 -11.39 -7.53
CA VAL A 31 9.58 -12.08 -6.49
C VAL A 31 8.52 -12.98 -7.10
N LYS A 32 8.10 -12.66 -8.31
CA LYS A 32 7.08 -13.45 -9.01
C LYS A 32 7.56 -14.88 -9.22
N GLY A 33 8.87 -15.08 -9.11
CA GLY A 33 9.43 -16.41 -9.30
C GLY A 33 10.25 -16.87 -8.12
N MET A 34 11.08 -15.97 -7.60
CA MET A 34 11.93 -16.29 -6.45
C MET A 34 11.08 -16.63 -5.23
N LYS A 35 11.75 -16.99 -4.13
CA LYS A 35 11.06 -17.35 -2.90
C LYS A 35 9.95 -16.35 -2.59
N SER A 36 8.72 -16.75 -2.83
CA SER A 36 7.56 -15.89 -2.58
C SER A 36 7.68 -15.21 -1.22
N PRO A 37 6.92 -14.11 -1.03
CA PRO A 37 6.93 -13.36 0.22
C PRO A 37 6.28 -14.12 1.37
N PRO A 38 6.67 -13.78 2.61
CA PRO A 38 6.14 -14.42 3.82
C PRO A 38 4.67 -14.07 4.07
N ALA A 39 4.05 -14.77 5.00
CA ALA A 39 2.65 -14.54 5.34
C ALA A 39 2.45 -13.12 5.85
N GLY A 40 3.53 -12.47 6.26
CA GLY A 40 3.45 -11.12 6.76
C GLY A 40 3.50 -10.08 5.66
N VAL A 41 4.21 -10.39 4.58
CA VAL A 41 4.34 -9.48 3.46
C VAL A 41 3.17 -9.63 2.49
N ARG A 42 2.71 -10.87 2.32
CA ARG A 42 1.58 -11.15 1.44
C ARG A 42 0.40 -10.25 1.75
N ARG A 43 0.30 -9.82 3.00
CA ARG A 43 -0.79 -8.95 3.43
C ARG A 43 -0.55 -7.51 3.01
N VAL A 44 0.73 -7.10 3.03
CA VAL A 44 1.10 -5.75 2.65
C VAL A 44 0.92 -5.52 1.15
N LEU A 45 1.60 -6.35 0.35
CA LEU A 45 1.52 -6.25 -1.10
C LEU A 45 0.06 -6.33 -1.57
N GLU A 46 -0.78 -6.97 -0.76
CA GLU A 46 -2.19 -7.11 -1.09
C GLU A 46 -2.90 -5.76 -1.06
N ALA A 47 -2.61 -4.98 -0.02
CA ALA A 47 -3.22 -3.66 0.13
C ALA A 47 -2.89 -2.76 -1.05
N ILE A 48 -1.86 -3.14 -1.80
CA ILE A 48 -1.42 -2.36 -2.96
C ILE A 48 -2.37 -2.58 -4.15
N CYS A 49 -2.77 -3.83 -4.36
CA CYS A 49 -3.66 -4.17 -5.45
C CYS A 49 -5.11 -3.90 -5.08
N ILE A 50 -5.39 -3.91 -3.78
CA ILE A 50 -6.74 -3.67 -3.28
C ILE A 50 -7.08 -2.18 -3.33
N MET A 51 -6.06 -1.34 -3.19
CA MET A 51 -6.25 0.10 -3.22
C MET A 51 -6.61 0.57 -4.63
N LYS A 52 -6.41 -0.30 -5.61
CA LYS A 52 -6.72 0.02 -7.00
C LYS A 52 -7.91 -0.79 -7.50
N GLY A 53 -8.18 -1.92 -6.85
CA GLY A 53 -9.29 -2.75 -7.23
C GLY A 53 -8.94 -3.71 -8.36
N VAL A 54 -7.81 -4.40 -8.20
CA VAL A 54 -7.36 -5.35 -9.21
C VAL A 54 -8.29 -6.56 -9.28
N LYS A 55 -8.49 -7.08 -10.49
CA LYS A 55 -9.35 -8.23 -10.70
C LYS A 55 -8.61 -9.52 -10.37
N PRO A 56 -9.38 -10.56 -9.99
CA PRO A 56 -8.81 -11.87 -9.65
C PRO A 56 -8.25 -12.60 -10.86
N ALA A 57 -7.65 -13.76 -10.62
CA ALA A 57 -7.08 -14.56 -11.70
C ALA A 57 -7.95 -15.77 -12.01
N ARG A 58 -7.56 -16.54 -13.03
CA ARG A 58 -8.31 -17.72 -13.42
C ARG A 58 -7.40 -18.95 -13.45
N VAL A 59 -7.82 -20.00 -12.75
CA VAL A 59 -7.05 -21.24 -12.70
C VAL A 59 -7.96 -22.45 -12.55
N LYS A 60 -7.38 -23.63 -12.71
CA LYS A 60 -8.15 -24.88 -12.59
C LYS A 60 -7.90 -25.54 -11.24
N ASP A 61 -8.98 -25.88 -10.55
CA ASP A 61 -8.89 -26.53 -9.25
C ASP A 61 -8.20 -27.88 -9.36
N THR A 62 -7.24 -28.13 -8.48
CA THR A 62 -6.51 -29.39 -8.48
C THR A 62 -7.27 -30.48 -7.74
N ALA A 63 -8.12 -30.07 -6.80
CA ALA A 63 -8.91 -31.01 -6.02
C ALA A 63 -10.32 -31.16 -6.60
N SER A 64 -10.77 -30.11 -7.29
CA SER A 64 -12.10 -30.13 -7.90
C SER A 64 -12.03 -30.47 -9.38
N GLY A 65 -10.95 -30.02 -10.03
CA GLY A 65 -10.77 -30.29 -11.45
C GLY A 65 -11.66 -29.42 -12.31
N ARG A 66 -12.14 -28.32 -11.75
CA ARG A 66 -13.01 -27.41 -12.48
C ARG A 66 -12.44 -25.99 -12.50
N MET A 67 -13.09 -25.10 -13.22
CA MET A 67 -12.64 -23.71 -13.32
C MET A 67 -12.85 -22.98 -11.99
N VAL A 68 -11.78 -22.34 -11.51
CA VAL A 68 -11.85 -21.60 -10.24
C VAL A 68 -11.05 -20.31 -10.33
N ASP A 69 -11.03 -19.56 -9.23
CA ASP A 69 -10.30 -18.30 -9.18
C ASP A 69 -9.07 -18.42 -8.28
N ASP A 70 -8.05 -17.62 -8.56
CA ASP A 70 -6.82 -17.64 -7.78
C ASP A 70 -6.48 -16.25 -7.25
N TYR A 71 -6.39 -16.12 -5.94
CA TYR A 71 -6.08 -14.84 -5.31
C TYR A 71 -4.57 -14.59 -5.31
N TRP A 72 -3.81 -15.66 -5.41
CA TRP A 72 -2.35 -15.54 -5.42
C TRP A 72 -1.85 -15.07 -6.79
N GLU A 73 -2.36 -15.69 -7.85
CA GLU A 73 -1.97 -15.33 -9.21
C GLU A 73 -2.21 -13.84 -9.47
N ALA A 74 -3.17 -13.27 -8.74
CA ALA A 74 -3.50 -11.86 -8.88
C ALA A 74 -2.57 -10.99 -8.06
N SER A 75 -1.97 -11.57 -7.03
CA SER A 75 -1.06 -10.84 -6.16
C SER A 75 0.34 -10.80 -6.75
N LYS A 76 0.85 -11.97 -7.16
CA LYS A 76 2.18 -12.07 -7.75
C LYS A 76 2.22 -11.36 -9.10
N LYS A 77 1.09 -11.35 -9.79
CA LYS A 77 1.00 -10.70 -11.10
C LYS A 77 1.23 -9.20 -10.98
N MET A 78 1.14 -8.69 -9.76
CA MET A 78 1.34 -7.27 -9.51
C MET A 78 2.82 -6.94 -9.34
N LEU A 79 3.60 -7.94 -8.94
CA LEU A 79 5.03 -7.77 -8.75
C LEU A 79 5.78 -7.85 -10.07
N MET A 80 5.28 -8.67 -10.98
CA MET A 80 5.90 -8.83 -12.28
C MET A 80 5.87 -7.53 -13.07
N GLU A 81 5.03 -6.59 -12.63
CA GLU A 81 4.90 -5.31 -13.29
C GLU A 81 6.16 -4.47 -13.10
N PHE A 82 6.55 -3.75 -14.14
CA PHE A 82 7.74 -2.91 -14.08
C PHE A 82 7.42 -1.53 -13.51
N ASP A 83 6.14 -1.17 -13.54
CA ASP A 83 5.71 0.12 -13.02
C ASP A 83 4.76 -0.07 -11.84
N PHE A 84 4.83 -1.24 -11.21
CA PHE A 84 3.98 -1.55 -10.07
C PHE A 84 4.21 -0.55 -8.94
N LEU A 85 5.48 -0.19 -8.73
CA LEU A 85 5.84 0.74 -7.67
C LEU A 85 5.69 2.19 -8.16
N ASP A 86 5.77 2.38 -9.46
CA ASP A 86 5.64 3.70 -10.05
C ASP A 86 4.17 4.11 -10.17
N SER A 87 3.28 3.12 -10.12
CA SER A 87 1.85 3.37 -10.23
C SER A 87 1.27 3.78 -8.87
N LEU A 88 1.78 3.17 -7.81
CA LEU A 88 1.31 3.47 -6.47
C LEU A 88 1.73 4.88 -6.04
N ARG A 89 2.90 5.30 -6.52
CA ARG A 89 3.40 6.63 -6.19
C ARG A 89 2.65 7.72 -6.96
N LYS A 90 2.26 7.39 -8.19
CA LYS A 90 1.53 8.33 -9.03
C LYS A 90 0.03 8.29 -8.72
N PHE A 91 -0.33 7.47 -7.74
CA PHE A 91 -1.73 7.35 -7.35
C PHE A 91 -2.28 8.67 -6.81
N ASP A 92 -3.53 8.96 -7.13
CA ASP A 92 -4.17 10.19 -6.69
C ASP A 92 -5.22 9.91 -5.62
N LYS A 93 -5.26 10.75 -4.60
CA LYS A 93 -6.22 10.59 -3.51
C LYS A 93 -7.40 11.53 -3.69
N ASP A 94 -7.70 11.87 -4.94
CA ASP A 94 -8.81 12.76 -5.25
C ASP A 94 -10.11 11.98 -5.38
N HIS A 95 -10.05 10.69 -5.06
CA HIS A 95 -11.24 9.83 -5.14
C HIS A 95 -10.98 8.50 -4.43
N ILE A 96 -10.28 8.56 -3.30
CA ILE A 96 -9.97 7.37 -2.53
C ILE A 96 -11.24 6.59 -2.19
N PRO A 97 -11.40 5.41 -2.82
CA PRO A 97 -12.56 4.55 -2.59
C PRO A 97 -12.56 3.92 -1.20
N PRO A 98 -13.67 4.11 -0.46
CA PRO A 98 -13.81 3.58 0.89
C PRO A 98 -13.96 2.06 0.90
N GLU A 99 -14.10 1.48 -0.28
CA GLU A 99 -14.24 0.04 -0.40
C GLU A 99 -12.90 -0.67 -0.28
N VAL A 100 -11.84 0.05 -0.63
CA VAL A 100 -10.48 -0.50 -0.55
C VAL A 100 -9.88 -0.30 0.84
N ILE A 101 -10.35 0.73 1.54
CA ILE A 101 -9.87 1.02 2.87
C ILE A 101 -10.59 0.18 3.92
N VAL A 102 -11.82 -0.20 3.62
CA VAL A 102 -12.61 -1.02 4.54
C VAL A 102 -12.05 -2.44 4.63
N LYS A 103 -11.30 -2.84 3.62
CA LYS A 103 -10.70 -4.17 3.59
C LYS A 103 -9.45 -4.21 4.45
N ILE A 104 -8.80 -3.06 4.62
CA ILE A 104 -7.59 -2.97 5.43
C ILE A 104 -7.84 -2.16 6.71
N ARG A 105 -9.11 -1.89 6.98
CA ARG A 105 -9.48 -1.12 8.18
C ARG A 105 -8.84 -1.73 9.42
N PRO A 106 -9.07 -3.03 9.64
CA PRO A 106 -8.53 -3.76 10.79
C PRO A 106 -7.03 -3.94 10.71
N PHE A 107 -6.48 -3.80 9.50
CA PHE A 107 -5.04 -3.95 9.29
C PHE A 107 -4.31 -2.67 9.67
N ALA A 108 -4.96 -1.53 9.46
CA ALA A 108 -4.36 -0.24 9.78
C ALA A 108 -3.90 -0.19 11.24
N GLN A 109 -4.50 -1.05 12.07
CA GLN A 109 -4.15 -1.11 13.48
C GLN A 109 -3.52 -2.44 13.83
N ASP A 110 -3.30 -3.28 12.82
CA ASP A 110 -2.70 -4.59 13.02
C ASP A 110 -1.18 -4.48 13.13
N PRO A 111 -0.61 -5.21 14.10
CA PRO A 111 0.84 -5.20 14.34
C PRO A 111 1.61 -5.91 13.22
N GLU A 112 0.87 -6.54 12.31
CA GLU A 112 1.49 -7.25 11.20
C GLU A 112 1.25 -6.51 9.89
N PHE A 113 0.91 -5.23 10.00
CA PHE A 113 0.66 -4.41 8.82
C PHE A 113 1.32 -3.04 8.96
N GLN A 114 2.10 -2.88 10.02
CA GLN A 114 2.80 -1.62 10.26
C GLN A 114 4.14 -1.58 9.54
N PRO A 115 4.60 -0.36 9.21
CA PRO A 115 5.87 -0.17 8.51
C PRO A 115 7.07 -0.50 9.38
N LYS A 116 6.87 -0.46 10.69
CA LYS A 116 7.95 -0.75 11.64
C LYS A 116 8.14 -2.26 11.79
N VAL A 117 7.05 -3.01 11.65
CA VAL A 117 7.09 -4.46 11.76
C VAL A 117 7.47 -5.10 10.43
N ILE A 118 6.85 -4.63 9.36
CA ILE A 118 7.12 -5.16 8.02
C ILE A 118 8.57 -4.91 7.62
N GLU A 119 9.20 -3.93 8.25
CA GLU A 119 10.58 -3.59 7.96
C GLU A 119 11.54 -4.50 8.73
N LYS A 120 11.02 -5.12 9.79
CA LYS A 120 11.84 -6.01 10.61
C LYS A 120 12.18 -7.29 9.85
N GLN A 121 11.38 -7.61 8.83
CA GLN A 121 11.60 -8.79 8.02
C GLN A 121 11.78 -8.43 6.56
N SER A 122 10.97 -7.48 6.09
CA SER A 122 11.03 -7.05 4.69
C SER A 122 11.12 -5.53 4.61
N VAL A 123 12.35 -5.01 4.68
CA VAL A 123 12.57 -3.57 4.61
C VAL A 123 12.07 -3.00 3.29
N ALA A 124 12.42 -3.67 2.20
CA ALA A 124 12.01 -3.23 0.87
C ALA A 124 10.48 -3.11 0.78
N CYS A 125 9.79 -4.16 1.19
CA CYS A 125 8.33 -4.18 1.16
C CYS A 125 7.75 -3.24 2.21
N ALA A 126 8.55 -2.94 3.23
CA ALA A 126 8.11 -2.04 4.30
C ALA A 126 7.66 -0.70 3.74
N GLY A 127 8.19 -0.34 2.58
CA GLY A 127 7.82 0.93 1.96
C GLY A 127 6.42 0.91 1.40
N LEU A 128 5.88 -0.29 1.17
CA LEU A 128 4.54 -0.44 0.62
C LEU A 128 3.48 -0.19 1.70
N CYS A 129 3.49 -1.04 2.73
CA CYS A 129 2.53 -0.91 3.82
C CYS A 129 2.51 0.52 4.36
N SER A 130 3.69 1.11 4.52
CA SER A 130 3.80 2.47 5.03
C SER A 130 2.95 3.43 4.21
N TRP A 131 2.96 3.25 2.89
CA TRP A 131 2.19 4.10 2.00
C TRP A 131 0.68 3.87 2.19
N VAL A 132 0.32 2.62 2.46
CA VAL A 132 -1.08 2.26 2.66
C VAL A 132 -1.65 2.94 3.91
N ILE A 133 -0.89 2.91 4.99
CA ILE A 133 -1.31 3.53 6.24
C ILE A 133 -1.09 5.04 6.21
N ALA A 134 -0.18 5.48 5.35
CA ALA A 134 0.12 6.91 5.22
C ALA A 134 -0.91 7.61 4.36
N LEU A 135 -1.07 7.12 3.13
CA LEU A 135 -2.03 7.71 2.19
C LEU A 135 -3.41 7.82 2.83
N GLU A 136 -3.71 6.89 3.73
CA GLU A 136 -5.00 6.88 4.41
C GLU A 136 -5.12 8.06 5.38
N LYS A 137 -3.99 8.43 5.98
CA LYS A 137 -3.96 9.54 6.93
C LYS A 137 -3.81 10.88 6.20
N TYR A 138 -2.99 10.88 5.16
CA TYR A 138 -2.76 12.10 4.37
C TYR A 138 -4.07 12.66 3.85
N ASP A 139 -5.07 11.79 3.69
CA ASP A 139 -6.38 12.21 3.20
C ASP A 139 -7.21 12.83 4.32
N LYS A 140 -6.93 12.41 5.55
CA LYS A 140 -7.64 12.92 6.71
C LYS A 140 -7.07 14.26 7.16
N VAL A 141 -5.79 14.48 6.87
CA VAL A 141 -5.12 15.72 7.25
C VAL A 141 -5.31 16.79 6.18
N ILE A 142 -5.45 16.35 4.93
CA ILE A 142 -5.65 17.27 3.82
C ILE A 142 -6.88 18.15 4.03
N LYS A 143 -7.75 17.71 4.93
CA LYS A 143 -8.97 18.46 5.24
C LYS A 143 -8.64 19.70 6.07
N GLU A 144 -7.46 19.72 6.66
CA GLU A 144 -7.03 20.84 7.49
C GLU A 144 -5.55 21.14 7.28
N VAL A 145 -5.00 20.61 6.20
CA VAL A 145 -3.59 20.81 5.88
C VAL A 145 -3.33 22.24 5.41
N GLU A 146 -4.22 22.75 4.56
CA GLU A 146 -4.09 24.10 4.04
C GLU A 146 -5.47 24.75 3.88
N PRO A 147 -6.15 25.00 5.01
CA PRO A 147 -7.47 25.62 5.02
C PRO A 147 -7.43 27.08 4.61
N LYS A 148 -6.23 27.67 4.64
CA LYS A 148 -6.06 29.07 4.27
C LYS A 148 -7.01 29.96 5.03
N ARG A 149 -7.01 29.82 6.36
CA ARG A 149 -7.89 30.62 7.22
C ARG A 149 -7.10 31.23 8.37
N GLN A 150 -7.81 31.96 9.23
CA GLN A 150 -7.18 32.61 10.37
C GLN A 150 -7.30 31.74 11.62
N LYS A 151 -6.89 30.49 11.51
CA LYS A 151 -6.96 29.56 12.63
C LYS A 151 -5.61 28.89 12.87
N LEU A 152 -4.61 29.69 13.26
CA LEU A 152 -3.28 29.18 13.52
C LEU A 152 -2.70 29.81 14.78
N ARG A 153 -1.70 29.14 15.35
CA ARG A 153 -1.04 29.63 16.57
C ARG A 153 -0.11 30.80 16.24
N GLU A 154 1.04 30.48 15.64
CA GLU A 154 2.01 31.50 15.29
C GLU A 154 2.38 31.41 13.81
N ALA A 155 1.59 32.09 12.97
CA ALA A 155 1.83 32.09 11.54
C ALA A 155 2.73 33.25 11.12
N GLY A 1 -3.05 21.15 16.46
CA GLY A 1 -2.28 22.03 15.62
C GLY A 1 -2.44 21.72 14.14
N SER A 2 -2.20 22.72 13.29
CA SER A 2 -2.34 22.55 11.85
C SER A 2 -0.96 22.46 11.19
N GLN A 3 0.05 23.02 11.85
CA GLN A 3 1.41 23.00 11.33
C GLN A 3 2.16 21.76 11.79
N ALA A 4 1.70 21.17 12.89
CA ALA A 4 2.32 19.98 13.43
C ALA A 4 1.77 18.72 12.78
N ASP A 5 0.52 18.80 12.33
CA ASP A 5 -0.13 17.67 11.68
C ASP A 5 0.51 17.36 10.33
N LEU A 6 0.72 18.41 9.54
CA LEU A 6 1.33 18.27 8.22
C LEU A 6 2.77 17.77 8.33
N ALA A 7 3.50 18.32 9.30
CA ALA A 7 4.89 17.93 9.52
C ALA A 7 4.97 16.54 10.14
N GLU A 8 3.83 16.00 10.54
CA GLU A 8 3.78 14.68 11.15
C GLU A 8 3.61 13.59 10.08
N ALA A 9 3.04 13.97 8.95
CA ALA A 9 2.81 13.03 7.86
C ALA A 9 3.76 13.32 6.69
N LEU A 10 4.13 14.59 6.53
CA LEU A 10 5.02 14.99 5.46
C LEU A 10 6.25 14.10 5.41
N PRO A 11 6.94 13.97 6.55
CA PRO A 11 8.14 13.13 6.66
C PRO A 11 7.83 11.64 6.56
N LEU A 12 6.55 11.31 6.62
CA LEU A 12 6.12 9.91 6.54
C LEU A 12 5.90 9.51 5.08
N LEU A 13 5.07 10.26 4.37
CA LEU A 13 4.78 9.97 2.98
C LEU A 13 6.05 10.02 2.14
N GLU A 14 6.85 11.06 2.33
CA GLU A 14 8.10 11.22 1.59
C GLU A 14 9.08 10.12 1.94
N ALA A 15 9.03 9.66 3.19
CA ALA A 15 9.92 8.60 3.65
C ALA A 15 9.60 7.28 2.96
N ALA A 16 8.39 7.17 2.44
CA ALA A 16 7.96 5.96 1.75
C ALA A 16 8.37 5.98 0.28
N LEU A 17 8.11 7.10 -0.38
CA LEU A 17 8.46 7.25 -1.79
C LEU A 17 9.94 7.03 -2.02
N LYS A 18 10.75 7.44 -1.05
CA LYS A 18 12.21 7.28 -1.13
C LYS A 18 12.60 5.82 -0.95
N ALA A 19 11.73 5.05 -0.30
CA ALA A 19 12.00 3.64 -0.07
C ALA A 19 12.01 2.86 -1.37
N LEU A 20 11.08 3.18 -2.27
CA LEU A 20 10.99 2.51 -3.56
C LEU A 20 12.14 2.94 -4.47
N ASP A 21 12.75 4.06 -4.15
CA ASP A 21 13.87 4.58 -4.95
C ASP A 21 15.04 3.60 -4.92
N THR A 22 15.24 2.94 -3.79
CA THR A 22 16.33 1.98 -3.65
C THR A 22 15.90 0.59 -4.10
N LEU A 23 14.59 0.35 -4.12
CA LEU A 23 14.06 -0.94 -4.54
C LEU A 23 14.36 -1.21 -6.01
N LYS A 24 14.04 -2.41 -6.46
CA LYS A 24 14.28 -2.79 -7.85
C LYS A 24 13.18 -3.72 -8.35
N PRO A 25 13.05 -3.82 -9.68
CA PRO A 25 12.04 -4.67 -10.32
C PRO A 25 12.35 -6.15 -10.15
N ALA A 26 13.57 -6.46 -9.71
CA ALA A 26 13.98 -7.84 -9.50
C ALA A 26 13.36 -8.42 -8.24
N ASP A 27 12.94 -7.54 -7.33
CA ASP A 27 12.33 -7.98 -6.08
C ASP A 27 10.85 -8.32 -6.30
N ILE A 28 10.08 -7.36 -6.80
CA ILE A 28 8.67 -7.56 -7.04
C ILE A 28 8.43 -8.82 -7.86
N THR A 29 9.16 -8.96 -8.96
CA THR A 29 9.04 -10.13 -9.82
C THR A 29 9.48 -11.40 -9.11
N GLU A 30 10.34 -11.24 -8.11
CA GLU A 30 10.84 -12.38 -7.35
C GLU A 30 9.70 -13.12 -6.66
N VAL A 31 8.65 -12.38 -6.30
CA VAL A 31 7.49 -12.97 -5.65
C VAL A 31 6.60 -13.69 -6.65
N LYS A 32 6.57 -13.19 -7.88
CA LYS A 32 5.75 -13.79 -8.93
C LYS A 32 6.29 -15.16 -9.32
N GLY A 33 7.60 -15.33 -9.19
CA GLY A 33 8.22 -16.61 -9.53
C GLY A 33 8.39 -17.52 -8.33
N MET A 34 8.54 -16.91 -7.15
CA MET A 34 8.71 -17.66 -5.91
C MET A 34 7.61 -18.71 -5.77
N LYS A 35 8.00 -19.93 -5.43
CA LYS A 35 7.04 -21.02 -5.26
C LYS A 35 5.95 -20.62 -4.27
N SER A 36 6.32 -19.88 -3.23
CA SER A 36 5.37 -19.44 -2.22
C SER A 36 5.93 -18.28 -1.41
N PRO A 37 5.34 -17.09 -1.58
CA PRO A 37 5.76 -15.88 -0.88
C PRO A 37 5.44 -15.94 0.62
N PRO A 38 6.02 -15.00 1.39
CA PRO A 38 5.81 -14.92 2.83
C PRO A 38 4.39 -14.49 3.19
N ALA A 39 4.03 -14.64 4.46
CA ALA A 39 2.71 -14.25 4.93
C ALA A 39 2.66 -12.78 5.31
N GLY A 40 3.84 -12.15 5.36
CA GLY A 40 3.91 -10.74 5.72
C GLY A 40 3.74 -9.84 4.51
N VAL A 41 4.25 -10.28 3.37
CA VAL A 41 4.16 -9.51 2.14
C VAL A 41 2.82 -9.74 1.44
N ARG A 42 2.24 -10.92 1.66
CA ARG A 42 0.96 -11.26 1.06
C ARG A 42 -0.08 -10.17 1.32
N ARG A 43 0.05 -9.48 2.44
CA ARG A 43 -0.88 -8.43 2.81
C ARG A 43 -0.43 -7.09 2.21
N VAL A 44 0.88 -6.87 2.19
CA VAL A 44 1.44 -5.63 1.64
C VAL A 44 1.22 -5.55 0.14
N LEU A 45 1.73 -6.53 -0.58
CA LEU A 45 1.60 -6.57 -2.03
C LEU A 45 0.14 -6.38 -2.45
N GLU A 46 -0.78 -6.81 -1.60
CA GLU A 46 -2.20 -6.68 -1.87
C GLU A 46 -2.66 -5.24 -1.69
N ALA A 47 -2.13 -4.58 -0.67
CA ALA A 47 -2.48 -3.19 -0.38
C ALA A 47 -2.11 -2.28 -1.55
N ILE A 48 -1.23 -2.76 -2.42
CA ILE A 48 -0.78 -1.99 -3.57
C ILE A 48 -1.76 -2.15 -4.74
N CYS A 49 -2.26 -3.37 -4.92
CA CYS A 49 -3.19 -3.66 -6.01
C CYS A 49 -4.62 -3.27 -5.61
N ILE A 50 -4.88 -3.25 -4.30
CA ILE A 50 -6.19 -2.90 -3.80
C ILE A 50 -6.39 -1.38 -3.76
N MET A 51 -5.29 -0.66 -3.61
CA MET A 51 -5.34 0.79 -3.56
C MET A 51 -5.61 1.37 -4.95
N LYS A 52 -5.50 0.53 -5.97
CA LYS A 52 -5.73 0.95 -7.35
C LYS A 52 -7.03 0.36 -7.88
N GLY A 53 -7.40 -0.81 -7.37
CA GLY A 53 -8.62 -1.47 -7.81
C GLY A 53 -8.36 -2.57 -8.81
N VAL A 54 -7.34 -3.38 -8.54
CA VAL A 54 -6.98 -4.48 -9.43
C VAL A 54 -7.97 -5.63 -9.30
N LYS A 55 -8.50 -6.07 -10.44
CA LYS A 55 -9.47 -7.16 -10.46
C LYS A 55 -8.79 -8.48 -10.12
N PRO A 56 -9.57 -9.43 -9.55
CA PRO A 56 -9.06 -10.74 -9.16
C PRO A 56 -8.75 -11.62 -10.38
N ALA A 57 -8.47 -12.89 -10.13
CA ALA A 57 -8.16 -13.83 -11.20
C ALA A 57 -9.23 -14.91 -11.32
N ARG A 58 -8.91 -15.96 -12.06
CA ARG A 58 -9.85 -17.07 -12.26
C ARG A 58 -9.16 -18.41 -12.06
N VAL A 59 -9.70 -19.21 -11.15
CA VAL A 59 -9.14 -20.52 -10.86
C VAL A 59 -10.22 -21.49 -10.37
N LYS A 60 -9.85 -22.77 -10.26
CA LYS A 60 -10.79 -23.79 -9.81
C LYS A 60 -10.52 -24.16 -8.35
N ASP A 61 -11.55 -24.08 -7.52
CA ASP A 61 -11.43 -24.41 -6.11
C ASP A 61 -11.19 -25.91 -5.91
N THR A 62 -10.13 -26.24 -5.18
CA THR A 62 -9.78 -27.63 -4.94
C THR A 62 -10.60 -28.20 -3.77
N ALA A 63 -11.09 -27.31 -2.91
CA ALA A 63 -11.88 -27.72 -1.76
C ALA A 63 -13.38 -27.60 -2.05
N SER A 64 -13.71 -26.82 -3.08
CA SER A 64 -15.10 -26.62 -3.45
C SER A 64 -15.43 -27.40 -4.73
N GLY A 65 -14.49 -27.41 -5.66
CA GLY A 65 -14.70 -28.12 -6.92
C GLY A 65 -15.50 -27.30 -7.92
N ARG A 66 -15.55 -25.99 -7.69
CA ARG A 66 -16.30 -25.09 -8.57
C ARG A 66 -15.40 -23.98 -9.09
N MET A 67 -15.96 -23.11 -9.94
CA MET A 67 -15.22 -22.00 -10.50
C MET A 67 -15.11 -20.85 -9.51
N VAL A 68 -13.88 -20.45 -9.20
CA VAL A 68 -13.64 -19.36 -8.27
C VAL A 68 -12.64 -18.36 -8.83
N ASP A 69 -12.34 -17.34 -8.04
CA ASP A 69 -11.39 -16.31 -8.46
C ASP A 69 -10.15 -16.32 -7.56
N ASP A 70 -8.98 -16.14 -8.18
CA ASP A 70 -7.72 -16.13 -7.44
C ASP A 70 -7.26 -14.69 -7.19
N TYR A 71 -7.23 -14.30 -5.92
CA TYR A 71 -6.82 -12.97 -5.54
C TYR A 71 -5.30 -12.86 -5.49
N TRP A 72 -4.63 -14.01 -5.48
CA TRP A 72 -3.17 -14.06 -5.43
C TRP A 72 -2.58 -13.96 -6.83
N GLU A 73 -3.08 -14.80 -7.74
CA GLU A 73 -2.59 -14.81 -9.11
C GLU A 73 -2.70 -13.42 -9.74
N ALA A 74 -3.71 -12.67 -9.32
CA ALA A 74 -3.92 -11.33 -9.84
C ALA A 74 -3.03 -10.32 -9.11
N SER A 75 -2.57 -10.68 -7.92
CA SER A 75 -1.71 -9.81 -7.13
C SER A 75 -0.25 -9.97 -7.54
N LYS A 76 0.19 -11.22 -7.68
CA LYS A 76 1.55 -11.51 -8.07
C LYS A 76 1.84 -11.06 -9.49
N LYS A 77 0.81 -11.11 -10.34
CA LYS A 77 0.94 -10.71 -11.72
C LYS A 77 1.17 -9.21 -11.84
N MET A 78 0.91 -8.49 -10.75
CA MET A 78 1.09 -7.04 -10.72
C MET A 78 2.54 -6.68 -10.37
N LEU A 79 3.21 -7.61 -9.70
CA LEU A 79 4.60 -7.39 -9.31
C LEU A 79 5.56 -7.65 -10.47
N MET A 80 5.17 -8.58 -11.34
CA MET A 80 5.99 -8.92 -12.50
C MET A 80 6.21 -7.71 -13.39
N GLU A 81 5.35 -6.70 -13.23
CA GLU A 81 5.46 -5.48 -14.02
C GLU A 81 6.75 -4.74 -13.71
N PHE A 82 7.33 -4.11 -14.73
CA PHE A 82 8.57 -3.37 -14.57
C PHE A 82 8.30 -1.97 -14.03
N ASP A 83 7.07 -1.49 -14.24
CA ASP A 83 6.69 -0.16 -13.77
C ASP A 83 5.61 -0.25 -12.69
N PHE A 84 5.54 -1.41 -12.04
CA PHE A 84 4.56 -1.63 -10.98
C PHE A 84 4.76 -0.63 -9.84
N LEU A 85 6.00 -0.40 -9.47
CA LEU A 85 6.33 0.52 -8.39
C LEU A 85 6.25 1.97 -8.88
N ASP A 86 6.72 2.21 -10.10
CA ASP A 86 6.70 3.54 -10.68
C ASP A 86 5.28 4.10 -10.72
N SER A 87 4.30 3.19 -10.71
CA SER A 87 2.89 3.59 -10.75
C SER A 87 2.39 3.95 -9.36
N LEU A 88 2.78 3.16 -8.37
CA LEU A 88 2.37 3.40 -6.99
C LEU A 88 3.02 4.66 -6.44
N ARG A 89 4.21 4.97 -6.94
CA ARG A 89 4.94 6.16 -6.49
C ARG A 89 4.39 7.41 -7.16
N LYS A 90 3.91 7.27 -8.40
CA LYS A 90 3.36 8.39 -9.14
C LYS A 90 1.84 8.42 -9.02
N PHE A 91 1.30 7.60 -8.13
CA PHE A 91 -0.14 7.54 -7.92
C PHE A 91 -0.69 8.89 -7.44
N ASP A 92 -1.97 9.12 -7.70
CA ASP A 92 -2.61 10.37 -7.30
C ASP A 92 -3.52 10.15 -6.10
N LYS A 93 -3.24 10.90 -5.03
CA LYS A 93 -4.03 10.79 -3.80
C LYS A 93 -5.22 11.75 -3.83
N ASP A 94 -5.58 12.22 -5.03
CA ASP A 94 -6.69 13.14 -5.19
C ASP A 94 -7.95 12.39 -5.64
N HIS A 95 -7.90 11.07 -5.58
CA HIS A 95 -9.03 10.24 -5.97
C HIS A 95 -8.95 8.87 -5.33
N ILE A 96 -8.73 8.83 -4.03
CA ILE A 96 -8.63 7.58 -3.30
C ILE A 96 -9.96 7.22 -2.65
N PRO A 97 -10.64 6.19 -3.20
CA PRO A 97 -11.92 5.72 -2.69
C PRO A 97 -11.80 5.03 -1.34
N PRO A 98 -12.81 5.20 -0.49
CA PRO A 98 -12.84 4.60 0.84
C PRO A 98 -13.01 3.08 0.80
N GLU A 99 -13.29 2.57 -0.39
CA GLU A 99 -13.47 1.13 -0.58
C GLU A 99 -12.13 0.40 -0.61
N VAL A 100 -11.09 1.11 -1.04
CA VAL A 100 -9.75 0.55 -1.12
C VAL A 100 -9.02 0.68 0.21
N ILE A 101 -9.44 1.65 1.02
CA ILE A 101 -8.82 1.87 2.32
C ILE A 101 -9.50 1.05 3.41
N VAL A 102 -10.78 0.76 3.21
CA VAL A 102 -11.54 -0.03 4.17
C VAL A 102 -11.07 -1.48 4.19
N LYS A 103 -10.32 -1.87 3.16
CA LYS A 103 -9.81 -3.23 3.06
C LYS A 103 -8.55 -3.39 3.92
N ILE A 104 -7.87 -2.28 4.19
CA ILE A 104 -6.66 -2.31 4.99
C ILE A 104 -6.85 -1.52 6.29
N ARG A 105 -8.09 -1.19 6.60
CA ARG A 105 -8.41 -0.44 7.81
C ARG A 105 -7.93 -1.18 9.05
N PRO A 106 -8.36 -2.46 9.18
CA PRO A 106 -7.99 -3.30 10.32
C PRO A 106 -6.52 -3.70 10.27
N PHE A 107 -5.92 -3.61 9.09
CA PHE A 107 -4.51 -3.97 8.93
C PHE A 107 -3.60 -2.79 9.27
N ALA A 108 -4.13 -1.57 9.10
CA ALA A 108 -3.37 -0.37 9.39
C ALA A 108 -2.84 -0.38 10.81
N GLN A 109 -3.47 -1.17 11.67
CA GLN A 109 -3.06 -1.26 13.06
C GLN A 109 -2.43 -2.63 13.35
N ASP A 110 -2.55 -3.54 12.40
CA ASP A 110 -1.99 -4.88 12.54
C ASP A 110 -0.47 -4.85 12.47
N PRO A 111 0.19 -5.59 13.37
CA PRO A 111 1.66 -5.66 13.41
C PRO A 111 2.24 -6.40 12.22
N GLU A 112 1.37 -6.99 11.40
CA GLU A 112 1.80 -7.72 10.22
C GLU A 112 1.58 -6.91 8.95
N PHE A 113 1.40 -5.60 9.12
CA PHE A 113 1.18 -4.71 7.99
C PHE A 113 1.92 -3.39 8.18
N GLN A 114 2.79 -3.34 9.19
CA GLN A 114 3.55 -2.14 9.49
C GLN A 114 4.92 -2.18 8.80
N PRO A 115 5.45 -1.00 8.48
CA PRO A 115 6.76 -0.88 7.81
C PRO A 115 7.91 -1.26 8.73
N LYS A 116 7.62 -1.34 10.02
CA LYS A 116 8.64 -1.71 11.01
C LYS A 116 8.87 -3.21 11.03
N VAL A 117 7.80 -3.97 10.87
CA VAL A 117 7.88 -5.43 10.86
C VAL A 117 8.23 -5.95 9.47
N ILE A 118 7.56 -5.41 8.46
CA ILE A 118 7.80 -5.82 7.07
C ILE A 118 9.25 -5.59 6.67
N GLU A 119 9.91 -4.67 7.37
CA GLU A 119 11.30 -4.35 7.09
C GLU A 119 12.24 -5.34 7.77
N LYS A 120 11.66 -6.30 8.48
CA LYS A 120 12.44 -7.32 9.19
C LYS A 120 12.59 -8.58 8.34
N GLN A 121 11.56 -8.88 7.56
CA GLN A 121 11.57 -10.06 6.70
C GLN A 121 11.57 -9.67 5.23
N SER A 122 11.07 -8.47 4.95
CA SER A 122 11.01 -7.98 3.58
C SER A 122 11.46 -6.52 3.50
N VAL A 123 12.76 -6.29 3.58
CA VAL A 123 13.31 -4.94 3.52
C VAL A 123 12.82 -4.21 2.29
N ALA A 124 12.91 -4.86 1.14
CA ALA A 124 12.47 -4.27 -0.12
C ALA A 124 10.98 -3.93 -0.08
N CYS A 125 10.15 -4.95 0.14
CA CYS A 125 8.71 -4.76 0.20
C CYS A 125 8.34 -3.76 1.28
N ALA A 126 9.23 -3.56 2.25
CA ALA A 126 9.00 -2.63 3.33
C ALA A 126 8.67 -1.24 2.80
N GLY A 127 9.17 -0.92 1.62
CA GLY A 127 8.92 0.37 1.01
C GLY A 127 7.50 0.50 0.51
N LEU A 128 6.84 -0.63 0.31
CA LEU A 128 5.46 -0.64 -0.19
C LEU A 128 4.47 -0.35 0.94
N CYS A 129 4.43 -1.24 1.92
CA CYS A 129 3.53 -1.08 3.06
C CYS A 129 3.69 0.30 3.68
N SER A 130 4.93 0.76 3.82
CA SER A 130 5.22 2.05 4.40
C SER A 130 4.44 3.16 3.67
N TRP A 131 4.39 3.07 2.35
CA TRP A 131 3.69 4.06 1.55
C TRP A 131 2.18 3.88 1.68
N VAL A 132 1.74 2.64 1.85
CA VAL A 132 0.33 2.35 1.99
C VAL A 132 -0.25 3.01 3.23
N ILE A 133 0.45 2.86 4.36
CA ILE A 133 0.01 3.44 5.61
C ILE A 133 0.34 4.93 5.69
N ALA A 134 1.32 5.35 4.89
CA ALA A 134 1.74 6.74 4.86
C ALA A 134 0.76 7.58 4.04
N LEU A 135 0.51 7.15 2.80
CA LEU A 135 -0.40 7.86 1.91
C LEU A 135 -1.73 8.12 2.60
N GLU A 136 -2.14 7.19 3.45
CA GLU A 136 -3.40 7.31 4.17
C GLU A 136 -3.35 8.47 5.17
N LYS A 137 -2.18 8.70 5.73
CA LYS A 137 -1.99 9.77 6.70
C LYS A 137 -2.00 11.13 6.02
N TYR A 138 -1.27 11.24 4.91
CA TYR A 138 -1.19 12.49 4.17
C TYR A 138 -2.59 12.97 3.78
N ASP A 139 -3.50 12.03 3.60
CA ASP A 139 -4.88 12.36 3.23
C ASP A 139 -5.67 12.83 4.44
N LYS A 140 -5.26 12.38 5.63
CA LYS A 140 -5.93 12.75 6.86
C LYS A 140 -5.44 14.12 7.36
N VAL A 141 -4.21 14.46 7.00
CA VAL A 141 -3.63 15.74 7.41
C VAL A 141 -3.99 16.84 6.42
N ILE A 142 -3.99 16.51 5.13
CA ILE A 142 -4.32 17.47 4.09
C ILE A 142 -5.68 18.10 4.34
N LYS A 143 -6.52 17.42 5.11
CA LYS A 143 -7.85 17.91 5.43
C LYS A 143 -7.77 19.24 6.18
N GLU A 144 -6.61 19.51 6.75
CA GLU A 144 -6.39 20.75 7.51
C GLU A 144 -4.91 21.02 7.70
N VAL A 145 -4.11 20.68 6.70
CA VAL A 145 -2.67 20.89 6.75
C VAL A 145 -2.34 22.38 6.70
N GLU A 146 -2.98 23.09 5.78
CA GLU A 146 -2.75 24.52 5.63
C GLU A 146 -4.07 25.28 5.55
N PRO A 147 -4.76 25.38 6.70
CA PRO A 147 -6.05 26.08 6.78
C PRO A 147 -5.90 27.59 6.63
N LYS A 148 -4.66 28.06 6.62
CA LYS A 148 -4.38 29.48 6.48
C LYS A 148 -5.15 30.30 7.51
N ARG A 149 -5.21 29.78 8.74
CA ARG A 149 -5.91 30.45 9.82
C ARG A 149 -7.34 30.82 9.39
N GLN A 150 -7.97 29.93 8.63
CA GLN A 150 -9.33 30.15 8.16
C GLN A 150 -10.28 30.38 9.33
N LYS A 151 -11.57 30.52 9.02
CA LYS A 151 -12.58 30.74 10.05
C LYS A 151 -13.41 29.48 10.27
N LEU A 152 -13.11 28.77 11.35
CA LEU A 152 -13.83 27.54 11.67
C LEU A 152 -14.59 27.68 12.99
N ARG A 153 -13.95 28.32 13.96
CA ARG A 153 -14.56 28.53 15.27
C ARG A 153 -15.14 27.23 15.81
N GLU A 154 -14.26 26.29 16.15
CA GLU A 154 -14.68 25.01 16.69
C GLU A 154 -13.59 24.38 17.55
N ALA A 155 -13.99 23.76 18.65
CA ALA A 155 -13.04 23.12 19.56
C ALA A 155 -12.50 21.83 18.95
N GLY A 1 -2.20 22.92 14.36
CA GLY A 1 -3.39 23.33 13.65
C GLY A 1 -3.45 22.78 12.23
N SER A 2 -4.20 23.43 11.36
CA SER A 2 -4.33 23.00 9.98
C SER A 2 -2.97 22.96 9.28
N GLN A 3 -2.07 23.83 9.71
CA GLN A 3 -0.73 23.90 9.14
C GLN A 3 0.20 22.88 9.79
N ALA A 4 -0.14 22.48 11.01
CA ALA A 4 0.66 21.50 11.75
C ALA A 4 0.22 20.08 11.43
N ASP A 5 -1.02 19.93 10.94
CA ASP A 5 -1.55 18.63 10.60
C ASP A 5 -0.96 18.13 9.28
N LEU A 6 -0.94 19.00 8.28
CA LEU A 6 -0.39 18.65 6.97
C LEU A 6 1.09 18.32 7.06
N ALA A 7 1.82 19.11 7.83
CA ALA A 7 3.25 18.91 8.01
C ALA A 7 3.52 17.67 8.87
N GLU A 8 2.47 17.15 9.48
CA GLU A 8 2.60 15.97 10.33
C GLU A 8 2.42 14.69 9.51
N ALA A 9 1.71 14.80 8.40
CA ALA A 9 1.47 13.65 7.52
C ALA A 9 2.32 13.74 6.27
N LEU A 10 2.62 14.96 5.84
CA LEU A 10 3.43 15.17 4.64
C LEU A 10 4.69 14.32 4.67
N PRO A 11 5.45 14.42 5.76
CA PRO A 11 6.69 13.66 5.94
C PRO A 11 6.44 12.18 6.15
N LEU A 12 5.18 11.82 6.36
CA LEU A 12 4.80 10.42 6.57
C LEU A 12 4.51 9.73 5.24
N LEU A 13 3.61 10.32 4.46
CA LEU A 13 3.24 9.77 3.16
C LEU A 13 4.46 9.69 2.24
N GLU A 14 5.20 10.78 2.16
CA GLU A 14 6.39 10.84 1.33
C GLU A 14 7.45 9.86 1.81
N ALA A 15 7.51 9.67 3.13
CA ALA A 15 8.48 8.76 3.73
C ALA A 15 8.30 7.34 3.19
N ALA A 16 7.13 7.06 2.66
CA ALA A 16 6.84 5.73 2.11
C ALA A 16 7.26 5.65 0.65
N LEU A 17 6.79 6.61 -0.15
CA LEU A 17 7.12 6.63 -1.57
C LEU A 17 8.64 6.61 -1.78
N LYS A 18 9.37 7.24 -0.88
CA LYS A 18 10.82 7.29 -0.96
C LYS A 18 11.42 5.89 -0.86
N ALA A 19 10.65 4.97 -0.29
CA ALA A 19 11.10 3.59 -0.14
C ALA A 19 11.22 2.89 -1.49
N LEU A 20 10.43 3.35 -2.45
CA LEU A 20 10.43 2.77 -3.79
C LEU A 20 11.59 3.33 -4.61
N ASP A 21 12.04 4.53 -4.26
CA ASP A 21 13.14 5.17 -4.97
C ASP A 21 14.46 4.44 -4.69
N THR A 22 14.74 4.23 -3.40
CA THR A 22 15.96 3.56 -3.00
C THR A 22 15.91 2.07 -3.34
N LEU A 23 14.70 1.55 -3.51
CA LEU A 23 14.52 0.14 -3.84
C LEU A 23 14.99 -0.15 -5.26
N LYS A 24 14.83 -1.40 -5.69
CA LYS A 24 15.24 -1.81 -7.02
C LYS A 24 14.11 -2.55 -7.73
N PRO A 25 14.19 -2.64 -9.06
CA PRO A 25 13.20 -3.32 -9.89
C PRO A 25 13.22 -4.83 -9.69
N ALA A 26 14.40 -5.36 -9.39
CA ALA A 26 14.55 -6.79 -9.18
C ALA A 26 14.12 -7.19 -7.77
N ASP A 27 14.16 -6.23 -6.85
CA ASP A 27 13.76 -6.49 -5.47
C ASP A 27 12.27 -6.81 -5.38
N ILE A 28 11.48 -6.15 -6.22
CA ILE A 28 10.03 -6.37 -6.23
C ILE A 28 9.68 -7.70 -6.89
N THR A 29 10.15 -7.88 -8.13
CA THR A 29 9.89 -9.10 -8.88
C THR A 29 10.46 -10.32 -8.16
N GLU A 30 11.43 -10.08 -7.28
CA GLU A 30 12.06 -11.16 -6.52
C GLU A 30 11.00 -12.03 -5.83
N VAL A 31 9.96 -11.39 -5.32
CA VAL A 31 8.88 -12.10 -4.64
C VAL A 31 8.15 -13.04 -5.60
N LYS A 32 8.10 -12.65 -6.87
CA LYS A 32 7.44 -13.46 -7.89
C LYS A 32 8.28 -14.68 -8.24
N GLY A 33 9.55 -14.64 -7.90
CA GLY A 33 10.44 -15.76 -8.19
C GLY A 33 10.19 -16.94 -7.28
N MET A 34 10.25 -16.70 -5.98
CA MET A 34 10.04 -17.76 -5.00
C MET A 34 8.73 -18.51 -5.29
N LYS A 35 8.67 -19.77 -4.86
CA LYS A 35 7.50 -20.59 -5.08
C LYS A 35 6.24 -19.88 -4.62
N SER A 36 6.27 -19.34 -3.40
CA SER A 36 5.12 -18.63 -2.85
C SER A 36 5.54 -17.79 -1.64
N PRO A 37 5.04 -16.54 -1.59
CA PRO A 37 5.36 -15.61 -0.51
C PRO A 37 4.71 -16.03 0.81
N PRO A 38 5.13 -15.39 1.91
CA PRO A 38 4.60 -15.68 3.25
C PRO A 38 3.17 -15.21 3.41
N ALA A 39 2.53 -15.63 4.51
CA ALA A 39 1.15 -15.25 4.79
C ALA A 39 1.07 -13.78 5.21
N GLY A 40 2.20 -13.21 5.59
CA GLY A 40 2.23 -11.82 6.01
C GLY A 40 2.42 -10.87 4.84
N VAL A 41 3.48 -11.08 4.07
CA VAL A 41 3.77 -10.23 2.92
C VAL A 41 2.65 -10.30 1.89
N ARG A 42 1.94 -11.43 1.87
CA ARG A 42 0.85 -11.64 0.92
C ARG A 42 -0.38 -10.83 1.34
N ARG A 43 -0.43 -10.46 2.62
CA ARG A 43 -1.56 -9.69 3.15
C ARG A 43 -1.31 -8.19 2.98
N VAL A 44 -0.05 -7.80 3.00
CA VAL A 44 0.32 -6.39 2.85
C VAL A 44 0.36 -5.99 1.38
N LEU A 45 0.69 -6.95 0.52
CA LEU A 45 0.78 -6.69 -0.92
C LEU A 45 -0.60 -6.80 -1.56
N GLU A 46 -1.49 -7.57 -0.93
CA GLU A 46 -2.84 -7.76 -1.45
C GLU A 46 -3.74 -6.58 -1.07
N ALA A 47 -3.37 -5.90 0.01
CA ALA A 47 -4.14 -4.75 0.47
C ALA A 47 -3.92 -3.53 -0.42
N ILE A 48 -2.89 -3.61 -1.26
CA ILE A 48 -2.57 -2.52 -2.17
C ILE A 48 -3.54 -2.47 -3.34
N CYS A 49 -3.77 -3.64 -3.96
CA CYS A 49 -4.68 -3.73 -5.09
C CYS A 49 -6.08 -3.26 -4.71
N ILE A 50 -6.38 -3.31 -3.42
CA ILE A 50 -7.68 -2.89 -2.93
C ILE A 50 -7.88 -1.40 -3.11
N MET A 51 -6.96 -0.61 -2.56
CA MET A 51 -7.04 0.85 -2.67
C MET A 51 -7.23 1.28 -4.12
N LYS A 52 -6.70 0.49 -5.05
CA LYS A 52 -6.81 0.79 -6.47
C LYS A 52 -8.10 0.20 -7.05
N GLY A 53 -8.56 -0.89 -6.45
CA GLY A 53 -9.78 -1.52 -6.92
C GLY A 53 -9.55 -2.46 -8.09
N VAL A 54 -8.51 -3.29 -7.97
CA VAL A 54 -8.18 -4.25 -9.03
C VAL A 54 -8.91 -5.56 -8.84
N LYS A 55 -9.19 -6.24 -9.94
CA LYS A 55 -9.88 -7.53 -9.89
C LYS A 55 -8.90 -8.68 -9.90
N PRO A 56 -9.31 -9.83 -9.33
CA PRO A 56 -8.47 -11.03 -9.27
C PRO A 56 -8.27 -11.67 -10.63
N ALA A 57 -7.68 -12.86 -10.64
CA ALA A 57 -7.43 -13.58 -11.89
C ALA A 57 -8.31 -14.81 -12.00
N ARG A 58 -8.32 -15.43 -13.18
CA ARG A 58 -9.13 -16.62 -13.41
C ARG A 58 -8.28 -17.75 -14.00
N VAL A 59 -8.27 -18.88 -13.31
CA VAL A 59 -7.51 -20.04 -13.77
C VAL A 59 -8.14 -21.34 -13.29
N LYS A 60 -7.68 -22.45 -13.85
CA LYS A 60 -8.20 -23.77 -13.48
C LYS A 60 -7.42 -24.35 -12.29
N ASP A 61 -8.15 -24.97 -11.38
CA ASP A 61 -7.53 -25.57 -10.19
C ASP A 61 -6.89 -26.91 -10.54
N THR A 62 -5.69 -27.14 -10.02
CA THR A 62 -4.97 -28.38 -10.27
C THR A 62 -5.42 -29.48 -9.32
N ALA A 63 -5.94 -29.08 -8.15
CA ALA A 63 -6.42 -30.04 -7.17
C ALA A 63 -7.87 -30.42 -7.42
N SER A 64 -8.67 -29.45 -7.87
CA SER A 64 -10.07 -29.69 -8.15
C SER A 64 -10.29 -30.02 -9.62
N GLY A 65 -9.53 -29.34 -10.49
CA GLY A 65 -9.66 -29.59 -11.92
C GLY A 65 -10.81 -28.83 -12.53
N ARG A 66 -11.22 -27.74 -11.88
CA ARG A 66 -12.33 -26.93 -12.38
C ARG A 66 -11.91 -25.46 -12.52
N MET A 67 -12.83 -24.64 -13.01
CA MET A 67 -12.56 -23.22 -13.20
C MET A 67 -12.66 -22.47 -11.87
N VAL A 68 -11.56 -21.81 -11.48
CA VAL A 68 -11.54 -21.05 -10.22
C VAL A 68 -10.88 -19.70 -10.43
N ASP A 69 -10.78 -18.93 -9.34
CA ASP A 69 -10.18 -17.61 -9.39
C ASP A 69 -8.92 -17.56 -8.53
N ASP A 70 -7.93 -16.79 -8.97
CA ASP A 70 -6.67 -16.66 -8.24
C ASP A 70 -6.37 -15.19 -7.95
N TYR A 71 -6.82 -14.72 -6.79
CA TYR A 71 -6.59 -13.33 -6.39
C TYR A 71 -5.11 -13.07 -6.14
N TRP A 72 -4.37 -14.13 -5.84
CA TRP A 72 -2.95 -14.01 -5.58
C TRP A 72 -2.17 -13.75 -6.86
N GLU A 73 -2.55 -14.45 -7.92
CA GLU A 73 -1.89 -14.29 -9.22
C GLU A 73 -1.85 -12.82 -9.63
N ALA A 74 -2.98 -12.14 -9.46
CA ALA A 74 -3.08 -10.73 -9.81
C ALA A 74 -2.19 -9.87 -8.93
N SER A 75 -1.84 -10.40 -7.76
CA SER A 75 -0.99 -9.68 -6.82
C SER A 75 0.49 -9.90 -7.14
N LYS A 76 0.91 -11.16 -7.13
CA LYS A 76 2.29 -11.51 -7.42
C LYS A 76 2.71 -11.00 -8.79
N LYS A 77 1.77 -10.99 -9.72
CA LYS A 77 2.03 -10.52 -11.08
C LYS A 77 2.23 -9.01 -11.09
N MET A 78 1.84 -8.36 -10.01
CA MET A 78 1.99 -6.90 -9.90
C MET A 78 3.39 -6.53 -9.43
N LEU A 79 4.05 -7.46 -8.76
CA LEU A 79 5.40 -7.23 -8.26
C LEU A 79 6.44 -7.49 -9.34
N MET A 80 6.13 -8.41 -10.25
CA MET A 80 7.04 -8.75 -11.34
C MET A 80 7.29 -7.53 -12.22
N GLU A 81 6.42 -6.54 -12.13
CA GLU A 81 6.55 -5.31 -12.92
C GLU A 81 7.77 -4.52 -12.47
N PHE A 82 8.46 -3.92 -13.44
CA PHE A 82 9.65 -3.12 -13.14
C PHE A 82 9.27 -1.69 -12.79
N ASP A 83 8.07 -1.28 -13.19
CA ASP A 83 7.58 0.06 -12.92
C ASP A 83 6.34 0.01 -12.04
N PHE A 84 6.13 -1.11 -11.37
CA PHE A 84 4.97 -1.28 -10.51
C PHE A 84 4.87 -0.14 -9.50
N LEU A 85 5.96 0.09 -8.78
CA LEU A 85 6.00 1.16 -7.77
C LEU A 85 5.57 2.49 -8.39
N ASP A 86 6.07 2.77 -9.58
CA ASP A 86 5.73 4.01 -10.28
C ASP A 86 4.23 4.15 -10.45
N SER A 87 3.53 3.02 -10.43
CA SER A 87 2.07 3.01 -10.57
C SER A 87 1.39 3.33 -9.25
N LEU A 88 1.87 2.72 -8.18
CA LEU A 88 1.30 2.94 -6.85
C LEU A 88 1.52 4.38 -6.40
N ARG A 89 2.59 4.98 -6.88
CA ARG A 89 2.92 6.36 -6.53
C ARG A 89 2.16 7.35 -7.41
N LYS A 90 1.94 6.97 -8.65
CA LYS A 90 1.22 7.82 -9.60
C LYS A 90 -0.27 7.83 -9.30
N PHE A 91 -0.70 6.90 -8.45
CA PHE A 91 -2.12 6.80 -8.07
C PHE A 91 -2.55 8.03 -7.27
N ASP A 92 -3.80 8.43 -7.45
CA ASP A 92 -4.34 9.58 -6.73
C ASP A 92 -5.07 9.15 -5.47
N LYS A 93 -4.61 9.65 -4.32
CA LYS A 93 -5.22 9.31 -3.04
C LYS A 93 -6.48 10.13 -2.81
N ASP A 94 -6.80 11.00 -3.77
CA ASP A 94 -7.98 11.86 -3.66
C ASP A 94 -9.22 11.11 -4.12
N HIS A 95 -9.05 9.84 -4.50
CA HIS A 95 -10.15 9.02 -4.95
C HIS A 95 -10.17 7.67 -4.23
N ILE A 96 -9.90 7.70 -2.93
CA ILE A 96 -9.87 6.48 -2.14
C ILE A 96 -11.20 6.27 -1.41
N PRO A 97 -11.99 5.30 -1.88
CA PRO A 97 -13.30 4.99 -1.29
C PRO A 97 -13.17 4.35 0.10
N PRO A 98 -14.20 4.50 0.92
CA PRO A 98 -14.23 3.95 2.28
C PRO A 98 -14.33 2.43 2.28
N GLU A 99 -14.55 1.85 1.10
CA GLU A 99 -14.67 0.40 0.97
C GLU A 99 -13.30 -0.26 0.90
N VAL A 100 -12.32 0.49 0.38
CA VAL A 100 -10.96 -0.02 0.26
C VAL A 100 -10.18 0.20 1.55
N ILE A 101 -10.65 1.13 2.37
CA ILE A 101 -9.99 1.44 3.64
C ILE A 101 -10.52 0.55 4.76
N VAL A 102 -11.78 0.11 4.62
CA VAL A 102 -12.41 -0.74 5.62
C VAL A 102 -11.80 -2.14 5.60
N LYS A 103 -11.19 -2.50 4.48
CA LYS A 103 -10.56 -3.81 4.34
C LYS A 103 -9.23 -3.87 5.08
N ILE A 104 -8.49 -2.77 5.04
CA ILE A 104 -7.20 -2.69 5.71
C ILE A 104 -7.35 -2.12 7.12
N ARG A 105 -8.59 -1.95 7.56
CA ARG A 105 -8.86 -1.41 8.89
C ARG A 105 -8.25 -2.29 9.97
N PRO A 106 -8.63 -3.58 9.98
CA PRO A 106 -8.11 -4.55 10.95
C PRO A 106 -6.64 -4.89 10.74
N PHE A 107 -6.15 -4.58 9.54
CA PHE A 107 -4.75 -4.85 9.20
C PHE A 107 -3.86 -3.69 9.64
N ALA A 108 -4.39 -2.48 9.61
CA ALA A 108 -3.65 -1.30 10.00
C ALA A 108 -3.00 -1.49 11.38
N GLN A 109 -3.60 -2.36 12.18
CA GLN A 109 -3.09 -2.63 13.52
C GLN A 109 -2.40 -3.99 13.58
N ASP A 110 -2.65 -4.81 12.57
CA ASP A 110 -2.06 -6.15 12.50
C ASP A 110 -0.53 -6.05 12.48
N PRO A 111 0.11 -6.92 13.28
CA PRO A 111 1.58 -6.95 13.38
C PRO A 111 2.23 -7.49 12.10
N GLU A 112 1.41 -7.94 11.16
CA GLU A 112 1.90 -8.47 9.90
C GLU A 112 1.58 -7.52 8.74
N PHE A 113 1.29 -6.27 9.08
CA PHE A 113 0.95 -5.26 8.07
C PHE A 113 1.71 -3.97 8.33
N GLN A 114 2.56 -3.98 9.35
CA GLN A 114 3.35 -2.80 9.71
C GLN A 114 4.67 -2.79 8.95
N PRO A 115 5.21 -1.57 8.73
CA PRO A 115 6.48 -1.39 8.02
C PRO A 115 7.67 -1.89 8.84
N LYS A 116 7.49 -1.99 10.14
CA LYS A 116 8.54 -2.45 11.04
C LYS A 116 8.65 -3.97 11.02
N VAL A 117 7.51 -4.64 10.89
CA VAL A 117 7.48 -6.10 10.86
C VAL A 117 7.68 -6.62 9.44
N ILE A 118 7.35 -5.78 8.46
CA ILE A 118 7.50 -6.15 7.06
C ILE A 118 8.90 -5.87 6.55
N GLU A 119 9.59 -4.96 7.22
CA GLU A 119 10.95 -4.60 6.84
C GLU A 119 11.94 -5.71 7.19
N LYS A 120 11.58 -6.50 8.20
CA LYS A 120 12.43 -7.60 8.64
C LYS A 120 12.06 -8.89 7.91
N GLN A 121 11.03 -8.83 7.08
CA GLN A 121 10.57 -9.99 6.32
C GLN A 121 10.79 -9.78 4.83
N SER A 122 10.17 -8.74 4.28
CA SER A 122 10.28 -8.42 2.86
C SER A 122 10.50 -6.93 2.65
N VAL A 123 11.76 -6.50 2.74
CA VAL A 123 12.11 -5.10 2.55
C VAL A 123 11.48 -4.55 1.28
N ALA A 124 11.61 -5.28 0.19
CA ALA A 124 11.05 -4.87 -1.10
C ALA A 124 9.59 -4.48 -0.96
N CYS A 125 8.84 -5.28 -0.19
CA CYS A 125 7.42 -5.02 0.01
C CYS A 125 7.22 -3.99 1.12
N ALA A 126 8.21 -3.83 1.98
CA ALA A 126 8.14 -2.87 3.07
C ALA A 126 7.82 -1.47 2.56
N GLY A 127 8.32 -1.16 1.37
CA GLY A 127 8.07 0.16 0.79
C GLY A 127 6.64 0.30 0.29
N LEU A 128 5.96 -0.81 0.10
CA LEU A 128 4.58 -0.81 -0.37
C LEU A 128 3.61 -0.65 0.79
N CYS A 129 3.62 -1.62 1.69
CA CYS A 129 2.74 -1.60 2.86
C CYS A 129 2.93 -0.30 3.65
N SER A 130 4.11 0.28 3.54
CA SER A 130 4.41 1.52 4.25
C SER A 130 3.65 2.70 3.64
N TRP A 131 3.30 2.58 2.36
CA TRP A 131 2.57 3.63 1.67
C TRP A 131 1.07 3.50 1.92
N VAL A 132 0.61 2.28 2.12
CA VAL A 132 -0.81 2.02 2.37
C VAL A 132 -1.24 2.62 3.71
N ILE A 133 -0.43 2.40 4.74
CA ILE A 133 -0.73 2.90 6.07
C ILE A 133 -0.38 4.39 6.18
N ALA A 134 0.57 4.83 5.36
CA ALA A 134 0.99 6.23 5.36
C ALA A 134 -0.03 7.10 4.64
N LEU A 135 -0.47 6.65 3.48
CA LEU A 135 -1.44 7.40 2.68
C LEU A 135 -2.65 7.79 3.53
N GLU A 136 -3.17 6.83 4.30
CA GLU A 136 -4.32 7.07 5.15
C GLU A 136 -4.10 8.29 6.04
N LYS A 137 -2.84 8.56 6.35
CA LYS A 137 -2.47 9.69 7.19
C LYS A 137 -2.57 11.00 6.42
N TYR A 138 -2.23 10.94 5.13
CA TYR A 138 -2.28 12.12 4.28
C TYR A 138 -3.71 12.43 3.86
N ASP A 139 -4.55 11.39 3.81
CA ASP A 139 -5.94 11.55 3.42
C ASP A 139 -6.77 12.08 4.58
N LYS A 140 -6.30 11.83 5.80
CA LYS A 140 -7.00 12.26 7.00
C LYS A 140 -6.70 13.74 7.29
N VAL A 141 -5.55 14.21 6.83
CA VAL A 141 -5.15 15.59 7.04
C VAL A 141 -5.69 16.49 5.94
N ILE A 142 -5.80 15.94 4.74
CA ILE A 142 -6.31 16.70 3.60
C ILE A 142 -7.69 17.28 3.90
N LYS A 143 -8.37 16.68 4.87
CA LYS A 143 -9.70 17.14 5.25
C LYS A 143 -9.66 18.56 5.79
N GLU A 144 -8.46 19.02 6.15
CA GLU A 144 -8.28 20.37 6.68
C GLU A 144 -6.83 20.78 6.62
N VAL A 145 -6.12 20.32 5.59
CA VAL A 145 -4.70 20.64 5.44
C VAL A 145 -4.51 22.10 5.05
N GLU A 146 -5.20 22.53 4.01
CA GLU A 146 -5.11 23.92 3.55
C GLU A 146 -6.49 24.54 3.43
N PRO A 147 -7.15 24.75 4.58
CA PRO A 147 -8.49 25.35 4.63
C PRO A 147 -8.48 26.83 4.25
N LYS A 148 -7.29 27.39 4.13
CA LYS A 148 -7.14 28.80 3.77
C LYS A 148 -7.98 29.68 4.69
N ARG A 149 -7.72 29.60 5.99
CA ARG A 149 -8.44 30.40 6.97
C ARG A 149 -7.60 30.62 8.23
N GLN A 150 -7.94 31.66 8.98
CA GLN A 150 -7.21 31.98 10.20
C GLN A 150 -8.12 31.86 11.42
N LYS A 151 -7.51 31.64 12.58
CA LYS A 151 -8.27 31.50 13.82
C LYS A 151 -7.51 32.12 15.00
N LEU A 152 -6.59 33.04 14.69
CA LEU A 152 -5.80 33.71 15.71
C LEU A 152 -4.88 34.75 15.08
N ARG A 153 -4.26 35.57 15.93
CA ARG A 153 -3.35 36.60 15.46
C ARG A 153 -2.06 36.00 14.91
N GLU A 154 -1.38 35.22 15.74
CA GLU A 154 -0.14 34.59 15.33
C GLU A 154 -0.40 33.43 14.37
N ALA A 155 -0.62 33.77 13.11
CA ALA A 155 -0.89 32.75 12.09
C ALA A 155 0.37 32.40 11.33
N GLY A 1 0.52 21.94 17.14
CA GLY A 1 0.94 23.04 16.30
C GLY A 1 0.51 22.87 14.86
N SER A 2 0.50 23.96 14.10
CA SER A 2 0.09 23.92 12.70
C SER A 2 1.12 23.17 11.86
N GLN A 3 2.40 23.43 12.12
CA GLN A 3 3.48 22.79 11.38
C GLN A 3 3.83 21.45 12.00
N ALA A 4 3.52 21.29 13.29
CA ALA A 4 3.79 20.05 14.00
C ALA A 4 2.95 18.90 13.46
N ASP A 5 1.81 19.25 12.85
CA ASP A 5 0.91 18.24 12.28
C ASP A 5 1.41 17.75 10.94
N LEU A 6 1.72 18.70 10.05
CA LEU A 6 2.21 18.35 8.72
C LEU A 6 3.62 17.76 8.79
N ALA A 7 4.44 18.33 9.67
CA ALA A 7 5.81 17.87 9.84
C ALA A 7 5.84 16.50 10.52
N GLU A 8 4.69 16.06 11.02
CA GLU A 8 4.59 14.77 11.69
C GLU A 8 4.31 13.66 10.69
N ALA A 9 3.69 14.00 9.57
CA ALA A 9 3.37 13.04 8.53
C ALA A 9 4.28 13.22 7.32
N LEU A 10 4.76 14.43 7.13
CA LEU A 10 5.64 14.74 5.99
C LEU A 10 6.78 13.72 5.90
N PRO A 11 7.51 13.54 7.02
CA PRO A 11 8.63 12.60 7.10
C PRO A 11 8.18 11.16 7.05
N LEU A 12 6.87 10.94 7.19
CA LEU A 12 6.30 9.59 7.16
C LEU A 12 5.98 9.17 5.73
N LEU A 13 5.20 9.99 5.03
CA LEU A 13 4.83 9.70 3.65
C LEU A 13 6.05 9.68 2.74
N GLU A 14 6.93 10.68 2.91
CA GLU A 14 8.14 10.76 2.10
C GLU A 14 9.07 9.59 2.40
N ALA A 15 9.05 9.12 3.64
CA ALA A 15 9.90 8.00 4.04
C ALA A 15 9.49 6.72 3.33
N ALA A 16 8.26 6.68 2.85
CA ALA A 16 7.74 5.52 2.15
C ALA A 16 8.06 5.59 0.66
N LEU A 17 7.70 6.70 0.03
CA LEU A 17 7.95 6.90 -1.38
C LEU A 17 9.42 6.63 -1.72
N LYS A 18 10.32 7.19 -0.91
CA LYS A 18 11.75 7.00 -1.12
C LYS A 18 12.11 5.53 -1.16
N ALA A 19 11.29 4.70 -0.52
CA ALA A 19 11.52 3.26 -0.48
C ALA A 19 11.31 2.64 -1.86
N LEU A 20 10.42 3.24 -2.64
CA LEU A 20 10.12 2.74 -3.97
C LEU A 20 11.14 3.24 -4.99
N ASP A 21 11.74 4.38 -4.69
CA ASP A 21 12.74 4.98 -5.56
C ASP A 21 14.04 4.17 -5.54
N THR A 22 14.49 3.83 -4.33
CA THR A 22 15.73 3.07 -4.17
C THR A 22 15.55 1.63 -4.63
N LEU A 23 14.32 1.12 -4.53
CA LEU A 23 14.02 -0.24 -4.94
C LEU A 23 13.93 -0.34 -6.46
N LYS A 24 13.79 -1.57 -6.96
CA LYS A 24 13.69 -1.80 -8.40
C LYS A 24 12.60 -2.82 -8.70
N PRO A 25 12.13 -2.82 -9.96
CA PRO A 25 11.09 -3.75 -10.41
C PRO A 25 11.57 -5.19 -10.48
N ALA A 26 12.86 -5.36 -10.81
CA ALA A 26 13.45 -6.68 -10.91
C ALA A 26 13.48 -7.38 -9.55
N ASP A 27 13.44 -6.59 -8.48
CA ASP A 27 13.46 -7.12 -7.13
C ASP A 27 12.07 -7.57 -6.70
N ILE A 28 11.05 -7.02 -7.34
CA ILE A 28 9.67 -7.36 -7.03
C ILE A 28 9.21 -8.58 -7.81
N THR A 29 9.48 -8.57 -9.12
CA THR A 29 9.09 -9.67 -9.99
C THR A 29 9.70 -10.99 -9.51
N GLU A 30 10.77 -10.89 -8.72
CA GLU A 30 11.44 -12.08 -8.20
C GLU A 30 10.45 -12.97 -7.46
N VAL A 31 9.42 -12.36 -6.89
CA VAL A 31 8.40 -13.10 -6.15
C VAL A 31 7.47 -13.86 -7.09
N LYS A 32 7.31 -13.33 -8.31
CA LYS A 32 6.46 -13.95 -9.31
C LYS A 32 7.10 -15.21 -9.87
N GLY A 33 8.42 -15.29 -9.77
CA GLY A 33 9.14 -16.45 -10.27
C GLY A 33 8.89 -17.69 -9.44
N MET A 34 9.24 -17.63 -8.16
CA MET A 34 9.06 -18.76 -7.25
C MET A 34 7.62 -19.27 -7.32
N LYS A 35 7.38 -20.44 -6.71
CA LYS A 35 6.06 -21.03 -6.70
C LYS A 35 5.01 -20.03 -6.22
N SER A 36 5.13 -19.61 -4.97
CA SER A 36 4.20 -18.64 -4.40
C SER A 36 4.89 -17.77 -3.35
N PRO A 37 4.31 -16.59 -3.09
CA PRO A 37 4.85 -15.65 -2.11
C PRO A 37 4.70 -16.13 -0.69
N PRO A 38 5.47 -15.53 0.23
CA PRO A 38 5.43 -15.89 1.66
C PRO A 38 4.13 -15.48 2.33
N ALA A 39 3.93 -15.96 3.56
CA ALA A 39 2.72 -15.64 4.31
C ALA A 39 2.74 -14.20 4.80
N GLY A 40 3.93 -13.59 4.80
CA GLY A 40 4.06 -12.22 5.25
C GLY A 40 3.80 -11.22 4.14
N VAL A 41 4.57 -11.34 3.06
CA VAL A 41 4.42 -10.44 1.91
C VAL A 41 3.00 -10.47 1.38
N ARG A 42 2.29 -11.56 1.64
CA ARG A 42 0.91 -11.71 1.18
C ARG A 42 -0.03 -10.79 1.96
N ARG A 43 0.45 -10.30 3.10
CA ARG A 43 -0.35 -9.41 3.94
C ARG A 43 -0.16 -7.96 3.51
N VAL A 44 1.03 -7.63 3.03
CA VAL A 44 1.33 -6.28 2.59
C VAL A 44 0.94 -6.07 1.14
N LEU A 45 1.17 -7.10 0.32
CA LEU A 45 0.83 -7.03 -1.10
C LEU A 45 -0.67 -7.06 -1.31
N GLU A 46 -1.39 -7.60 -0.32
CA GLU A 46 -2.84 -7.70 -0.39
C GLU A 46 -3.49 -6.38 0.02
N ALA A 47 -2.78 -5.59 0.81
CA ALA A 47 -3.28 -4.30 1.28
C ALA A 47 -3.24 -3.27 0.16
N ILE A 48 -2.44 -3.54 -0.86
CA ILE A 48 -2.32 -2.62 -2.00
C ILE A 48 -3.49 -2.77 -2.96
N CYS A 49 -3.99 -3.99 -3.08
CA CYS A 49 -5.12 -4.27 -3.97
C CYS A 49 -6.37 -3.55 -3.49
N ILE A 50 -6.71 -3.74 -2.22
CA ILE A 50 -7.89 -3.11 -1.64
C ILE A 50 -7.82 -1.60 -1.77
N MET A 51 -6.61 -1.04 -1.67
CA MET A 51 -6.42 0.40 -1.78
C MET A 51 -6.76 0.88 -3.18
N LYS A 52 -6.77 -0.04 -4.14
CA LYS A 52 -7.08 0.30 -5.52
C LYS A 52 -8.38 -0.38 -5.97
N GLY A 53 -8.99 -1.11 -5.05
CA GLY A 53 -10.23 -1.79 -5.38
C GLY A 53 -10.13 -2.65 -6.63
N VAL A 54 -9.10 -3.48 -6.68
CA VAL A 54 -8.89 -4.35 -7.84
C VAL A 54 -9.59 -5.69 -7.65
N LYS A 55 -9.95 -6.33 -8.76
CA LYS A 55 -10.63 -7.61 -8.73
C LYS A 55 -9.65 -8.75 -9.03
N PRO A 56 -9.99 -9.95 -8.55
CA PRO A 56 -9.15 -11.14 -8.76
C PRO A 56 -9.15 -11.60 -10.22
N ALA A 57 -8.57 -12.78 -10.46
CA ALA A 57 -8.52 -13.33 -11.81
C ALA A 57 -9.44 -14.53 -11.95
N ARG A 58 -9.30 -15.26 -13.05
CA ARG A 58 -10.12 -16.43 -13.32
C ARG A 58 -9.29 -17.58 -13.89
N VAL A 59 -9.54 -18.79 -13.40
CA VAL A 59 -8.81 -19.96 -13.86
C VAL A 59 -9.66 -21.22 -13.74
N LYS A 60 -9.18 -22.31 -14.32
CA LYS A 60 -9.89 -23.57 -14.28
C LYS A 60 -9.37 -24.46 -13.14
N ASP A 61 -10.22 -24.73 -12.17
CA ASP A 61 -9.84 -25.56 -11.03
C ASP A 61 -9.33 -26.92 -11.49
N THR A 62 -8.19 -27.33 -10.97
CA THR A 62 -7.59 -28.61 -11.33
C THR A 62 -8.18 -29.75 -10.50
N ALA A 63 -8.76 -29.40 -9.36
CA ALA A 63 -9.36 -30.39 -8.48
C ALA A 63 -10.87 -30.48 -8.70
N SER A 64 -11.43 -29.41 -9.26
CA SER A 64 -12.87 -29.34 -9.52
C SER A 64 -13.16 -29.50 -11.01
N GLY A 65 -12.32 -28.89 -11.83
CA GLY A 65 -12.50 -28.95 -13.27
C GLY A 65 -13.53 -27.96 -13.77
N ARG A 66 -13.81 -26.94 -12.97
CA ARG A 66 -14.77 -25.92 -13.34
C ARG A 66 -14.11 -24.54 -13.38
N MET A 67 -14.91 -23.51 -13.69
CA MET A 67 -14.40 -22.15 -13.76
C MET A 67 -14.37 -21.51 -12.38
N VAL A 68 -13.18 -21.20 -11.90
CA VAL A 68 -13.01 -20.58 -10.59
C VAL A 68 -12.32 -19.22 -10.70
N ASP A 69 -12.13 -18.56 -9.57
CA ASP A 69 -11.47 -17.25 -9.54
C ASP A 69 -10.10 -17.36 -8.89
N ASP A 70 -9.09 -16.84 -9.59
CA ASP A 70 -7.72 -16.88 -9.09
C ASP A 70 -7.29 -15.50 -8.56
N TYR A 71 -7.45 -15.30 -7.26
CA TYR A 71 -7.09 -14.03 -6.64
C TYR A 71 -5.58 -13.87 -6.56
N TRP A 72 -4.87 -15.00 -6.63
CA TRP A 72 -3.42 -14.99 -6.56
C TRP A 72 -2.81 -14.52 -7.88
N GLU A 73 -3.32 -15.06 -8.98
CA GLU A 73 -2.82 -14.70 -10.30
C GLU A 73 -2.90 -13.19 -10.51
N ALA A 74 -3.84 -12.55 -9.84
CA ALA A 74 -4.02 -11.10 -9.95
C ALA A 74 -3.06 -10.36 -9.02
N SER A 75 -2.61 -11.04 -7.97
CA SER A 75 -1.71 -10.45 -7.00
C SER A 75 -0.25 -10.59 -7.47
N LYS A 76 0.15 -11.82 -7.77
CA LYS A 76 1.51 -12.10 -8.22
C LYS A 76 1.81 -11.34 -9.51
N LYS A 77 0.78 -11.13 -10.33
CA LYS A 77 0.94 -10.41 -11.59
C LYS A 77 1.17 -8.92 -11.35
N MET A 78 0.89 -8.48 -10.13
CA MET A 78 1.08 -7.07 -9.78
C MET A 78 2.52 -6.80 -9.36
N LEU A 79 3.21 -7.85 -8.92
CA LEU A 79 4.60 -7.72 -8.49
C LEU A 79 5.54 -7.76 -9.69
N MET A 80 5.17 -8.52 -10.70
CA MET A 80 5.98 -8.64 -11.91
C MET A 80 5.99 -7.33 -12.69
N GLU A 81 4.96 -6.52 -12.49
CA GLU A 81 4.86 -5.24 -13.18
C GLU A 81 6.05 -4.33 -12.83
N PHE A 82 6.58 -3.66 -13.84
CA PHE A 82 7.72 -2.77 -13.64
C PHE A 82 7.25 -1.35 -13.29
N ASP A 83 5.97 -1.09 -13.54
CA ASP A 83 5.40 0.23 -13.25
C ASP A 83 4.29 0.11 -12.21
N PHE A 84 4.31 -0.97 -11.44
CA PHE A 84 3.31 -1.19 -10.41
C PHE A 84 3.49 -0.21 -9.26
N LEU A 85 4.74 0.09 -8.94
CA LEU A 85 5.05 1.02 -7.85
C LEU A 85 4.89 2.47 -8.30
N ASP A 86 5.06 2.69 -9.60
CA ASP A 86 4.92 4.04 -10.16
C ASP A 86 3.47 4.49 -10.14
N SER A 87 2.55 3.53 -10.06
CA SER A 87 1.13 3.85 -10.04
C SER A 87 0.68 4.20 -8.63
N LEU A 88 1.13 3.42 -7.65
CA LEU A 88 0.78 3.64 -6.25
C LEU A 88 1.35 4.97 -5.76
N ARG A 89 2.50 5.35 -6.31
CA ARG A 89 3.15 6.59 -5.92
C ARG A 89 2.48 7.79 -6.58
N LYS A 90 1.98 7.57 -7.79
CA LYS A 90 1.32 8.64 -8.54
C LYS A 90 -0.12 8.84 -8.05
N PHE A 91 -0.56 7.95 -7.16
CA PHE A 91 -1.90 8.03 -6.61
C PHE A 91 -2.15 9.39 -5.96
N ASP A 92 -3.36 9.90 -6.12
CA ASP A 92 -3.72 11.20 -5.54
C ASP A 92 -4.40 11.01 -4.19
N LYS A 93 -3.86 11.69 -3.17
CA LYS A 93 -4.42 11.61 -1.82
C LYS A 93 -5.63 12.52 -1.68
N ASP A 94 -6.02 13.18 -2.77
CA ASP A 94 -7.16 14.08 -2.75
C ASP A 94 -8.45 13.32 -2.99
N HIS A 95 -8.35 11.99 -3.02
CA HIS A 95 -9.52 11.15 -3.24
C HIS A 95 -9.31 9.76 -2.65
N ILE A 96 -8.78 9.71 -1.43
CA ILE A 96 -8.53 8.45 -0.76
C ILE A 96 -9.83 7.80 -0.28
N PRO A 97 -10.16 6.64 -0.87
CA PRO A 97 -11.38 5.90 -0.52
C PRO A 97 -11.30 5.29 0.87
N PRO A 98 -12.17 5.76 1.77
CA PRO A 98 -12.22 5.27 3.16
C PRO A 98 -12.77 3.86 3.25
N GLU A 99 -13.26 3.34 2.12
CA GLU A 99 -13.81 1.99 2.08
C GLU A 99 -12.70 0.95 1.94
N VAL A 100 -11.53 1.41 1.52
CA VAL A 100 -10.38 0.52 1.34
C VAL A 100 -9.61 0.36 2.65
N ILE A 101 -9.69 1.37 3.50
CA ILE A 101 -9.00 1.34 4.79
C ILE A 101 -9.77 0.49 5.80
N VAL A 102 -11.01 0.16 5.46
CA VAL A 102 -11.85 -0.66 6.34
C VAL A 102 -11.35 -2.10 6.38
N LYS A 103 -10.69 -2.53 5.31
CA LYS A 103 -10.17 -3.89 5.24
C LYS A 103 -8.82 -3.99 5.96
N ILE A 104 -8.01 -2.95 5.83
CA ILE A 104 -6.70 -2.93 6.48
C ILE A 104 -6.74 -2.13 7.77
N ARG A 105 -7.95 -1.82 8.24
CA ARG A 105 -8.12 -1.06 9.47
C ARG A 105 -7.47 -1.77 10.65
N PRO A 106 -7.83 -3.04 10.86
CA PRO A 106 -7.29 -3.87 11.94
C PRO A 106 -5.83 -4.21 11.73
N PHE A 107 -5.37 -4.10 10.48
CA PHE A 107 -3.98 -4.41 10.15
C PHE A 107 -3.08 -3.21 10.39
N ALA A 108 -3.64 -2.01 10.24
CA ALA A 108 -2.89 -0.78 10.45
C ALA A 108 -2.20 -0.78 11.81
N GLN A 109 -2.74 -1.57 12.75
CA GLN A 109 -2.18 -1.65 14.08
C GLN A 109 -1.51 -3.00 14.31
N ASP A 110 -1.76 -3.94 13.40
CA ASP A 110 -1.18 -5.28 13.48
C ASP A 110 0.34 -5.22 13.33
N PRO A 111 1.04 -5.98 14.19
CA PRO A 111 2.50 -6.03 14.18
C PRO A 111 3.05 -6.75 12.94
N GLU A 112 2.14 -7.35 12.17
CA GLU A 112 2.52 -8.06 10.96
C GLU A 112 2.22 -7.24 9.71
N PHE A 113 1.97 -5.95 9.91
CA PHE A 113 1.66 -5.05 8.81
C PHE A 113 2.38 -3.72 8.96
N GLN A 114 3.28 -3.66 9.94
CA GLN A 114 4.05 -2.44 10.20
C GLN A 114 5.28 -2.39 9.31
N PRO A 115 5.75 -1.17 9.03
CA PRO A 115 6.93 -0.94 8.19
C PRO A 115 8.22 -1.38 8.88
N LYS A 116 8.20 -1.39 10.21
CA LYS A 116 9.37 -1.79 10.99
C LYS A 116 9.48 -3.30 11.07
N VAL A 117 8.34 -3.98 11.01
CA VAL A 117 8.30 -5.43 11.08
C VAL A 117 8.49 -6.04 9.69
N ILE A 118 7.82 -5.46 8.70
CA ILE A 118 7.92 -5.94 7.33
C ILE A 118 9.33 -5.74 6.76
N GLU A 119 10.10 -4.89 7.43
CA GLU A 119 11.47 -4.61 7.00
C GLU A 119 12.40 -5.76 7.36
N LYS A 120 11.88 -6.71 8.13
CA LYS A 120 12.67 -7.87 8.56
C LYS A 120 12.44 -9.05 7.63
N GLN A 121 11.18 -9.26 7.25
CA GLN A 121 10.82 -10.37 6.37
C GLN A 121 10.82 -9.92 4.91
N SER A 122 10.37 -8.69 4.69
CA SER A 122 10.31 -8.14 3.33
C SER A 122 10.84 -6.71 3.30
N VAL A 123 12.16 -6.57 3.30
CA VAL A 123 12.79 -5.26 3.28
C VAL A 123 12.25 -4.41 2.13
N ALA A 124 12.18 -5.00 0.95
CA ALA A 124 11.68 -4.31 -0.23
C ALA A 124 10.20 -3.99 -0.10
N CYS A 125 9.41 -5.01 0.19
CA CYS A 125 7.97 -4.84 0.34
C CYS A 125 7.66 -3.82 1.44
N ALA A 126 8.61 -3.63 2.35
CA ALA A 126 8.44 -2.69 3.45
C ALA A 126 8.09 -1.30 2.93
N GLY A 127 8.50 -1.01 1.69
CA GLY A 127 8.22 0.28 1.10
C GLY A 127 6.76 0.44 0.72
N LEU A 128 6.06 -0.68 0.59
CA LEU A 128 4.65 -0.65 0.22
C LEU A 128 3.77 -0.34 1.43
N CYS A 129 3.82 -1.22 2.43
CA CYS A 129 3.03 -1.03 3.65
C CYS A 129 3.37 0.29 4.32
N SER A 130 4.66 0.63 4.34
CA SER A 130 5.12 1.87 4.95
C SER A 130 4.39 3.07 4.35
N TRP A 131 4.02 2.96 3.08
CA TRP A 131 3.32 4.04 2.39
C TRP A 131 1.83 3.97 2.66
N VAL A 132 1.31 2.76 2.83
CA VAL A 132 -0.10 2.56 3.09
C VAL A 132 -0.49 3.10 4.47
N ILE A 133 0.33 2.81 5.47
CA ILE A 133 0.08 3.27 6.83
C ILE A 133 0.48 4.74 7.00
N ALA A 134 1.38 5.20 6.13
CA ALA A 134 1.85 6.58 6.19
C ALA A 134 0.84 7.52 5.53
N LEU A 135 0.46 7.21 4.29
CA LEU A 135 -0.49 8.02 3.56
C LEU A 135 -1.75 8.28 4.38
N GLU A 136 -2.24 7.23 5.02
CA GLU A 136 -3.44 7.33 5.84
C GLU A 136 -3.28 8.44 6.90
N LYS A 137 -2.04 8.70 7.28
CA LYS A 137 -1.75 9.72 8.28
C LYS A 137 -1.67 11.10 7.63
N TYR A 138 -1.30 11.12 6.36
CA TYR A 138 -1.18 12.38 5.63
C TYR A 138 -2.55 12.99 5.36
N ASP A 139 -3.58 12.15 5.37
CA ASP A 139 -4.94 12.61 5.13
C ASP A 139 -5.54 13.21 6.40
N LYS A 140 -5.03 12.79 7.55
CA LYS A 140 -5.51 13.29 8.83
C LYS A 140 -4.86 14.63 9.17
N VAL A 141 -3.63 14.82 8.71
CA VAL A 141 -2.90 16.06 8.95
C VAL A 141 -3.35 17.17 8.01
N ILE A 142 -3.65 16.78 6.77
CA ILE A 142 -4.09 17.74 5.77
C ILE A 142 -5.30 18.53 6.26
N LYS A 143 -6.01 17.98 7.23
CA LYS A 143 -7.18 18.63 7.80
C LYS A 143 -6.80 19.91 8.53
N GLU A 144 -5.50 20.08 8.78
CA GLU A 144 -5.00 21.25 9.48
C GLU A 144 -3.50 21.43 9.25
N VAL A 145 -3.04 21.02 8.08
CA VAL A 145 -1.63 21.13 7.73
C VAL A 145 -1.26 22.57 7.40
N GLU A 146 -2.12 23.24 6.65
CA GLU A 146 -1.88 24.62 6.26
C GLU A 146 -3.09 25.50 6.57
N PRO A 147 -3.37 25.68 7.87
CA PRO A 147 -4.51 26.48 8.34
C PRO A 147 -4.30 27.98 8.06
N LYS A 148 -3.10 28.33 7.62
CA LYS A 148 -2.77 29.72 7.33
C LYS A 148 -3.16 30.08 5.90
N ARG A 149 -4.40 29.75 5.53
CA ARG A 149 -4.90 30.04 4.18
C ARG A 149 -6.35 30.48 4.23
N GLN A 150 -6.88 30.88 3.06
CA GLN A 150 -8.26 31.32 2.98
C GLN A 150 -9.20 30.30 3.60
N LYS A 151 -9.93 30.73 4.62
CA LYS A 151 -10.89 29.86 5.31
C LYS A 151 -12.12 30.62 5.75
N LEU A 152 -13.24 30.37 5.09
CA LEU A 152 -14.50 31.05 5.42
C LEU A 152 -14.87 30.80 6.88
N ARG A 153 -15.70 31.68 7.41
CA ARG A 153 -16.15 31.57 8.80
C ARG A 153 -17.62 31.95 8.94
N GLU A 154 -18.51 31.00 8.65
CA GLU A 154 -19.93 31.24 8.75
C GLU A 154 -20.72 29.95 8.52
N ALA A 155 -21.83 29.80 9.24
CA ALA A 155 -22.66 28.61 9.12
C ALA A 155 -24.02 28.96 8.52
N GLY A 1 -3.37 21.98 14.35
CA GLY A 1 -3.83 22.97 13.39
C GLY A 1 -3.67 22.50 11.96
N SER A 2 -3.61 23.45 11.03
CA SER A 2 -3.47 23.13 9.62
C SER A 2 -2.04 22.67 9.30
N GLN A 3 -1.07 23.40 9.83
CA GLN A 3 0.33 23.07 9.62
C GLN A 3 0.74 21.83 10.42
N ALA A 4 0.00 21.56 11.49
CA ALA A 4 0.28 20.42 12.34
C ALA A 4 -0.33 19.14 11.76
N ASP A 5 -1.35 19.31 10.93
CA ASP A 5 -2.02 18.17 10.31
C ASP A 5 -1.22 17.68 9.09
N LEU A 6 -0.85 18.60 8.23
CA LEU A 6 -0.09 18.27 7.02
C LEU A 6 1.31 17.80 7.38
N ALA A 7 1.92 18.47 8.35
CA ALA A 7 3.26 18.13 8.79
C ALA A 7 3.27 16.80 9.53
N GLU A 8 2.09 16.29 9.84
CA GLU A 8 1.97 15.01 10.55
C GLU A 8 1.94 13.85 9.57
N ALA A 9 1.51 14.11 8.35
CA ALA A 9 1.44 13.08 7.31
C ALA A 9 2.54 13.28 6.27
N LEU A 10 2.97 14.52 6.11
CA LEU A 10 4.01 14.86 5.14
C LEU A 10 5.21 13.91 5.30
N PRO A 11 5.73 13.82 6.53
CA PRO A 11 6.88 12.97 6.84
C PRO A 11 6.54 11.49 6.78
N LEU A 12 5.24 11.19 6.69
CA LEU A 12 4.78 9.82 6.63
C LEU A 12 4.74 9.31 5.19
N LEU A 13 4.05 10.07 4.33
CA LEU A 13 3.93 9.71 2.92
C LEU A 13 5.29 9.76 2.23
N GLU A 14 6.02 10.86 2.44
CA GLU A 14 7.33 11.04 1.85
C GLU A 14 8.29 9.95 2.31
N ALA A 15 8.12 9.51 3.55
CA ALA A 15 8.97 8.48 4.12
C ALA A 15 8.77 7.14 3.40
N ALA A 16 7.62 7.00 2.74
CA ALA A 16 7.30 5.78 2.02
C ALA A 16 7.85 5.84 0.58
N LEU A 17 7.55 6.93 -0.11
CA LEU A 17 7.99 7.10 -1.49
C LEU A 17 9.50 6.89 -1.60
N LYS A 18 10.24 7.44 -0.64
CA LYS A 18 11.70 7.31 -0.63
C LYS A 18 12.11 5.83 -0.64
N ALA A 19 11.25 4.98 -0.08
CA ALA A 19 11.53 3.55 -0.03
C ALA A 19 11.48 2.94 -1.42
N LEU A 20 10.54 3.40 -2.25
CA LEU A 20 10.40 2.90 -3.61
C LEU A 20 11.47 3.49 -4.52
N ASP A 21 12.00 4.64 -4.14
CA ASP A 21 13.02 5.30 -4.93
C ASP A 21 14.40 4.72 -4.63
N THR A 22 14.56 4.20 -3.41
CA THR A 22 15.83 3.61 -3.01
C THR A 22 15.89 2.14 -3.38
N LEU A 23 14.74 1.48 -3.42
CA LEU A 23 14.67 0.07 -3.76
C LEU A 23 15.20 -0.18 -5.17
N LYS A 24 15.02 -1.39 -5.67
CA LYS A 24 15.48 -1.76 -7.00
C LYS A 24 14.38 -2.47 -7.78
N PRO A 25 14.48 -2.43 -9.12
CA PRO A 25 13.51 -3.07 -10.01
C PRO A 25 13.57 -4.59 -9.95
N ALA A 26 14.78 -5.11 -9.81
CA ALA A 26 14.98 -6.56 -9.73
C ALA A 26 14.56 -7.10 -8.38
N ASP A 27 14.72 -6.28 -7.34
CA ASP A 27 14.36 -6.68 -5.98
C ASP A 27 12.87 -7.05 -5.90
N ILE A 28 12.09 -6.52 -6.84
CA ILE A 28 10.65 -6.79 -6.87
C ILE A 28 10.37 -8.11 -7.58
N THR A 29 10.78 -8.20 -8.84
CA THR A 29 10.56 -9.40 -9.64
C THR A 29 11.20 -10.61 -8.98
N GLU A 30 12.18 -10.37 -8.11
CA GLU A 30 12.87 -11.44 -7.41
C GLU A 30 11.89 -12.40 -6.76
N VAL A 31 10.73 -11.86 -6.36
CA VAL A 31 9.70 -12.67 -5.71
C VAL A 31 8.93 -13.48 -6.73
N LYS A 32 8.74 -12.93 -7.92
CA LYS A 32 8.02 -13.61 -8.99
C LYS A 32 8.78 -14.85 -9.45
N GLY A 33 10.10 -14.84 -9.27
CA GLY A 33 10.91 -15.97 -9.67
C GLY A 33 10.60 -17.22 -8.87
N MET A 34 10.79 -17.14 -7.55
CA MET A 34 10.53 -18.27 -6.68
C MET A 34 9.13 -18.83 -6.91
N LYS A 35 8.84 -19.98 -6.31
CA LYS A 35 7.54 -20.62 -6.45
C LYS A 35 6.41 -19.64 -6.14
N SER A 36 6.35 -19.18 -4.90
CA SER A 36 5.33 -18.24 -4.49
C SER A 36 5.73 -17.53 -3.20
N PRO A 37 5.21 -16.30 -3.00
CA PRO A 37 5.51 -15.49 -1.82
C PRO A 37 4.87 -16.07 -0.55
N PRO A 38 5.33 -15.58 0.62
CA PRO A 38 4.82 -16.04 1.91
C PRO A 38 3.38 -15.57 2.16
N ALA A 39 2.77 -16.12 3.20
CA ALA A 39 1.40 -15.77 3.55
C ALA A 39 1.32 -14.38 4.18
N GLY A 40 2.48 -13.89 4.63
CA GLY A 40 2.54 -12.58 5.24
C GLY A 40 2.70 -11.46 4.23
N VAL A 41 3.78 -11.54 3.45
CA VAL A 41 4.05 -10.52 2.43
C VAL A 41 2.89 -10.37 1.48
N ARG A 42 2.23 -11.50 1.16
CA ARG A 42 1.10 -11.48 0.25
C ARG A 42 -0.08 -10.73 0.87
N ARG A 43 -0.07 -10.60 2.19
CA ARG A 43 -1.13 -9.91 2.90
C ARG A 43 -0.88 -8.41 2.94
N VAL A 44 0.40 -8.03 2.92
CA VAL A 44 0.78 -6.62 2.96
C VAL A 44 0.72 -6.00 1.57
N LEU A 45 1.32 -6.67 0.59
CA LEU A 45 1.33 -6.19 -0.78
C LEU A 45 -0.08 -6.13 -1.35
N GLU A 46 -1.01 -6.80 -0.67
CA GLU A 46 -2.40 -6.84 -1.12
C GLU A 46 -3.06 -5.48 -0.95
N ALA A 47 -2.56 -4.70 0.02
CA ALA A 47 -3.09 -3.37 0.28
C ALA A 47 -2.85 -2.43 -0.89
N ILE A 48 -1.96 -2.83 -1.80
CA ILE A 48 -1.64 -2.03 -2.96
C ILE A 48 -2.62 -2.29 -4.09
N CYS A 49 -3.21 -3.48 -4.10
CA CYS A 49 -4.18 -3.86 -5.13
C CYS A 49 -5.57 -3.33 -4.79
N ILE A 50 -5.84 -3.17 -3.50
CA ILE A 50 -7.12 -2.67 -3.04
C ILE A 50 -7.26 -1.17 -3.30
N MET A 51 -6.22 -0.42 -2.92
CA MET A 51 -6.22 1.03 -3.11
C MET A 51 -6.53 1.38 -4.56
N LYS A 52 -6.13 0.51 -5.48
CA LYS A 52 -6.36 0.74 -6.90
C LYS A 52 -7.58 -0.04 -7.38
N GLY A 53 -8.03 -1.00 -6.57
CA GLY A 53 -9.18 -1.80 -6.94
C GLY A 53 -8.97 -2.59 -8.21
N VAL A 54 -7.91 -3.40 -8.22
CA VAL A 54 -7.60 -4.22 -9.40
C VAL A 54 -8.36 -5.53 -9.36
N LYS A 55 -8.72 -6.04 -10.54
CA LYS A 55 -9.45 -7.29 -10.64
C LYS A 55 -8.53 -8.48 -10.37
N PRO A 56 -9.07 -9.49 -9.68
CA PRO A 56 -8.33 -10.71 -9.34
C PRO A 56 -8.03 -11.57 -10.56
N ALA A 57 -7.54 -12.78 -10.32
CA ALA A 57 -7.21 -13.71 -11.40
C ALA A 57 -8.33 -14.74 -11.58
N ARG A 58 -8.04 -15.76 -12.39
CA ARG A 58 -9.02 -16.81 -12.65
C ARG A 58 -8.36 -18.19 -12.57
N VAL A 59 -8.77 -18.97 -11.57
CA VAL A 59 -8.23 -20.31 -11.38
C VAL A 59 -9.25 -21.23 -10.73
N LYS A 60 -8.94 -22.53 -10.69
CA LYS A 60 -9.83 -23.51 -10.10
C LYS A 60 -9.41 -23.84 -8.67
N ASP A 61 -10.39 -23.94 -7.78
CA ASP A 61 -10.11 -24.26 -6.39
C ASP A 61 -9.83 -25.74 -6.21
N THR A 62 -8.74 -26.05 -5.52
CA THR A 62 -8.36 -27.44 -5.28
C THR A 62 -9.09 -28.01 -4.06
N ALA A 63 -9.59 -27.12 -3.22
CA ALA A 63 -10.32 -27.54 -2.02
C ALA A 63 -11.82 -27.62 -2.28
N SER A 64 -12.30 -26.77 -3.19
CA SER A 64 -13.72 -26.74 -3.53
C SER A 64 -13.99 -27.49 -4.83
N GLY A 65 -13.06 -27.36 -5.78
CA GLY A 65 -13.22 -28.03 -7.06
C GLY A 65 -14.08 -27.26 -8.02
N ARG A 66 -14.11 -25.93 -7.86
CA ARG A 66 -14.91 -25.08 -8.73
C ARG A 66 -14.09 -23.88 -9.21
N MET A 67 -14.74 -23.02 -10.00
CA MET A 67 -14.06 -21.83 -10.52
C MET A 67 -13.99 -20.74 -9.46
N VAL A 68 -12.76 -20.28 -9.18
CA VAL A 68 -12.55 -19.23 -8.19
C VAL A 68 -11.52 -18.22 -8.66
N ASP A 69 -11.22 -17.25 -7.81
CA ASP A 69 -10.24 -16.22 -8.15
C ASP A 69 -8.87 -16.54 -7.54
N ASP A 70 -7.83 -16.06 -8.18
CA ASP A 70 -6.46 -16.30 -7.70
C ASP A 70 -5.83 -15.01 -7.20
N TYR A 71 -5.50 -14.97 -5.92
CA TYR A 71 -4.89 -13.78 -5.32
C TYR A 71 -3.38 -13.80 -5.50
N TRP A 72 -2.84 -14.98 -5.80
CA TRP A 72 -1.40 -15.15 -5.99
C TRP A 72 -0.97 -14.59 -7.34
N GLU A 73 -1.60 -15.08 -8.41
CA GLU A 73 -1.27 -14.63 -9.75
C GLU A 73 -1.33 -13.11 -9.84
N ALA A 74 -2.46 -12.54 -9.44
CA ALA A 74 -2.64 -11.09 -9.47
C ALA A 74 -1.60 -10.39 -8.60
N SER A 75 -1.02 -11.14 -7.67
CA SER A 75 -0.01 -10.58 -6.77
C SER A 75 1.37 -10.62 -7.41
N LYS A 76 1.86 -11.82 -7.68
CA LYS A 76 3.18 -11.99 -8.30
C LYS A 76 3.27 -11.22 -9.61
N LYS A 77 2.15 -11.16 -10.34
CA LYS A 77 2.11 -10.45 -11.61
C LYS A 77 2.31 -8.96 -11.40
N MET A 78 2.12 -8.50 -10.17
CA MET A 78 2.29 -7.08 -9.85
C MET A 78 3.75 -6.77 -9.53
N LEU A 79 4.50 -7.80 -9.14
CA LEU A 79 5.91 -7.63 -8.81
C LEU A 79 6.78 -7.73 -10.06
N MET A 80 6.35 -8.55 -11.01
CA MET A 80 7.08 -8.74 -12.25
C MET A 80 7.21 -7.42 -13.00
N GLU A 81 6.34 -6.46 -12.67
CA GLU A 81 6.36 -5.16 -13.32
C GLU A 81 7.51 -4.30 -12.78
N PHE A 82 8.22 -3.64 -13.69
CA PHE A 82 9.33 -2.77 -13.31
C PHE A 82 8.84 -1.38 -12.94
N ASP A 83 7.64 -1.04 -13.40
CA ASP A 83 7.06 0.27 -13.12
C ASP A 83 5.88 0.15 -12.15
N PHE A 84 5.82 -0.98 -11.44
CA PHE A 84 4.74 -1.22 -10.49
C PHE A 84 4.81 -0.23 -9.33
N LEU A 85 6.02 0.06 -8.88
CA LEU A 85 6.22 1.00 -7.78
C LEU A 85 6.08 2.44 -8.26
N ASP A 86 6.30 2.66 -9.54
CA ASP A 86 6.19 3.99 -10.13
C ASP A 86 4.74 4.36 -10.38
N SER A 87 3.87 3.35 -10.43
CA SER A 87 2.45 3.57 -10.67
C SER A 87 1.74 3.95 -9.38
N LEU A 88 2.14 3.32 -8.28
CA LEU A 88 1.53 3.58 -6.98
C LEU A 88 1.88 4.98 -6.50
N ARG A 89 3.09 5.44 -6.83
CA ARG A 89 3.55 6.76 -6.44
C ARG A 89 2.84 7.85 -7.25
N LYS A 90 2.58 7.54 -8.52
CA LYS A 90 1.91 8.48 -9.40
C LYS A 90 0.40 8.29 -9.37
N PHE A 91 -0.06 7.47 -8.43
CA PHE A 91 -1.49 7.22 -8.29
C PHE A 91 -2.21 8.40 -7.65
N ASP A 92 -3.41 8.69 -8.15
CA ASP A 92 -4.19 9.81 -7.63
C ASP A 92 -4.77 9.48 -6.25
N LYS A 93 -4.14 10.04 -5.21
CA LYS A 93 -4.58 9.81 -3.84
C LYS A 93 -5.71 10.77 -3.46
N ASP A 94 -6.14 11.57 -4.42
CA ASP A 94 -7.21 12.54 -4.19
C ASP A 94 -8.57 11.94 -4.54
N HIS A 95 -8.58 10.65 -4.86
CA HIS A 95 -9.81 9.96 -5.22
C HIS A 95 -9.85 8.55 -4.64
N ILE A 96 -9.41 8.43 -3.39
CA ILE A 96 -9.39 7.13 -2.72
C ILE A 96 -10.67 6.91 -1.91
N PRO A 97 -11.52 5.98 -2.40
CA PRO A 97 -12.78 5.65 -1.74
C PRO A 97 -12.58 4.91 -0.43
N PRO A 98 -13.56 5.02 0.47
CA PRO A 98 -13.51 4.35 1.78
C PRO A 98 -13.64 2.84 1.68
N GLU A 99 -13.95 2.36 0.48
CA GLU A 99 -14.10 0.93 0.25
C GLU A 99 -12.74 0.25 0.13
N VAL A 100 -11.74 1.01 -0.30
CA VAL A 100 -10.39 0.49 -0.46
C VAL A 100 -9.61 0.59 0.85
N ILE A 101 -10.02 1.52 1.70
CA ILE A 101 -9.36 1.72 2.98
C ILE A 101 -9.98 0.84 4.06
N VAL A 102 -11.25 0.51 3.91
CA VAL A 102 -11.96 -0.33 4.86
C VAL A 102 -11.43 -1.75 4.83
N LYS A 103 -10.75 -2.11 3.75
CA LYS A 103 -10.18 -3.44 3.60
C LYS A 103 -8.92 -3.60 4.43
N ILE A 104 -8.19 -2.49 4.60
CA ILE A 104 -6.95 -2.51 5.37
C ILE A 104 -7.15 -1.83 6.73
N ARG A 105 -8.40 -1.57 7.07
CA ARG A 105 -8.73 -0.93 8.35
C ARG A 105 -8.13 -1.70 9.51
N PRO A 106 -8.48 -2.99 9.62
CA PRO A 106 -7.97 -3.87 10.69
C PRO A 106 -6.49 -4.18 10.54
N PHE A 107 -5.95 -3.90 9.35
CA PHE A 107 -4.55 -4.16 9.08
C PHE A 107 -3.68 -2.99 9.56
N ALA A 108 -4.22 -1.79 9.45
CA ALA A 108 -3.49 -0.58 9.88
C ALA A 108 -2.98 -0.74 11.31
N GLN A 109 -3.64 -1.60 12.08
CA GLN A 109 -3.24 -1.82 13.46
C GLN A 109 -2.61 -3.21 13.63
N ASP A 110 -2.75 -4.05 12.60
CA ASP A 110 -2.19 -5.39 12.63
C ASP A 110 -0.68 -5.34 12.83
N PRO A 111 -0.17 -6.20 13.73
CA PRO A 111 1.26 -6.28 14.03
C PRO A 111 2.07 -6.86 12.87
N GLU A 112 1.37 -7.32 11.84
CA GLU A 112 2.02 -7.90 10.67
C GLU A 112 1.77 -7.05 9.43
N PHE A 113 1.44 -5.77 9.64
CA PHE A 113 1.17 -4.85 8.54
C PHE A 113 1.86 -3.51 8.77
N GLN A 114 2.65 -3.43 9.84
CA GLN A 114 3.36 -2.20 10.18
C GLN A 114 4.75 -2.19 9.55
N PRO A 115 5.29 -0.99 9.32
CA PRO A 115 6.62 -0.81 8.73
C PRO A 115 7.74 -1.23 9.67
N LYS A 116 7.39 -1.40 10.94
CA LYS A 116 8.37 -1.80 11.95
C LYS A 116 8.58 -3.31 11.94
N VAL A 117 7.49 -4.05 11.79
CA VAL A 117 7.56 -5.50 11.75
C VAL A 117 7.84 -6.01 10.34
N ILE A 118 7.54 -5.19 9.35
CA ILE A 118 7.77 -5.55 7.96
C ILE A 118 9.19 -5.21 7.54
N GLU A 119 9.85 -4.37 8.31
CA GLU A 119 11.23 -3.98 8.02
C GLU A 119 12.23 -5.00 8.57
N LYS A 120 11.79 -5.77 9.56
CA LYS A 120 12.63 -6.79 10.16
C LYS A 120 12.47 -8.12 9.45
N GLN A 121 11.54 -8.18 8.50
CA GLN A 121 11.29 -9.39 7.75
C GLN A 121 11.41 -9.14 6.25
N SER A 122 10.82 -8.05 5.79
CA SER A 122 10.86 -7.70 4.37
C SER A 122 11.16 -6.22 4.18
N VAL A 123 12.44 -5.86 4.30
CA VAL A 123 12.86 -4.47 4.14
C VAL A 123 12.31 -3.87 2.84
N ALA A 124 12.43 -4.63 1.76
CA ALA A 124 11.96 -4.17 0.45
C ALA A 124 10.46 -3.88 0.49
N CYS A 125 9.67 -4.89 0.83
CA CYS A 125 8.22 -4.73 0.91
C CYS A 125 7.84 -3.67 1.93
N ALA A 126 8.75 -3.40 2.87
CA ALA A 126 8.50 -2.42 3.91
C ALA A 126 8.14 -1.06 3.31
N GLY A 127 8.58 -0.84 2.07
CA GLY A 127 8.28 0.42 1.39
C GLY A 127 6.84 0.51 0.95
N LEU A 128 6.17 -0.63 0.86
CA LEU A 128 4.78 -0.67 0.43
C LEU A 128 3.84 -0.39 1.60
N CYS A 129 3.88 -1.27 2.60
CA CYS A 129 3.04 -1.12 3.78
C CYS A 129 3.22 0.27 4.41
N SER A 130 4.38 0.86 4.17
CA SER A 130 4.68 2.18 4.72
C SER A 130 3.92 3.27 3.97
N TRP A 131 3.71 3.04 2.68
CA TRP A 131 2.99 4.00 1.83
C TRP A 131 1.49 3.82 1.96
N VAL A 132 1.07 2.57 2.19
CA VAL A 132 -0.35 2.26 2.33
C VAL A 132 -0.92 2.84 3.63
N ILE A 133 -0.15 2.71 4.70
CA ILE A 133 -0.58 3.22 6.00
C ILE A 133 -0.35 4.73 6.10
N ALA A 134 0.57 5.23 5.29
CA ALA A 134 0.88 6.66 5.27
C ALA A 134 -0.09 7.43 4.38
N LEU A 135 -0.23 6.97 3.14
CA LEU A 135 -1.13 7.62 2.19
C LEU A 135 -2.52 7.79 2.77
N GLU A 136 -3.01 6.74 3.44
CA GLU A 136 -4.33 6.78 4.04
C GLU A 136 -4.47 7.99 4.97
N LYS A 137 -3.37 8.38 5.60
CA LYS A 137 -3.37 9.53 6.51
C LYS A 137 -3.20 10.83 5.73
N TYR A 138 -2.59 10.73 4.55
CA TYR A 138 -2.36 11.91 3.72
C TYR A 138 -3.67 12.40 3.10
N ASP A 139 -4.62 11.49 2.95
CA ASP A 139 -5.92 11.82 2.37
C ASP A 139 -6.82 12.47 3.40
N LYS A 140 -6.57 12.16 4.67
CA LYS A 140 -7.37 12.70 5.76
C LYS A 140 -6.91 14.11 6.13
N VAL A 141 -5.64 14.40 5.85
CA VAL A 141 -5.07 15.71 6.15
C VAL A 141 -5.32 16.69 5.01
N ILE A 142 -5.31 16.18 3.78
CA ILE A 142 -5.54 17.01 2.61
C ILE A 142 -6.86 17.75 2.72
N LYS A 143 -7.77 17.23 3.55
CA LYS A 143 -9.07 17.86 3.75
C LYS A 143 -8.93 19.24 4.37
N GLU A 144 -7.75 19.52 4.92
CA GLU A 144 -7.50 20.81 5.54
C GLU A 144 -5.99 21.05 5.70
N VAL A 145 -5.22 20.55 4.73
CA VAL A 145 -3.77 20.71 4.76
C VAL A 145 -3.37 22.13 4.44
N GLU A 146 -4.01 22.71 3.43
CA GLU A 146 -3.72 24.07 3.02
C GLU A 146 -4.99 24.81 2.62
N PRO A 147 -5.84 25.10 3.62
CA PRO A 147 -7.11 25.80 3.40
C PRO A 147 -6.91 27.26 3.03
N LYS A 148 -5.69 27.75 3.22
CA LYS A 148 -5.36 29.14 2.90
C LYS A 148 -6.36 30.10 3.55
N ARG A 149 -6.48 30.00 4.86
CA ARG A 149 -7.40 30.85 5.61
C ARG A 149 -6.64 31.73 6.61
N GLN A 150 -7.38 32.39 7.49
CA GLN A 150 -6.78 33.25 8.50
C GLN A 150 -6.01 32.43 9.53
N LYS A 151 -6.71 31.90 10.51
CA LYS A 151 -6.10 31.09 11.56
C LYS A 151 -7.15 30.58 12.54
N LEU A 152 -7.60 29.34 12.34
CA LEU A 152 -8.60 28.74 13.20
C LEU A 152 -8.18 28.84 14.66
N ARG A 153 -9.16 29.04 15.55
CA ARG A 153 -8.90 29.16 16.97
C ARG A 153 -8.14 27.94 17.49
N GLU A 154 -8.59 26.76 17.08
CA GLU A 154 -7.95 25.52 17.50
C GLU A 154 -6.45 25.56 17.23
N ALA A 155 -5.67 25.69 18.29
CA ALA A 155 -4.22 25.74 18.18
C ALA A 155 -3.58 24.48 18.74
N GLY A 1 -1.27 22.90 15.44
CA GLY A 1 -2.58 22.41 15.03
C GLY A 1 -2.69 22.23 13.53
N SER A 2 -3.04 23.32 12.84
CA SER A 2 -3.20 23.27 11.39
C SER A 2 -1.85 23.00 10.71
N GLN A 3 -0.79 23.57 11.27
CA GLN A 3 0.55 23.38 10.71
C GLN A 3 1.19 22.12 11.25
N ALA A 4 0.73 21.67 12.41
CA ALA A 4 1.26 20.46 13.02
C ALA A 4 0.64 19.21 12.41
N ASP A 5 -0.62 19.33 11.99
CA ASP A 5 -1.34 18.20 11.39
C ASP A 5 -0.70 17.81 10.06
N LEU A 6 -0.52 18.80 9.17
CA LEU A 6 0.08 18.56 7.87
C LEU A 6 1.51 18.03 8.01
N ALA A 7 2.25 18.63 8.93
CA ALA A 7 3.64 18.22 9.17
C ALA A 7 3.70 16.87 9.87
N GLU A 8 2.55 16.39 10.32
CA GLU A 8 2.47 15.10 11.02
C GLU A 8 2.25 13.96 10.02
N ALA A 9 1.65 14.29 8.88
CA ALA A 9 1.38 13.30 7.85
C ALA A 9 2.32 13.47 6.66
N LEU A 10 2.74 14.71 6.42
CA LEU A 10 3.64 15.01 5.31
C LEU A 10 4.84 14.06 5.31
N PRO A 11 5.52 13.96 6.46
CA PRO A 11 6.69 13.09 6.62
C PRO A 11 6.32 11.61 6.60
N LEU A 12 5.02 11.33 6.68
CA LEU A 12 4.54 9.95 6.66
C LEU A 12 4.33 9.46 5.24
N LEU A 13 3.64 10.26 4.43
CA LEU A 13 3.38 9.91 3.04
C LEU A 13 4.66 9.93 2.22
N GLU A 14 5.46 10.98 2.39
CA GLU A 14 6.72 11.10 1.68
C GLU A 14 7.70 10.00 2.07
N ALA A 15 7.66 9.61 3.34
CA ALA A 15 8.53 8.57 3.85
C ALA A 15 8.35 7.26 3.07
N ALA A 16 7.19 7.12 2.43
CA ALA A 16 6.89 5.93 1.66
C ALA A 16 7.42 6.06 0.23
N LEU A 17 7.15 7.19 -0.39
CA LEU A 17 7.60 7.45 -1.76
C LEU A 17 9.11 7.23 -1.88
N LYS A 18 9.86 7.72 -0.91
CA LYS A 18 11.30 7.57 -0.90
C LYS A 18 11.70 6.12 -0.67
N ALA A 19 10.79 5.34 -0.10
CA ALA A 19 11.05 3.94 0.17
C ALA A 19 11.02 3.11 -1.11
N LEU A 20 10.30 3.61 -2.11
CA LEU A 20 10.20 2.91 -3.39
C LEU A 20 11.44 3.14 -4.24
N ASP A 21 12.25 4.12 -3.83
CA ASP A 21 13.49 4.43 -4.56
C ASP A 21 14.64 3.57 -4.04
N THR A 22 14.78 3.48 -2.73
CA THR A 22 15.84 2.69 -2.12
C THR A 22 15.75 1.23 -2.54
N LEU A 23 14.58 0.81 -3.01
CA LEU A 23 14.38 -0.56 -3.45
C LEU A 23 14.84 -0.74 -4.89
N LYS A 24 15.01 -1.99 -5.29
CA LYS A 24 15.46 -2.31 -6.64
C LYS A 24 14.51 -3.31 -7.31
N PRO A 25 14.54 -3.33 -8.64
CA PRO A 25 13.68 -4.24 -9.43
C PRO A 25 14.10 -5.70 -9.29
N ALA A 26 15.41 -5.92 -9.16
CA ALA A 26 15.94 -7.27 -9.01
C ALA A 26 15.38 -7.94 -7.76
N ASP A 27 14.92 -7.15 -6.82
CA ASP A 27 14.37 -7.66 -5.57
C ASP A 27 12.88 -7.99 -5.73
N ILE A 28 12.23 -7.30 -6.65
CA ILE A 28 10.80 -7.51 -6.90
C ILE A 28 10.58 -8.77 -7.75
N THR A 29 11.17 -8.78 -8.94
CA THR A 29 11.04 -9.92 -9.85
C THR A 29 11.57 -11.19 -9.21
N GLU A 30 12.43 -11.03 -8.21
CA GLU A 30 13.01 -12.17 -7.51
C GLU A 30 11.93 -13.07 -6.92
N VAL A 31 10.75 -12.49 -6.70
CA VAL A 31 9.63 -13.22 -6.14
C VAL A 31 8.85 -13.96 -7.23
N LYS A 32 8.89 -13.42 -8.44
CA LYS A 32 8.19 -14.02 -9.57
C LYS A 32 8.88 -15.30 -10.01
N GLY A 33 10.17 -15.42 -9.69
CA GLY A 33 10.92 -16.60 -10.06
C GLY A 33 10.57 -17.80 -9.21
N MET A 34 10.66 -17.64 -7.89
CA MET A 34 10.35 -18.73 -6.96
C MET A 34 8.98 -19.33 -7.26
N LYS A 35 8.73 -20.50 -6.72
CA LYS A 35 7.45 -21.18 -6.93
C LYS A 35 6.28 -20.25 -6.60
N SER A 36 6.36 -19.59 -5.45
CA SER A 36 5.30 -18.68 -5.03
C SER A 36 5.81 -17.75 -3.93
N PRO A 37 5.15 -16.59 -3.79
CA PRO A 37 5.51 -15.59 -2.78
C PRO A 37 5.18 -16.06 -1.36
N PRO A 38 5.77 -15.37 -0.37
CA PRO A 38 5.57 -15.70 1.05
C PRO A 38 4.15 -15.36 1.52
N ALA A 39 3.79 -15.86 2.70
CA ALA A 39 2.48 -15.61 3.26
C ALA A 39 2.39 -14.21 3.86
N GLY A 40 3.55 -13.60 4.07
CA GLY A 40 3.59 -12.26 4.64
C GLY A 40 3.45 -11.17 3.59
N VAL A 41 4.37 -11.16 2.63
CA VAL A 41 4.35 -10.17 1.57
C VAL A 41 3.03 -10.21 0.80
N ARG A 42 2.49 -11.41 0.62
CA ARG A 42 1.24 -11.58 -0.10
C ARG A 42 0.08 -10.97 0.69
N ARG A 43 0.29 -10.78 1.99
CA ARG A 43 -0.74 -10.21 2.85
C ARG A 43 -0.68 -8.68 2.82
N VAL A 44 0.53 -8.15 2.63
CA VAL A 44 0.72 -6.70 2.59
C VAL A 44 0.41 -6.15 1.20
N LEU A 45 1.06 -6.74 0.19
CA LEU A 45 0.86 -6.31 -1.19
C LEU A 45 -0.61 -6.40 -1.59
N GLU A 46 -1.37 -7.21 -0.85
CA GLU A 46 -2.79 -7.40 -1.13
C GLU A 46 -3.54 -6.07 -0.98
N ALA A 47 -3.04 -5.21 -0.11
CA ALA A 47 -3.67 -3.91 0.12
C ALA A 47 -3.44 -2.97 -1.05
N ILE A 48 -2.49 -3.32 -1.91
CA ILE A 48 -2.17 -2.50 -3.07
C ILE A 48 -3.10 -2.83 -4.23
N CYS A 49 -3.33 -4.11 -4.46
CA CYS A 49 -4.21 -4.56 -5.54
C CYS A 49 -5.63 -4.05 -5.33
N ILE A 50 -5.96 -3.73 -4.09
CA ILE A 50 -7.30 -3.24 -3.75
C ILE A 50 -7.44 -1.77 -4.12
N MET A 51 -6.37 -1.00 -3.91
CA MET A 51 -6.37 0.42 -4.23
C MET A 51 -6.65 0.65 -5.71
N LYS A 52 -6.40 -0.37 -6.53
CA LYS A 52 -6.61 -0.28 -7.97
C LYS A 52 -7.75 -1.20 -8.39
N GLY A 53 -8.07 -2.17 -7.55
CA GLY A 53 -9.14 -3.11 -7.87
C GLY A 53 -8.80 -4.00 -9.05
N VAL A 54 -7.66 -4.69 -8.96
CA VAL A 54 -7.23 -5.58 -10.03
C VAL A 54 -7.98 -6.91 -9.97
N LYS A 55 -8.46 -7.35 -11.12
CA LYS A 55 -9.20 -8.61 -11.22
C LYS A 55 -8.28 -9.80 -10.95
N PRO A 56 -8.67 -10.64 -9.97
CA PRO A 56 -7.91 -11.82 -9.60
C PRO A 56 -7.93 -12.90 -10.67
N ALA A 57 -7.21 -14.00 -10.43
CA ALA A 57 -7.15 -15.10 -11.38
C ALA A 57 -8.27 -16.10 -11.12
N ARG A 58 -8.18 -17.26 -11.77
CA ARG A 58 -9.17 -18.31 -11.60
C ARG A 58 -8.51 -19.68 -11.51
N VAL A 59 -8.91 -20.46 -10.51
CA VAL A 59 -8.35 -21.79 -10.30
C VAL A 59 -9.34 -22.70 -9.58
N LYS A 60 -9.02 -23.98 -9.51
CA LYS A 60 -9.88 -24.96 -8.85
C LYS A 60 -9.36 -25.25 -7.45
N ASP A 61 -10.16 -24.92 -6.44
CA ASP A 61 -9.78 -25.17 -5.05
C ASP A 61 -9.44 -26.64 -4.82
N THR A 62 -8.30 -26.88 -4.18
CA THR A 62 -7.87 -28.25 -3.91
C THR A 62 -8.51 -28.80 -2.64
N ALA A 63 -8.91 -27.88 -1.75
CA ALA A 63 -9.55 -28.27 -0.50
C ALA A 63 -11.07 -28.20 -0.61
N SER A 64 -11.55 -27.45 -1.59
CA SER A 64 -12.99 -27.30 -1.80
C SER A 64 -13.45 -28.10 -3.03
N GLY A 65 -12.62 -28.11 -4.06
CA GLY A 65 -12.96 -28.83 -5.27
C GLY A 65 -13.90 -28.07 -6.16
N ARG A 66 -14.00 -26.75 -5.93
CA ARG A 66 -14.88 -25.91 -6.73
C ARG A 66 -14.09 -24.79 -7.41
N MET A 67 -14.80 -23.94 -8.15
CA MET A 67 -14.16 -22.84 -8.86
C MET A 67 -13.87 -21.68 -7.92
N VAL A 68 -12.63 -21.22 -7.90
CA VAL A 68 -12.23 -20.11 -7.04
C VAL A 68 -11.30 -19.16 -7.77
N ASP A 69 -10.85 -18.12 -7.07
CA ASP A 69 -9.95 -17.14 -7.65
C ASP A 69 -8.54 -17.29 -7.10
N ASP A 70 -7.55 -17.25 -7.99
CA ASP A 70 -6.15 -17.39 -7.59
C ASP A 70 -5.53 -16.02 -7.32
N TYR A 71 -5.18 -15.78 -6.06
CA TYR A 71 -4.58 -14.51 -5.67
C TYR A 71 -3.07 -14.53 -5.90
N TRP A 72 -2.55 -15.69 -6.29
CA TRP A 72 -1.12 -15.84 -6.54
C TRP A 72 -0.75 -15.27 -7.91
N GLU A 73 -1.42 -15.75 -8.96
CA GLU A 73 -1.15 -15.28 -10.31
C GLU A 73 -1.39 -13.78 -10.42
N ALA A 74 -2.25 -13.25 -9.56
CA ALA A 74 -2.56 -11.83 -9.55
C ALA A 74 -1.52 -11.04 -8.76
N SER A 75 -0.85 -11.72 -7.83
CA SER A 75 0.16 -11.09 -7.00
C SER A 75 1.51 -11.09 -7.69
N LYS A 76 1.97 -12.28 -8.09
CA LYS A 76 3.26 -12.41 -8.76
C LYS A 76 3.28 -11.61 -10.06
N LYS A 77 2.11 -11.46 -10.68
CA LYS A 77 1.99 -10.72 -11.92
C LYS A 77 2.23 -9.23 -11.70
N MET A 78 2.11 -8.81 -10.44
CA MET A 78 2.32 -7.40 -10.08
C MET A 78 3.79 -7.12 -9.84
N LEU A 79 4.53 -8.16 -9.45
CA LEU A 79 5.96 -8.02 -9.18
C LEU A 79 6.78 -8.28 -10.44
N MET A 80 6.23 -9.08 -11.35
CA MET A 80 6.91 -9.40 -12.60
C MET A 80 7.33 -8.13 -13.33
N GLU A 81 6.59 -7.04 -13.10
CA GLU A 81 6.89 -5.77 -13.74
C GLU A 81 7.80 -4.92 -12.86
N PHE A 82 8.68 -4.16 -13.49
CA PHE A 82 9.61 -3.29 -12.76
C PHE A 82 9.00 -1.92 -12.54
N ASP A 83 8.02 -1.56 -13.36
CA ASP A 83 7.36 -0.27 -13.26
C ASP A 83 6.11 -0.37 -12.40
N PHE A 84 5.86 -1.56 -11.84
CA PHE A 84 4.69 -1.78 -11.00
C PHE A 84 4.59 -0.71 -9.92
N LEU A 85 5.73 -0.36 -9.33
CA LEU A 85 5.77 0.66 -8.29
C LEU A 85 5.52 2.05 -8.87
N ASP A 86 6.12 2.32 -10.03
CA ASP A 86 5.97 3.61 -10.68
C ASP A 86 4.50 3.92 -10.93
N SER A 87 3.66 2.88 -10.93
CA SER A 87 2.24 3.04 -11.17
C SER A 87 1.53 3.49 -9.88
N LEU A 88 2.13 3.18 -8.74
CA LEU A 88 1.56 3.54 -7.45
C LEU A 88 2.00 4.94 -7.04
N ARG A 89 3.19 5.34 -7.48
CA ARG A 89 3.71 6.66 -7.15
C ARG A 89 2.93 7.75 -7.88
N LYS A 90 2.54 7.47 -9.12
CA LYS A 90 1.79 8.42 -9.93
C LYS A 90 0.37 8.57 -9.41
N PHE A 91 -0.02 7.70 -8.48
CA PHE A 91 -1.35 7.73 -7.90
C PHE A 91 -1.71 9.14 -7.41
N ASP A 92 -2.97 9.50 -7.54
CA ASP A 92 -3.44 10.82 -7.12
C ASP A 92 -4.38 10.70 -5.92
N LYS A 93 -4.20 11.57 -4.95
CA LYS A 93 -5.03 11.58 -3.75
C LYS A 93 -6.29 12.40 -3.96
N ASP A 94 -6.50 12.85 -5.20
CA ASP A 94 -7.67 13.66 -5.53
C ASP A 94 -8.83 12.78 -5.97
N HIS A 95 -8.68 11.47 -5.77
CA HIS A 95 -9.71 10.52 -6.15
C HIS A 95 -9.51 9.18 -5.46
N ILE A 96 -9.28 9.22 -4.15
CA ILE A 96 -9.07 8.02 -3.37
C ILE A 96 -10.39 7.32 -3.05
N PRO A 97 -10.56 6.11 -3.61
CA PRO A 97 -11.77 5.32 -3.40
C PRO A 97 -11.88 4.78 -1.98
N PRO A 98 -12.97 5.15 -1.28
CA PRO A 98 -13.22 4.72 0.10
C PRO A 98 -13.54 3.23 0.19
N GLU A 99 -13.72 2.60 -0.96
CA GLU A 99 -14.04 1.17 -1.01
C GLU A 99 -12.78 0.33 -0.87
N VAL A 100 -11.63 0.90 -1.26
CA VAL A 100 -10.36 0.20 -1.17
C VAL A 100 -9.73 0.39 0.21
N ILE A 101 -10.03 1.52 0.84
CA ILE A 101 -9.49 1.82 2.16
C ILE A 101 -10.29 1.11 3.26
N VAL A 102 -11.57 0.91 3.01
CA VAL A 102 -12.44 0.24 3.98
C VAL A 102 -12.04 -1.21 4.16
N LYS A 103 -11.31 -1.75 3.19
CA LYS A 103 -10.85 -3.13 3.24
C LYS A 103 -9.57 -3.24 4.06
N ILE A 104 -8.71 -2.24 3.95
CA ILE A 104 -7.44 -2.22 4.68
C ILE A 104 -7.58 -1.48 5.99
N ARG A 105 -8.81 -1.11 6.34
CA ARG A 105 -9.08 -0.38 7.57
C ARG A 105 -8.46 -1.10 8.77
N PRO A 106 -8.85 -2.37 8.96
CA PRO A 106 -8.35 -3.20 10.06
C PRO A 106 -6.88 -3.57 9.89
N PHE A 107 -6.37 -3.37 8.69
CA PHE A 107 -4.97 -3.69 8.39
C PHE A 107 -4.06 -2.53 8.75
N ALA A 108 -4.57 -1.31 8.57
CA ALA A 108 -3.79 -0.11 8.88
C ALA A 108 -3.31 -0.12 10.32
N GLN A 109 -4.00 -0.89 11.16
CA GLN A 109 -3.64 -0.99 12.57
C GLN A 109 -3.12 -2.39 12.91
N ASP A 110 -3.21 -3.29 11.94
CA ASP A 110 -2.75 -4.66 12.13
C ASP A 110 -1.24 -4.70 12.37
N PRO A 111 -0.82 -5.50 13.35
CA PRO A 111 0.59 -5.65 13.71
C PRO A 111 1.39 -6.38 12.63
N GLU A 112 0.69 -6.88 11.62
CA GLU A 112 1.33 -7.60 10.52
C GLU A 112 1.18 -6.83 9.22
N PHE A 113 0.97 -5.53 9.32
CA PHE A 113 0.81 -4.69 8.13
C PHE A 113 1.46 -3.32 8.36
N GLN A 114 2.21 -3.20 9.44
CA GLN A 114 2.90 -1.95 9.76
C GLN A 114 4.22 -1.83 9.02
N PRO A 115 4.64 -0.60 8.75
CA PRO A 115 5.90 -0.32 8.05
C PRO A 115 7.13 -0.66 8.89
N LYS A 116 6.95 -0.69 10.21
CA LYS A 116 8.03 -1.01 11.13
C LYS A 116 8.26 -2.51 11.20
N VAL A 117 7.18 -3.28 11.04
CA VAL A 117 7.27 -4.73 11.10
C VAL A 117 7.63 -5.30 9.73
N ILE A 118 6.91 -4.86 8.70
CA ILE A 118 7.16 -5.32 7.34
C ILE A 118 8.59 -5.04 6.92
N GLU A 119 9.22 -4.06 7.56
CA GLU A 119 10.59 -3.70 7.24
C GLU A 119 11.58 -4.64 7.93
N LYS A 120 11.05 -5.56 8.72
CA LYS A 120 11.89 -6.52 9.44
C LYS A 120 12.10 -7.78 8.61
N GLN A 121 11.22 -8.01 7.65
CA GLN A 121 11.32 -9.18 6.78
C GLN A 121 11.38 -8.76 5.32
N SER A 122 10.56 -7.78 4.95
CA SER A 122 10.51 -7.30 3.58
C SER A 122 10.72 -5.79 3.52
N VAL A 123 11.98 -5.38 3.39
CA VAL A 123 12.31 -3.96 3.33
C VAL A 123 11.67 -3.29 2.13
N ALA A 124 11.75 -3.94 0.97
CA ALA A 124 11.17 -3.41 -0.26
C ALA A 124 9.66 -3.33 -0.15
N CYS A 125 9.05 -4.36 0.41
CA CYS A 125 7.59 -4.40 0.57
C CYS A 125 7.14 -3.36 1.60
N ALA A 126 7.97 -3.12 2.60
CA ALA A 126 7.65 -2.15 3.64
C ALA A 126 7.28 -0.81 3.04
N GLY A 127 7.95 -0.44 1.96
CA GLY A 127 7.66 0.84 1.31
C GLY A 127 6.24 0.93 0.81
N LEU A 128 5.64 -0.22 0.52
CA LEU A 128 4.27 -0.27 0.03
C LEU A 128 3.27 -0.03 1.16
N CYS A 129 3.27 -0.92 2.14
CA CYS A 129 2.37 -0.80 3.28
C CYS A 129 2.56 0.53 3.99
N SER A 130 3.74 1.12 3.83
CA SER A 130 4.06 2.40 4.46
C SER A 130 3.40 3.55 3.69
N TRP A 131 3.11 3.31 2.42
CA TRP A 131 2.48 4.33 1.59
C TRP A 131 0.96 4.31 1.74
N VAL A 132 0.39 3.11 1.78
CA VAL A 132 -1.05 2.96 1.94
C VAL A 132 -1.51 3.44 3.31
N ILE A 133 -0.72 3.15 4.33
CA ILE A 133 -1.05 3.55 5.69
C ILE A 133 -0.73 5.02 5.92
N ALA A 134 0.17 5.56 5.10
CA ALA A 134 0.56 6.97 5.22
C ALA A 134 -0.41 7.87 4.45
N LEU A 135 -0.66 7.53 3.19
CA LEU A 135 -1.56 8.31 2.35
C LEU A 135 -2.91 8.52 3.05
N GLU A 136 -3.42 7.45 3.67
CA GLU A 136 -4.69 7.52 4.37
C GLU A 136 -4.70 8.65 5.38
N LYS A 137 -3.52 9.00 5.89
CA LYS A 137 -3.39 10.07 6.86
C LYS A 137 -3.30 11.43 6.16
N TYR A 138 -2.70 11.45 4.98
CA TYR A 138 -2.56 12.69 4.22
C TYR A 138 -3.91 13.21 3.76
N ASP A 139 -4.89 12.31 3.66
CA ASP A 139 -6.23 12.67 3.24
C ASP A 139 -7.02 13.25 4.40
N LYS A 140 -6.66 12.85 5.62
CA LYS A 140 -7.34 13.33 6.82
C LYS A 140 -6.81 14.70 7.24
N VAL A 141 -5.58 14.99 6.85
CA VAL A 141 -4.96 16.27 7.18
C VAL A 141 -5.30 17.33 6.15
N ILE A 142 -5.37 16.92 4.88
CA ILE A 142 -5.70 17.84 3.79
C ILE A 142 -7.00 18.56 4.06
N LYS A 143 -7.84 17.96 4.90
CA LYS A 143 -9.14 18.55 5.24
C LYS A 143 -8.95 19.91 5.90
N GLU A 144 -7.75 20.16 6.40
CA GLU A 144 -7.45 21.44 7.06
C GLU A 144 -5.94 21.64 7.19
N VAL A 145 -5.20 21.18 6.19
CA VAL A 145 -3.75 21.31 6.18
C VAL A 145 -3.32 22.77 6.03
N GLU A 146 -3.83 23.41 4.99
CA GLU A 146 -3.51 24.81 4.72
C GLU A 146 -4.78 25.64 4.55
N PRO A 147 -5.54 25.80 5.64
CA PRO A 147 -6.79 26.56 5.64
C PRO A 147 -6.56 28.06 5.47
N LYS A 148 -5.29 28.46 5.55
CA LYS A 148 -4.93 29.87 5.41
C LYS A 148 -5.72 30.73 6.38
N ARG A 149 -5.75 30.32 7.64
CA ARG A 149 -6.48 31.06 8.67
C ARG A 149 -5.66 31.15 9.95
N GLN A 150 -6.20 31.84 10.95
CA GLN A 150 -5.52 32.01 12.22
C GLN A 150 -6.43 31.59 13.38
N LYS A 151 -6.00 31.86 14.60
CA LYS A 151 -6.76 31.51 15.78
C LYS A 151 -7.42 30.14 15.62
N LEU A 152 -6.67 29.19 15.07
CA LEU A 152 -7.18 27.84 14.86
C LEU A 152 -7.43 27.15 16.19
N ARG A 153 -7.80 25.87 16.12
CA ARG A 153 -8.06 25.09 17.32
C ARG A 153 -6.81 24.35 17.78
N GLU A 154 -5.69 25.07 17.84
CA GLU A 154 -4.42 24.49 18.26
C GLU A 154 -4.54 23.89 19.66
N ALA A 155 -4.63 22.56 19.72
CA ALA A 155 -4.75 21.87 20.99
C ALA A 155 -4.03 20.52 20.95
#